data_3KIP
#
_entry.id   3KIP
#
_cell.length_a   159.103
_cell.length_b   308.110
_cell.length_c   97.152
_cell.angle_alpha   90.000
_cell.angle_beta   90.000
_cell.angle_gamma   90.000
#
_symmetry.space_group_name_H-M   'P 21 21 2'
#
loop_
_entity.id
_entity.type
_entity.pdbx_description
1 polymer '3-dehydroquinase, type II'
2 non-polymer 'SULFATE ION'
3 non-polymer 2-AMINO-2-HYDROXYMETHYL-PROPANE-1,3-DIOL
4 water water
#
_entity_poly.entity_id   1
_entity_poly.type   'polypeptide(L)'
_entity_poly.pdbx_seq_one_letter_code
;AHHHHHHGHHHQLVKKVLLINGPNLNLLGTREPEKYGTTSLSDIEQAAIEQAKLKNNDSEVLVFQSNTEGFIIDRIHEAK
RQGVGFVVINAGAYTHTSVGIRDALLGTAIPFIEVHITNVHQREPFRHQSYLSDKAVAVICGLGVYGYTAAIEYALNYQL
DGDLEAA
;
_entity_poly.pdbx_strand_id   A,B,C,D,E,F,G,H,I,J,K,L,M,N,O,P,Q,R,S,T,U,V,W,X
#
loop_
_chem_comp.id
_chem_comp.type
_chem_comp.name
_chem_comp.formula
SO4 non-polymer 'SULFATE ION' 'O4 S -2'
TRS non-polymer 2-AMINO-2-HYDROXYMETHYL-PROPANE-1,3-DIOL 'C4 H12 N O3 1'
#
# COMPACT_ATOMS: atom_id res chain seq x y z
N LEU A 13 1.57 -9.18 -30.63
CA LEU A 13 1.02 -10.31 -29.82
C LEU A 13 1.78 -10.64 -28.52
N VAL A 14 1.06 -11.10 -27.49
CA VAL A 14 1.46 -11.18 -26.05
C VAL A 14 2.73 -11.99 -25.74
N LYS A 15 3.71 -11.34 -25.11
CA LYS A 15 4.95 -12.00 -24.66
C LYS A 15 5.01 -12.43 -23.19
N LYS A 16 4.42 -11.67 -22.27
CA LYS A 16 4.53 -11.96 -20.84
C LYS A 16 3.19 -12.41 -20.17
N VAL A 17 3.18 -13.56 -19.52
CA VAL A 17 1.91 -14.12 -19.08
C VAL A 17 1.97 -14.45 -17.60
N LEU A 18 0.95 -14.10 -16.82
CA LEU A 18 0.99 -14.43 -15.37
C LEU A 18 0.00 -15.55 -15.04
N LEU A 19 0.48 -16.73 -14.62
CA LEU A 19 -0.43 -17.79 -14.14
C LEU A 19 -0.62 -17.62 -12.65
N ILE A 20 -1.86 -17.45 -12.22
CA ILE A 20 -2.21 -17.33 -10.81
C ILE A 20 -3.04 -18.55 -10.37
N ASN A 21 -2.78 -19.08 -9.19
CA ASN A 21 -3.65 -20.08 -8.56
C ASN A 21 -4.15 -19.60 -7.17
N GLY A 22 -5.44 -19.84 -6.91
CA GLY A 22 -6.06 -19.31 -5.71
C GLY A 22 -5.95 -20.23 -4.53
N PRO A 23 -6.76 -20.01 -3.51
CA PRO A 23 -6.63 -20.81 -2.29
C PRO A 23 -6.72 -22.33 -2.47
N ASN A 24 -6.01 -23.07 -1.64
CA ASN A 24 -6.17 -24.51 -1.64
C ASN A 24 -5.48 -25.22 -2.77
N LEU A 25 -5.25 -24.56 -3.89
CA LEU A 25 -4.55 -25.24 -4.96
C LEU A 25 -3.18 -25.71 -4.61
N ASN A 26 -2.49 -25.11 -3.65
CA ASN A 26 -1.26 -25.73 -3.14
C ASN A 26 -1.42 -27.20 -2.77
N LEU A 27 -2.61 -27.60 -2.37
CA LEU A 27 -2.87 -28.96 -1.94
C LEU A 27 -3.01 -29.96 -3.10
N LEU A 28 -2.99 -29.54 -4.36
CA LEU A 28 -3.14 -30.64 -5.30
C LEU A 28 -1.91 -31.41 -5.43
N GLY A 29 -1.98 -32.72 -5.49
CA GLY A 29 -3.13 -33.52 -5.14
C GLY A 29 -2.46 -34.41 -4.10
N THR A 30 -2.53 -33.99 -2.84
CA THR A 30 -2.00 -34.74 -1.73
C THR A 30 -3.00 -35.77 -1.26
N ARG A 31 -4.29 -35.63 -1.59
CA ARG A 31 -5.28 -36.45 -0.85
C ARG A 31 -5.57 -37.95 -1.24
N TYR A 36 -7.08 -36.06 -7.97
CA TYR A 36 -6.87 -37.15 -7.02
C TYR A 36 -5.56 -38.02 -7.37
N GLY A 37 -4.81 -37.57 -8.40
CA GLY A 37 -3.61 -38.26 -8.94
C GLY A 37 -2.42 -37.45 -8.52
N THR A 38 -1.19 -37.88 -8.81
CA THR A 38 -0.07 -37.15 -8.19
C THR A 38 0.37 -35.80 -8.85
N THR A 39 -0.50 -35.08 -9.57
CA THR A 39 -0.06 -33.81 -10.19
C THR A 39 -0.10 -32.67 -9.21
N SER A 40 1.05 -32.12 -8.89
CA SER A 40 1.16 -31.08 -7.92
C SER A 40 1.09 -29.68 -8.54
N LEU A 41 0.84 -28.66 -7.73
CA LEU A 41 0.70 -27.30 -8.23
C LEU A 41 1.99 -26.96 -8.91
N SER A 42 3.06 -27.43 -8.27
CA SER A 42 4.35 -27.18 -8.75
C SER A 42 4.57 -27.81 -10.14
N ASP A 43 4.14 -29.06 -10.36
CA ASP A 43 4.19 -29.64 -11.70
C ASP A 43 3.52 -28.67 -12.72
N ILE A 44 2.43 -28.04 -12.36
CA ILE A 44 1.68 -27.27 -13.29
C ILE A 44 2.41 -25.98 -13.62
N GLU A 45 2.96 -25.37 -12.57
CA GLU A 45 3.63 -24.08 -12.67
C GLU A 45 4.81 -24.27 -13.57
N GLN A 46 5.45 -25.42 -13.42
CA GLN A 46 6.66 -25.72 -14.22
C GLN A 46 6.39 -25.89 -15.69
N ALA A 47 5.27 -26.54 -16.01
CA ALA A 47 4.97 -27.01 -17.33
C ALA A 47 4.64 -25.77 -18.08
N ALA A 48 3.94 -24.87 -17.39
CA ALA A 48 3.57 -23.59 -17.93
C ALA A 48 4.84 -22.77 -18.17
N ILE A 49 5.75 -22.70 -17.21
CA ILE A 49 7.03 -22.02 -17.51
C ILE A 49 7.74 -22.58 -18.77
N GLU A 50 7.88 -23.87 -18.79
CA GLU A 50 8.49 -24.57 -19.87
C GLU A 50 7.80 -24.38 -21.22
N GLN A 51 6.47 -24.29 -21.17
CA GLN A 51 5.65 -24.11 -22.33
C GLN A 51 6.08 -22.88 -23.12
N ALA A 52 6.31 -21.80 -22.39
CA ALA A 52 6.61 -20.52 -23.00
C ALA A 52 8.08 -20.38 -23.31
N LYS A 53 8.91 -21.10 -22.58
CA LYS A 53 10.31 -21.18 -22.93
C LYS A 53 10.53 -21.82 -24.27
N LEU A 54 9.71 -22.81 -24.61
CA LEU A 54 9.92 -23.59 -25.84
C LEU A 54 9.56 -22.82 -27.13
N LYS A 55 8.68 -21.83 -27.01
CA LYS A 55 8.35 -20.95 -28.12
C LYS A 55 9.59 -20.26 -28.63
N ASN A 56 10.64 -20.23 -27.82
CA ASN A 56 11.94 -19.62 -28.17
C ASN A 56 11.90 -18.11 -28.62
N ASN A 57 10.71 -17.50 -28.67
CA ASN A 57 10.54 -16.14 -29.18
C ASN A 57 10.54 -15.06 -28.07
N ASP A 58 10.87 -15.46 -26.86
CA ASP A 58 10.97 -14.54 -25.75
C ASP A 58 9.73 -14.37 -24.96
N SER A 59 8.79 -15.30 -25.07
CA SER A 59 7.65 -15.36 -24.15
C SER A 59 8.08 -15.76 -22.77
N GLU A 60 7.26 -15.48 -21.78
CA GLU A 60 7.58 -15.89 -20.46
C GLU A 60 6.31 -16.04 -19.67
N VAL A 61 6.29 -17.02 -18.77
CA VAL A 61 5.13 -17.24 -17.88
C VAL A 61 5.58 -17.11 -16.43
N LEU A 62 5.23 -16.01 -15.76
CA LEU A 62 5.44 -15.91 -14.32
C LEU A 62 4.30 -16.68 -13.61
N VAL A 63 4.55 -17.14 -12.38
CA VAL A 63 3.55 -17.96 -11.65
C VAL A 63 3.38 -17.40 -10.23
N PHE A 64 2.17 -17.41 -9.69
CA PHE A 64 1.93 -17.01 -8.29
C PHE A 64 0.83 -17.92 -7.74
N GLN A 65 0.88 -18.18 -6.44
CA GLN A 65 -0.21 -18.82 -5.75
C GLN A 65 -0.38 -18.23 -4.38
N SER A 66 -1.61 -18.08 -3.92
CA SER A 66 -1.92 -17.69 -2.55
C SER A 66 -3.26 -18.12 -2.08
N ASN A 67 -3.41 -18.18 -0.79
CA ASN A 67 -4.65 -18.49 -0.15
C ASN A 67 -5.36 -17.24 0.25
N THR A 68 -4.67 -16.08 0.24
CA THR A 68 -5.26 -14.81 0.63
C THR A 68 -5.80 -13.87 -0.50
N GLU A 69 -7.12 -13.66 -0.56
CA GLU A 69 -7.68 -12.75 -1.56
C GLU A 69 -6.80 -11.49 -1.82
N GLY A 70 -6.51 -10.76 -0.74
CA GLY A 70 -5.75 -9.48 -0.80
C GLY A 70 -4.44 -9.56 -1.57
N PHE A 71 -3.69 -10.65 -1.33
CA PHE A 71 -2.39 -10.91 -1.89
C PHE A 71 -2.55 -11.18 -3.42
N ILE A 72 -3.61 -11.78 -3.84
CA ILE A 72 -3.75 -12.02 -5.23
C ILE A 72 -4.06 -10.69 -5.90
N ILE A 73 -4.85 -9.85 -5.27
CA ILE A 73 -5.12 -8.52 -5.78
C ILE A 73 -3.78 -7.75 -5.84
N ASP A 74 -2.97 -7.81 -4.76
CA ASP A 74 -1.70 -7.16 -4.82
C ASP A 74 -0.97 -7.65 -6.08
N ARG A 75 -0.95 -8.97 -6.28
CA ARG A 75 -0.12 -9.56 -7.32
C ARG A 75 -0.63 -9.08 -8.66
N ILE A 76 -1.94 -9.11 -8.84
CA ILE A 76 -2.47 -8.57 -10.08
C ILE A 76 -2.04 -7.16 -10.35
N HIS A 77 -2.08 -6.30 -9.33
CA HIS A 77 -1.51 -4.94 -9.52
C HIS A 77 -0.06 -4.91 -9.93
N GLU A 78 0.80 -5.76 -9.37
CA GLU A 78 2.23 -5.67 -9.72
C GLU A 78 2.45 -6.11 -11.15
N ALA A 79 1.70 -7.13 -11.56
CA ALA A 79 1.77 -7.65 -12.92
C ALA A 79 1.50 -6.59 -13.97
N LYS A 80 0.58 -5.68 -13.68
CA LYS A 80 0.36 -4.57 -14.59
C LYS A 80 1.64 -3.76 -14.67
N ARG A 81 2.24 -3.57 -13.52
CA ARG A 81 3.33 -2.64 -13.38
C ARG A 81 4.52 -3.21 -14.13
N GLN A 82 4.60 -4.53 -14.21
CA GLN A 82 5.68 -5.18 -14.95
C GLN A 82 5.31 -5.68 -16.35
N GLY A 83 4.28 -5.11 -16.97
CA GLY A 83 3.96 -5.33 -18.37
C GLY A 83 3.46 -6.71 -18.73
N VAL A 84 2.91 -7.42 -17.76
CA VAL A 84 2.21 -8.65 -18.05
C VAL A 84 1.04 -8.31 -18.97
N GLY A 85 0.92 -9.06 -20.05
CA GLY A 85 -0.11 -8.87 -21.07
C GLY A 85 -1.36 -9.74 -21.01
N PHE A 86 -1.27 -10.93 -20.40
CA PHE A 86 -2.38 -11.86 -20.21
C PHE A 86 -2.29 -12.57 -18.83
N VAL A 87 -3.43 -12.91 -18.25
CA VAL A 87 -3.44 -13.65 -16.98
C VAL A 87 -4.19 -14.95 -17.12
N VAL A 88 -3.59 -16.10 -16.77
CA VAL A 88 -4.35 -17.34 -16.76
C VAL A 88 -4.61 -17.57 -15.30
N ILE A 89 -5.87 -17.76 -14.89
CA ILE A 89 -6.16 -17.79 -13.41
C ILE A 89 -7.16 -18.87 -13.06
N ASN A 90 -6.74 -19.69 -12.10
CA ASN A 90 -7.67 -20.59 -11.44
C ASN A 90 -7.80 -20.06 -9.97
N ALA A 91 -8.94 -19.42 -9.69
CA ALA A 91 -9.12 -18.67 -8.47
C ALA A 91 -9.66 -19.54 -7.30
N GLY A 92 -9.87 -20.83 -7.58
CA GLY A 92 -10.50 -21.73 -6.62
C GLY A 92 -11.77 -21.14 -6.04
N ALA A 93 -11.99 -21.33 -4.73
CA ALA A 93 -13.12 -20.76 -4.05
C ALA A 93 -13.38 -19.29 -4.43
N TYR A 94 -12.33 -18.47 -4.54
CA TYR A 94 -12.49 -17.06 -4.87
C TYR A 94 -13.29 -16.73 -6.17
N THR A 95 -13.43 -17.67 -7.11
CA THR A 95 -14.28 -17.39 -8.25
C THR A 95 -15.71 -17.06 -7.82
N HIS A 96 -16.10 -17.59 -6.69
CA HIS A 96 -17.46 -17.57 -6.42
C HIS A 96 -17.68 -16.53 -5.38
N THR A 97 -16.62 -15.95 -4.83
CA THR A 97 -16.86 -15.02 -3.77
C THR A 97 -16.20 -13.68 -3.95
N SER A 98 -15.14 -13.59 -4.75
CA SER A 98 -14.27 -12.41 -4.77
C SER A 98 -14.58 -11.42 -5.86
N VAL A 99 -15.28 -10.38 -5.55
CA VAL A 99 -15.57 -9.34 -6.50
C VAL A 99 -14.30 -8.53 -6.59
N GLY A 100 -13.44 -8.70 -5.57
CA GLY A 100 -12.23 -7.87 -5.42
C GLY A 100 -11.19 -8.20 -6.47
N ILE A 101 -11.06 -9.50 -6.73
CA ILE A 101 -10.21 -9.99 -7.82
C ILE A 101 -10.74 -9.55 -9.16
N ARG A 102 -12.07 -9.58 -9.33
CA ARG A 102 -12.66 -9.21 -10.63
C ARG A 102 -12.24 -7.77 -10.91
N ASP A 103 -12.48 -6.95 -9.90
CA ASP A 103 -12.20 -5.58 -10.00
C ASP A 103 -10.70 -5.27 -10.15
N ALA A 104 -9.82 -6.19 -9.73
CA ALA A 104 -8.38 -5.97 -9.96
C ALA A 104 -8.04 -6.21 -11.44
N LEU A 105 -8.53 -7.30 -12.02
CA LEU A 105 -8.22 -7.63 -13.41
C LEU A 105 -8.87 -6.61 -14.35
N LEU A 106 -10.08 -6.19 -14.00
CA LEU A 106 -10.71 -5.06 -14.66
C LEU A 106 -9.96 -3.78 -14.48
N GLY A 107 -9.44 -3.49 -13.28
CA GLY A 107 -8.81 -2.21 -13.00
C GLY A 107 -7.43 -2.08 -13.63
N THR A 108 -6.75 -3.19 -13.85
CA THR A 108 -5.40 -3.11 -14.44
C THR A 108 -5.52 -3.41 -15.95
N ALA A 109 -6.79 -3.62 -16.39
CA ALA A 109 -7.14 -3.95 -17.78
C ALA A 109 -6.36 -5.10 -18.35
N ILE A 110 -6.11 -6.19 -17.65
CA ILE A 110 -5.33 -7.23 -18.29
C ILE A 110 -6.31 -8.35 -18.72
N PRO A 111 -6.35 -8.71 -19.99
CA PRO A 111 -7.23 -9.85 -20.34
C PRO A 111 -6.88 -11.15 -19.57
N PHE A 112 -7.86 -12.06 -19.45
CA PHE A 112 -7.62 -13.21 -18.59
C PHE A 112 -8.45 -14.44 -18.95
N ILE A 113 -7.95 -15.64 -18.61
CA ILE A 113 -8.76 -16.86 -18.78
C ILE A 113 -9.01 -17.55 -17.46
N GLU A 114 -10.25 -17.92 -17.17
CA GLU A 114 -10.62 -18.61 -15.94
C GLU A 114 -10.42 -20.10 -16.18
N VAL A 115 -9.61 -20.75 -15.34
CA VAL A 115 -9.43 -22.21 -15.46
C VAL A 115 -10.06 -22.95 -14.24
N HIS A 116 -10.72 -24.08 -14.46
CA HIS A 116 -11.04 -25.00 -13.38
C HIS A 116 -10.54 -26.42 -13.77
N ILE A 117 -9.72 -27.06 -12.93
CA ILE A 117 -9.30 -28.42 -13.19
C ILE A 117 -10.50 -29.32 -13.41
N THR A 118 -11.52 -29.19 -12.57
CA THR A 118 -12.62 -30.19 -12.58
C THR A 118 -13.88 -29.57 -13.12
N ASN A 119 -14.88 -30.36 -13.46
CA ASN A 119 -15.99 -29.67 -14.06
C ASN A 119 -16.93 -29.11 -12.99
N VAL A 120 -16.80 -27.82 -12.76
CA VAL A 120 -17.54 -27.08 -11.74
C VAL A 120 -19.08 -27.21 -11.84
N HIS A 121 -19.62 -27.32 -13.05
CA HIS A 121 -21.09 -27.49 -13.24
C HIS A 121 -21.59 -28.83 -12.72
N GLN A 122 -20.67 -29.72 -12.32
CA GLN A 122 -21.05 -31.00 -11.73
C GLN A 122 -21.33 -30.95 -10.23
N ARG A 123 -20.93 -29.84 -9.61
CA ARG A 123 -20.97 -29.72 -8.19
C ARG A 123 -22.14 -28.89 -7.60
N GLU A 124 -21.99 -28.47 -6.36
CA GLU A 124 -22.98 -27.65 -5.64
C GLU A 124 -23.36 -26.46 -6.56
N PRO A 125 -24.68 -26.20 -6.76
CA PRO A 125 -25.08 -25.05 -7.58
C PRO A 125 -24.48 -23.73 -7.11
N PHE A 126 -24.05 -23.54 -5.86
CA PHE A 126 -23.30 -22.25 -5.65
C PHE A 126 -22.06 -22.11 -6.51
N ARG A 127 -21.48 -23.20 -7.00
CA ARG A 127 -20.19 -23.09 -7.67
C ARG A 127 -20.44 -22.76 -9.14
N HIS A 128 -21.72 -22.78 -9.53
CA HIS A 128 -22.13 -22.31 -10.83
C HIS A 128 -21.95 -20.78 -11.06
N GLN A 129 -22.16 -19.91 -10.06
CA GLN A 129 -22.00 -18.49 -10.31
C GLN A 129 -20.54 -18.19 -10.05
N SER A 130 -19.94 -17.27 -10.80
CA SER A 130 -18.51 -16.93 -10.81
C SER A 130 -18.40 -15.43 -11.01
N TYR A 131 -17.50 -14.73 -10.30
CA TYR A 131 -17.38 -13.33 -10.54
C TYR A 131 -16.33 -13.07 -11.56
N LEU A 132 -15.80 -14.10 -12.22
CA LEU A 132 -14.95 -13.93 -13.35
C LEU A 132 -15.51 -14.27 -14.73
N SER A 133 -16.29 -15.33 -14.87
CA SER A 133 -16.69 -15.79 -16.23
C SER A 133 -17.10 -14.70 -17.15
N ASP A 134 -17.86 -13.76 -16.64
CA ASP A 134 -18.57 -12.86 -17.50
C ASP A 134 -17.70 -11.72 -18.02
N LYS A 135 -16.48 -11.67 -17.53
CA LYS A 135 -15.47 -10.69 -17.95
C LYS A 135 -14.22 -11.42 -18.44
N ALA A 136 -14.25 -12.73 -18.46
CA ALA A 136 -13.04 -13.42 -18.86
C ALA A 136 -12.97 -13.48 -20.40
N VAL A 137 -11.80 -13.64 -21.01
CA VAL A 137 -11.81 -13.82 -22.43
C VAL A 137 -12.45 -15.18 -22.72
N ALA A 138 -12.10 -16.16 -21.90
CA ALA A 138 -12.58 -17.56 -21.98
C ALA A 138 -12.65 -18.25 -20.59
N VAL A 139 -13.50 -19.26 -20.53
CA VAL A 139 -13.61 -20.04 -19.29
C VAL A 139 -13.43 -21.47 -19.73
N ILE A 140 -12.35 -22.09 -19.26
CA ILE A 140 -12.08 -23.50 -19.56
C ILE A 140 -12.32 -24.25 -18.27
N CYS A 141 -13.03 -25.36 -18.33
CA CYS A 141 -13.29 -25.99 -17.08
C CYS A 141 -13.73 -27.42 -17.17
N GLY A 142 -12.92 -28.29 -16.55
CA GLY A 142 -13.12 -29.76 -16.47
C GLY A 142 -12.19 -30.49 -17.42
N LEU A 143 -11.34 -29.73 -18.07
CA LEU A 143 -10.40 -30.29 -19.04
C LEU A 143 -9.11 -30.77 -18.32
N GLY A 144 -9.18 -30.79 -16.99
CA GLY A 144 -8.14 -31.32 -16.17
C GLY A 144 -6.98 -30.36 -16.18
N VAL A 145 -5.76 -30.87 -16.18
CA VAL A 145 -4.64 -29.97 -15.96
C VAL A 145 -4.29 -29.30 -17.28
N TYR A 146 -4.79 -29.89 -18.37
CA TYR A 146 -4.57 -29.45 -19.73
C TYR A 146 -5.29 -28.08 -19.93
N GLY A 147 -6.37 -27.88 -19.15
CA GLY A 147 -7.00 -26.59 -18.98
C GLY A 147 -5.96 -25.48 -18.94
N TYR A 148 -4.94 -25.64 -18.07
CA TYR A 148 -3.85 -24.63 -17.98
C TYR A 148 -3.06 -24.58 -19.29
N THR A 149 -2.71 -25.72 -19.87
CA THR A 149 -1.92 -25.65 -21.10
C THR A 149 -2.62 -24.87 -22.26
N ALA A 150 -3.93 -25.06 -22.39
CA ALA A 150 -4.61 -24.50 -23.50
C ALA A 150 -4.85 -23.04 -23.25
N ALA A 151 -5.19 -22.70 -21.99
CA ALA A 151 -5.31 -21.29 -21.65
C ALA A 151 -4.01 -20.56 -22.09
N ILE A 152 -2.83 -21.13 -21.78
CA ILE A 152 -1.56 -20.52 -22.11
C ILE A 152 -1.26 -20.49 -23.61
N GLU A 153 -1.70 -21.47 -24.36
CA GLU A 153 -1.45 -21.47 -25.80
C GLU A 153 -2.23 -20.33 -26.38
N TYR A 154 -3.40 -20.12 -25.81
CA TYR A 154 -4.32 -19.12 -26.30
C TYR A 154 -3.80 -17.74 -26.02
N ALA A 155 -3.26 -17.62 -24.80
CA ALA A 155 -2.63 -16.45 -24.22
C ALA A 155 -1.50 -16.00 -25.06
N LEU A 156 -0.66 -16.96 -25.46
CA LEU A 156 0.56 -16.68 -26.18
C LEU A 156 0.25 -16.36 -27.61
N ASN A 157 -1.01 -16.32 -27.97
CA ASN A 157 -1.32 -16.08 -29.34
C ASN A 157 -2.18 -14.89 -29.56
N TYR A 158 -2.15 -13.95 -28.64
CA TYR A 158 -3.26 -13.03 -28.51
C TYR A 158 -2.76 -11.64 -28.77
N GLN A 159 -3.43 -10.84 -29.62
CA GLN A 159 -3.07 -9.37 -29.81
C GLN A 159 -2.86 -8.50 -28.51
N LEU B 13 -18.54 16.54 20.24
CA LEU B 13 -18.26 16.37 18.79
C LEU B 13 -17.01 15.54 18.46
N VAL B 14 -17.02 14.94 17.25
CA VAL B 14 -15.95 14.05 16.76
C VAL B 14 -14.74 14.88 16.31
N LYS B 15 -13.55 14.40 16.67
CA LYS B 15 -12.29 15.05 16.31
C LYS B 15 -11.38 14.12 15.49
N LYS B 16 -11.46 12.81 15.77
CA LYS B 16 -10.63 11.82 15.14
C LYS B 16 -11.46 10.95 14.18
N VAL B 17 -11.19 11.09 12.89
CA VAL B 17 -11.88 10.34 11.88
C VAL B 17 -10.88 9.46 11.14
N LEU B 18 -11.30 8.24 10.80
CA LEU B 18 -10.46 7.34 10.00
C LEU B 18 -11.08 7.22 8.63
N LEU B 19 -10.29 7.55 7.58
CA LEU B 19 -10.69 7.27 6.18
C LEU B 19 -10.10 5.92 5.75
N ILE B 20 -10.95 4.91 5.45
CA ILE B 20 -10.52 3.64 4.90
C ILE B 20 -10.91 3.52 3.46
N ASN B 21 -9.98 3.11 2.59
CA ASN B 21 -10.29 2.72 1.22
C ASN B 21 -9.95 1.22 0.97
N GLY B 22 -10.89 0.47 0.38
CA GLY B 22 -10.73 -0.95 0.14
C GLY B 22 -9.90 -1.27 -1.09
N PRO B 23 -10.15 -2.47 -1.66
CA PRO B 23 -9.23 -2.97 -2.69
C PRO B 23 -9.31 -2.17 -3.99
N ASN B 24 -8.22 -2.13 -4.70
CA ASN B 24 -8.14 -1.51 -6.01
C ASN B 24 -8.15 -0.05 -6.03
N LEU B 25 -8.54 0.60 -4.96
CA LEU B 25 -8.63 2.02 -4.98
C LEU B 25 -7.29 2.73 -4.97
N ASN B 26 -6.23 2.06 -4.54
CA ASN B 26 -4.89 2.46 -4.93
C ASN B 26 -4.76 2.72 -6.45
N LEU B 27 -5.67 2.22 -7.26
CA LEU B 27 -5.51 2.40 -8.72
C LEU B 27 -6.27 3.60 -9.31
N LEU B 28 -7.01 4.38 -8.52
CA LEU B 28 -7.49 5.57 -9.18
C LEU B 28 -6.33 6.44 -9.39
N GLY B 29 -6.21 7.10 -10.53
CA GLY B 29 -7.15 7.16 -11.61
C GLY B 29 -6.14 6.96 -12.74
N THR B 30 -6.01 5.68 -13.06
CA THR B 30 -5.09 5.21 -14.02
C THR B 30 -5.73 4.65 -15.29
N ARG B 31 -7.07 4.76 -15.44
CA ARG B 31 -7.68 4.23 -16.69
C ARG B 31 -8.09 5.11 -18.00
N TYR B 36 -12.91 8.87 -13.80
CA TYR B 36 -12.48 8.73 -15.17
C TYR B 36 -11.48 9.95 -15.51
N GLY B 37 -11.17 10.68 -14.41
CA GLY B 37 -10.22 11.82 -14.46
C GLY B 37 -8.97 11.40 -13.75
N THR B 38 -7.98 12.29 -13.73
CA THR B 38 -6.67 11.97 -13.27
C THR B 38 -6.49 11.85 -11.69
N THR B 39 -7.55 11.82 -10.89
CA THR B 39 -7.41 11.98 -9.44
C THR B 39 -6.98 10.69 -8.82
N SER B 40 -5.90 10.74 -8.04
CA SER B 40 -5.23 9.56 -7.51
C SER B 40 -5.57 9.32 -6.08
N LEU B 41 -5.21 8.15 -5.54
CA LEU B 41 -5.73 7.86 -4.18
C LEU B 41 -5.09 8.82 -3.18
N SER B 42 -3.87 9.25 -3.49
CA SER B 42 -3.16 9.96 -2.54
C SER B 42 -3.64 11.40 -2.57
N ASP B 43 -4.21 11.84 -3.69
CA ASP B 43 -4.94 13.15 -3.76
C ASP B 43 -6.09 13.12 -2.73
N ILE B 44 -7.00 12.18 -2.88
CA ILE B 44 -8.09 12.04 -1.97
C ILE B 44 -7.62 12.03 -0.52
N GLU B 45 -6.62 11.18 -0.22
CA GLU B 45 -6.05 11.10 1.12
C GLU B 45 -5.48 12.50 1.57
N GLN B 46 -4.60 13.15 0.78
CA GLN B 46 -4.16 14.53 1.04
C GLN B 46 -5.29 15.51 1.55
N ALA B 47 -6.38 15.52 0.77
CA ALA B 47 -7.46 16.44 0.85
C ALA B 47 -8.18 16.16 2.14
N ALA B 48 -8.36 14.90 2.47
CA ALA B 48 -9.03 14.56 3.70
C ALA B 48 -8.14 15.05 4.90
N ILE B 49 -6.84 14.79 4.82
CA ILE B 49 -5.92 15.22 5.88
C ILE B 49 -6.06 16.71 6.10
N GLU B 50 -6.13 17.49 5.03
CA GLU B 50 -6.18 18.94 5.17
C GLU B 50 -7.56 19.45 5.55
N GLN B 51 -8.59 18.84 4.96
CA GLN B 51 -9.93 19.21 5.34
C GLN B 51 -10.00 19.27 6.86
N ALA B 52 -9.43 18.27 7.52
CA ALA B 52 -9.54 18.20 8.96
C ALA B 52 -8.57 19.14 9.55
N LYS B 53 -7.29 19.09 9.16
CA LYS B 53 -6.31 20.11 9.65
C LYS B 53 -6.82 21.54 9.55
N LEU B 54 -7.50 21.90 8.45
CA LEU B 54 -7.95 23.30 8.24
C LEU B 54 -9.13 23.72 9.15
N LYS B 55 -9.85 22.74 9.76
CA LYS B 55 -10.74 23.06 10.94
C LYS B 55 -10.04 23.88 12.09
N ASN B 56 -8.73 23.79 12.24
CA ASN B 56 -8.08 24.52 13.24
C ASN B 56 -8.55 24.32 14.69
N ASN B 57 -8.91 23.09 15.01
CA ASN B 57 -9.37 22.75 16.33
C ASN B 57 -8.88 21.41 16.79
N ASP B 58 -7.73 21.00 16.32
CA ASP B 58 -7.17 19.69 16.64
C ASP B 58 -8.18 18.60 16.25
N SER B 59 -8.74 18.71 15.03
CA SER B 59 -9.35 17.56 14.38
C SER B 59 -8.24 16.76 13.72
N GLU B 60 -8.56 15.59 13.20
CA GLU B 60 -7.53 14.76 12.61
C GLU B 60 -8.21 13.75 11.71
N VAL B 61 -7.73 13.62 10.47
CA VAL B 61 -8.16 12.46 9.66
C VAL B 61 -7.02 11.50 9.44
N LEU B 62 -7.10 10.30 9.97
CA LEU B 62 -6.13 9.29 9.55
C LEU B 62 -6.61 8.59 8.27
N VAL B 63 -5.65 8.08 7.49
CA VAL B 63 -5.97 7.41 6.23
C VAL B 63 -5.40 5.99 6.17
N PHE B 64 -6.08 5.14 5.43
CA PHE B 64 -5.65 3.76 5.27
C PHE B 64 -6.26 3.17 3.98
N GLN B 65 -5.48 2.35 3.28
CA GLN B 65 -5.99 1.58 2.17
C GLN B 65 -5.33 0.23 2.16
N SER B 66 -6.05 -0.80 1.77
CA SER B 66 -5.54 -2.13 1.70
C SER B 66 -6.37 -2.95 0.77
N ASN B 67 -5.78 -4.02 0.21
CA ASN B 67 -6.54 -4.91 -0.71
C ASN B 67 -7.03 -6.15 0.06
N THR B 68 -6.46 -6.37 1.28
CA THR B 68 -6.79 -7.50 2.10
C THR B 68 -7.91 -7.26 3.11
N GLU B 69 -9.01 -8.02 3.01
CA GLU B 69 -10.11 -7.91 3.94
C GLU B 69 -9.60 -7.95 5.43
N GLY B 70 -8.85 -8.99 5.74
CA GLY B 70 -8.32 -9.20 7.10
C GLY B 70 -7.71 -7.94 7.67
N PHE B 71 -6.83 -7.29 6.87
CA PHE B 71 -6.12 -6.10 7.31
C PHE B 71 -7.09 -4.92 7.50
N ILE B 72 -8.10 -4.82 6.64
CA ILE B 72 -9.06 -3.76 6.85
C ILE B 72 -9.77 -4.02 8.21
N ILE B 73 -9.99 -5.28 8.60
CA ILE B 73 -10.67 -5.55 9.90
C ILE B 73 -9.69 -5.20 11.07
N ASP B 74 -8.44 -5.69 10.95
CA ASP B 74 -7.38 -5.28 11.85
C ASP B 74 -7.42 -3.76 12.07
N ARG B 75 -7.60 -2.98 11.01
CA ARG B 75 -7.37 -1.55 11.13
C ARG B 75 -8.51 -0.91 11.89
N ILE B 76 -9.72 -1.41 11.58
CA ILE B 76 -10.90 -0.94 12.25
C ILE B 76 -10.77 -1.29 13.71
N HIS B 77 -10.16 -2.44 14.08
CA HIS B 77 -9.92 -2.69 15.50
C HIS B 77 -8.94 -1.70 16.07
N GLU B 78 -7.82 -1.45 15.41
CA GLU B 78 -6.80 -0.53 16.00
C GLU B 78 -7.50 0.82 16.20
N ALA B 79 -8.43 1.17 15.29
CA ALA B 79 -9.02 2.49 15.25
C ALA B 79 -9.77 2.67 16.56
N LYS B 80 -10.46 1.61 17.01
CA LYS B 80 -11.05 1.71 18.35
C LYS B 80 -10.05 1.98 19.47
N ARG B 81 -8.93 1.23 19.53
CA ARG B 81 -7.89 1.47 20.53
C ARG B 81 -7.39 2.93 20.47
N GLN B 82 -7.31 3.40 19.23
CA GLN B 82 -6.90 4.74 18.93
C GLN B 82 -7.89 5.84 19.32
N GLY B 83 -9.05 5.48 19.85
CA GLY B 83 -10.05 6.48 20.13
C GLY B 83 -10.71 7.10 18.90
N VAL B 84 -10.53 6.54 17.71
CA VAL B 84 -11.21 7.07 16.54
C VAL B 84 -12.70 7.12 16.80
N GLY B 85 -13.31 8.26 16.50
CA GLY B 85 -14.71 8.46 16.78
C GLY B 85 -15.70 8.37 15.66
N PHE B 86 -15.27 8.26 14.40
CA PHE B 86 -16.15 8.05 13.21
C PHE B 86 -15.24 7.54 12.08
N VAL B 87 -15.79 6.75 11.15
CA VAL B 87 -15.01 6.17 10.02
C VAL B 87 -15.64 6.60 8.74
N VAL B 88 -14.87 7.05 7.76
CA VAL B 88 -15.42 7.28 6.41
C VAL B 88 -14.81 6.21 5.55
N ILE B 89 -15.62 5.33 5.01
CA ILE B 89 -15.09 4.14 4.34
C ILE B 89 -15.67 3.96 2.94
N ASN B 90 -14.75 3.71 1.99
CA ASN B 90 -15.13 3.22 0.68
C ASN B 90 -14.52 1.84 0.54
N ALA B 91 -15.35 0.80 0.57
CA ALA B 91 -14.75 -0.51 0.70
C ALA B 91 -14.52 -1.17 -0.64
N GLY B 92 -14.76 -0.46 -1.74
CA GLY B 92 -14.58 -1.04 -3.06
C GLY B 92 -15.39 -2.34 -3.13
N ALA B 93 -14.86 -3.37 -3.80
CA ALA B 93 -15.56 -4.65 -3.85
C ALA B 93 -16.01 -5.20 -2.48
N TYR B 94 -15.23 -4.95 -1.43
CA TYR B 94 -15.64 -5.48 -0.13
C TYR B 94 -17.03 -5.04 0.31
N THR B 95 -17.53 -3.91 -0.18
CA THR B 95 -18.92 -3.59 0.08
C THR B 95 -19.90 -4.72 -0.20
N HIS B 96 -19.62 -5.49 -1.23
CA HIS B 96 -20.61 -6.39 -1.68
C HIS B 96 -20.34 -7.75 -1.04
N THR B 97 -19.24 -7.89 -0.32
CA THR B 97 -18.84 -9.24 -0.03
C THR B 97 -18.42 -9.51 1.39
N SER B 98 -18.14 -8.47 2.17
CA SER B 98 -17.44 -8.65 3.44
C SER B 98 -18.38 -8.39 4.64
N VAL B 99 -18.96 -9.44 5.21
CA VAL B 99 -19.66 -9.32 6.47
C VAL B 99 -18.60 -9.01 7.57
N GLY B 100 -17.37 -9.45 7.35
CA GLY B 100 -16.37 -9.26 8.37
C GLY B 100 -16.09 -7.80 8.65
N ILE B 101 -16.00 -7.00 7.59
CA ILE B 101 -15.84 -5.55 7.81
C ILE B 101 -17.12 -4.99 8.51
N ARG B 102 -18.28 -5.40 8.00
CA ARG B 102 -19.52 -4.99 8.64
C ARG B 102 -19.44 -5.18 10.18
N ASP B 103 -19.10 -6.40 10.57
CA ASP B 103 -19.07 -6.83 11.94
C ASP B 103 -17.92 -6.18 12.76
N ALA B 104 -16.84 -5.78 12.08
CA ALA B 104 -15.82 -5.02 12.76
C ALA B 104 -16.37 -3.63 13.08
N LEU B 105 -17.05 -2.97 12.13
CA LEU B 105 -17.60 -1.63 12.46
C LEU B 105 -18.61 -1.75 13.63
N LEU B 106 -19.48 -2.77 13.54
CA LEU B 106 -20.50 -2.97 14.53
C LEU B 106 -19.94 -3.34 15.85
N GLY B 107 -18.96 -4.23 15.82
CA GLY B 107 -18.28 -4.76 17.04
C GLY B 107 -17.45 -3.76 17.80
N THR B 108 -16.77 -2.86 17.10
CA THR B 108 -16.08 -1.74 17.77
C THR B 108 -17.02 -0.58 18.10
N ALA B 109 -18.26 -0.69 17.61
CA ALA B 109 -19.28 0.38 17.69
C ALA B 109 -18.85 1.75 17.19
N ILE B 110 -18.07 1.85 16.10
CA ILE B 110 -17.75 3.17 15.55
C ILE B 110 -18.77 3.54 14.45
N PRO B 111 -19.29 4.76 14.52
CA PRO B 111 -20.21 5.06 13.41
C PRO B 111 -19.50 5.36 12.11
N PHE B 112 -20.17 5.10 11.01
CA PHE B 112 -19.46 5.19 9.74
C PHE B 112 -20.34 5.69 8.64
N ILE B 113 -19.71 6.18 7.55
CA ILE B 113 -20.41 6.52 6.27
C ILE B 113 -19.74 5.75 5.14
N GLU B 114 -20.53 5.19 4.23
CA GLU B 114 -20.12 4.40 3.08
C GLU B 114 -20.08 5.36 1.90
N VAL B 115 -18.99 5.33 1.14
CA VAL B 115 -18.79 6.29 0.04
C VAL B 115 -18.49 5.49 -1.19
N HIS B 116 -19.22 5.61 -2.28
CA HIS B 116 -18.72 5.12 -3.55
C HIS B 116 -18.51 6.33 -4.43
N ILE B 117 -17.39 6.38 -5.14
CA ILE B 117 -17.07 7.50 -6.00
C ILE B 117 -18.04 7.56 -7.18
N THR B 118 -18.40 6.39 -7.74
CA THR B 118 -19.22 6.42 -8.93
C THR B 118 -20.58 5.89 -8.50
N ASN B 119 -21.63 6.18 -9.25
CA ASN B 119 -22.92 5.72 -8.82
C ASN B 119 -23.05 4.24 -9.09
N VAL B 120 -22.89 3.49 -8.02
CA VAL B 120 -22.96 2.05 -8.04
C VAL B 120 -24.28 1.49 -8.61
N HIS B 121 -25.41 2.20 -8.48
CA HIS B 121 -26.70 1.67 -8.92
C HIS B 121 -26.77 1.70 -10.38
N GLN B 122 -25.71 2.22 -11.00
CA GLN B 122 -25.69 2.33 -12.46
C GLN B 122 -25.07 1.13 -13.06
N ARG B 123 -24.61 0.24 -12.18
CA ARG B 123 -23.80 -0.86 -12.58
C ARG B 123 -24.54 -2.21 -12.43
N GLU B 124 -23.78 -3.29 -12.29
CA GLU B 124 -24.33 -4.63 -12.36
C GLU B 124 -25.14 -4.75 -11.10
N PRO B 125 -26.34 -5.36 -11.23
CA PRO B 125 -27.15 -5.86 -10.20
C PRO B 125 -26.38 -6.28 -8.93
N PHE B 126 -25.33 -7.12 -9.00
CA PHE B 126 -24.68 -7.49 -7.73
C PHE B 126 -24.19 -6.33 -6.93
N ARG B 127 -24.02 -5.17 -7.55
CA ARG B 127 -23.39 -4.11 -6.84
C ARG B 127 -24.41 -3.27 -6.15
N HIS B 128 -25.67 -3.65 -6.32
CA HIS B 128 -26.74 -2.99 -5.59
C HIS B 128 -26.79 -3.44 -4.11
N GLN B 129 -26.53 -4.72 -3.80
CA GLN B 129 -26.35 -5.23 -2.41
C GLN B 129 -25.13 -4.68 -1.74
N SER B 130 -25.26 -4.32 -0.49
CA SER B 130 -24.10 -3.93 0.29
C SER B 130 -24.24 -4.50 1.69
N TYR B 131 -23.16 -5.01 2.26
CA TYR B 131 -23.18 -5.30 3.69
C TYR B 131 -22.90 -4.11 4.61
N LEU B 132 -22.80 -2.88 4.08
CA LEU B 132 -22.62 -1.75 4.95
C LEU B 132 -23.81 -0.81 5.10
N SER B 133 -24.55 -0.61 4.02
CA SER B 133 -25.61 0.39 3.97
C SER B 133 -26.65 0.34 5.05
N ASP B 134 -27.07 -0.84 5.50
CA ASP B 134 -28.10 -0.77 6.52
C ASP B 134 -27.60 -0.47 7.94
N LYS B 135 -26.29 -0.44 8.09
CA LYS B 135 -25.73 -0.12 9.37
C LYS B 135 -25.05 1.21 9.44
N ALA B 136 -24.90 1.86 8.29
CA ALA B 136 -24.16 3.12 8.20
C ALA B 136 -25.02 4.28 8.61
N VAL B 137 -24.40 5.34 9.13
CA VAL B 137 -25.16 6.55 9.38
C VAL B 137 -25.74 7.02 8.04
N ALA B 138 -24.89 7.05 7.00
CA ALA B 138 -25.26 7.40 5.56
C ALA B 138 -24.51 6.64 4.45
N VAL B 139 -25.06 6.70 3.25
CA VAL B 139 -24.37 6.25 2.00
C VAL B 139 -24.40 7.40 0.98
N ILE B 140 -23.24 7.94 0.64
CA ILE B 140 -23.06 8.84 -0.51
C ILE B 140 -22.53 7.99 -1.63
N CYS B 141 -23.09 8.11 -2.80
CA CYS B 141 -22.55 7.29 -3.85
C CYS B 141 -22.82 7.95 -5.19
N GLY B 142 -21.72 8.18 -5.89
CA GLY B 142 -21.75 8.76 -7.24
C GLY B 142 -21.52 10.25 -7.28
N LEU B 143 -21.09 10.77 -6.15
CA LEU B 143 -20.97 12.17 -5.97
C LEU B 143 -19.51 12.54 -6.28
N GLY B 144 -18.84 11.63 -7.03
CA GLY B 144 -17.45 11.74 -7.39
C GLY B 144 -16.58 11.73 -6.15
N VAL B 145 -15.38 12.19 -6.32
CA VAL B 145 -14.42 12.26 -5.18
C VAL B 145 -14.90 13.17 -4.01
N TYR B 146 -15.70 14.14 -4.37
CA TYR B 146 -16.29 15.02 -3.42
C TYR B 146 -17.14 14.28 -2.38
N GLY B 147 -17.64 13.07 -2.71
CA GLY B 147 -18.32 12.24 -1.75
C GLY B 147 -17.47 12.09 -0.47
N TYR B 148 -16.17 11.90 -0.61
CA TYR B 148 -15.33 11.86 0.55
C TYR B 148 -15.36 13.21 1.27
N THR B 149 -15.37 14.34 0.58
CA THR B 149 -15.43 15.58 1.38
C THR B 149 -16.76 15.68 2.21
N ALA B 150 -17.90 15.47 1.56
CA ALA B 150 -19.16 15.60 2.29
C ALA B 150 -19.20 14.62 3.51
N ALA B 151 -18.85 13.35 3.31
CA ALA B 151 -18.71 12.47 4.45
C ALA B 151 -17.85 13.07 5.59
N ILE B 152 -16.70 13.65 5.29
CA ILE B 152 -15.89 14.17 6.37
C ILE B 152 -16.51 15.40 7.09
N GLU B 153 -17.16 16.32 6.36
CA GLU B 153 -17.90 17.36 7.01
C GLU B 153 -18.91 16.75 7.97
N TYR B 154 -19.57 15.72 7.51
CA TYR B 154 -20.69 15.22 8.28
C TYR B 154 -20.14 14.64 9.59
N ALA B 155 -19.03 13.91 9.41
CA ALA B 155 -18.31 13.16 10.44
C ALA B 155 -17.92 14.10 11.48
N LEU B 156 -17.18 15.11 11.04
CA LEU B 156 -16.65 16.18 11.87
C LEU B 156 -17.74 16.99 12.54
N ASN B 157 -19.00 16.85 12.17
CA ASN B 157 -20.06 17.41 13.01
C ASN B 157 -20.91 16.52 13.91
N TYR B 158 -20.59 15.25 14.05
CA TYR B 158 -21.42 14.27 14.73
C TYR B 158 -21.07 14.22 16.24
N GLN B 159 -22.05 13.89 17.10
CA GLN B 159 -21.83 13.66 18.58
C GLN B 159 -21.11 12.37 19.16
N LEU C 13 -9.85 -43.01 18.29
CA LEU C 13 -10.01 -41.89 19.30
C LEU C 13 -9.09 -40.62 19.13
N VAL C 14 -9.68 -39.46 18.81
CA VAL C 14 -8.95 -38.20 18.49
C VAL C 14 -8.14 -37.56 19.67
N LYS C 15 -6.97 -36.98 19.36
CA LYS C 15 -6.05 -36.49 20.38
C LYS C 15 -5.58 -35.03 20.15
N LYS C 16 -5.61 -34.58 18.89
CA LYS C 16 -5.09 -33.28 18.57
C LYS C 16 -6.29 -32.48 17.97
N VAL C 17 -6.84 -31.56 18.75
CA VAL C 17 -7.97 -30.80 18.27
C VAL C 17 -7.46 -29.38 18.02
N LEU C 18 -7.97 -28.71 17.01
CA LEU C 18 -7.65 -27.29 16.87
C LEU C 18 -8.90 -26.43 17.02
N LEU C 19 -8.84 -25.47 17.95
CA LEU C 19 -9.94 -24.50 18.05
C LEU C 19 -9.61 -23.31 17.16
N ILE C 20 -10.47 -22.97 16.19
CA ILE C 20 -10.23 -21.79 15.35
C ILE C 20 -11.34 -20.76 15.60
N ASN C 21 -10.97 -19.51 15.90
CA ASN C 21 -11.94 -18.45 15.87
C ASN C 21 -11.61 -17.41 14.75
N GLY C 22 -12.67 -16.99 14.04
CA GLY C 22 -12.50 -16.04 12.96
C GLY C 22 -12.61 -14.58 13.33
N PRO C 23 -12.91 -13.75 12.34
CA PRO C 23 -12.71 -12.30 12.57
C PRO C 23 -13.60 -11.72 13.65
N ASN C 24 -13.13 -10.67 14.20
CA ASN C 24 -13.83 -10.01 15.31
C ASN C 24 -13.90 -10.77 16.62
N LEU C 25 -13.86 -12.11 16.60
CA LEU C 25 -13.86 -12.84 17.86
C LEU C 25 -12.83 -12.38 18.92
N ASN C 26 -11.68 -11.89 18.48
CA ASN C 26 -10.76 -11.28 19.41
C ASN C 26 -11.41 -10.29 20.33
N LEU C 27 -12.51 -9.66 19.93
CA LEU C 27 -13.09 -8.56 20.72
C LEU C 27 -14.23 -8.95 21.68
N LEU C 28 -14.54 -10.24 21.85
CA LEU C 28 -15.37 -10.49 23.02
C LEU C 28 -14.57 -10.33 24.26
N GLY C 29 -15.17 -9.74 25.29
CA GLY C 29 -16.48 -9.15 25.21
C GLY C 29 -16.09 -7.76 25.66
N THR C 30 -15.74 -6.89 24.70
CA THR C 30 -15.32 -5.54 25.00
C THR C 30 -16.48 -4.59 24.94
N ARG C 31 -17.64 -5.00 24.45
CA ARG C 31 -18.73 -4.01 24.34
C ARG C 31 -19.77 -3.91 25.51
N TYR C 36 -21.55 -10.45 25.98
CA TYR C 36 -22.09 -9.32 26.77
C TYR C 36 -21.53 -9.30 28.27
N GLY C 37 -20.83 -10.38 28.69
CA GLY C 37 -20.29 -10.54 30.06
C GLY C 37 -18.81 -10.58 29.88
N THR C 38 -18.05 -10.07 30.84
CA THR C 38 -16.59 -9.93 30.63
C THR C 38 -15.83 -11.16 29.96
N THR C 39 -16.49 -12.06 29.19
CA THR C 39 -15.79 -13.30 28.74
C THR C 39 -14.97 -13.09 27.51
N SER C 40 -13.65 -13.14 27.63
CA SER C 40 -12.75 -12.81 26.54
C SER C 40 -12.43 -13.99 25.63
N LEU C 41 -11.78 -13.74 24.49
CA LEU C 41 -11.49 -14.87 23.59
C LEU C 41 -10.51 -15.75 24.30
N SER C 42 -9.68 -15.06 25.06
CA SER C 42 -8.58 -15.65 25.75
C SER C 42 -9.10 -16.65 26.75
N ASP C 43 -10.22 -16.35 27.41
CA ASP C 43 -10.88 -17.29 28.32
C ASP C 43 -11.33 -18.57 27.60
N ILE C 44 -12.22 -18.42 26.63
CA ILE C 44 -12.63 -19.53 25.82
C ILE C 44 -11.44 -20.48 25.42
N GLU C 45 -10.26 -19.91 25.09
CA GLU C 45 -9.13 -20.69 24.55
C GLU C 45 -8.48 -21.45 25.66
N GLN C 46 -8.23 -20.74 26.74
CA GLN C 46 -7.70 -21.32 27.95
C GLN C 46 -8.58 -22.46 28.48
N ALA C 47 -9.88 -22.24 28.56
CA ALA C 47 -10.82 -23.25 29.02
C ALA C 47 -10.72 -24.48 28.15
N ALA C 48 -10.58 -24.24 26.86
CA ALA C 48 -10.45 -25.33 25.87
C ALA C 48 -9.07 -26.03 25.94
N ILE C 49 -7.98 -25.31 26.22
CA ILE C 49 -6.66 -25.99 26.35
C ILE C 49 -6.65 -26.90 27.59
N GLU C 50 -7.31 -26.42 28.63
CA GLU C 50 -7.39 -27.06 29.91
C GLU C 50 -8.35 -28.22 29.91
N GLN C 51 -9.34 -28.19 29.04
CA GLN C 51 -10.37 -29.22 28.96
C GLN C 51 -9.74 -30.55 28.59
N ALA C 52 -8.85 -30.50 27.59
CA ALA C 52 -8.01 -31.62 27.12
C ALA C 52 -6.97 -32.07 28.12
N LYS C 53 -6.25 -31.11 28.68
CA LYS C 53 -5.38 -31.32 29.82
C LYS C 53 -6.02 -32.24 30.85
N LEU C 54 -7.25 -31.93 31.26
CA LEU C 54 -7.98 -32.73 32.26
C LEU C 54 -8.32 -34.14 31.76
N LYS C 55 -8.58 -34.34 30.46
CA LYS C 55 -8.83 -35.71 29.95
C LYS C 55 -7.66 -36.64 30.32
N ASN C 56 -6.50 -36.06 30.61
CA ASN C 56 -5.46 -36.81 31.33
C ASN C 56 -4.66 -37.78 30.44
N ASN C 57 -5.00 -37.90 29.15
CA ASN C 57 -4.46 -38.92 28.23
C ASN C 57 -3.79 -38.42 26.92
N ASP C 58 -3.04 -37.34 26.96
CA ASP C 58 -2.31 -36.97 25.77
C ASP C 58 -3.23 -36.55 24.65
N SER C 59 -4.34 -35.90 25.03
CA SER C 59 -5.12 -35.07 24.11
C SER C 59 -4.46 -33.70 24.18
N GLU C 60 -4.80 -32.80 23.29
CA GLU C 60 -4.27 -31.48 23.25
C GLU C 60 -5.22 -30.63 22.45
N VAL C 61 -5.43 -29.39 22.89
CA VAL C 61 -6.21 -28.48 22.02
C VAL C 61 -5.31 -27.32 21.58
N LEU C 62 -5.09 -27.20 20.29
CA LEU C 62 -4.33 -26.09 19.77
C LEU C 62 -5.32 -24.97 19.49
N VAL C 63 -4.90 -23.71 19.57
CA VAL C 63 -5.84 -22.61 19.36
C VAL C 63 -5.35 -21.60 18.36
N PHE C 64 -6.27 -20.95 17.66
CA PHE C 64 -5.92 -19.97 16.64
C PHE C 64 -7.04 -18.98 16.47
N GLN C 65 -6.66 -17.75 16.10
CA GLN C 65 -7.61 -16.71 15.75
C GLN C 65 -6.96 -15.72 14.79
N SER C 66 -7.72 -15.31 13.79
CA SER C 66 -7.28 -14.37 12.83
C SER C 66 -8.47 -13.63 12.27
N ASN C 67 -8.23 -12.46 11.70
CA ASN C 67 -9.27 -11.72 11.03
C ASN C 67 -9.11 -11.94 9.53
N THR C 68 -7.99 -12.54 9.11
CA THR C 68 -7.75 -12.77 7.70
C THR C 68 -8.17 -14.14 7.17
N GLU C 69 -9.06 -14.13 6.17
CA GLU C 69 -9.45 -15.38 5.55
C GLU C 69 -8.24 -16.28 5.10
N GLY C 70 -7.33 -15.77 4.27
CA GLY C 70 -6.22 -16.61 3.80
C GLY C 70 -5.45 -17.32 4.95
N PHE C 71 -5.07 -16.54 5.97
CA PHE C 71 -4.54 -17.00 7.22
C PHE C 71 -5.36 -18.15 7.87
N ILE C 72 -6.69 -18.13 7.84
CA ILE C 72 -7.38 -19.24 8.48
C ILE C 72 -7.17 -20.49 7.62
N ILE C 73 -7.29 -20.36 6.31
CA ILE C 73 -6.94 -21.39 5.32
C ILE C 73 -5.53 -21.90 5.50
N ASP C 74 -4.58 -20.97 5.69
CA ASP C 74 -3.17 -21.37 5.92
C ASP C 74 -3.11 -22.25 7.14
N ARG C 75 -3.91 -21.95 8.14
CA ARG C 75 -3.81 -22.60 9.42
C ARG C 75 -4.32 -24.01 9.31
N ILE C 76 -5.47 -24.12 8.64
CA ILE C 76 -6.10 -25.40 8.40
C ILE C 76 -5.14 -26.27 7.58
N HIS C 77 -4.46 -25.68 6.58
CA HIS C 77 -3.41 -26.45 5.90
C HIS C 77 -2.39 -26.99 6.85
N GLU C 78 -1.83 -26.14 7.74
CA GLU C 78 -0.79 -26.64 8.62
C GLU C 78 -1.29 -27.64 9.70
N ALA C 79 -2.54 -27.46 10.13
CA ALA C 79 -3.24 -28.43 10.98
C ALA C 79 -3.07 -29.89 10.51
N LYS C 80 -3.14 -30.07 9.20
CA LYS C 80 -3.06 -31.38 8.59
C LYS C 80 -1.63 -31.84 8.56
N ARG C 81 -0.69 -30.95 8.26
CA ARG C 81 0.74 -31.30 8.40
C ARG C 81 1.09 -31.69 9.83
N GLN C 82 0.42 -31.07 10.79
CA GLN C 82 0.56 -31.32 12.21
C GLN C 82 -0.19 -32.53 12.73
N GLY C 83 -1.06 -33.12 11.91
CA GLY C 83 -1.82 -34.29 12.35
C GLY C 83 -2.99 -34.01 13.28
N VAL C 84 -3.56 -32.80 13.18
CA VAL C 84 -4.81 -32.49 13.84
C VAL C 84 -5.86 -33.44 13.28
N GLY C 85 -6.60 -34.05 14.18
CA GLY C 85 -7.60 -35.00 13.81
C GLY C 85 -9.00 -34.44 13.73
N PHE C 86 -9.25 -33.32 14.40
CA PHE C 86 -10.54 -32.64 14.46
C PHE C 86 -10.37 -31.13 14.63
N VAL C 87 -11.30 -30.36 14.06
CA VAL C 87 -11.37 -28.90 14.22
C VAL C 87 -12.73 -28.50 14.84
N VAL C 88 -12.68 -27.56 15.78
CA VAL C 88 -13.85 -26.87 16.28
C VAL C 88 -13.66 -25.43 15.87
N ILE C 89 -14.54 -24.97 14.97
CA ILE C 89 -14.44 -23.62 14.38
C ILE C 89 -15.64 -22.69 14.60
N ASN C 90 -15.31 -21.44 14.95
CA ASN C 90 -16.27 -20.39 14.89
C ASN C 90 -15.76 -19.37 13.90
N ALA C 91 -16.27 -19.42 12.67
CA ALA C 91 -15.68 -18.64 11.60
C ALA C 91 -16.16 -17.19 11.62
N GLY C 92 -17.01 -16.83 12.59
CA GLY C 92 -17.52 -15.45 12.62
C GLY C 92 -18.13 -15.12 11.28
N ALA C 93 -18.00 -13.87 10.84
CA ALA C 93 -18.48 -13.44 9.55
C ALA C 93 -18.19 -14.41 8.41
N TYR C 94 -16.99 -15.01 8.43
CA TYR C 94 -16.60 -15.95 7.39
C TYR C 94 -17.55 -17.19 7.25
N THR C 95 -18.34 -17.47 8.28
CA THR C 95 -19.32 -18.52 8.11
C THR C 95 -20.19 -18.27 6.86
N HIS C 96 -20.51 -17.00 6.62
CA HIS C 96 -21.54 -16.70 5.63
C HIS C 96 -20.89 -16.29 4.31
N THR C 97 -19.61 -15.97 4.29
CA THR C 97 -18.98 -15.58 3.07
C THR C 97 -17.84 -16.47 2.55
N SER C 98 -17.23 -17.34 3.38
CA SER C 98 -15.97 -18.03 2.96
C SER C 98 -16.03 -19.46 2.31
N VAL C 99 -16.15 -19.52 1.00
CA VAL C 99 -16.08 -20.80 0.35
C VAL C 99 -14.66 -21.35 0.57
N GLY C 100 -13.64 -20.49 0.62
CA GLY C 100 -12.24 -20.95 0.74
C GLY C 100 -11.97 -21.76 2.00
N ILE C 101 -12.41 -21.24 3.14
CA ILE C 101 -12.36 -22.00 4.42
C ILE C 101 -13.12 -23.37 4.35
N ARG C 102 -14.32 -23.37 3.73
CA ARG C 102 -15.02 -24.63 3.46
C ARG C 102 -14.10 -25.61 2.66
N ASP C 103 -13.60 -25.09 1.53
CA ASP C 103 -12.68 -25.86 0.72
C ASP C 103 -11.38 -26.30 1.41
N ALA C 104 -10.93 -25.54 2.41
CA ALA C 104 -9.68 -25.92 3.10
C ALA C 104 -9.98 -27.14 3.98
N LEU C 105 -11.09 -27.06 4.70
CA LEU C 105 -11.47 -28.12 5.60
C LEU C 105 -11.77 -29.34 4.77
N LEU C 106 -12.49 -29.18 3.65
CA LEU C 106 -12.72 -30.31 2.75
C LEU C 106 -11.43 -30.82 2.14
N GLY C 107 -10.59 -29.91 1.66
CA GLY C 107 -9.38 -30.31 0.98
C GLY C 107 -8.35 -31.03 1.82
N THR C 108 -8.46 -30.95 3.16
CA THR C 108 -7.45 -31.54 4.06
C THR C 108 -8.16 -32.64 4.82
N ALA C 109 -9.49 -32.57 4.83
CA ALA C 109 -10.34 -33.70 5.17
C ALA C 109 -10.39 -33.85 6.67
N ILE C 110 -10.25 -32.72 7.34
CA ILE C 110 -10.34 -32.73 8.79
C ILE C 110 -11.84 -32.60 9.18
N PRO C 111 -12.43 -33.59 9.89
CA PRO C 111 -13.81 -33.32 10.36
C PRO C 111 -13.87 -32.11 11.27
N PHE C 112 -15.06 -31.47 11.29
CA PHE C 112 -15.23 -30.24 12.14
C PHE C 112 -16.63 -30.03 12.68
N ILE C 113 -16.67 -29.24 13.77
CA ILE C 113 -17.94 -28.70 14.34
C ILE C 113 -17.89 -27.21 14.19
N GLU C 114 -19.04 -26.62 13.92
CA GLU C 114 -19.23 -25.19 13.67
C GLU C 114 -19.93 -24.66 14.93
N VAL C 115 -19.31 -23.68 15.58
CA VAL C 115 -19.89 -23.07 16.78
C VAL C 115 -20.28 -21.65 16.50
N HIS C 116 -21.46 -21.20 16.95
CA HIS C 116 -21.75 -19.75 17.10
C HIS C 116 -22.19 -19.49 18.56
N ILE C 117 -21.55 -18.51 19.22
CA ILE C 117 -21.88 -18.10 20.58
C ILE C 117 -23.36 -17.72 20.71
N THR C 118 -23.90 -16.92 19.79
CA THR C 118 -25.29 -16.50 19.95
C THR C 118 -26.14 -17.25 18.94
N ASN C 119 -27.44 -17.07 18.95
CA ASN C 119 -28.17 -17.92 18.03
C ASN C 119 -28.38 -17.19 16.72
N VAL C 120 -27.56 -17.50 15.72
CA VAL C 120 -27.67 -16.78 14.44
C VAL C 120 -29.07 -16.80 13.87
N HIS C 121 -29.86 -17.82 14.16
CA HIS C 121 -31.20 -17.84 13.56
C HIS C 121 -32.04 -16.69 14.05
N GLN C 122 -31.61 -16.10 15.15
CA GLN C 122 -32.30 -14.94 15.65
C GLN C 122 -31.98 -13.65 14.91
N ARG C 123 -30.90 -13.62 14.13
CA ARG C 123 -30.41 -12.41 13.54
C ARG C 123 -30.82 -12.20 12.07
N GLU C 124 -30.04 -11.50 11.27
CA GLU C 124 -30.48 -11.23 9.89
C GLU C 124 -30.45 -12.50 9.04
N PRO C 125 -31.41 -12.63 8.11
CA PRO C 125 -31.52 -13.71 7.11
C PRO C 125 -30.18 -14.00 6.41
N PHE C 126 -29.41 -13.00 6.03
CA PHE C 126 -28.09 -13.36 5.52
C PHE C 126 -27.27 -14.29 6.41
N ARG C 127 -27.50 -14.28 7.71
CA ARG C 127 -26.69 -15.07 8.62
C ARG C 127 -27.23 -16.44 8.84
N HIS C 128 -28.38 -16.70 8.23
CA HIS C 128 -28.94 -18.02 8.25
C HIS C 128 -28.25 -18.97 7.24
N GLN C 129 -27.65 -18.46 6.15
CA GLN C 129 -26.75 -19.29 5.28
C GLN C 129 -25.38 -19.44 5.84
N SER C 130 -24.82 -20.64 5.85
CA SER C 130 -23.46 -20.90 6.20
C SER C 130 -22.78 -21.66 5.04
N TYR C 131 -21.49 -21.46 4.77
CA TYR C 131 -20.79 -22.37 3.92
C TYR C 131 -20.12 -23.48 4.68
N LEU C 132 -20.39 -23.56 5.97
CA LEU C 132 -19.89 -24.68 6.74
C LEU C 132 -20.94 -25.80 7.06
N SER C 133 -22.18 -25.41 7.33
CA SER C 133 -23.08 -26.30 8.00
C SER C 133 -23.23 -27.58 7.27
N ASP C 134 -23.30 -27.53 5.96
CA ASP C 134 -23.67 -28.74 5.28
C ASP C 134 -22.52 -29.67 5.16
N LYS C 135 -21.33 -29.20 5.44
CA LYS C 135 -20.20 -30.13 5.49
C LYS C 135 -19.76 -30.40 6.89
N ALA C 136 -20.30 -29.70 7.91
CA ALA C 136 -19.90 -29.90 9.31
C ALA C 136 -20.43 -31.23 9.88
N VAL C 137 -19.73 -31.76 10.88
CA VAL C 137 -20.22 -32.93 11.60
C VAL C 137 -21.45 -32.51 12.43
N ALA C 138 -21.45 -31.28 12.96
CA ALA C 138 -22.48 -30.75 13.86
C ALA C 138 -22.44 -29.24 13.81
N VAL C 139 -23.52 -28.64 14.27
CA VAL C 139 -23.53 -27.18 14.33
C VAL C 139 -24.23 -26.86 15.62
N ILE C 140 -23.51 -26.21 16.51
CA ILE C 140 -24.07 -25.74 17.78
C ILE C 140 -24.19 -24.23 17.72
N CYS C 141 -25.38 -23.68 17.93
CA CYS C 141 -25.40 -22.25 18.20
C CYS C 141 -26.41 -21.71 19.15
N GLY C 142 -25.95 -20.82 20.00
CA GLY C 142 -26.80 -20.12 20.97
C GLY C 142 -26.63 -20.70 22.34
N LEU C 143 -25.66 -21.60 22.44
CA LEU C 143 -25.39 -22.26 23.70
C LEU C 143 -24.43 -21.40 24.51
N GLY C 144 -24.15 -20.22 24.00
CA GLY C 144 -23.19 -19.33 24.58
C GLY C 144 -21.82 -19.93 24.43
N VAL C 145 -20.92 -19.50 25.31
CA VAL C 145 -19.57 -20.02 25.35
C VAL C 145 -19.56 -21.55 25.61
N TYR C 146 -20.59 -22.06 26.29
CA TYR C 146 -20.64 -23.48 26.59
C TYR C 146 -20.59 -24.27 25.27
N GLY C 147 -21.09 -23.63 24.20
CA GLY C 147 -21.05 -24.18 22.85
C GLY C 147 -19.69 -24.78 22.48
N TYR C 148 -18.62 -24.01 22.72
CA TYR C 148 -17.26 -24.51 22.58
C TYR C 148 -16.94 -25.73 23.51
N THR C 149 -17.26 -25.66 24.79
CA THR C 149 -16.93 -26.81 25.68
C THR C 149 -17.57 -28.13 25.08
N ALA C 150 -18.78 -27.96 24.53
CA ALA C 150 -19.62 -29.07 24.14
C ALA C 150 -18.99 -29.72 22.90
N ALA C 151 -18.66 -28.87 21.92
CA ALA C 151 -17.94 -29.30 20.71
C ALA C 151 -16.65 -30.06 21.01
N ILE C 152 -15.91 -29.60 22.01
CA ILE C 152 -14.68 -30.22 22.36
C ILE C 152 -14.89 -31.59 22.98
N GLU C 153 -15.84 -31.72 23.92
CA GLU C 153 -16.20 -33.03 24.48
C GLU C 153 -16.45 -33.97 23.32
N TYR C 154 -17.13 -33.46 22.31
CA TYR C 154 -17.55 -34.29 21.24
C TYR C 154 -16.36 -34.71 20.45
N ALA C 155 -15.56 -33.72 20.11
CA ALA C 155 -14.35 -33.88 19.35
C ALA C 155 -13.43 -34.92 19.96
N LEU C 156 -13.26 -34.86 21.27
CA LEU C 156 -12.32 -35.69 21.96
C LEU C 156 -12.80 -37.12 22.05
N ASN C 157 -13.97 -37.41 21.47
CA ASN C 157 -14.59 -38.72 21.54
C ASN C 157 -14.85 -39.41 20.23
N TYR C 158 -14.24 -38.92 19.16
CA TYR C 158 -14.66 -39.26 17.79
C TYR C 158 -13.67 -40.20 17.10
N GLN C 159 -14.12 -41.30 16.47
CA GLN C 159 -13.29 -42.21 15.61
C GLN C 159 -11.75 -42.08 15.56
N GLN D 12 -62.23 10.61 26.13
CA GLN D 12 -61.09 9.65 26.11
C GLN D 12 -61.14 8.65 24.91
N LEU D 13 -62.36 8.29 24.49
CA LEU D 13 -62.63 7.55 23.26
C LEU D 13 -62.58 8.56 22.07
N VAL D 14 -62.39 8.08 20.85
CA VAL D 14 -62.38 8.91 19.61
C VAL D 14 -63.71 9.60 19.20
N LYS D 15 -63.65 10.91 18.93
CA LYS D 15 -64.80 11.67 18.43
C LYS D 15 -64.79 11.89 16.92
N LYS D 16 -63.65 12.25 16.34
CA LYS D 16 -63.63 12.75 14.97
C LYS D 16 -63.01 11.66 14.05
N VAL D 17 -63.79 11.17 13.09
CA VAL D 17 -63.38 10.03 12.27
C VAL D 17 -63.46 10.39 10.79
N LEU D 18 -62.44 10.01 10.03
CA LEU D 18 -62.42 10.27 8.58
C LEU D 18 -62.57 8.99 7.77
N LEU D 19 -63.61 8.93 6.95
CA LEU D 19 -63.80 7.83 6.00
C LEU D 19 -63.23 8.27 4.64
N ILE D 20 -62.20 7.56 4.16
CA ILE D 20 -61.59 7.86 2.88
C ILE D 20 -61.80 6.66 2.01
N ASN D 21 -62.30 6.92 0.78
CA ASN D 21 -62.39 5.92 -0.29
C ASN D 21 -61.57 6.34 -1.53
N GLY D 22 -60.81 5.39 -2.10
CA GLY D 22 -59.86 5.68 -3.21
C GLY D 22 -60.40 5.59 -4.63
N PRO D 23 -59.51 5.45 -5.62
CA PRO D 23 -60.00 5.53 -6.99
C PRO D 23 -61.03 4.48 -7.35
N ASN D 24 -61.90 4.91 -8.22
CA ASN D 24 -62.90 4.06 -8.78
C ASN D 24 -64.10 3.78 -7.89
N LEU D 25 -63.94 3.95 -6.58
CA LEU D 25 -65.04 3.66 -5.67
C LEU D 25 -66.29 4.53 -5.85
N ASN D 26 -66.18 5.68 -6.51
CA ASN D 26 -67.34 6.43 -6.91
C ASN D 26 -68.25 5.57 -7.79
N LEU D 27 -67.70 4.57 -8.42
CA LEU D 27 -68.46 3.88 -9.44
C LEU D 27 -69.29 2.78 -8.86
N LEU D 28 -69.24 2.59 -7.53
CA LEU D 28 -70.09 1.51 -7.05
C LEU D 28 -71.51 2.04 -6.94
N GLY D 29 -72.52 1.23 -7.25
CA GLY D 29 -72.32 -0.07 -7.84
C GLY D 29 -73.14 0.19 -9.09
N THR D 30 -72.48 0.60 -10.18
CA THR D 30 -73.15 0.87 -11.42
C THR D 30 -72.88 -0.17 -12.47
N ARG D 31 -72.42 -1.38 -12.11
CA ARG D 31 -72.37 -2.43 -13.18
C ARG D 31 -73.26 -3.80 -13.22
N TYR D 36 -71.92 -5.63 -6.83
CA TYR D 36 -72.76 -5.93 -7.98
C TYR D 36 -74.25 -5.34 -7.86
N GLY D 37 -74.58 -4.72 -6.71
CA GLY D 37 -76.00 -4.39 -6.39
C GLY D 37 -76.12 -2.94 -6.02
N THR D 38 -77.29 -2.33 -6.22
CA THR D 38 -77.30 -0.85 -6.29
C THR D 38 -76.77 -0.03 -5.02
N THR D 39 -75.83 -0.57 -4.25
CA THR D 39 -75.36 0.15 -3.07
C THR D 39 -74.33 1.09 -3.56
N SER D 40 -74.58 2.38 -3.41
CA SER D 40 -73.73 3.37 -4.00
C SER D 40 -72.61 3.87 -3.06
N LEU D 41 -71.63 4.63 -3.55
CA LEU D 41 -70.70 5.31 -2.66
C LEU D 41 -71.42 6.27 -1.74
N SER D 42 -72.41 6.99 -2.26
CA SER D 42 -73.07 7.92 -1.38
C SER D 42 -73.79 7.19 -0.20
N ASP D 43 -74.47 6.09 -0.52
CA ASP D 43 -74.98 5.19 0.52
C ASP D 43 -73.96 4.90 1.65
N ILE D 44 -72.82 4.36 1.33
CA ILE D 44 -71.83 4.04 2.31
C ILE D 44 -71.45 5.27 3.15
N GLU D 45 -71.28 6.40 2.46
CA GLU D 45 -70.90 7.66 3.11
C GLU D 45 -72.01 8.12 4.03
N GLN D 46 -73.27 8.07 3.59
CA GLN D 46 -74.33 8.55 4.47
C GLN D 46 -74.51 7.66 5.68
N ALA D 47 -74.51 6.35 5.50
CA ALA D 47 -74.62 5.35 6.58
C ALA D 47 -73.58 5.65 7.63
N ALA D 48 -72.32 5.79 7.23
CA ALA D 48 -71.29 6.18 8.17
C ALA D 48 -71.58 7.51 8.97
N ILE D 49 -71.92 8.61 8.29
CA ILE D 49 -72.31 9.86 8.98
C ILE D 49 -73.38 9.56 10.03
N GLU D 50 -74.47 8.97 9.60
CA GLU D 50 -75.56 8.63 10.51
C GLU D 50 -75.13 7.63 11.62
N GLN D 51 -74.21 6.72 11.35
CA GLN D 51 -73.74 5.82 12.41
C GLN D 51 -73.30 6.66 13.62
N ALA D 52 -72.45 7.65 13.39
CA ALA D 52 -71.91 8.49 14.42
C ALA D 52 -73.00 9.33 15.07
N LYS D 53 -73.79 10.08 14.31
CA LYS D 53 -74.76 10.97 14.96
C LYS D 53 -75.61 10.14 15.88
N LEU D 54 -75.83 8.88 15.55
CA LEU D 54 -76.67 8.05 16.37
C LEU D 54 -75.96 7.62 17.64
N LYS D 55 -75.21 8.50 18.28
CA LYS D 55 -74.50 8.07 19.46
C LYS D 55 -74.75 9.11 20.55
N ASN D 56 -75.67 10.06 20.27
CA ASN D 56 -76.08 11.08 21.23
C ASN D 56 -74.91 11.98 21.60
N ASN D 57 -73.68 11.66 21.18
CA ASN D 57 -72.53 12.15 21.95
C ASN D 57 -71.43 12.89 21.27
N ASP D 58 -71.77 13.58 20.17
CA ASP D 58 -70.82 14.42 19.38
C ASP D 58 -69.67 13.71 18.74
N SER D 59 -69.88 12.49 18.24
CA SER D 59 -68.89 11.82 17.39
C SER D 59 -69.17 12.35 16.00
N GLU D 60 -68.30 12.14 15.06
CA GLU D 60 -68.58 12.57 13.73
C GLU D 60 -67.84 11.75 12.72
N VAL D 61 -68.43 11.55 11.56
CA VAL D 61 -67.65 10.95 10.49
C VAL D 61 -67.46 11.98 9.35
N LEU D 62 -66.22 12.28 9.02
CA LEU D 62 -65.99 13.05 7.81
C LEU D 62 -65.80 12.09 6.59
N VAL D 63 -66.19 12.56 5.40
CA VAL D 63 -66.11 11.68 4.23
C VAL D 63 -65.27 12.27 3.09
N PHE D 64 -64.49 11.41 2.43
CA PHE D 64 -63.70 11.82 1.26
C PHE D 64 -63.58 10.75 0.19
N GLN D 65 -63.65 11.13 -1.07
CA GLN D 65 -63.25 10.20 -2.13
C GLN D 65 -62.53 10.92 -3.21
N SER D 66 -61.56 10.25 -3.82
CA SER D 66 -60.79 10.80 -4.94
C SER D 66 -60.17 9.73 -5.77
N ASN D 67 -60.10 10.00 -7.06
CA ASN D 67 -59.29 9.16 -7.96
C ASN D 67 -57.77 9.51 -7.92
N THR D 68 -57.37 10.72 -7.48
CA THR D 68 -55.99 11.15 -7.50
C THR D 68 -55.24 10.87 -6.19
N GLU D 69 -54.17 10.08 -6.26
CA GLU D 69 -53.31 9.82 -5.14
C GLU D 69 -52.92 11.06 -4.30
N GLY D 70 -52.24 12.00 -4.92
CA GLY D 70 -51.84 13.27 -4.25
C GLY D 70 -52.97 13.91 -3.39
N PHE D 71 -54.16 14.03 -3.97
CA PHE D 71 -55.33 14.54 -3.25
C PHE D 71 -55.69 13.72 -2.00
N ILE D 72 -55.64 12.40 -2.09
CA ILE D 72 -55.89 11.58 -0.92
C ILE D 72 -54.82 11.88 0.14
N ILE D 73 -53.57 12.12 -0.30
CA ILE D 73 -52.49 12.36 0.64
C ILE D 73 -52.76 13.74 1.23
N ASP D 74 -53.24 14.69 0.39
CA ASP D 74 -53.50 16.04 0.88
C ASP D 74 -54.58 15.97 1.96
N ARG D 75 -55.60 15.15 1.69
CA ARG D 75 -56.70 15.02 2.61
C ARG D 75 -56.22 14.50 3.98
N ILE D 76 -55.33 13.49 4.00
CA ILE D 76 -54.80 13.03 5.27
C ILE D 76 -54.04 14.14 5.97
N HIS D 77 -53.24 14.92 5.28
CA HIS D 77 -52.65 16.09 5.98
C HIS D 77 -53.72 16.99 6.57
N GLU D 78 -54.68 17.39 5.75
CA GLU D 78 -55.79 18.17 6.26
C GLU D 78 -56.46 17.52 7.50
N ALA D 79 -56.60 16.19 7.51
CA ALA D 79 -57.32 15.49 8.61
C ALA D 79 -56.65 15.76 9.97
N LYS D 80 -55.33 15.73 9.92
CA LYS D 80 -54.51 16.02 11.06
C LYS D 80 -54.68 17.43 11.52
N ARG D 81 -54.69 18.40 10.61
CA ARG D 81 -55.00 19.77 10.98
C ARG D 81 -56.37 19.83 11.69
N GLN D 82 -57.32 19.01 11.29
CA GLN D 82 -58.66 19.09 11.79
C GLN D 82 -58.87 18.34 13.09
N GLY D 83 -57.85 17.62 13.57
CA GLY D 83 -57.94 16.81 14.82
C GLY D 83 -58.71 15.50 14.71
N VAL D 84 -58.80 14.99 13.49
CA VAL D 84 -59.29 13.63 13.28
C VAL D 84 -58.40 12.66 14.09
N GLY D 85 -59.06 11.84 14.91
CA GLY D 85 -58.41 10.81 15.70
C GLY D 85 -58.35 9.43 15.06
N PHE D 86 -59.02 9.22 13.93
CA PHE D 86 -59.04 7.89 13.26
C PHE D 86 -59.49 7.96 11.81
N VAL D 87 -58.80 7.18 10.97
CA VAL D 87 -59.20 6.99 9.58
C VAL D 87 -59.70 5.59 9.30
N VAL D 88 -60.86 5.46 8.68
CA VAL D 88 -61.28 4.19 8.09
C VAL D 88 -61.07 4.43 6.62
N ILE D 89 -60.09 3.72 6.04
CA ILE D 89 -59.76 3.87 4.59
C ILE D 89 -59.96 2.63 3.72
N ASN D 90 -60.64 2.84 2.60
CA ASN D 90 -60.64 1.87 1.48
C ASN D 90 -59.85 2.50 0.33
N ALA D 91 -58.55 2.23 0.22
CA ALA D 91 -57.70 2.89 -0.78
C ALA D 91 -57.92 2.36 -2.23
N GLY D 92 -58.91 1.48 -2.41
CA GLY D 92 -59.04 0.79 -3.68
C GLY D 92 -57.70 0.34 -4.26
N ALA D 93 -57.50 0.64 -5.55
CA ALA D 93 -56.31 0.22 -6.25
C ALA D 93 -55.07 0.70 -5.56
N TYR D 94 -55.10 1.92 -5.01
CA TYR D 94 -53.92 2.48 -4.33
C TYR D 94 -53.43 1.62 -3.18
N THR D 95 -54.23 0.68 -2.67
CA THR D 95 -53.76 -0.13 -1.59
C THR D 95 -52.47 -0.87 -2.02
N HIS D 96 -52.38 -1.19 -3.33
CA HIS D 96 -51.30 -2.03 -3.79
C HIS D 96 -50.15 -1.21 -4.33
N THR D 97 -50.38 0.09 -4.52
CA THR D 97 -49.41 0.85 -5.20
C THR D 97 -48.96 2.11 -4.46
N SER D 98 -49.68 2.60 -3.47
CA SER D 98 -49.33 3.85 -2.81
C SER D 98 -48.45 3.83 -1.50
N VAL D 99 -47.13 3.81 -1.65
CA VAL D 99 -46.33 4.07 -0.47
C VAL D 99 -46.64 5.52 0.09
N GLY D 100 -46.91 6.49 -0.79
CA GLY D 100 -47.18 7.85 -0.38
C GLY D 100 -48.37 7.97 0.54
N ILE D 101 -49.43 7.21 0.25
CA ILE D 101 -50.51 7.23 1.23
C ILE D 101 -50.08 6.61 2.56
N ARG D 102 -49.38 5.46 2.55
CA ARG D 102 -49.00 4.79 3.78
C ARG D 102 -48.19 5.78 4.61
N ASP D 103 -47.30 6.56 3.94
CA ASP D 103 -46.37 7.43 4.60
C ASP D 103 -47.12 8.67 5.14
N ALA D 104 -48.28 8.99 4.57
CA ALA D 104 -48.97 10.14 5.09
C ALA D 104 -49.69 9.75 6.38
N LEU D 105 -50.28 8.55 6.45
CA LEU D 105 -50.95 8.14 7.68
C LEU D 105 -49.88 8.03 8.80
N LEU D 106 -48.78 7.34 8.48
CA LEU D 106 -47.67 7.26 9.39
C LEU D 106 -47.10 8.62 9.78
N GLY D 107 -46.98 9.46 8.76
CA GLY D 107 -46.54 10.82 8.90
C GLY D 107 -47.34 11.71 9.80
N THR D 108 -48.67 11.55 9.78
CA THR D 108 -49.59 12.33 10.64
C THR D 108 -49.98 11.54 11.87
N ALA D 109 -49.49 10.29 11.94
CA ALA D 109 -49.66 9.39 13.10
C ALA D 109 -51.14 9.24 13.46
N ILE D 110 -51.97 9.04 12.46
CA ILE D 110 -53.40 8.89 12.70
C ILE D 110 -53.67 7.37 12.60
N PRO D 111 -54.29 6.76 13.60
CA PRO D 111 -54.50 5.36 13.30
C PRO D 111 -55.58 5.07 12.24
N PHE D 112 -55.56 3.83 11.72
CA PHE D 112 -56.46 3.51 10.61
C PHE D 112 -56.82 2.05 10.43
N ILE D 113 -58.01 1.83 9.91
CA ILE D 113 -58.38 0.47 9.52
C ILE D 113 -58.54 0.50 8.02
N GLU D 114 -58.00 -0.50 7.34
CA GLU D 114 -58.06 -0.67 5.89
C GLU D 114 -59.32 -1.48 5.57
N VAL D 115 -60.19 -0.92 4.76
CA VAL D 115 -61.34 -1.76 4.39
C VAL D 115 -61.31 -2.18 2.90
N HIS D 116 -61.74 -3.42 2.63
CA HIS D 116 -62.07 -3.87 1.26
C HIS D 116 -63.47 -4.45 1.18
N ILE D 117 -64.32 -3.99 0.27
CA ILE D 117 -65.68 -4.51 0.19
C ILE D 117 -65.68 -5.99 -0.17
N THR D 118 -64.83 -6.41 -1.09
CA THR D 118 -64.87 -7.80 -1.52
C THR D 118 -63.64 -8.48 -1.03
N ASN D 119 -63.57 -9.80 -1.08
CA ASN D 119 -62.37 -10.44 -0.51
C ASN D 119 -61.18 -10.45 -1.47
N VAL D 120 -60.23 -9.54 -1.29
CA VAL D 120 -59.15 -9.38 -2.25
C VAL D 120 -58.34 -10.66 -2.38
N HIS D 121 -58.36 -11.52 -1.35
CA HIS D 121 -57.53 -12.75 -1.39
C HIS D 121 -58.06 -13.68 -2.45
N GLN D 122 -59.27 -13.39 -2.87
CA GLN D 122 -59.90 -14.20 -3.88
C GLN D 122 -59.42 -13.93 -5.29
N ARG D 123 -58.71 -12.81 -5.46
CA ARG D 123 -58.37 -12.17 -6.71
C ARG D 123 -56.91 -12.36 -7.24
N GLU D 124 -56.42 -11.51 -8.12
CA GLU D 124 -55.11 -11.72 -8.69
C GLU D 124 -54.09 -11.56 -7.55
N PRO D 125 -53.08 -12.46 -7.44
CA PRO D 125 -51.99 -12.36 -6.46
C PRO D 125 -51.41 -10.94 -6.28
N PHE D 126 -51.31 -10.12 -7.32
CA PHE D 126 -50.81 -8.78 -6.99
C PHE D 126 -51.69 -8.08 -5.99
N ARG D 127 -52.89 -8.58 -5.77
CA ARG D 127 -53.81 -7.82 -4.92
C ARG D 127 -53.75 -8.24 -3.50
N HIS D 128 -52.96 -9.28 -3.25
CA HIS D 128 -52.65 -9.83 -1.96
C HIS D 128 -51.65 -9.00 -1.16
N GLN D 129 -50.89 -8.08 -1.79
CA GLN D 129 -49.93 -7.23 -1.11
C GLN D 129 -50.48 -5.87 -0.91
N SER D 130 -50.30 -5.29 0.27
CA SER D 130 -50.80 -3.97 0.57
C SER D 130 -49.72 -3.04 1.07
N TYR D 131 -49.78 -1.73 0.87
CA TYR D 131 -48.84 -0.91 1.63
C TYR D 131 -49.51 -0.32 2.87
N LEU D 132 -50.72 -0.79 3.17
CA LEU D 132 -51.33 -0.40 4.39
C LEU D 132 -51.41 -1.51 5.52
N SER D 133 -51.63 -2.75 5.17
CA SER D 133 -51.91 -3.78 6.18
C SER D 133 -50.96 -3.82 7.37
N ASP D 134 -49.65 -3.74 7.12
CA ASP D 134 -48.76 -3.93 8.25
C ASP D 134 -48.72 -2.77 9.16
N LYS D 135 -49.23 -1.61 8.73
CA LYS D 135 -49.36 -0.47 9.67
C LYS D 135 -50.81 -0.17 10.05
N ALA D 136 -51.75 -0.81 9.41
CA ALA D 136 -53.11 -0.66 9.81
C ALA D 136 -53.36 -1.14 11.28
N VAL D 137 -54.35 -0.58 11.98
CA VAL D 137 -54.81 -1.26 13.17
C VAL D 137 -55.47 -2.64 12.77
N ALA D 138 -56.51 -2.63 11.97
CA ALA D 138 -57.04 -3.89 11.43
C ALA D 138 -57.24 -3.84 9.93
N VAL D 139 -57.40 -5.01 9.36
CA VAL D 139 -57.79 -5.13 7.96
C VAL D 139 -59.05 -5.98 7.90
N ILE D 140 -60.13 -5.37 7.47
CA ILE D 140 -61.36 -6.06 7.20
C ILE D 140 -61.51 -6.11 5.70
N CYS D 141 -61.79 -7.28 5.18
CA CYS D 141 -61.89 -7.37 3.75
C CYS D 141 -62.77 -8.53 3.39
N GLY D 142 -63.78 -8.23 2.59
CA GLY D 142 -64.76 -9.17 2.09
C GLY D 142 -66.04 -9.20 2.88
N LEU D 143 -66.25 -8.21 3.73
CA LEU D 143 -67.44 -8.29 4.61
C LEU D 143 -68.56 -7.50 3.97
N GLY D 144 -68.40 -7.30 2.65
CA GLY D 144 -69.17 -6.36 1.87
C GLY D 144 -69.23 -5.03 2.57
N VAL D 145 -70.39 -4.40 2.55
CA VAL D 145 -70.44 -2.95 2.86
C VAL D 145 -70.35 -2.74 4.38
N TYR D 146 -70.85 -3.77 5.11
CA TYR D 146 -70.82 -3.83 6.56
C TYR D 146 -69.36 -3.71 7.05
N GLY D 147 -68.43 -4.07 6.15
CA GLY D 147 -67.04 -3.86 6.39
C GLY D 147 -66.73 -2.49 6.99
N TYR D 148 -67.12 -1.40 6.28
CA TYR D 148 -67.11 0.01 6.76
C TYR D 148 -67.82 0.21 8.13
N THR D 149 -69.02 -0.36 8.29
CA THR D 149 -69.75 -0.16 9.57
C THR D 149 -68.97 -0.63 10.83
N ALA D 150 -68.43 -1.86 10.73
CA ALA D 150 -67.60 -2.50 11.71
C ALA D 150 -66.30 -1.70 11.94
N ALA D 151 -65.59 -1.37 10.89
CA ALA D 151 -64.53 -0.36 11.04
C ALA D 151 -64.96 0.98 11.76
N ILE D 152 -66.17 1.47 11.51
CA ILE D 152 -66.55 2.64 12.29
C ILE D 152 -66.88 2.37 13.79
N GLU D 153 -67.47 1.23 14.08
CA GLU D 153 -67.72 0.85 15.47
C GLU D 153 -66.41 0.83 16.22
N TYR D 154 -65.46 0.10 15.66
CA TYR D 154 -64.21 -0.14 16.32
C TYR D 154 -63.54 1.16 16.64
N ALA D 155 -63.59 2.01 15.62
CA ALA D 155 -62.94 3.29 15.58
C ALA D 155 -63.49 4.18 16.66
N LEU D 156 -64.82 4.23 16.77
CA LEU D 156 -65.50 5.02 17.78
C LEU D 156 -65.35 4.44 19.17
N ASN D 157 -64.48 3.46 19.33
CA ASN D 157 -64.26 2.88 20.62
C ASN D 157 -62.84 2.86 21.01
N TYR D 158 -62.03 3.63 20.30
CA TYR D 158 -60.63 3.48 20.39
C TYR D 158 -60.05 4.51 21.37
N GLN D 159 -58.93 4.12 22.00
CA GLN D 159 -58.01 5.04 22.73
C GLN D 159 -57.35 6.24 21.97
N GLN E 12 -21.51 26.45 -19.51
CA GLN E 12 -20.23 26.20 -18.76
C GLN E 12 -20.60 25.36 -17.54
N LEU E 13 -20.54 25.97 -16.35
CA LEU E 13 -21.09 25.40 -15.15
C LEU E 13 -22.59 25.70 -15.07
N VAL E 14 -23.31 24.79 -14.39
CA VAL E 14 -24.76 24.84 -14.19
C VAL E 14 -25.12 26.05 -13.32
N LYS E 15 -25.88 26.99 -13.86
CA LYS E 15 -26.28 28.17 -13.11
C LYS E 15 -27.72 28.02 -12.53
N LYS E 16 -28.55 27.16 -13.09
CA LYS E 16 -29.91 27.11 -12.58
C LYS E 16 -30.39 25.69 -12.11
N VAL E 17 -30.76 25.58 -10.83
CA VAL E 17 -30.97 24.30 -10.21
C VAL E 17 -32.37 24.18 -9.61
N LEU E 18 -33.12 23.15 -9.92
CA LEU E 18 -34.45 23.02 -9.25
C LEU E 18 -34.38 22.01 -8.13
N LEU E 19 -34.76 22.41 -6.90
CA LEU E 19 -34.97 21.50 -5.79
C LEU E 19 -36.42 20.95 -5.80
N ILE E 20 -36.63 19.62 -5.97
CA ILE E 20 -38.00 19.08 -5.86
C ILE E 20 -38.10 18.26 -4.58
N ASN E 21 -39.13 18.46 -3.76
CA ASN E 21 -39.42 17.53 -2.67
C ASN E 21 -40.79 16.90 -2.93
N GLY E 22 -40.85 15.56 -2.78
CA GLY E 22 -42.08 14.79 -3.06
C GLY E 22 -43.07 14.75 -1.90
N PRO E 23 -43.94 13.74 -1.89
CA PRO E 23 -45.07 13.81 -0.98
C PRO E 23 -44.69 13.68 0.47
N ASN E 24 -45.48 14.33 1.32
CA ASN E 24 -45.38 14.19 2.76
C ASN E 24 -44.28 14.95 3.39
N LEU E 25 -43.23 15.28 2.63
CA LEU E 25 -42.17 16.14 3.10
C LEU E 25 -42.55 17.56 3.55
N ASN E 26 -43.74 18.06 3.21
CA ASN E 26 -44.23 19.27 3.85
C ASN E 26 -44.41 19.08 5.34
N LEU E 27 -44.36 17.85 5.81
CA LEU E 27 -44.69 17.55 7.16
C LEU E 27 -43.46 17.55 8.06
N LEU E 28 -42.26 17.75 7.53
CA LEU E 28 -41.13 17.77 8.49
C LEU E 28 -41.17 19.10 9.14
N GLY E 29 -40.90 19.20 10.44
CA GLY E 29 -40.75 18.07 11.32
C GLY E 29 -41.85 18.44 12.30
N THR E 30 -43.06 18.00 12.01
CA THR E 30 -44.19 18.31 12.87
C THR E 30 -44.42 17.20 13.88
N ARG E 31 -43.66 16.09 13.80
CA ARG E 31 -43.97 14.89 14.62
C ARG E 31 -43.01 14.40 15.81
N TYR E 36 -36.69 14.16 13.18
CA TYR E 36 -37.54 14.44 14.35
C TYR E 36 -37.15 15.82 15.17
N GLY E 37 -36.41 16.74 14.51
CA GLY E 37 -36.03 18.03 15.12
C GLY E 37 -36.83 19.05 14.37
N THR E 38 -37.01 20.24 14.91
CA THR E 38 -37.97 21.16 14.28
C THR E 38 -37.62 21.64 12.83
N THR E 39 -36.79 20.93 12.05
CA THR E 39 -36.31 21.45 10.76
C THR E 39 -37.38 21.30 9.71
N SER E 40 -37.94 22.41 9.24
CA SER E 40 -39.08 22.37 8.35
C SER E 40 -38.69 22.25 6.90
N LEU E 41 -39.67 21.94 6.05
CA LEU E 41 -39.42 21.84 4.61
C LEU E 41 -39.02 23.22 4.20
N SER E 42 -39.66 24.25 4.75
CA SER E 42 -39.33 25.56 4.35
C SER E 42 -37.87 25.97 4.71
N ASP E 43 -37.41 25.54 5.89
CA ASP E 43 -36.02 25.80 6.28
C ASP E 43 -35.09 25.32 5.16
N ILE E 44 -35.33 24.12 4.68
CA ILE E 44 -34.50 23.49 3.70
C ILE E 44 -34.47 24.28 2.39
N GLU E 45 -35.67 24.66 1.91
CA GLU E 45 -35.83 25.39 0.65
C GLU E 45 -35.15 26.76 0.78
N GLN E 46 -35.36 27.46 1.89
CA GLN E 46 -34.64 28.71 2.11
C GLN E 46 -33.10 28.60 2.02
N ALA E 47 -32.59 27.54 2.64
CA ALA E 47 -31.19 27.30 2.79
C ALA E 47 -30.63 27.11 1.39
N ALA E 48 -31.25 26.23 0.62
CA ALA E 48 -30.89 26.03 -0.76
C ALA E 48 -30.88 27.39 -1.56
N ILE E 49 -31.99 28.15 -1.51
CA ILE E 49 -32.09 29.44 -2.17
C ILE E 49 -30.88 30.33 -1.81
N GLU E 50 -30.63 30.46 -0.51
CA GLU E 50 -29.45 31.15 -0.01
C GLU E 50 -28.08 30.59 -0.52
N GLN E 51 -27.87 29.27 -0.48
CA GLN E 51 -26.71 28.69 -1.10
C GLN E 51 -26.36 29.27 -2.47
N ALA E 52 -27.28 29.23 -3.44
CA ALA E 52 -26.97 29.82 -4.76
C ALA E 52 -26.68 31.33 -4.65
N LYS E 53 -27.60 32.12 -4.10
CA LYS E 53 -27.48 33.58 -4.09
C LYS E 53 -26.05 33.96 -3.71
N LEU E 54 -25.57 33.26 -2.69
CA LEU E 54 -24.26 33.41 -2.09
C LEU E 54 -23.04 33.06 -2.95
N LYS E 55 -23.20 32.26 -4.01
CA LYS E 55 -22.10 32.08 -4.96
C LYS E 55 -21.87 33.44 -5.67
N ASN E 56 -22.75 34.41 -5.38
CA ASN E 56 -22.72 35.70 -5.98
C ASN E 56 -22.24 35.64 -7.45
N ASN E 57 -23.04 35.06 -8.33
CA ASN E 57 -22.69 35.02 -9.75
C ASN E 57 -23.90 34.67 -10.61
N ASP E 58 -25.11 34.99 -10.15
CA ASP E 58 -26.30 34.73 -10.96
C ASP E 58 -26.48 33.21 -11.13
N SER E 59 -26.49 32.48 -10.02
CA SER E 59 -26.98 31.12 -9.97
C SER E 59 -28.27 31.27 -9.20
N GLU E 60 -29.09 30.24 -9.24
CA GLU E 60 -30.37 30.35 -8.64
C GLU E 60 -30.77 28.95 -8.30
N VAL E 61 -31.41 28.80 -7.14
CA VAL E 61 -32.14 27.57 -6.88
C VAL E 61 -33.65 27.80 -6.90
N LEU E 62 -34.39 27.09 -7.76
CA LEU E 62 -35.87 27.23 -7.69
C LEU E 62 -36.40 26.09 -6.86
N VAL E 63 -37.43 26.30 -6.04
CA VAL E 63 -37.92 25.22 -5.12
C VAL E 63 -39.33 24.69 -5.43
N PHE E 64 -39.57 23.41 -5.30
CA PHE E 64 -40.90 22.92 -5.54
C PHE E 64 -41.25 21.79 -4.61
N GLN E 65 -42.55 21.63 -4.26
CA GLN E 65 -43.02 20.45 -3.52
C GLN E 65 -44.45 20.15 -3.81
N SER E 66 -44.77 18.89 -4.03
CA SER E 66 -46.10 18.42 -4.15
C SER E 66 -46.26 17.05 -3.63
N ASN E 67 -47.52 16.69 -3.39
CA ASN E 67 -47.92 15.40 -2.95
C ASN E 67 -48.41 14.58 -4.12
N THR E 68 -48.77 15.27 -5.22
CA THR E 68 -49.21 14.64 -6.46
C THR E 68 -48.12 14.29 -7.51
N GLU E 69 -47.95 12.99 -7.81
CA GLU E 69 -47.04 12.53 -8.85
C GLU E 69 -47.18 13.37 -10.14
N GLY E 70 -48.38 13.41 -10.72
CA GLY E 70 -48.61 14.22 -11.93
C GLY E 70 -47.98 15.63 -11.91
N PHE E 71 -48.14 16.34 -10.78
CA PHE E 71 -47.69 17.70 -10.64
C PHE E 71 -46.19 17.79 -10.58
N ILE E 72 -45.53 16.72 -10.11
CA ILE E 72 -44.07 16.79 -10.03
C ILE E 72 -43.55 16.55 -11.44
N ILE E 73 -44.25 15.69 -12.19
CA ILE E 73 -43.94 15.43 -13.61
C ILE E 73 -44.14 16.69 -14.41
N ASP E 74 -45.29 17.33 -14.19
CA ASP E 74 -45.50 18.64 -14.79
C ASP E 74 -44.36 19.59 -14.48
N ARG E 75 -43.82 19.53 -13.27
CA ARG E 75 -42.94 20.62 -12.83
C ARG E 75 -41.66 20.43 -13.55
N ILE E 76 -41.26 19.15 -13.66
CA ILE E 76 -40.05 18.76 -14.40
C ILE E 76 -40.18 19.20 -15.84
N HIS E 77 -41.34 19.01 -16.46
CA HIS E 77 -41.51 19.55 -17.83
C HIS E 77 -41.27 21.03 -17.91
N GLU E 78 -41.89 21.81 -16.99
CA GLU E 78 -41.69 23.29 -16.92
C GLU E 78 -40.22 23.64 -16.79
N ALA E 79 -39.47 22.78 -16.11
CA ALA E 79 -38.14 23.12 -15.72
C ALA E 79 -37.30 23.15 -16.97
N LYS E 80 -37.48 22.13 -17.81
CA LYS E 80 -36.92 22.15 -19.15
C LYS E 80 -37.25 23.47 -19.87
N ARG E 81 -38.53 23.80 -20.11
CA ARG E 81 -38.90 25.10 -20.71
C ARG E 81 -38.14 26.31 -20.11
N GLN E 82 -37.82 26.26 -18.82
CA GLN E 82 -37.29 27.42 -18.11
C GLN E 82 -35.81 27.46 -18.24
N GLY E 83 -35.25 26.49 -18.92
CA GLY E 83 -33.83 26.35 -18.97
C GLY E 83 -33.19 25.86 -17.71
N VAL E 84 -33.89 25.16 -16.81
CA VAL E 84 -33.18 24.63 -15.63
C VAL E 84 -32.15 23.63 -16.12
N GLY E 85 -30.88 23.75 -15.73
CA GLY E 85 -29.90 22.71 -16.03
C GLY E 85 -29.50 21.59 -15.05
N PHE E 86 -30.08 21.51 -13.84
CA PHE E 86 -29.84 20.36 -12.89
C PHE E 86 -31.00 20.28 -11.90
N VAL E 87 -31.42 19.05 -11.54
CA VAL E 87 -32.42 18.87 -10.47
C VAL E 87 -31.81 18.15 -9.26
N VAL E 88 -32.14 18.58 -8.05
CA VAL E 88 -31.80 17.88 -6.80
C VAL E 88 -33.18 17.49 -6.33
N ILE E 89 -33.40 16.17 -6.21
CA ILE E 89 -34.74 15.61 -5.91
C ILE E 89 -34.80 14.66 -4.71
N ASN E 90 -35.73 14.93 -3.79
CA ASN E 90 -36.11 14.00 -2.76
C ASN E 90 -37.52 13.59 -3.05
N ALA E 91 -37.72 12.43 -3.69
CA ALA E 91 -39.05 12.08 -4.26
C ALA E 91 -39.92 11.55 -3.18
N GLY E 92 -39.33 11.41 -1.98
CA GLY E 92 -40.00 10.73 -0.89
C GLY E 92 -40.58 9.41 -1.40
N ALA E 93 -41.84 9.14 -1.04
CA ALA E 93 -42.38 7.83 -1.32
C ALA E 93 -42.37 7.52 -2.81
N TYR E 94 -42.42 8.57 -3.68
CA TYR E 94 -42.40 8.33 -5.13
C TYR E 94 -41.09 7.75 -5.62
N THR E 95 -40.00 7.96 -4.88
CA THR E 95 -38.79 7.18 -5.13
C THR E 95 -39.06 5.71 -5.46
N HIS E 96 -40.02 5.11 -4.77
CA HIS E 96 -40.11 3.64 -4.85
C HIS E 96 -41.23 3.24 -5.79
N THR E 97 -42.00 4.19 -6.27
CA THR E 97 -43.17 3.74 -6.94
C THR E 97 -43.32 4.39 -8.28
N SER E 98 -42.59 5.45 -8.51
CA SER E 98 -42.88 6.32 -9.63
C SER E 98 -41.92 6.23 -10.85
N VAL E 99 -42.14 5.21 -11.69
CA VAL E 99 -41.63 5.24 -13.09
C VAL E 99 -41.89 6.58 -13.80
N GLY E 100 -42.99 7.25 -13.52
CA GLY E 100 -43.32 8.43 -14.31
C GLY E 100 -42.37 9.59 -14.05
N ILE E 101 -42.03 9.85 -12.78
CA ILE E 101 -41.00 10.83 -12.43
C ILE E 101 -39.66 10.48 -13.13
N ARG E 102 -39.30 9.21 -13.19
CA ARG E 102 -38.03 8.79 -13.72
C ARG E 102 -38.00 9.15 -15.20
N ASP E 103 -39.10 8.80 -15.89
CA ASP E 103 -39.22 9.10 -17.31
C ASP E 103 -39.34 10.60 -17.61
N ALA E 104 -39.84 11.40 -16.66
CA ALA E 104 -39.86 12.83 -16.90
C ALA E 104 -38.38 13.36 -16.89
N LEU E 105 -37.58 12.83 -15.96
CA LEU E 105 -36.22 13.32 -15.80
C LEU E 105 -35.43 12.84 -17.03
N LEU E 106 -35.58 11.56 -17.38
CA LEU E 106 -35.00 11.10 -18.63
C LEU E 106 -35.45 11.89 -19.87
N GLY E 107 -36.73 12.19 -19.96
CA GLY E 107 -37.25 12.73 -21.20
C GLY E 107 -36.92 14.19 -21.42
N THR E 108 -36.68 14.93 -20.36
CA THR E 108 -36.23 16.31 -20.53
C THR E 108 -34.71 16.35 -20.48
N ALA E 109 -34.12 15.21 -20.11
CA ALA E 109 -32.69 15.00 -20.07
C ALA E 109 -32.02 16.03 -19.13
N ILE E 110 -32.60 16.27 -17.96
CA ILE E 110 -31.96 17.09 -16.96
C ILE E 110 -31.25 16.14 -16.01
N PRO E 111 -29.93 16.31 -15.79
CA PRO E 111 -29.23 15.46 -14.82
C PRO E 111 -29.70 15.68 -13.38
N PHE E 112 -29.60 14.68 -12.50
CA PHE E 112 -30.16 14.86 -11.14
C PHE E 112 -29.44 14.11 -10.02
N ILE E 113 -29.59 14.63 -8.81
CA ILE E 113 -29.21 13.88 -7.62
C ILE E 113 -30.45 13.49 -6.76
N GLU E 114 -30.49 12.23 -6.33
CA GLU E 114 -31.52 11.72 -5.45
C GLU E 114 -31.08 12.12 -4.01
N VAL E 115 -31.95 12.70 -3.22
CA VAL E 115 -31.59 12.86 -1.82
C VAL E 115 -32.63 12.19 -0.96
N HIS E 116 -32.18 11.45 0.07
CA HIS E 116 -33.02 10.98 1.17
C HIS E 116 -32.44 11.45 2.48
N ILE E 117 -33.18 12.26 3.25
CA ILE E 117 -32.80 12.75 4.60
C ILE E 117 -32.32 11.60 5.50
N THR E 118 -33.06 10.51 5.54
CA THR E 118 -32.73 9.44 6.48
C THR E 118 -32.05 8.29 5.74
N ASN E 119 -31.41 7.36 6.44
CA ASN E 119 -30.85 6.27 5.66
C ASN E 119 -31.89 5.21 5.28
N VAL E 120 -32.34 5.27 4.05
CA VAL E 120 -33.40 4.40 3.57
C VAL E 120 -33.01 2.87 3.70
N HIS E 121 -31.73 2.55 3.65
CA HIS E 121 -31.26 1.16 3.67
C HIS E 121 -31.51 0.56 5.04
N GLN E 122 -31.75 1.44 6.02
CA GLN E 122 -32.05 1.01 7.38
C GLN E 122 -33.51 0.60 7.56
N ARG E 123 -34.37 0.83 6.57
CA ARG E 123 -35.81 0.65 6.72
C ARG E 123 -36.38 -0.58 5.99
N GLU E 124 -37.70 -0.67 5.88
CA GLU E 124 -38.36 -1.79 5.20
C GLU E 124 -37.71 -2.01 3.80
N PRO E 125 -37.32 -3.28 3.46
CA PRO E 125 -36.79 -3.74 2.19
C PRO E 125 -37.42 -3.07 0.96
N PHE E 126 -38.72 -2.76 0.97
CA PHE E 126 -39.25 -2.17 -0.23
C PHE E 126 -38.64 -0.81 -0.52
N ARG E 127 -38.05 -0.17 0.49
CA ARG E 127 -37.55 1.19 0.29
C ARG E 127 -36.13 1.16 -0.23
N HIS E 128 -35.58 -0.04 -0.36
CA HIS E 128 -34.28 -0.24 -0.98
C HIS E 128 -34.27 -0.03 -2.47
N GLN E 129 -35.37 -0.35 -3.14
CA GLN E 129 -35.55 -0.12 -4.54
C GLN E 129 -35.85 1.32 -4.87
N SER E 130 -35.26 1.88 -5.92
CA SER E 130 -35.61 3.20 -6.32
C SER E 130 -35.83 3.29 -7.81
N TYR E 131 -36.78 4.03 -8.31
CA TYR E 131 -36.76 4.19 -9.76
C TYR E 131 -35.83 5.32 -10.26
N LEU E 132 -35.20 6.02 -9.33
CA LEU E 132 -34.23 7.02 -9.66
C LEU E 132 -32.70 6.62 -9.64
N SER E 133 -32.34 5.86 -8.63
CA SER E 133 -30.95 5.62 -8.30
C SER E 133 -30.12 5.26 -9.51
N ASP E 134 -30.64 4.40 -10.40
CA ASP E 134 -29.81 4.00 -11.54
C ASP E 134 -29.66 4.98 -12.67
N LYS E 135 -30.41 6.06 -12.64
CA LYS E 135 -30.25 7.14 -13.57
C LYS E 135 -29.78 8.43 -12.91
N ALA E 136 -29.66 8.50 -11.59
CA ALA E 136 -29.16 9.74 -10.98
C ALA E 136 -27.67 9.90 -11.20
N VAL E 137 -27.16 11.13 -11.16
CA VAL E 137 -25.68 11.32 -11.12
C VAL E 137 -25.16 10.76 -9.80
N ALA E 138 -25.85 11.05 -8.69
CA ALA E 138 -25.55 10.43 -7.39
C ALA E 138 -26.79 10.31 -6.53
N VAL E 139 -26.64 9.53 -5.48
CA VAL E 139 -27.70 9.32 -4.50
C VAL E 139 -26.93 9.55 -3.21
N ILE E 140 -27.26 10.63 -2.50
CA ILE E 140 -26.96 10.85 -1.09
C ILE E 140 -28.14 10.38 -0.23
N CYS E 141 -27.85 9.58 0.78
CA CYS E 141 -28.93 9.24 1.68
C CYS E 141 -28.46 8.90 3.08
N GLY E 142 -28.96 9.68 4.05
CA GLY E 142 -28.69 9.42 5.46
C GLY E 142 -27.82 10.49 6.04
N LEU E 143 -27.67 11.57 5.29
CA LEU E 143 -26.72 12.60 5.64
C LEU E 143 -27.51 13.78 6.19
N GLY E 144 -28.74 13.44 6.61
CA GLY E 144 -29.76 14.34 7.02
C GLY E 144 -29.99 15.46 6.07
N VAL E 145 -30.21 16.61 6.62
CA VAL E 145 -30.65 17.74 5.85
C VAL E 145 -29.49 18.31 4.96
N TYR E 146 -28.27 18.11 5.44
CA TYR E 146 -27.04 18.46 4.77
C TYR E 146 -26.89 17.76 3.40
N GLY E 147 -27.51 16.56 3.28
CA GLY E 147 -27.74 15.92 2.00
C GLY E 147 -28.10 16.88 0.88
N TYR E 148 -29.13 17.70 1.09
CA TYR E 148 -29.49 18.76 0.17
C TYR E 148 -28.34 19.72 -0.05
N THR E 149 -27.67 20.18 1.01
CA THR E 149 -26.60 21.18 0.74
C THR E 149 -25.49 20.65 -0.21
N ALA E 150 -25.17 19.36 0.01
CA ALA E 150 -24.11 18.69 -0.71
C ALA E 150 -24.55 18.48 -2.15
N ALA E 151 -25.80 18.08 -2.34
CA ALA E 151 -26.28 17.86 -3.69
C ALA E 151 -26.26 19.21 -4.39
N ILE E 152 -26.64 20.27 -3.70
CA ILE E 152 -26.54 21.55 -4.32
C ILE E 152 -25.09 21.97 -4.63
N GLU E 153 -24.11 21.68 -3.77
CA GLU E 153 -22.75 22.10 -4.15
C GLU E 153 -22.42 21.34 -5.42
N TYR E 154 -22.65 20.04 -5.42
CA TYR E 154 -22.31 19.28 -6.58
C TYR E 154 -22.97 19.84 -7.84
N ALA E 155 -24.27 20.06 -7.77
CA ALA E 155 -25.00 20.56 -8.90
C ALA E 155 -24.44 21.87 -9.42
N LEU E 156 -24.14 22.82 -8.52
CA LEU E 156 -23.63 24.10 -8.93
C LEU E 156 -22.26 24.06 -9.58
N ASN E 157 -21.56 22.93 -9.48
CA ASN E 157 -20.23 22.70 -10.09
C ASN E 157 -20.25 21.83 -11.31
N TYR E 158 -21.37 21.17 -11.56
CA TYR E 158 -21.52 20.32 -12.72
C TYR E 158 -21.34 21.04 -14.03
N GLN E 159 -20.55 20.45 -14.92
CA GLN E 159 -20.41 20.91 -16.31
C GLN E 159 -21.61 20.66 -17.30
N LEU E 160 -22.17 21.74 -17.85
CA LEU E 160 -23.40 21.74 -18.69
C LEU E 160 -23.24 21.00 -20.03
N GLN F 12 -74.05 -2.02 -32.72
CA GLN F 12 -73.43 -2.71 -33.88
C GLN F 12 -71.87 -2.53 -33.79
N LEU F 13 -71.25 -1.67 -34.61
CA LEU F 13 -69.82 -1.40 -34.52
C LEU F 13 -69.51 -0.15 -33.64
N VAL F 14 -68.27 -0.07 -33.11
CA VAL F 14 -67.89 1.04 -32.19
C VAL F 14 -67.84 2.39 -32.94
N LYS F 15 -68.57 3.37 -32.45
CA LYS F 15 -68.56 4.62 -33.09
C LYS F 15 -67.65 5.59 -32.36
N LYS F 16 -67.56 5.52 -31.04
CA LYS F 16 -66.89 6.56 -30.32
C LYS F 16 -65.62 6.01 -29.58
N VAL F 17 -64.44 6.39 -30.07
CA VAL F 17 -63.24 5.85 -29.54
C VAL F 17 -62.52 6.90 -28.76
N LEU F 18 -61.93 6.57 -27.62
CA LEU F 18 -61.12 7.54 -26.88
C LEU F 18 -59.62 7.21 -26.98
N LEU F 19 -58.83 8.18 -27.42
CA LEU F 19 -57.39 7.97 -27.44
C LEU F 19 -56.75 8.58 -26.18
N ILE F 20 -56.09 7.78 -25.32
CA ILE F 20 -55.46 8.29 -24.12
C ILE F 20 -53.93 8.12 -24.18
N ASN F 21 -53.20 9.19 -23.82
CA ASN F 21 -51.78 9.15 -23.70
C ASN F 21 -51.37 9.62 -22.29
N GLY F 22 -50.52 8.81 -21.66
CA GLY F 22 -50.17 9.00 -20.25
C GLY F 22 -49.01 9.91 -20.01
N PRO F 23 -48.37 9.79 -18.83
CA PRO F 23 -47.36 10.82 -18.60
C PRO F 23 -46.22 10.92 -19.63
N ASN F 24 -45.72 12.11 -19.75
CA ASN F 24 -44.50 12.35 -20.54
C ASN F 24 -44.66 12.33 -22.04
N LEU F 25 -45.68 11.62 -22.56
CA LEU F 25 -45.92 11.55 -23.97
C LEU F 25 -46.09 12.89 -24.63
N ASN F 26 -46.65 13.88 -23.97
CA ASN F 26 -46.56 15.24 -24.46
C ASN F 26 -45.17 15.70 -24.98
N LEU F 27 -44.07 15.09 -24.54
CA LEU F 27 -42.73 15.51 -24.94
C LEU F 27 -42.23 14.80 -26.18
N LEU F 28 -43.05 13.99 -26.85
CA LEU F 28 -42.46 13.53 -28.10
C LEU F 28 -42.73 14.65 -29.05
N GLY F 29 -41.76 14.98 -29.90
CA GLY F 29 -40.50 14.32 -30.01
C GLY F 29 -39.56 15.51 -30.00
N THR F 30 -39.17 15.91 -28.77
CA THR F 30 -38.43 17.12 -28.50
C THR F 30 -36.93 16.86 -28.30
N ARG F 31 -36.48 15.59 -28.31
CA ARG F 31 -34.99 15.37 -28.15
C ARG F 31 -33.94 15.20 -29.34
N TYR F 36 -37.40 9.57 -31.65
CA TYR F 36 -36.28 10.48 -31.89
C TYR F 36 -36.46 11.36 -33.26
N GLY F 37 -37.65 11.24 -33.89
CA GLY F 37 -37.97 11.98 -35.11
C GLY F 37 -38.98 13.02 -34.74
N THR F 38 -39.09 14.13 -35.50
CA THR F 38 -40.00 15.20 -35.12
C THR F 38 -41.50 14.81 -34.87
N THR F 39 -41.95 13.56 -34.84
CA THR F 39 -43.42 13.34 -34.64
C THR F 39 -43.85 13.71 -33.25
N SER F 40 -44.85 14.58 -33.15
CA SER F 40 -45.37 15.03 -31.86
C SER F 40 -46.66 14.41 -31.39
N LEU F 41 -47.04 14.63 -30.13
CA LEU F 41 -48.32 14.12 -29.58
C LEU F 41 -49.49 14.63 -30.42
N SER F 42 -49.46 15.90 -30.66
CA SER F 42 -50.42 16.54 -31.45
C SER F 42 -50.52 15.87 -32.83
N ASP F 43 -49.40 15.54 -33.44
CA ASP F 43 -49.43 14.86 -34.71
C ASP F 43 -50.29 13.57 -34.66
N ILE F 44 -49.93 12.70 -33.71
CA ILE F 44 -50.59 11.46 -33.49
C ILE F 44 -52.09 11.63 -33.23
N GLU F 45 -52.43 12.67 -32.43
CA GLU F 45 -53.82 12.98 -32.06
C GLU F 45 -54.60 13.34 -33.30
N GLN F 46 -54.06 14.24 -34.07
CA GLN F 46 -54.66 14.76 -35.28
C GLN F 46 -54.86 13.67 -36.33
N ALA F 47 -53.89 12.76 -36.37
CA ALA F 47 -53.86 11.69 -37.34
C ALA F 47 -55.08 10.80 -37.08
N ALA F 48 -55.30 10.51 -35.81
CA ALA F 48 -56.32 9.61 -35.31
C ALA F 48 -57.75 10.22 -35.46
N ILE F 49 -57.86 11.52 -35.13
CA ILE F 49 -59.11 12.26 -35.30
C ILE F 49 -59.57 12.18 -36.77
N GLU F 50 -58.63 12.37 -37.67
CA GLU F 50 -58.88 12.26 -39.08
C GLU F 50 -59.18 10.83 -39.57
N GLN F 51 -58.56 9.82 -38.95
CA GLN F 51 -58.79 8.46 -39.34
C GLN F 51 -60.27 8.13 -39.29
N ALA F 52 -60.92 8.52 -38.18
CA ALA F 52 -62.37 8.34 -37.98
C ALA F 52 -63.13 9.20 -38.95
N LYS F 53 -62.87 10.51 -38.95
CA LYS F 53 -63.45 11.35 -40.01
C LYS F 53 -63.49 10.65 -41.38
N LEU F 54 -62.38 10.13 -41.91
CA LEU F 54 -62.39 9.49 -43.25
C LEU F 54 -63.40 8.30 -43.40
N LYS F 55 -63.71 7.58 -42.32
CA LYS F 55 -64.68 6.48 -42.41
C LYS F 55 -66.07 6.96 -42.86
N ASN F 56 -66.37 8.21 -42.54
CA ASN F 56 -67.48 8.86 -43.07
C ASN F 56 -68.75 8.26 -42.58
N ASN F 57 -68.79 7.82 -41.34
CA ASN F 57 -69.93 7.11 -40.82
C ASN F 57 -70.20 7.46 -39.42
N ASP F 58 -69.98 8.73 -39.15
CA ASP F 58 -70.02 9.34 -37.85
C ASP F 58 -69.29 8.62 -36.82
N SER F 59 -68.09 8.12 -37.11
CA SER F 59 -67.15 7.67 -36.08
C SER F 59 -66.39 8.88 -35.55
N GLU F 60 -65.79 8.76 -34.38
CA GLU F 60 -65.19 9.90 -33.77
C GLU F 60 -64.05 9.43 -32.90
N VAL F 61 -62.90 10.12 -32.92
CA VAL F 61 -61.89 9.80 -31.91
C VAL F 61 -61.76 10.96 -31.00
N LEU F 62 -61.88 10.74 -29.69
CA LEU F 62 -61.71 11.85 -28.74
C LEU F 62 -60.32 11.67 -28.23
N VAL F 63 -59.65 12.73 -27.80
CA VAL F 63 -58.29 12.54 -27.36
C VAL F 63 -58.00 13.15 -26.00
N PHE F 64 -57.06 12.55 -25.28
CA PHE F 64 -56.67 13.00 -23.97
C PHE F 64 -55.22 12.69 -23.71
N GLN F 65 -54.55 13.60 -23.00
CA GLN F 65 -53.27 13.32 -22.40
C GLN F 65 -53.16 13.98 -21.03
N SER F 66 -52.50 13.35 -20.07
CA SER F 66 -52.27 13.89 -18.75
C SER F 66 -51.12 13.20 -18.18
N ASN F 67 -50.48 13.85 -17.23
CA ASN F 67 -49.39 13.25 -16.52
C ASN F 67 -49.88 12.76 -15.17
N THR F 68 -51.10 13.16 -14.74
CA THR F 68 -51.59 12.79 -13.46
C THR F 68 -52.47 11.58 -13.59
N GLU F 69 -52.12 10.50 -12.87
CA GLU F 69 -52.91 9.27 -12.77
C GLU F 69 -54.40 9.51 -12.51
N GLY F 70 -54.71 10.13 -11.39
CA GLY F 70 -56.09 10.40 -11.05
C GLY F 70 -56.87 11.03 -12.20
N PHE F 71 -56.27 12.00 -12.91
CA PHE F 71 -56.91 12.61 -14.03
C PHE F 71 -57.17 11.64 -15.19
N ILE F 72 -56.36 10.61 -15.35
CA ILE F 72 -56.60 9.67 -16.45
C ILE F 72 -57.72 8.77 -15.96
N ILE F 73 -57.73 8.48 -14.66
CA ILE F 73 -58.85 7.69 -14.07
C ILE F 73 -60.14 8.50 -14.29
N ASP F 74 -60.15 9.78 -13.88
CA ASP F 74 -61.31 10.60 -14.15
C ASP F 74 -61.67 10.59 -15.65
N ARG F 75 -60.68 10.57 -16.54
CA ARG F 75 -61.08 10.71 -17.94
C ARG F 75 -61.80 9.44 -18.37
N ILE F 76 -61.31 8.29 -17.93
CA ILE F 76 -62.01 7.04 -18.19
C ILE F 76 -63.45 7.09 -17.68
N HIS F 77 -63.70 7.56 -16.46
CA HIS F 77 -65.09 7.62 -16.01
C HIS F 77 -65.97 8.48 -16.97
N GLU F 78 -65.52 9.72 -17.21
CA GLU F 78 -66.18 10.63 -18.10
C GLU F 78 -66.52 9.92 -19.44
N ALA F 79 -65.59 9.12 -19.95
CA ALA F 79 -65.76 8.36 -21.20
C ALA F 79 -67.00 7.45 -21.19
N LYS F 80 -67.10 6.63 -20.14
CA LYS F 80 -68.30 5.85 -19.92
C LYS F 80 -69.55 6.72 -19.94
N ARG F 81 -69.54 7.83 -19.20
CA ARG F 81 -70.68 8.77 -19.14
C ARG F 81 -71.01 9.28 -20.50
N GLN F 82 -70.02 9.42 -21.37
CA GLN F 82 -70.13 9.88 -22.77
C GLN F 82 -70.48 8.77 -23.73
N GLY F 83 -70.48 7.51 -23.32
CA GLY F 83 -70.74 6.44 -24.27
C GLY F 83 -69.61 6.14 -25.24
N VAL F 84 -68.38 6.54 -24.90
CA VAL F 84 -67.23 5.97 -25.56
C VAL F 84 -67.37 4.43 -25.47
N GLY F 85 -67.20 3.74 -26.62
CA GLY F 85 -67.22 2.32 -26.68
C GLY F 85 -65.89 1.58 -26.85
N PHE F 86 -64.76 2.28 -26.96
CA PHE F 86 -63.43 1.59 -26.99
C PHE F 86 -62.41 2.58 -26.55
N VAL F 87 -61.34 2.16 -25.88
CA VAL F 87 -60.21 3.06 -25.59
C VAL F 87 -58.95 2.52 -26.21
N VAL F 88 -58.13 3.40 -26.81
CA VAL F 88 -56.76 3.06 -27.25
C VAL F 88 -55.89 3.99 -26.42
N ILE F 89 -55.04 3.36 -25.59
CA ILE F 89 -54.28 4.01 -24.51
C ILE F 89 -52.83 3.60 -24.60
N ASN F 90 -51.94 4.58 -24.54
CA ASN F 90 -50.54 4.37 -24.30
C ASN F 90 -50.38 5.07 -22.96
N ALA F 91 -50.22 4.30 -21.89
CA ALA F 91 -50.25 4.84 -20.55
C ALA F 91 -48.90 5.46 -20.16
N GLY F 92 -47.93 5.44 -21.09
CA GLY F 92 -46.51 5.64 -20.76
C GLY F 92 -46.10 4.87 -19.49
N ALA F 93 -45.34 5.52 -18.60
CA ALA F 93 -44.92 4.89 -17.39
C ALA F 93 -46.01 4.23 -16.55
N TYR F 94 -47.25 4.75 -16.55
CA TYR F 94 -48.38 4.22 -15.73
C TYR F 94 -48.70 2.77 -16.08
N THR F 95 -48.30 2.31 -17.27
CA THR F 95 -48.48 0.87 -17.60
C THR F 95 -47.85 0.03 -16.56
N HIS F 96 -46.75 0.47 -16.00
CA HIS F 96 -45.97 -0.38 -15.18
C HIS F 96 -46.38 -0.23 -13.72
N THR F 97 -47.14 0.81 -13.42
CA THR F 97 -47.38 1.12 -12.05
C THR F 97 -48.85 1.37 -11.61
N SER F 98 -49.80 1.44 -12.54
CA SER F 98 -51.15 1.89 -12.18
C SER F 98 -52.25 0.80 -12.16
N VAL F 99 -52.44 0.20 -11.00
CA VAL F 99 -53.61 -0.64 -10.84
C VAL F 99 -54.85 0.24 -10.98
N GLY F 100 -54.77 1.51 -10.56
CA GLY F 100 -55.88 2.49 -10.58
C GLY F 100 -56.43 2.67 -11.98
N ILE F 101 -55.53 2.87 -12.93
CA ILE F 101 -56.01 2.95 -14.33
C ILE F 101 -56.71 1.63 -14.80
N ARG F 102 -56.03 0.50 -14.52
CA ARG F 102 -56.56 -0.79 -14.89
C ARG F 102 -57.97 -0.92 -14.33
N ASP F 103 -58.14 -0.57 -13.05
CA ASP F 103 -59.40 -0.76 -12.38
C ASP F 103 -60.46 0.21 -12.92
N ALA F 104 -60.03 1.39 -13.37
CA ALA F 104 -60.98 2.25 -14.06
C ALA F 104 -61.54 1.62 -15.39
N LEU F 105 -60.68 1.10 -16.28
CA LEU F 105 -61.17 0.41 -17.49
C LEU F 105 -61.99 -0.82 -17.16
N LEU F 106 -61.56 -1.61 -16.20
CA LEU F 106 -62.43 -2.72 -15.77
C LEU F 106 -63.72 -2.19 -15.20
N GLY F 107 -63.62 -1.13 -14.38
CA GLY F 107 -64.75 -0.57 -13.62
C GLY F 107 -65.89 -0.08 -14.49
N THR F 108 -65.54 0.59 -15.60
CA THR F 108 -66.48 1.13 -16.57
C THR F 108 -66.77 0.14 -17.67
N ALA F 109 -66.05 -0.98 -17.67
CA ALA F 109 -66.20 -2.07 -18.64
C ALA F 109 -65.96 -1.61 -20.09
N ILE F 110 -65.07 -0.67 -20.37
CA ILE F 110 -64.80 -0.27 -21.74
C ILE F 110 -63.68 -1.15 -22.21
N PRO F 111 -63.84 -1.85 -23.34
CA PRO F 111 -62.72 -2.57 -23.92
C PRO F 111 -61.59 -1.67 -24.39
N PHE F 112 -60.33 -2.13 -24.33
CA PHE F 112 -59.17 -1.21 -24.66
C PHE F 112 -57.97 -1.88 -25.34
N ILE F 113 -57.07 -1.09 -25.92
CA ILE F 113 -55.81 -1.61 -26.54
C ILE F 113 -54.67 -0.77 -26.01
N GLU F 114 -53.59 -1.44 -25.64
CA GLU F 114 -52.42 -0.91 -25.01
C GLU F 114 -51.42 -0.67 -26.16
N VAL F 115 -50.97 0.56 -26.30
CA VAL F 115 -49.97 0.90 -27.28
C VAL F 115 -48.66 1.36 -26.66
N HIS F 116 -47.53 0.89 -27.20
CA HIS F 116 -46.21 1.50 -26.96
C HIS F 116 -45.54 1.88 -28.31
N ILE F 117 -45.01 3.08 -28.42
CA ILE F 117 -44.43 3.58 -29.64
C ILE F 117 -43.18 2.76 -29.98
N THR F 118 -42.48 2.30 -28.93
CA THR F 118 -41.16 1.67 -29.08
C THR F 118 -41.31 0.29 -28.50
N ASN F 119 -40.33 -0.58 -28.67
CA ASN F 119 -40.50 -1.94 -28.15
C ASN F 119 -40.01 -2.12 -26.71
N VAL F 120 -40.92 -2.04 -25.75
CA VAL F 120 -40.57 -2.12 -24.35
C VAL F 120 -39.71 -3.37 -24.02
N HIS F 121 -39.89 -4.45 -24.79
CA HIS F 121 -39.24 -5.71 -24.46
C HIS F 121 -37.77 -5.54 -24.68
N GLN F 122 -37.37 -4.48 -25.38
CA GLN F 122 -35.96 -4.21 -25.64
C GLN F 122 -35.32 -3.43 -24.54
N ARG F 123 -36.09 -3.03 -23.52
CA ARG F 123 -35.70 -2.07 -22.50
C ARG F 123 -35.52 -2.68 -21.09
N GLU F 124 -35.46 -1.87 -20.04
CA GLU F 124 -35.24 -2.41 -18.66
C GLU F 124 -36.33 -3.45 -18.33
N PRO F 125 -35.96 -4.56 -17.61
CA PRO F 125 -36.92 -5.61 -17.25
C PRO F 125 -38.17 -5.10 -16.52
N PHE F 126 -38.09 -4.02 -15.75
CA PHE F 126 -39.33 -3.58 -15.11
C PHE F 126 -40.33 -3.16 -16.11
N ARG F 127 -39.85 -2.80 -17.29
CA ARG F 127 -40.78 -2.28 -18.26
C ARG F 127 -41.49 -3.39 -18.95
N HIS F 128 -41.09 -4.63 -18.66
CA HIS F 128 -41.72 -5.74 -19.28
C HIS F 128 -43.03 -6.14 -18.59
N GLN F 129 -43.32 -5.64 -17.38
CA GLN F 129 -44.60 -5.85 -16.68
C GLN F 129 -45.53 -4.70 -16.91
N SER F 130 -46.78 -5.03 -17.19
CA SER F 130 -47.83 -4.05 -17.44
C SER F 130 -48.99 -4.40 -16.55
N TYR F 131 -49.68 -3.40 -16.02
CA TYR F 131 -51.02 -3.61 -15.42
C TYR F 131 -52.17 -3.57 -16.38
N LEU F 132 -51.89 -3.29 -17.67
CA LEU F 132 -52.93 -3.35 -18.64
C LEU F 132 -52.97 -4.65 -19.50
N SER F 133 -51.84 -5.11 -19.99
CA SER F 133 -51.78 -6.25 -20.91
C SER F 133 -52.71 -7.42 -20.70
N ASP F 134 -52.93 -7.87 -19.47
CA ASP F 134 -53.71 -9.08 -19.34
C ASP F 134 -55.18 -8.80 -19.43
N LYS F 135 -55.55 -7.54 -19.27
CA LYS F 135 -56.94 -7.13 -19.45
C LYS F 135 -57.28 -6.49 -20.81
N ALA F 136 -56.26 -6.09 -21.56
CA ALA F 136 -56.40 -5.45 -22.88
C ALA F 136 -56.91 -6.42 -23.89
N VAL F 137 -57.57 -5.92 -24.93
CA VAL F 137 -57.89 -6.75 -26.11
C VAL F 137 -56.60 -7.13 -26.83
N ALA F 138 -55.85 -6.16 -27.28
CA ALA F 138 -54.49 -6.43 -27.71
C ALA F 138 -53.49 -5.42 -27.14
N VAL F 139 -52.24 -5.80 -27.32
CA VAL F 139 -51.13 -4.93 -27.05
C VAL F 139 -50.22 -4.94 -28.26
N ILE F 140 -50.05 -3.74 -28.85
CA ILE F 140 -49.15 -3.45 -29.95
C ILE F 140 -47.99 -2.69 -29.31
N CYS F 141 -46.77 -3.18 -29.47
CA CYS F 141 -45.64 -2.26 -29.20
C CYS F 141 -44.47 -2.44 -30.13
N GLY F 142 -43.89 -1.29 -30.58
CA GLY F 142 -42.64 -1.21 -31.37
C GLY F 142 -42.96 -0.93 -32.82
N LEU F 143 -44.24 -0.76 -33.08
CA LEU F 143 -44.75 -0.54 -34.39
C LEU F 143 -44.78 1.02 -34.73
N GLY F 144 -44.15 1.81 -33.82
CA GLY F 144 -43.90 3.21 -34.03
C GLY F 144 -45.16 4.00 -33.89
N VAL F 145 -45.25 5.19 -34.47
CA VAL F 145 -46.55 5.84 -34.37
C VAL F 145 -47.62 5.09 -35.13
N TYR F 146 -47.27 4.29 -36.13
CA TYR F 146 -48.28 3.48 -36.83
C TYR F 146 -49.11 2.63 -35.84
N GLY F 147 -48.46 2.21 -34.74
CA GLY F 147 -49.10 1.51 -33.65
C GLY F 147 -50.49 2.00 -33.28
N TYR F 148 -50.60 3.28 -32.98
CA TYR F 148 -51.86 3.98 -32.81
C TYR F 148 -52.77 3.81 -34.03
N THR F 149 -52.28 4.01 -35.25
CA THR F 149 -53.20 3.82 -36.34
C THR F 149 -53.80 2.36 -36.40
N ALA F 150 -52.94 1.35 -36.22
CA ALA F 150 -53.40 -0.02 -36.26
C ALA F 150 -54.44 -0.19 -35.16
N ALA F 151 -54.15 0.26 -33.94
CA ALA F 151 -55.14 0.19 -32.84
C ALA F 151 -56.53 0.84 -33.19
N ILE F 152 -56.54 2.07 -33.71
CA ILE F 152 -57.77 2.68 -34.14
C ILE F 152 -58.52 1.93 -35.28
N GLU F 153 -57.79 1.39 -36.26
CA GLU F 153 -58.48 0.62 -37.30
C GLU F 153 -59.26 -0.51 -36.62
N TYR F 154 -58.68 -1.09 -35.58
CA TYR F 154 -59.22 -2.29 -35.05
C TYR F 154 -60.42 -1.91 -34.23
N ALA F 155 -60.24 -0.87 -33.43
CA ALA F 155 -61.28 -0.32 -32.59
C ALA F 155 -62.50 -0.06 -33.43
N LEU F 156 -62.32 0.68 -34.51
CA LEU F 156 -63.41 1.09 -35.38
C LEU F 156 -64.12 -0.08 -36.07
N ASN F 157 -63.59 -1.29 -35.92
CA ASN F 157 -64.28 -2.47 -36.42
C ASN F 157 -64.77 -3.37 -35.34
N TYR F 158 -64.77 -2.92 -34.09
CA TYR F 158 -65.02 -3.86 -33.01
C TYR F 158 -66.51 -3.90 -32.67
N GLN F 159 -67.04 -5.11 -32.52
CA GLN F 159 -68.47 -5.20 -32.31
C GLN F 159 -68.91 -4.97 -30.88
N LEU F 160 -69.97 -4.16 -30.69
CA LEU F 160 -70.45 -3.71 -29.33
C LEU F 160 -70.92 -4.81 -28.29
N LEU G 13 -7.36 -45.47 -24.47
CA LEU G 13 -7.36 -44.33 -25.43
C LEU G 13 -8.51 -44.46 -26.45
N VAL G 14 -8.96 -43.32 -27.00
CA VAL G 14 -10.13 -43.23 -27.89
C VAL G 14 -9.69 -43.04 -29.35
N LYS G 15 -10.32 -43.79 -30.27
CA LYS G 15 -9.99 -43.79 -31.68
C LYS G 15 -11.07 -43.08 -32.51
N LYS G 16 -12.34 -43.16 -32.13
CA LYS G 16 -13.41 -42.59 -32.95
C LYS G 16 -14.10 -41.39 -32.22
N VAL G 17 -13.94 -40.15 -32.71
CA VAL G 17 -14.50 -38.99 -32.07
C VAL G 17 -15.50 -38.34 -32.99
N LEU G 18 -16.67 -37.94 -32.48
CA LEU G 18 -17.70 -37.20 -33.24
C LEU G 18 -17.77 -35.71 -32.86
N LEU G 19 -17.57 -34.86 -33.88
CA LEU G 19 -17.79 -33.39 -33.79
C LEU G 19 -19.22 -33.11 -34.21
N ILE G 20 -20.06 -32.63 -33.29
CA ILE G 20 -21.42 -32.21 -33.61
C ILE G 20 -21.45 -30.69 -33.48
N ASN G 21 -22.00 -29.97 -34.47
CA ASN G 21 -22.32 -28.55 -34.33
C ASN G 21 -23.86 -28.34 -34.51
N GLY G 22 -24.43 -27.53 -33.61
CA GLY G 22 -25.88 -27.32 -33.64
C GLY G 22 -26.38 -26.25 -34.59
N PRO G 23 -27.56 -25.71 -34.26
CA PRO G 23 -28.19 -24.80 -35.23
C PRO G 23 -27.44 -23.52 -35.42
N ASN G 24 -27.58 -22.99 -36.59
CA ASN G 24 -26.99 -21.72 -36.98
C ASN G 24 -25.52 -21.73 -37.22
N LEU G 25 -24.82 -22.67 -36.58
CA LEU G 25 -23.38 -22.80 -36.75
C LEU G 25 -22.89 -22.96 -38.18
N ASN G 26 -23.71 -23.37 -39.12
CA ASN G 26 -23.26 -23.42 -40.47
C ASN G 26 -23.13 -22.00 -41.00
N LEU G 27 -23.48 -21.00 -40.21
CA LEU G 27 -23.52 -19.62 -40.74
C LEU G 27 -22.22 -18.91 -40.36
N LEU G 28 -21.28 -19.63 -39.73
CA LEU G 28 -20.09 -18.87 -39.46
C LEU G 28 -19.24 -18.89 -40.64
N GLY G 29 -18.48 -17.85 -40.83
CA GLY G 29 -18.71 -16.56 -40.22
C GLY G 29 -19.08 -15.90 -41.54
N THR G 30 -20.39 -15.86 -41.82
CA THR G 30 -20.87 -15.20 -43.01
C THR G 30 -21.28 -13.81 -42.65
N ARG G 31 -21.12 -13.41 -41.37
CA ARG G 31 -21.34 -11.98 -41.01
C ARG G 31 -20.08 -11.17 -40.40
N TYR G 36 -17.15 -13.95 -36.39
CA TYR G 36 -17.14 -12.67 -37.17
C TYR G 36 -15.87 -12.61 -38.17
N GLY G 37 -15.08 -13.69 -38.21
CA GLY G 37 -13.84 -13.71 -39.00
C GLY G 37 -13.95 -14.90 -39.90
N THR G 38 -13.60 -14.72 -41.17
CA THR G 38 -14.00 -15.65 -42.25
C THR G 38 -14.03 -17.22 -41.94
N THR G 39 -13.79 -17.62 -40.67
CA THR G 39 -13.60 -19.03 -40.35
C THR G 39 -14.92 -19.74 -40.46
N SER G 40 -15.05 -20.56 -41.50
CA SER G 40 -16.27 -21.29 -41.75
C SER G 40 -16.37 -22.56 -40.95
N LEU G 41 -17.55 -23.18 -41.01
CA LEU G 41 -17.81 -24.41 -40.28
C LEU G 41 -16.99 -25.47 -40.99
N SER G 42 -17.01 -25.45 -42.32
CA SER G 42 -16.21 -26.38 -43.05
C SER G 42 -14.74 -26.36 -42.53
N ASP G 43 -14.17 -25.17 -42.43
CA ASP G 43 -12.80 -25.00 -41.93
C ASP G 43 -12.47 -25.76 -40.64
N ILE G 44 -13.38 -25.61 -39.69
CA ILE G 44 -13.31 -26.17 -38.36
C ILE G 44 -13.43 -27.66 -38.48
N GLU G 45 -14.37 -28.12 -39.33
CA GLU G 45 -14.58 -29.56 -39.53
C GLU G 45 -13.31 -30.17 -40.12
N GLN G 46 -12.73 -29.55 -41.15
CA GLN G 46 -11.50 -30.10 -41.72
C GLN G 46 -10.35 -30.13 -40.73
N ALA G 47 -10.13 -29.02 -40.03
CA ALA G 47 -9.07 -28.92 -39.04
C ALA G 47 -9.15 -30.14 -38.14
N ALA G 48 -10.38 -30.49 -37.78
CA ALA G 48 -10.66 -31.52 -36.81
C ALA G 48 -10.40 -32.96 -37.40
N ILE G 49 -11.03 -33.28 -38.52
CA ILE G 49 -10.57 -34.38 -39.40
C ILE G 49 -9.05 -34.46 -39.49
N GLU G 50 -8.37 -33.34 -39.67
CA GLU G 50 -6.93 -33.31 -39.89
C GLU G 50 -6.06 -33.60 -38.68
N GLN G 51 -6.49 -32.99 -37.58
CA GLN G 51 -5.92 -33.20 -36.29
C GLN G 51 -5.77 -34.67 -35.97
N ALA G 52 -6.84 -35.43 -36.19
CA ALA G 52 -6.82 -36.87 -35.98
C ALA G 52 -5.98 -37.66 -36.99
N LYS G 53 -5.92 -37.28 -38.28
CA LYS G 53 -5.11 -38.06 -39.27
C LYS G 53 -3.68 -37.96 -38.89
N LEU G 54 -3.30 -36.74 -38.51
CA LEU G 54 -1.91 -36.45 -38.19
C LEU G 54 -1.49 -37.08 -36.86
N LYS G 55 -2.36 -37.82 -36.21
CA LYS G 55 -1.95 -38.54 -35.01
C LYS G 55 -1.37 -39.86 -35.45
N ASN G 56 -1.62 -40.21 -36.73
CA ASN G 56 -1.03 -41.38 -37.38
C ASN G 56 -1.24 -42.73 -36.63
N ASN G 57 -2.48 -43.04 -36.28
CA ASN G 57 -2.74 -44.29 -35.57
C ASN G 57 -4.20 -44.62 -35.69
N ASP G 58 -4.79 -44.17 -36.78
CA ASP G 58 -6.21 -44.40 -37.05
C ASP G 58 -7.06 -44.06 -35.84
N SER G 59 -6.88 -42.82 -35.35
CA SER G 59 -7.94 -42.10 -34.70
C SER G 59 -8.70 -41.53 -35.88
N GLU G 60 -9.92 -41.12 -35.66
CA GLU G 60 -10.75 -40.72 -36.74
C GLU G 60 -11.64 -39.69 -36.15
N VAL G 61 -11.83 -38.58 -36.84
CA VAL G 61 -12.87 -37.67 -36.32
C VAL G 61 -14.04 -37.53 -37.25
N LEU G 62 -15.23 -37.97 -36.83
CA LEU G 62 -16.44 -37.77 -37.63
C LEU G 62 -17.06 -36.39 -37.40
N VAL G 63 -17.75 -35.84 -38.42
CA VAL G 63 -18.39 -34.51 -38.33
C VAL G 63 -19.84 -34.51 -38.72
N PHE G 64 -20.62 -33.72 -38.01
CA PHE G 64 -22.07 -33.58 -38.24
C PHE G 64 -22.61 -32.21 -37.82
N GLN G 65 -23.51 -31.66 -38.59
CA GLN G 65 -24.16 -30.43 -38.21
C GLN G 65 -25.60 -30.44 -38.68
N SER G 66 -26.49 -29.90 -37.87
CA SER G 66 -27.90 -29.83 -38.15
C SER G 66 -28.59 -28.68 -37.43
N ASN G 67 -29.65 -28.17 -38.01
CA ASN G 67 -30.36 -27.13 -37.32
C ASN G 67 -31.54 -27.77 -36.60
N THR G 68 -31.79 -29.09 -36.84
CA THR G 68 -32.93 -29.83 -36.21
C THR G 68 -32.60 -30.66 -34.94
N GLU G 69 -33.17 -30.30 -33.79
CA GLU G 69 -32.91 -31.02 -32.54
C GLU G 69 -33.08 -32.57 -32.71
N GLY G 70 -34.24 -33.02 -33.17
CA GLY G 70 -34.49 -34.47 -33.41
C GLY G 70 -33.30 -35.19 -34.09
N PHE G 71 -32.78 -34.58 -35.18
CA PHE G 71 -31.71 -35.08 -36.03
C PHE G 71 -30.36 -35.15 -35.30
N ILE G 72 -30.06 -34.17 -34.48
CA ILE G 72 -28.85 -34.30 -33.66
C ILE G 72 -29.04 -35.48 -32.71
N ILE G 73 -30.26 -35.69 -32.23
CA ILE G 73 -30.56 -36.83 -31.38
C ILE G 73 -30.34 -38.09 -32.21
N ASP G 74 -30.94 -38.17 -33.38
CA ASP G 74 -30.66 -39.26 -34.31
C ASP G 74 -29.13 -39.53 -34.45
N ARG G 75 -28.38 -38.49 -34.72
CA ARG G 75 -26.95 -38.64 -34.91
C ARG G 75 -26.21 -39.31 -33.77
N ILE G 76 -26.59 -38.95 -32.54
CA ILE G 76 -25.96 -39.46 -31.32
C ILE G 76 -26.28 -40.92 -31.11
N HIS G 77 -27.57 -41.28 -31.37
CA HIS G 77 -27.90 -42.71 -31.35
C HIS G 77 -27.07 -43.46 -32.38
N GLU G 78 -26.94 -42.92 -33.60
CA GLU G 78 -26.16 -43.52 -34.70
C GLU G 78 -24.68 -43.66 -34.33
N ALA G 79 -24.09 -42.63 -33.73
CA ALA G 79 -22.74 -42.69 -33.21
C ALA G 79 -22.47 -43.89 -32.29
N LYS G 80 -23.39 -44.13 -31.36
CA LYS G 80 -23.27 -45.32 -30.53
C LYS G 80 -23.18 -46.61 -31.36
N ARG G 81 -24.09 -46.76 -32.34
CA ARG G 81 -24.13 -47.92 -33.25
C ARG G 81 -22.79 -48.04 -33.99
N GLN G 82 -22.12 -46.91 -34.22
CA GLN G 82 -20.86 -46.86 -34.94
C GLN G 82 -19.65 -47.02 -34.02
N GLY G 83 -19.88 -47.10 -32.72
CA GLY G 83 -18.81 -47.21 -31.75
C GLY G 83 -18.00 -45.94 -31.59
N VAL G 84 -18.65 -44.80 -31.74
CA VAL G 84 -17.98 -43.56 -31.41
C VAL G 84 -17.65 -43.60 -29.94
N GLY G 85 -16.42 -43.25 -29.65
CA GLY G 85 -15.89 -43.22 -28.28
C GLY G 85 -16.08 -41.97 -27.44
N PHE G 86 -16.28 -40.81 -28.05
CA PHE G 86 -16.33 -39.50 -27.38
C PHE G 86 -16.98 -38.53 -28.29
N VAL G 87 -17.68 -37.53 -27.72
CA VAL G 87 -18.32 -36.46 -28.57
C VAL G 87 -17.80 -35.08 -28.19
N VAL G 88 -17.49 -34.26 -29.19
CA VAL G 88 -17.17 -32.84 -28.96
C VAL G 88 -18.28 -32.10 -29.62
N ILE G 89 -19.04 -31.37 -28.80
CA ILE G 89 -20.32 -30.83 -29.28
C ILE G 89 -20.44 -29.36 -28.91
N ASN G 90 -20.80 -28.59 -29.92
CA ASN G 90 -21.27 -27.25 -29.73
C ASN G 90 -22.74 -27.20 -30.18
N ALA G 91 -23.64 -27.31 -29.21
CA ALA G 91 -25.06 -27.47 -29.54
C ALA G 91 -25.75 -26.11 -29.91
N GLY G 92 -24.96 -25.03 -30.05
CA GLY G 92 -25.48 -23.67 -30.22
C GLY G 92 -26.68 -23.42 -29.31
N ALA G 93 -27.74 -22.82 -29.85
CA ALA G 93 -28.93 -22.56 -29.06
C ALA G 93 -29.38 -23.76 -28.28
N TYR G 94 -29.39 -24.93 -28.93
CA TYR G 94 -29.86 -26.15 -28.26
C TYR G 94 -29.19 -26.41 -26.89
N THR G 95 -27.99 -25.87 -26.65
CA THR G 95 -27.44 -25.92 -25.31
C THR G 95 -28.44 -25.45 -24.20
N HIS G 96 -29.26 -24.44 -24.50
CA HIS G 96 -29.97 -23.81 -23.46
C HIS G 96 -31.41 -24.39 -23.41
N THR G 97 -31.78 -25.12 -24.46
CA THR G 97 -33.11 -25.57 -24.49
C THR G 97 -33.36 -27.08 -24.60
N SER G 98 -32.34 -27.89 -24.92
CA SER G 98 -32.61 -29.29 -25.27
C SER G 98 -32.28 -30.40 -24.22
N VAL G 99 -33.30 -30.77 -23.48
CA VAL G 99 -33.14 -31.85 -22.57
C VAL G 99 -32.95 -33.12 -23.42
N GLY G 100 -33.56 -33.16 -24.60
CA GLY G 100 -33.42 -34.28 -25.53
C GLY G 100 -31.97 -34.61 -25.94
N ILE G 101 -31.17 -33.59 -26.26
CA ILE G 101 -29.78 -33.89 -26.62
C ILE G 101 -29.00 -34.48 -25.39
N ARG G 102 -29.29 -33.92 -24.22
CA ARG G 102 -28.64 -34.33 -23.01
C ARG G 102 -29.00 -35.81 -22.76
N ASP G 103 -30.28 -36.15 -22.93
CA ASP G 103 -30.72 -37.47 -22.65
C ASP G 103 -30.22 -38.46 -23.72
N ALA G 104 -29.93 -37.94 -24.93
CA ALA G 104 -29.39 -38.78 -25.95
C ALA G 104 -27.99 -39.06 -25.50
N LEU G 105 -27.21 -38.05 -25.12
CA LEU G 105 -25.80 -38.34 -24.65
C LEU G 105 -25.76 -39.26 -23.39
N LEU G 106 -26.59 -38.95 -22.40
CA LEU G 106 -26.82 -39.87 -21.27
C LEU G 106 -27.30 -41.27 -21.64
N GLY G 107 -28.22 -41.33 -22.61
CA GLY G 107 -28.82 -42.59 -23.10
C GLY G 107 -27.81 -43.49 -23.72
N THR G 108 -26.87 -42.95 -24.47
CA THR G 108 -25.89 -43.77 -25.19
C THR G 108 -24.63 -43.88 -24.42
N ALA G 109 -24.46 -42.97 -23.44
CA ALA G 109 -23.36 -43.07 -22.47
C ALA G 109 -22.03 -42.76 -23.15
N ILE G 110 -22.09 -41.86 -24.11
CA ILE G 110 -20.87 -41.39 -24.73
C ILE G 110 -20.41 -40.14 -23.99
N PRO G 111 -19.19 -40.17 -23.45
CA PRO G 111 -18.69 -38.97 -22.80
C PRO G 111 -18.52 -37.81 -23.78
N PHE G 112 -18.73 -36.60 -23.28
CA PHE G 112 -18.67 -35.46 -24.18
C PHE G 112 -18.07 -34.18 -23.57
N ILE G 113 -17.59 -33.31 -24.46
CA ILE G 113 -17.21 -31.97 -24.07
C ILE G 113 -18.05 -30.98 -24.86
N GLU G 114 -18.53 -29.96 -24.13
CA GLU G 114 -19.34 -28.87 -24.65
C GLU G 114 -18.41 -27.72 -25.08
N VAL G 115 -18.58 -27.28 -26.34
CA VAL G 115 -17.79 -26.16 -26.78
C VAL G 115 -18.69 -24.96 -27.05
N HIS G 116 -18.28 -23.73 -26.68
CA HIS G 116 -18.86 -22.49 -27.23
C HIS G 116 -17.75 -21.62 -27.77
N ILE G 117 -17.86 -21.22 -29.03
CA ILE G 117 -16.85 -20.37 -29.65
C ILE G 117 -16.69 -19.05 -28.94
N THR G 118 -17.81 -18.43 -28.55
CA THR G 118 -17.69 -17.14 -27.92
C THR G 118 -17.87 -17.30 -26.42
N ASN G 119 -17.51 -16.29 -25.63
CA ASN G 119 -17.69 -16.55 -24.22
C ASN G 119 -19.12 -16.25 -23.84
N VAL G 120 -19.87 -17.29 -23.62
CA VAL G 120 -21.29 -17.21 -23.42
C VAL G 120 -21.61 -16.49 -22.11
N HIS G 121 -20.70 -16.45 -21.17
CA HIS G 121 -21.07 -15.79 -19.95
C HIS G 121 -21.11 -14.31 -20.16
N GLN G 122 -20.70 -13.82 -21.34
CA GLN G 122 -20.72 -12.39 -21.52
C GLN G 122 -22.06 -11.90 -22.05
N ARG G 123 -22.95 -12.83 -22.36
CA ARG G 123 -24.15 -12.63 -23.13
C ARG G 123 -25.40 -12.73 -22.24
N GLU G 124 -26.58 -12.86 -22.82
CA GLU G 124 -27.80 -12.80 -21.96
C GLU G 124 -27.81 -13.90 -20.85
N PRO G 125 -28.30 -13.56 -19.63
CA PRO G 125 -28.51 -14.50 -18.58
C PRO G 125 -29.05 -15.85 -19.05
N PHE G 126 -30.02 -15.92 -19.95
CA PHE G 126 -30.42 -17.27 -20.32
C PHE G 126 -29.34 -18.18 -20.87
N ARG G 127 -28.22 -17.59 -21.32
CA ARG G 127 -27.23 -18.38 -22.06
C ARG G 127 -26.29 -18.92 -21.06
N HIS G 128 -26.43 -18.45 -19.82
CA HIS G 128 -25.76 -19.08 -18.71
C HIS G 128 -26.28 -20.48 -18.26
N GLN G 129 -27.47 -20.92 -18.66
CA GLN G 129 -27.94 -22.24 -18.27
C GLN G 129 -27.58 -23.12 -19.39
N SER G 130 -27.00 -24.26 -19.08
CA SER G 130 -26.82 -25.24 -20.14
C SER G 130 -27.50 -26.54 -19.74
N TYR G 131 -28.09 -27.28 -20.64
CA TYR G 131 -28.51 -28.63 -20.27
C TYR G 131 -27.45 -29.67 -20.53
N LEU G 132 -26.22 -29.23 -20.89
CA LEU G 132 -25.08 -30.11 -21.03
C LEU G 132 -24.04 -30.03 -19.88
N SER G 133 -23.88 -28.87 -19.28
CA SER G 133 -22.66 -28.68 -18.49
C SER G 133 -22.44 -29.62 -17.35
N ASP G 134 -23.47 -29.85 -16.55
CA ASP G 134 -23.35 -30.69 -15.40
C ASP G 134 -23.15 -32.16 -15.73
N LYS G 135 -23.44 -32.54 -16.98
CA LYS G 135 -23.07 -33.88 -17.44
C LYS G 135 -21.85 -33.96 -18.33
N ALA G 136 -21.27 -32.84 -18.72
CA ALA G 136 -20.13 -32.94 -19.65
C ALA G 136 -18.82 -33.26 -18.93
N VAL G 137 -17.84 -33.73 -19.69
CA VAL G 137 -16.56 -34.02 -19.09
C VAL G 137 -15.82 -32.68 -18.81
N ALA G 138 -15.92 -31.74 -19.77
CA ALA G 138 -15.50 -30.34 -19.63
C ALA G 138 -16.35 -29.44 -20.48
N VAL G 139 -16.18 -28.14 -20.24
CA VAL G 139 -16.92 -27.13 -20.98
C VAL G 139 -15.84 -26.11 -21.25
N ILE G 140 -15.54 -25.92 -22.52
CA ILE G 140 -14.65 -24.88 -23.04
C ILE G 140 -15.55 -23.79 -23.62
N CYS G 141 -15.42 -22.56 -23.16
CA CYS G 141 -16.05 -21.54 -23.93
C CYS G 141 -15.38 -20.22 -23.99
N GLY G 142 -15.15 -19.71 -25.22
CA GLY G 142 -14.51 -18.42 -25.44
C GLY G 142 -13.09 -18.44 -26.00
N LEU G 143 -12.51 -19.64 -26.16
CA LEU G 143 -11.22 -19.80 -26.87
C LEU G 143 -11.37 -19.71 -28.40
N GLY G 144 -12.57 -19.33 -28.86
CA GLY G 144 -12.88 -19.21 -30.27
C GLY G 144 -12.74 -20.58 -30.89
N VAL G 145 -12.21 -20.66 -32.11
CA VAL G 145 -12.15 -21.97 -32.75
C VAL G 145 -11.13 -22.94 -32.12
N TYR G 146 -10.08 -22.41 -31.50
CA TYR G 146 -9.11 -23.27 -30.83
C TYR G 146 -9.87 -24.12 -29.83
N GLY G 147 -11.01 -23.62 -29.35
CA GLY G 147 -11.84 -24.39 -28.45
C GLY G 147 -12.08 -25.81 -28.96
N TYR G 148 -12.51 -25.92 -30.23
CA TYR G 148 -12.64 -27.25 -30.80
C TYR G 148 -11.30 -27.99 -30.79
N THR G 149 -10.20 -27.34 -31.12
CA THR G 149 -8.93 -28.08 -31.19
C THR G 149 -8.54 -28.69 -29.81
N ALA G 150 -8.68 -27.87 -28.75
CA ALA G 150 -8.43 -28.31 -27.40
C ALA G 150 -9.37 -29.50 -27.05
N ALA G 151 -10.68 -29.35 -27.32
CA ALA G 151 -11.63 -30.40 -26.95
C ALA G 151 -11.21 -31.70 -27.68
N ILE G 152 -10.78 -31.60 -28.93
CA ILE G 152 -10.38 -32.78 -29.67
C ILE G 152 -9.05 -33.39 -29.20
N GLU G 153 -8.05 -32.55 -28.97
CA GLU G 153 -6.83 -33.02 -28.33
C GLU G 153 -7.19 -33.86 -27.08
N TYR G 154 -8.05 -33.34 -26.19
CA TYR G 154 -8.43 -33.97 -24.94
C TYR G 154 -9.10 -35.27 -25.19
N ALA G 155 -9.97 -35.24 -26.16
CA ALA G 155 -10.79 -36.38 -26.53
C ALA G 155 -9.89 -37.51 -26.93
N LEU G 156 -8.96 -37.21 -27.84
CA LEU G 156 -8.07 -38.23 -28.37
C LEU G 156 -7.13 -38.77 -27.30
N ASN G 157 -7.21 -38.26 -26.08
CA ASN G 157 -6.29 -38.67 -25.03
C ASN G 157 -6.98 -39.29 -23.85
N TYR G 158 -8.28 -39.49 -24.02
CA TYR G 158 -9.16 -40.00 -22.99
C TYR G 158 -9.16 -41.53 -23.04
N GLN G 159 -8.87 -42.18 -21.90
CA GLN G 159 -8.53 -43.65 -21.81
C GLN G 159 -9.70 -44.67 -22.16
N LEU H 13 -67.76 -44.15 -25.70
CA LEU H 13 -66.65 -45.04 -25.20
C LEU H 13 -65.57 -45.30 -26.30
N VAL H 14 -64.29 -44.99 -25.99
CA VAL H 14 -63.14 -44.90 -26.97
C VAL H 14 -62.68 -46.24 -27.65
N LYS H 15 -62.58 -46.20 -28.97
CA LYS H 15 -62.16 -47.36 -29.68
C LYS H 15 -60.77 -47.16 -30.31
N LYS H 16 -60.32 -45.93 -30.52
CA LYS H 16 -59.06 -45.70 -31.23
C LYS H 16 -58.04 -44.93 -30.35
N VAL H 17 -56.96 -45.59 -29.93
CA VAL H 17 -56.05 -44.94 -28.99
C VAL H 17 -54.69 -44.83 -29.61
N LEU H 18 -54.03 -43.68 -29.49
CA LEU H 18 -52.66 -43.61 -30.05
C LEU H 18 -51.62 -43.44 -28.95
N LEU H 19 -50.71 -44.44 -28.93
CA LEU H 19 -49.53 -44.41 -28.06
C LEU H 19 -48.41 -43.64 -28.75
N ILE H 20 -47.87 -42.62 -28.08
CA ILE H 20 -46.70 -41.89 -28.53
C ILE H 20 -45.52 -41.97 -27.56
N ASN H 21 -44.33 -42.28 -28.06
CA ASN H 21 -43.13 -42.17 -27.25
C ASN H 21 -42.17 -41.17 -27.89
N GLY H 22 -41.61 -40.28 -27.05
CA GLY H 22 -40.71 -39.22 -27.51
C GLY H 22 -39.22 -39.59 -27.62
N PRO H 23 -38.35 -38.57 -27.66
CA PRO H 23 -36.95 -38.80 -27.91
C PRO H 23 -36.32 -39.80 -26.96
N ASN H 24 -35.42 -40.59 -27.51
CA ASN H 24 -34.59 -41.46 -26.73
C ASN H 24 -35.22 -42.71 -26.30
N LEU H 25 -36.54 -42.73 -26.28
CA LEU H 25 -37.30 -43.93 -25.94
C LEU H 25 -37.10 -45.12 -26.87
N ASN H 26 -36.63 -44.95 -28.09
CA ASN H 26 -36.12 -46.12 -28.86
C ASN H 26 -34.93 -46.85 -28.19
N LEU H 27 -34.27 -46.22 -27.26
CA LEU H 27 -33.09 -46.82 -26.68
C LEU H 27 -33.40 -47.67 -25.47
N LEU H 28 -34.66 -47.78 -25.05
CA LEU H 28 -34.87 -48.72 -23.95
C LEU H 28 -34.89 -50.13 -24.52
N GLY H 29 -34.26 -51.09 -23.86
CA GLY H 29 -33.41 -50.80 -22.75
C GLY H 29 -32.09 -51.41 -23.23
N THR H 30 -31.30 -50.63 -23.95
CA THR H 30 -29.97 -51.05 -24.37
C THR H 30 -28.91 -50.76 -23.32
N ARG H 31 -29.23 -50.00 -22.26
CA ARG H 31 -28.17 -49.84 -21.25
C ARG H 31 -28.07 -50.82 -20.00
N TYR H 36 -33.90 -50.39 -16.87
CA TYR H 36 -32.63 -51.10 -16.72
C TYR H 36 -32.79 -52.71 -16.98
N GLY H 37 -33.99 -53.12 -17.39
CA GLY H 37 -34.23 -54.53 -17.74
C GLY H 37 -34.33 -54.56 -19.24
N THR H 38 -34.16 -55.72 -19.86
CA THR H 38 -34.09 -55.74 -21.33
C THR H 38 -35.42 -55.32 -22.07
N THR H 39 -36.37 -54.67 -21.38
CA THR H 39 -37.68 -54.36 -21.98
C THR H 39 -37.56 -53.31 -23.03
N SER H 40 -37.88 -53.60 -24.29
CA SER H 40 -37.63 -52.64 -25.38
C SER H 40 -38.83 -51.73 -25.77
N LEU H 41 -38.60 -50.73 -26.64
CA LEU H 41 -39.73 -49.96 -27.10
C LEU H 41 -40.70 -50.90 -27.82
N SER H 42 -40.14 -51.75 -28.68
CA SER H 42 -40.92 -52.70 -29.43
C SER H 42 -41.87 -53.50 -28.53
N ASP H 43 -41.37 -53.97 -27.38
CA ASP H 43 -42.22 -54.69 -26.40
C ASP H 43 -43.44 -53.86 -25.99
N ILE H 44 -43.18 -52.69 -25.43
CA ILE H 44 -44.20 -51.85 -24.88
C ILE H 44 -45.33 -51.66 -25.88
N GLU H 45 -44.92 -51.31 -27.11
CA GLU H 45 -45.81 -51.03 -28.23
C GLU H 45 -46.64 -52.27 -28.52
N GLN H 46 -45.98 -53.40 -28.59
CA GLN H 46 -46.68 -54.64 -28.92
C GLN H 46 -47.77 -54.94 -27.92
N ALA H 47 -47.41 -54.75 -26.65
CA ALA H 47 -48.21 -55.16 -25.50
C ALA H 47 -49.44 -54.30 -25.53
N ALA H 48 -49.24 -53.00 -25.78
CA ALA H 48 -50.29 -52.04 -26.06
C ALA H 48 -51.21 -52.47 -27.22
N ILE H 49 -50.65 -52.69 -28.43
CA ILE H 49 -51.45 -53.25 -29.55
C ILE H 49 -52.33 -54.46 -29.16
N GLU H 50 -51.70 -55.45 -28.55
CA GLU H 50 -52.36 -56.65 -28.08
C GLU H 50 -53.41 -56.43 -26.97
N GLN H 51 -53.15 -55.44 -26.10
CA GLN H 51 -54.08 -55.08 -25.03
C GLN H 51 -55.51 -54.85 -25.51
N ALA H 52 -55.57 -53.97 -26.50
CA ALA H 52 -56.76 -53.59 -27.26
C ALA H 52 -57.29 -54.72 -28.12
N LYS H 53 -56.47 -55.30 -29.01
CA LYS H 53 -56.90 -56.52 -29.77
C LYS H 53 -57.73 -57.43 -28.85
N LEU H 54 -57.19 -57.77 -27.68
CA LEU H 54 -57.88 -58.63 -26.67
C LEU H 54 -59.25 -58.12 -26.09
N LYS H 55 -59.62 -56.85 -26.25
CA LYS H 55 -60.98 -56.47 -25.85
C LYS H 55 -61.94 -57.05 -26.90
N ASN H 56 -61.46 -57.26 -28.13
CA ASN H 56 -62.25 -57.87 -29.22
C ASN H 56 -63.58 -57.08 -29.39
N ASN H 57 -63.49 -55.76 -29.47
CA ASN H 57 -64.64 -54.94 -29.90
C ASN H 57 -64.13 -53.82 -30.73
N ASP H 58 -63.10 -54.14 -31.51
CA ASP H 58 -62.42 -53.19 -32.34
C ASP H 58 -62.05 -51.99 -31.55
N SER H 59 -61.26 -52.21 -30.51
CA SER H 59 -60.47 -51.14 -30.03
C SER H 59 -59.22 -51.37 -30.87
N GLU H 60 -58.40 -50.35 -31.02
CA GLU H 60 -57.13 -50.44 -31.71
C GLU H 60 -56.19 -49.52 -30.95
N VAL H 61 -54.92 -49.90 -30.88
CA VAL H 61 -53.89 -48.97 -30.35
C VAL H 61 -52.91 -48.73 -31.48
N LEU H 62 -52.85 -47.52 -31.98
CA LEU H 62 -51.89 -47.13 -33.01
C LEU H 62 -50.59 -46.73 -32.26
N VAL H 63 -49.41 -46.92 -32.87
CA VAL H 63 -48.13 -46.59 -32.13
C VAL H 63 -47.17 -45.66 -32.89
N PHE H 64 -46.50 -44.75 -32.22
CA PHE H 64 -45.50 -43.91 -32.95
C PHE H 64 -44.44 -43.52 -31.99
N GLN H 65 -43.20 -43.47 -32.45
CA GLN H 65 -42.12 -42.86 -31.69
C GLN H 65 -41.25 -42.04 -32.64
N SER H 66 -40.67 -40.95 -32.14
CA SER H 66 -39.73 -40.15 -32.90
C SER H 66 -38.83 -39.37 -32.00
N ASN H 67 -37.74 -38.83 -32.53
CA ASN H 67 -36.87 -37.95 -31.69
C ASN H 67 -37.08 -36.44 -32.03
N THR H 68 -37.74 -36.20 -33.18
CA THR H 68 -38.10 -34.86 -33.62
C THR H 68 -39.40 -34.34 -32.99
N GLU H 69 -39.32 -33.25 -32.22
CA GLU H 69 -40.52 -32.52 -31.79
C GLU H 69 -41.65 -32.32 -32.90
N GLY H 70 -41.27 -31.67 -34.01
CA GLY H 70 -42.21 -31.39 -35.09
C GLY H 70 -42.93 -32.66 -35.56
N PHE H 71 -42.19 -33.76 -35.64
CA PHE H 71 -42.75 -34.99 -36.10
C PHE H 71 -43.81 -35.50 -35.15
N ILE H 72 -43.54 -35.44 -33.84
CA ILE H 72 -44.54 -35.83 -32.87
C ILE H 72 -45.78 -34.93 -33.07
N ILE H 73 -45.58 -33.63 -33.32
CA ILE H 73 -46.71 -32.69 -33.53
C ILE H 73 -47.46 -33.09 -34.80
N ASP H 74 -46.74 -33.29 -35.91
CA ASP H 74 -47.30 -33.84 -37.12
C ASP H 74 -48.18 -35.05 -36.82
N ARG H 75 -47.66 -36.01 -36.03
CA ARG H 75 -48.37 -37.26 -35.76
C ARG H 75 -49.64 -36.96 -35.00
N ILE H 76 -49.56 -36.02 -34.07
CA ILE H 76 -50.77 -35.64 -33.37
C ILE H 76 -51.79 -35.02 -34.32
N HIS H 77 -51.38 -34.14 -35.23
CA HIS H 77 -52.34 -33.64 -36.25
C HIS H 77 -53.01 -34.78 -37.02
N GLU H 78 -52.18 -35.64 -37.64
CA GLU H 78 -52.62 -36.89 -38.29
C GLU H 78 -53.67 -37.65 -37.47
N ALA H 79 -53.39 -37.85 -36.16
CA ALA H 79 -54.29 -38.57 -35.26
C ALA H 79 -55.76 -38.07 -35.31
N LYS H 80 -55.96 -36.75 -35.37
CA LYS H 80 -57.27 -36.12 -35.42
C LYS H 80 -57.92 -36.53 -36.70
N ARG H 81 -57.20 -36.35 -37.83
CA ARG H 81 -57.71 -36.80 -39.16
C ARG H 81 -58.18 -38.24 -39.11
N GLN H 82 -57.49 -39.04 -38.31
CA GLN H 82 -57.68 -40.43 -38.19
C GLN H 82 -58.82 -40.82 -37.23
N GLY H 83 -59.51 -39.87 -36.63
CA GLY H 83 -60.52 -40.25 -35.65
C GLY H 83 -59.96 -40.90 -34.38
N VAL H 84 -58.69 -40.64 -34.05
CA VAL H 84 -58.13 -41.10 -32.79
C VAL H 84 -58.85 -40.39 -31.64
N GLY H 85 -59.31 -41.13 -30.66
CA GLY H 85 -60.10 -40.57 -29.61
C GLY H 85 -59.43 -40.35 -28.28
N PHE H 86 -58.20 -40.87 -28.11
CA PHE H 86 -57.37 -40.72 -26.88
C PHE H 86 -55.90 -40.95 -27.19
N VAL H 87 -55.02 -40.29 -26.42
CA VAL H 87 -53.58 -40.43 -26.59
C VAL H 87 -52.96 -40.80 -25.25
N VAL H 88 -52.11 -41.84 -25.25
CA VAL H 88 -51.25 -42.14 -24.11
C VAL H 88 -49.87 -41.74 -24.59
N ILE H 89 -49.22 -40.82 -23.91
CA ILE H 89 -47.98 -40.24 -24.41
C ILE H 89 -46.90 -40.22 -23.33
N ASN H 90 -45.71 -40.69 -23.70
CA ASN H 90 -44.55 -40.54 -22.84
C ASN H 90 -43.62 -39.66 -23.69
N ALA H 91 -43.52 -38.40 -23.32
CA ALA H 91 -42.94 -37.45 -24.23
C ALA H 91 -41.45 -37.44 -23.99
N GLY H 92 -41.01 -38.27 -23.05
CA GLY H 92 -39.60 -38.32 -22.65
C GLY H 92 -39.19 -36.89 -22.36
N ALA H 93 -37.99 -36.46 -22.79
CA ALA H 93 -37.48 -35.13 -22.49
C ALA H 93 -38.46 -34.02 -22.90
N TYR H 94 -39.26 -34.27 -23.95
CA TYR H 94 -40.09 -33.20 -24.48
C TYR H 94 -41.16 -32.75 -23.49
N THR H 95 -41.40 -33.52 -22.44
CA THR H 95 -42.30 -33.11 -21.35
C THR H 95 -41.89 -31.84 -20.66
N HIS H 96 -40.58 -31.65 -20.55
CA HIS H 96 -40.09 -30.54 -19.81
C HIS H 96 -39.86 -29.34 -20.74
N THR H 97 -39.83 -29.60 -22.06
CA THR H 97 -39.45 -28.57 -22.98
C THR H 97 -40.44 -28.13 -24.04
N SER H 98 -41.36 -29.01 -24.42
CA SER H 98 -42.20 -28.74 -25.62
C SER H 98 -43.60 -28.15 -25.35
N VAL H 99 -43.72 -26.84 -25.42
CA VAL H 99 -45.03 -26.23 -25.46
C VAL H 99 -45.76 -26.70 -26.72
N GLY H 100 -45.04 -26.93 -27.83
CA GLY H 100 -45.60 -27.36 -29.12
C GLY H 100 -46.46 -28.64 -29.08
N ILE H 101 -45.92 -29.67 -28.44
CA ILE H 101 -46.73 -30.84 -28.19
C ILE H 101 -48.04 -30.50 -27.35
N ARG H 102 -47.90 -29.65 -26.30
CA ARG H 102 -49.06 -29.27 -25.50
C ARG H 102 -50.08 -28.59 -26.38
N ASP H 103 -49.60 -27.66 -27.19
CA ASP H 103 -50.48 -26.93 -28.07
C ASP H 103 -51.11 -27.86 -29.14
N ALA H 104 -50.40 -28.94 -29.48
CA ALA H 104 -50.96 -29.89 -30.47
C ALA H 104 -52.13 -30.64 -29.88
N LEU H 105 -51.92 -31.14 -28.65
CA LEU H 105 -52.93 -31.97 -27.98
C LEU H 105 -54.15 -31.09 -27.68
N LEU H 106 -53.92 -29.86 -27.28
CA LEU H 106 -55.01 -28.92 -27.06
C LEU H 106 -55.73 -28.57 -28.32
N GLY H 107 -54.92 -28.43 -29.37
CA GLY H 107 -55.31 -27.97 -30.67
C GLY H 107 -56.24 -28.83 -31.44
N THR H 108 -55.98 -30.12 -31.38
CA THR H 108 -56.79 -31.15 -32.00
C THR H 108 -57.80 -31.68 -30.99
N ALA H 109 -57.64 -31.34 -29.70
CA ALA H 109 -58.67 -31.57 -28.64
C ALA H 109 -58.80 -33.06 -28.28
N ILE H 110 -57.70 -33.78 -28.34
CA ILE H 110 -57.68 -35.18 -27.99
C ILE H 110 -57.22 -35.32 -26.52
N PRO H 111 -58.04 -35.98 -25.70
CA PRO H 111 -57.69 -36.19 -24.31
C PRO H 111 -56.49 -37.11 -24.22
N PHE H 112 -55.68 -36.97 -23.16
CA PHE H 112 -54.42 -37.72 -23.10
C PHE H 112 -53.97 -37.98 -21.67
N ILE H 113 -53.15 -39.03 -21.51
CA ILE H 113 -52.55 -39.37 -20.21
C ILE H 113 -51.04 -39.36 -20.43
N GLU H 114 -50.31 -38.68 -19.54
CA GLU H 114 -48.88 -38.53 -19.64
C GLU H 114 -48.18 -39.74 -18.91
N VAL H 115 -47.32 -40.51 -19.59
CA VAL H 115 -46.65 -41.60 -18.90
C VAL H 115 -45.15 -41.31 -18.72
N HIS H 116 -44.60 -41.59 -17.52
CA HIS H 116 -43.16 -41.73 -17.31
C HIS H 116 -42.85 -43.07 -16.65
N ILE H 117 -41.94 -43.85 -17.24
CA ILE H 117 -41.52 -45.14 -16.72
C ILE H 117 -40.96 -44.97 -15.30
N THR H 118 -40.08 -44.00 -15.09
CA THR H 118 -39.53 -43.84 -13.74
C THR H 118 -40.14 -42.67 -12.96
N ASN H 119 -39.86 -42.61 -11.66
CA ASN H 119 -40.41 -41.52 -10.92
C ASN H 119 -39.58 -40.30 -11.20
N VAL H 120 -40.07 -39.42 -12.08
CA VAL H 120 -39.36 -38.19 -12.34
C VAL H 120 -39.13 -37.40 -11.08
N HIS H 121 -40.00 -37.48 -10.08
CA HIS H 121 -39.83 -36.65 -8.88
C HIS H 121 -38.60 -36.99 -8.13
N GLN H 122 -37.96 -38.08 -8.55
CA GLN H 122 -36.74 -38.54 -7.92
C GLN H 122 -35.53 -37.95 -8.56
N ARG H 123 -35.73 -37.19 -9.63
CA ARG H 123 -34.58 -36.73 -10.37
C ARG H 123 -34.31 -35.23 -10.32
N GLU H 124 -33.69 -34.70 -11.37
CA GLU H 124 -33.22 -33.29 -11.37
C GLU H 124 -34.53 -32.44 -11.34
N PRO H 125 -34.58 -31.41 -10.48
CA PRO H 125 -35.78 -30.56 -10.40
C PRO H 125 -36.29 -30.06 -11.76
N PHE H 126 -35.43 -29.84 -12.75
CA PHE H 126 -36.01 -29.43 -14.02
C PHE H 126 -37.00 -30.47 -14.48
N ARG H 127 -36.85 -31.70 -14.02
CA ARG H 127 -37.73 -32.71 -14.53
C ARG H 127 -39.09 -32.70 -13.83
N HIS H 128 -39.18 -32.05 -12.66
CA HIS H 128 -40.46 -31.93 -11.99
C HIS H 128 -41.45 -31.00 -12.71
N GLN H 129 -41.05 -30.12 -13.61
CA GLN H 129 -42.01 -29.36 -14.42
C GLN H 129 -42.39 -30.08 -15.71
N SER H 130 -43.67 -30.03 -16.07
CA SER H 130 -44.12 -30.66 -17.27
C SER H 130 -44.99 -29.71 -18.06
N TYR H 131 -44.90 -29.69 -19.38
CA TYR H 131 -45.89 -28.88 -20.10
C TYR H 131 -47.19 -29.62 -20.44
N LEU H 132 -47.27 -30.91 -20.06
CA LEU H 132 -48.47 -31.68 -20.25
C LEU H 132 -49.35 -31.92 -18.98
N SER H 133 -48.77 -31.92 -17.78
CA SER H 133 -49.51 -32.41 -16.60
C SER H 133 -50.77 -31.69 -16.34
N ASP H 134 -50.77 -30.41 -16.53
CA ASP H 134 -51.89 -29.67 -16.11
C ASP H 134 -53.00 -29.74 -17.12
N LYS H 135 -52.74 -30.31 -18.28
CA LYS H 135 -53.81 -30.52 -19.23
C LYS H 135 -54.04 -31.97 -19.52
N ALA H 136 -53.34 -32.87 -18.86
CA ALA H 136 -53.59 -34.28 -19.07
C ALA H 136 -54.85 -34.72 -18.34
N VAL H 137 -55.48 -35.81 -18.76
CA VAL H 137 -56.54 -36.34 -17.95
C VAL H 137 -55.91 -36.84 -16.65
N ALA H 138 -54.71 -37.44 -16.78
CA ALA H 138 -53.96 -38.10 -15.70
C ALA H 138 -52.47 -38.20 -15.99
N VAL H 139 -51.69 -38.42 -14.96
CA VAL H 139 -50.24 -38.50 -15.11
C VAL H 139 -49.84 -39.72 -14.32
N ILE H 140 -49.28 -40.73 -14.97
CA ILE H 140 -48.74 -41.89 -14.26
C ILE H 140 -47.23 -41.82 -14.26
N CYS H 141 -46.63 -41.82 -13.07
CA CYS H 141 -45.19 -41.95 -13.07
C CYS H 141 -44.52 -42.81 -12.04
N GLY H 142 -43.66 -43.70 -12.56
CA GLY H 142 -42.83 -44.60 -11.76
C GLY H 142 -43.45 -45.96 -11.63
N LEU H 143 -44.43 -46.24 -12.46
CA LEU H 143 -45.12 -47.51 -12.38
C LEU H 143 -44.51 -48.53 -13.33
N GLY H 144 -43.38 -48.16 -13.95
CA GLY H 144 -42.67 -49.02 -14.86
C GLY H 144 -43.37 -49.05 -16.20
N VAL H 145 -43.10 -50.07 -17.00
CA VAL H 145 -43.78 -50.15 -18.29
C VAL H 145 -45.27 -50.45 -18.08
N TYR H 146 -45.58 -51.01 -16.90
CA TYR H 146 -46.97 -51.23 -16.51
C TYR H 146 -47.73 -49.91 -16.55
N GLY H 147 -47.03 -48.80 -16.44
CA GLY H 147 -47.70 -47.56 -16.46
C GLY H 147 -48.40 -47.32 -17.80
N TYR H 148 -47.79 -47.76 -18.89
CA TYR H 148 -48.45 -47.71 -20.16
C TYR H 148 -49.73 -48.62 -20.11
N THR H 149 -49.67 -49.79 -19.47
CA THR H 149 -50.85 -50.64 -19.50
C THR H 149 -52.04 -49.99 -18.76
N ALA H 150 -51.71 -49.33 -17.63
CA ALA H 150 -52.76 -48.74 -16.81
C ALA H 150 -53.41 -47.58 -17.59
N ALA H 151 -52.60 -46.71 -18.19
CA ALA H 151 -53.14 -45.63 -19.00
C ALA H 151 -54.11 -46.17 -20.11
N ILE H 152 -53.67 -47.21 -20.83
CA ILE H 152 -54.45 -47.79 -21.89
C ILE H 152 -55.74 -48.42 -21.39
N GLU H 153 -55.75 -49.06 -20.23
CA GLU H 153 -57.05 -49.49 -19.68
C GLU H 153 -57.95 -48.30 -19.43
N TYR H 154 -57.37 -47.21 -18.94
CA TYR H 154 -58.18 -46.03 -18.61
C TYR H 154 -58.83 -45.51 -19.86
N ALA H 155 -57.98 -45.42 -20.89
CA ALA H 155 -58.26 -44.86 -22.21
C ALA H 155 -59.40 -45.61 -22.90
N LEU H 156 -59.28 -46.93 -22.93
CA LEU H 156 -60.28 -47.76 -23.50
C LEU H 156 -61.54 -47.72 -22.68
N ASN H 157 -61.52 -47.08 -21.53
CA ASN H 157 -62.76 -46.97 -20.75
C ASN H 157 -63.46 -45.62 -20.71
N TYR H 158 -63.04 -44.72 -21.58
CA TYR H 158 -63.33 -43.31 -21.38
C TYR H 158 -64.43 -42.89 -22.36
N GLN H 159 -65.42 -42.16 -21.85
CA GLN H 159 -66.55 -41.75 -22.71
C GLN H 159 -66.23 -40.65 -23.73
N LEU H 160 -66.48 -40.96 -25.01
CA LEU H 160 -66.15 -40.10 -26.19
C LEU H 160 -66.37 -38.57 -26.03
N LEU I 13 -37.06 1.32 -49.02
CA LEU I 13 -38.20 0.37 -48.79
C LEU I 13 -37.74 -1.09 -48.94
N VAL I 14 -38.44 -2.02 -48.28
CA VAL I 14 -38.28 -3.49 -48.42
C VAL I 14 -39.17 -4.10 -49.56
N LYS I 15 -38.65 -5.12 -50.25
CA LYS I 15 -39.34 -5.77 -51.41
C LYS I 15 -39.80 -7.22 -51.12
N LYS I 16 -38.90 -8.05 -50.59
CA LYS I 16 -39.25 -9.40 -50.28
C LYS I 16 -39.52 -9.46 -48.78
N VAL I 17 -40.71 -9.92 -48.39
CA VAL I 17 -41.07 -10.13 -46.99
C VAL I 17 -41.38 -11.62 -46.85
N LEU I 18 -41.01 -12.25 -45.74
CA LEU I 18 -41.28 -13.67 -45.60
C LEU I 18 -42.13 -13.83 -44.39
N LEU I 19 -43.37 -14.29 -44.56
CA LEU I 19 -44.23 -14.66 -43.41
C LEU I 19 -44.05 -16.10 -42.99
N ILE I 20 -43.63 -16.32 -41.74
CA ILE I 20 -43.44 -17.63 -41.18
C ILE I 20 -44.48 -17.81 -40.10
N ASN I 21 -45.20 -18.92 -40.17
CA ASN I 21 -46.03 -19.40 -39.10
C ASN I 21 -45.53 -20.72 -38.50
N GLY I 22 -45.54 -20.77 -37.15
CA GLY I 22 -44.95 -21.87 -36.41
C GLY I 22 -45.83 -23.08 -36.18
N PRO I 23 -45.55 -23.87 -35.13
CA PRO I 23 -46.31 -25.13 -35.08
C PRO I 23 -47.78 -24.94 -34.79
N ASN I 24 -48.60 -25.92 -35.04
CA ASN I 24 -50.05 -25.85 -34.79
C ASN I 24 -50.85 -24.83 -35.61
N LEU I 25 -50.24 -23.73 -36.03
CA LEU I 25 -50.93 -22.74 -36.83
C LEU I 25 -51.64 -23.22 -38.07
N ASN I 26 -51.23 -24.36 -38.60
CA ASN I 26 -51.89 -24.89 -39.76
C ASN I 26 -53.28 -25.35 -39.40
N LEU I 27 -53.57 -25.47 -38.13
CA LEU I 27 -54.92 -25.85 -37.68
C LEU I 27 -55.87 -24.64 -37.48
N LEU I 28 -55.42 -23.41 -37.81
CA LEU I 28 -56.32 -22.26 -37.73
C LEU I 28 -57.60 -22.63 -38.46
N GLY I 29 -58.73 -22.49 -37.75
CA GLY I 29 -60.02 -22.77 -38.33
C GLY I 29 -60.70 -23.71 -37.39
N THR I 30 -60.11 -24.91 -37.28
CA THR I 30 -60.39 -25.84 -36.15
C THR I 30 -59.70 -25.52 -34.80
N ARG I 31 -58.43 -25.12 -34.75
CA ARG I 31 -57.76 -25.10 -33.43
C ARG I 31 -58.34 -24.07 -32.47
N GLU I 32 -58.68 -24.57 -31.25
CA GLU I 32 -59.20 -23.72 -30.14
C GLU I 32 -59.87 -22.40 -30.63
N PRO I 33 -61.07 -22.54 -31.23
CA PRO I 33 -61.62 -21.37 -31.94
C PRO I 33 -62.12 -20.26 -31.01
N GLU I 34 -62.55 -20.61 -29.80
CA GLU I 34 -62.86 -19.59 -28.81
C GLU I 34 -61.70 -18.57 -28.69
N LYS I 35 -60.44 -19.04 -28.73
CA LYS I 35 -59.22 -18.23 -28.58
C LYS I 35 -58.65 -17.70 -29.91
N TYR I 36 -58.54 -18.57 -30.93
CA TYR I 36 -57.88 -18.25 -32.24
C TYR I 36 -58.70 -17.78 -33.45
N GLY I 37 -60.04 -17.87 -33.39
CA GLY I 37 -60.95 -17.51 -34.49
C GLY I 37 -61.15 -18.72 -35.37
N THR I 38 -61.70 -18.49 -36.59
CA THR I 38 -62.16 -19.52 -37.57
C THR I 38 -61.74 -19.24 -39.07
N THR I 39 -60.80 -18.32 -39.23
CA THR I 39 -60.15 -17.98 -40.49
C THR I 39 -59.01 -18.96 -40.51
N SER I 40 -58.78 -19.58 -41.66
CA SER I 40 -57.73 -20.60 -41.82
C SER I 40 -56.36 -20.00 -42.11
N LEU I 41 -55.28 -20.75 -41.89
CA LEU I 41 -53.91 -20.28 -42.13
C LEU I 41 -53.81 -19.92 -43.58
N SER I 42 -54.46 -20.74 -44.42
CA SER I 42 -54.44 -20.42 -45.81
C SER I 42 -55.00 -19.03 -46.16
N ASP I 43 -56.09 -18.61 -45.52
CA ASP I 43 -56.62 -17.28 -45.79
C ASP I 43 -55.59 -16.22 -45.35
N ILE I 44 -54.87 -16.45 -44.26
CA ILE I 44 -53.98 -15.43 -43.75
C ILE I 44 -52.85 -15.24 -44.76
N GLU I 45 -52.44 -16.37 -45.34
CA GLU I 45 -51.37 -16.38 -46.31
C GLU I 45 -51.79 -15.71 -47.59
N GLN I 46 -52.96 -16.05 -48.10
CA GLN I 46 -53.41 -15.42 -49.33
C GLN I 46 -53.56 -13.88 -49.17
N ALA I 47 -54.12 -13.42 -48.05
CA ALA I 47 -54.31 -12.01 -47.73
C ALA I 47 -52.99 -11.23 -47.72
N ALA I 48 -51.98 -11.82 -47.09
CA ALA I 48 -50.59 -11.30 -47.10
C ALA I 48 -49.96 -11.12 -48.51
N ILE I 49 -49.87 -12.19 -49.27
CA ILE I 49 -49.50 -12.20 -50.68
C ILE I 49 -50.17 -11.05 -51.47
N GLU I 50 -51.46 -10.93 -51.33
CA GLU I 50 -52.14 -9.87 -52.06
C GLU I 50 -51.86 -8.46 -51.52
N GLN I 51 -51.59 -8.33 -50.24
CA GLN I 51 -51.23 -7.07 -49.68
C GLN I 51 -50.06 -6.42 -50.41
N ALA I 52 -49.03 -7.23 -50.68
CA ALA I 52 -47.81 -6.81 -51.41
C ALA I 52 -48.10 -6.58 -52.88
N LYS I 53 -48.93 -7.43 -53.46
CA LYS I 53 -49.27 -7.26 -54.86
C LYS I 53 -49.84 -5.86 -55.05
N LEU I 54 -50.67 -5.44 -54.10
CA LEU I 54 -51.41 -4.21 -54.27
C LEU I 54 -50.59 -2.95 -54.07
N LYS I 55 -49.41 -3.05 -53.45
CA LYS I 55 -48.44 -1.96 -53.35
C LYS I 55 -47.82 -1.56 -54.69
N ASN I 56 -47.94 -2.45 -55.69
CA ASN I 56 -47.70 -2.19 -57.12
C ASN I 56 -46.31 -1.68 -57.48
N ASN I 57 -45.29 -2.27 -56.88
CA ASN I 57 -43.92 -1.78 -56.99
C ASN I 57 -42.95 -2.98 -56.93
N ASP I 58 -43.49 -4.18 -57.09
CA ASP I 58 -42.74 -5.43 -57.01
C ASP I 58 -42.21 -5.58 -55.63
N SER I 59 -43.14 -5.46 -54.68
CA SER I 59 -43.02 -6.10 -53.39
C SER I 59 -43.61 -7.50 -53.53
N GLU I 60 -43.26 -8.34 -52.59
CA GLU I 60 -43.63 -9.72 -52.66
C GLU I 60 -43.64 -10.26 -51.23
N VAL I 61 -44.71 -10.95 -50.86
CA VAL I 61 -44.66 -11.67 -49.60
C VAL I 61 -44.54 -13.16 -49.88
N LEU I 62 -43.60 -13.85 -49.26
CA LEU I 62 -43.50 -15.30 -49.45
C LEU I 62 -43.96 -15.94 -48.16
N VAL I 63 -44.55 -17.13 -48.21
CA VAL I 63 -45.15 -17.69 -47.02
C VAL I 63 -44.54 -19.01 -46.58
N PHE I 64 -44.53 -19.30 -45.28
CA PHE I 64 -44.00 -20.59 -44.84
C PHE I 64 -44.57 -20.96 -43.50
N GLN I 65 -44.82 -22.25 -43.31
CA GLN I 65 -45.34 -22.84 -42.06
C GLN I 65 -44.74 -24.24 -41.84
N SER I 66 -44.37 -24.57 -40.61
CA SER I 66 -43.83 -25.83 -40.23
C SER I 66 -44.07 -26.07 -38.77
N ASN I 67 -44.17 -27.34 -38.46
CA ASN I 67 -44.27 -27.76 -37.11
C ASN I 67 -42.89 -28.03 -36.56
N THR I 68 -41.86 -28.08 -37.44
CA THR I 68 -40.55 -28.38 -36.95
C THR I 68 -39.59 -27.21 -36.64
N GLU I 69 -39.13 -27.02 -35.41
CA GLU I 69 -38.16 -25.92 -35.06
C GLU I 69 -37.02 -25.79 -36.15
N GLY I 70 -36.33 -26.92 -36.38
CA GLY I 70 -35.20 -27.03 -37.33
C GLY I 70 -35.52 -26.51 -38.73
N PHE I 71 -36.76 -26.76 -39.15
CA PHE I 71 -37.22 -26.45 -40.50
C PHE I 71 -37.46 -24.94 -40.60
N ILE I 72 -37.92 -24.34 -39.49
CA ILE I 72 -38.17 -22.92 -39.46
C ILE I 72 -36.80 -22.28 -39.54
N ILE I 73 -35.79 -22.91 -38.92
CA ILE I 73 -34.43 -22.31 -38.84
C ILE I 73 -33.83 -22.38 -40.24
N ASP I 74 -34.02 -23.52 -40.87
CA ASP I 74 -33.59 -23.72 -42.23
C ASP I 74 -34.19 -22.68 -43.16
N ARG I 75 -35.46 -22.35 -42.92
CA ARG I 75 -36.16 -21.50 -43.82
C ARG I 75 -35.64 -20.08 -43.71
N ILE I 76 -35.31 -19.69 -42.49
CA ILE I 76 -34.80 -18.38 -42.20
C ILE I 76 -33.46 -18.23 -42.85
N HIS I 77 -32.70 -19.32 -42.99
CA HIS I 77 -31.39 -19.22 -43.65
C HIS I 77 -31.60 -19.06 -45.11
N GLU I 78 -32.56 -19.81 -45.65
CA GLU I 78 -32.85 -19.86 -47.07
C GLU I 78 -33.24 -18.45 -47.52
N ALA I 79 -33.82 -17.71 -46.58
CA ALA I 79 -34.38 -16.40 -46.82
C ALA I 79 -33.28 -15.36 -47.02
N LYS I 80 -32.18 -15.48 -46.29
CA LYS I 80 -31.07 -14.54 -46.48
C LYS I 80 -30.51 -14.81 -47.85
N ARG I 81 -30.50 -16.07 -48.26
CA ARG I 81 -29.93 -16.44 -49.56
C ARG I 81 -30.75 -15.87 -50.65
N GLN I 82 -32.07 -15.82 -50.44
CA GLN I 82 -32.97 -15.22 -51.41
C GLN I 82 -33.26 -13.69 -51.24
N GLY I 83 -32.53 -13.05 -50.34
CA GLY I 83 -32.52 -11.59 -50.28
C GLY I 83 -33.78 -11.04 -49.66
N VAL I 84 -34.40 -11.83 -48.79
CA VAL I 84 -35.56 -11.40 -48.05
C VAL I 84 -35.08 -10.32 -47.11
N GLY I 85 -35.80 -9.22 -47.09
CA GLY I 85 -35.36 -8.12 -46.33
C GLY I 85 -36.13 -7.90 -45.06
N PHE I 86 -37.22 -8.66 -44.83
CA PHE I 86 -38.00 -8.56 -43.55
C PHE I 86 -38.80 -9.79 -43.20
N VAL I 87 -38.91 -10.14 -41.91
CA VAL I 87 -39.68 -11.36 -41.52
C VAL I 87 -40.84 -10.96 -40.65
N VAL I 88 -42.02 -11.49 -40.98
CA VAL I 88 -43.15 -11.36 -40.07
C VAL I 88 -43.40 -12.78 -39.57
N ILE I 89 -43.29 -12.98 -38.25
CA ILE I 89 -43.37 -14.37 -37.75
C ILE I 89 -44.35 -14.63 -36.59
N ASN I 90 -45.17 -15.66 -36.74
CA ASN I 90 -45.83 -16.18 -35.57
C ASN I 90 -45.20 -17.54 -35.20
N ALA I 91 -44.24 -17.55 -34.30
CA ALA I 91 -43.54 -18.79 -33.95
C ALA I 91 -44.44 -19.83 -33.21
N GLY I 92 -45.70 -19.47 -32.94
CA GLY I 92 -46.58 -20.31 -32.12
C GLY I 92 -45.93 -20.61 -30.77
N ALA I 93 -46.06 -21.86 -30.29
CA ALA I 93 -45.25 -22.39 -29.21
C ALA I 93 -43.75 -22.03 -29.29
N TYR I 94 -43.10 -22.13 -30.44
CA TYR I 94 -41.68 -21.81 -30.41
C TYR I 94 -41.30 -20.35 -29.90
N THR I 95 -42.25 -19.42 -29.79
CA THR I 95 -41.94 -18.18 -29.17
C THR I 95 -41.44 -18.37 -27.74
N HIS I 96 -41.86 -19.44 -27.12
CA HIS I 96 -41.62 -19.52 -25.69
C HIS I 96 -40.48 -20.46 -25.43
N THR I 97 -40.03 -21.11 -26.48
CA THR I 97 -39.08 -22.18 -26.24
C THR I 97 -37.90 -22.17 -27.17
N SER I 98 -38.00 -21.49 -28.31
CA SER I 98 -36.97 -21.64 -29.31
C SER I 98 -35.87 -20.59 -29.30
N VAL I 99 -34.80 -20.80 -28.56
CA VAL I 99 -33.66 -19.88 -28.71
C VAL I 99 -33.07 -20.03 -30.13
N GLY I 100 -33.30 -21.17 -30.79
CA GLY I 100 -32.66 -21.44 -32.07
C GLY I 100 -33.19 -20.58 -33.19
N ILE I 101 -34.53 -20.44 -33.21
CA ILE I 101 -35.15 -19.46 -34.08
C ILE I 101 -34.57 -18.04 -33.86
N ARG I 102 -34.34 -17.64 -32.60
CA ARG I 102 -33.90 -16.31 -32.33
C ARG I 102 -32.50 -16.13 -32.94
N ASP I 103 -31.68 -17.16 -32.74
CA ASP I 103 -30.34 -17.11 -33.28
C ASP I 103 -30.24 -17.10 -34.84
N ALA I 104 -31.25 -17.67 -35.48
CA ALA I 104 -31.30 -17.75 -36.90
C ALA I 104 -31.65 -16.35 -37.37
N LEU I 105 -32.65 -15.75 -36.74
CA LEU I 105 -33.04 -14.37 -37.11
C LEU I 105 -31.86 -13.43 -36.87
N LEU I 106 -31.17 -13.58 -35.75
CA LEU I 106 -29.99 -12.73 -35.50
C LEU I 106 -28.82 -13.02 -36.42
N GLY I 107 -28.51 -14.30 -36.68
CA GLY I 107 -27.41 -14.74 -37.58
C GLY I 107 -27.50 -14.28 -39.03
N THR I 108 -28.71 -14.10 -39.52
CA THR I 108 -28.91 -13.61 -40.89
C THR I 108 -29.16 -12.08 -40.88
N ALA I 109 -29.30 -11.54 -39.68
CA ALA I 109 -29.56 -10.16 -39.49
C ALA I 109 -30.82 -9.69 -40.25
N ILE I 110 -31.88 -10.48 -40.24
CA ILE I 110 -33.09 -10.02 -40.92
C ILE I 110 -33.97 -9.38 -39.83
N PRO I 111 -34.46 -8.16 -40.10
CA PRO I 111 -35.43 -7.63 -39.16
C PRO I 111 -36.78 -8.39 -39.15
N PHE I 112 -37.42 -8.47 -37.99
CA PHE I 112 -38.67 -9.19 -37.92
C PHE I 112 -39.65 -8.54 -36.97
N ILE I 113 -40.92 -8.92 -37.14
CA ILE I 113 -41.99 -8.63 -36.19
C ILE I 113 -42.65 -9.93 -35.70
N GLU I 114 -42.83 -10.01 -34.39
CA GLU I 114 -43.43 -11.13 -33.66
C GLU I 114 -44.94 -10.93 -33.63
N VAL I 115 -45.71 -11.85 -34.20
CA VAL I 115 -47.17 -11.78 -34.16
C VAL I 115 -47.79 -12.85 -33.25
N HIS I 116 -48.72 -12.44 -32.38
CA HIS I 116 -49.60 -13.36 -31.66
C HIS I 116 -51.02 -13.08 -32.02
N ILE I 117 -51.76 -14.09 -32.46
CA ILE I 117 -53.13 -13.91 -32.88
C ILE I 117 -53.95 -13.53 -31.64
N THR I 118 -53.73 -14.28 -30.53
CA THR I 118 -54.48 -14.06 -29.29
C THR I 118 -53.67 -13.17 -28.41
N ASN I 119 -54.26 -12.65 -27.36
CA ASN I 119 -53.43 -11.90 -26.46
C ASN I 119 -52.79 -12.87 -25.45
N VAL I 120 -51.56 -13.28 -25.75
CA VAL I 120 -50.82 -14.11 -24.83
C VAL I 120 -50.83 -13.64 -23.34
N HIS I 121 -50.97 -12.33 -23.10
CA HIS I 121 -50.84 -11.87 -21.71
C HIS I 121 -52.02 -12.27 -20.91
N GLN I 122 -53.14 -12.66 -21.54
CA GLN I 122 -54.25 -13.21 -20.75
C GLN I 122 -54.15 -14.67 -20.39
N ARG I 123 -53.05 -15.33 -20.75
CA ARG I 123 -52.98 -16.77 -20.75
C ARG I 123 -51.96 -17.28 -19.73
N GLU I 124 -51.51 -18.51 -19.83
CA GLU I 124 -50.61 -19.04 -18.76
C GLU I 124 -49.32 -18.22 -18.68
N PRO I 125 -48.80 -17.95 -17.45
CA PRO I 125 -47.52 -17.24 -17.31
C PRO I 125 -46.47 -17.78 -18.25
N PHE I 126 -46.40 -19.08 -18.52
CA PHE I 126 -45.34 -19.53 -19.44
C PHE I 126 -45.44 -18.77 -20.73
N ARG I 127 -46.63 -18.38 -21.13
CA ARG I 127 -46.73 -17.76 -22.42
C ARG I 127 -46.38 -16.31 -22.41
N HIS I 128 -46.09 -15.72 -21.26
CA HIS I 128 -45.68 -14.33 -21.23
C HIS I 128 -44.20 -14.13 -21.59
N GLN I 129 -43.33 -15.15 -21.51
CA GLN I 129 -41.93 -15.04 -21.96
C GLN I 129 -41.85 -15.29 -23.43
N SER I 130 -41.07 -14.51 -24.17
CA SER I 130 -40.77 -14.82 -25.56
C SER I 130 -39.29 -14.76 -25.80
N TYR I 131 -38.73 -15.59 -26.67
CA TYR I 131 -37.31 -15.48 -27.04
C TYR I 131 -37.11 -14.65 -28.30
N LEU I 132 -38.21 -14.09 -28.83
CA LEU I 132 -38.15 -13.10 -29.92
C LEU I 132 -38.37 -11.62 -29.48
N SER I 133 -39.26 -11.36 -28.53
CA SER I 133 -39.68 -10.00 -28.22
C SER I 133 -38.58 -8.98 -28.09
N ASP I 134 -37.48 -9.34 -27.43
CA ASP I 134 -36.50 -8.32 -27.10
C ASP I 134 -35.60 -8.00 -28.25
N LYS I 135 -35.72 -8.73 -29.32
CA LYS I 135 -34.91 -8.47 -30.51
C LYS I 135 -35.80 -8.15 -31.67
N ALA I 136 -37.10 -8.18 -31.48
CA ALA I 136 -37.98 -7.88 -32.59
C ALA I 136 -38.08 -6.35 -32.82
N VAL I 137 -38.51 -5.99 -34.03
CA VAL I 137 -38.74 -4.59 -34.30
C VAL I 137 -39.99 -4.18 -33.52
N ALA I 138 -41.04 -5.00 -33.59
CA ALA I 138 -42.27 -4.82 -32.81
C ALA I 138 -42.91 -6.17 -32.44
N VAL I 139 -43.78 -6.14 -31.45
CA VAL I 139 -44.59 -7.32 -31.10
C VAL I 139 -46.04 -6.90 -31.14
N ILE I 140 -46.81 -7.56 -31.97
CA ILE I 140 -48.21 -7.24 -32.05
C ILE I 140 -48.87 -8.45 -31.50
N CYS I 141 -49.68 -8.28 -30.49
CA CYS I 141 -50.32 -9.47 -29.97
C CYS I 141 -51.77 -9.22 -29.49
N GLY I 142 -52.73 -9.93 -30.10
CA GLY I 142 -54.11 -9.96 -29.68
C GLY I 142 -54.98 -9.23 -30.67
N LEU I 143 -54.41 -8.90 -31.81
CA LEU I 143 -55.14 -8.10 -32.75
C LEU I 143 -55.87 -9.06 -33.72
N GLY I 144 -55.90 -10.37 -33.35
CA GLY I 144 -56.40 -11.46 -34.17
C GLY I 144 -55.72 -11.46 -35.50
N VAL I 145 -56.43 -11.81 -36.57
CA VAL I 145 -55.70 -12.00 -37.86
C VAL I 145 -55.19 -10.70 -38.42
N TYR I 146 -55.88 -9.60 -38.07
CA TYR I 146 -55.44 -8.23 -38.46
C TYR I 146 -54.00 -7.98 -38.04
N GLY I 147 -53.62 -8.46 -36.84
CA GLY I 147 -52.20 -8.64 -36.44
C GLY I 147 -51.22 -8.80 -37.61
N TYR I 148 -51.44 -9.89 -38.39
CA TYR I 148 -50.68 -10.16 -39.59
C TYR I 148 -50.71 -8.99 -40.55
N THR I 149 -51.88 -8.51 -40.91
CA THR I 149 -51.91 -7.42 -41.89
C THR I 149 -51.06 -6.20 -41.42
N ALA I 150 -51.15 -5.89 -40.13
CA ALA I 150 -50.52 -4.68 -39.69
C ALA I 150 -48.96 -4.87 -39.65
N ALA I 151 -48.49 -6.04 -39.19
CA ALA I 151 -47.07 -6.34 -39.32
C ALA I 151 -46.60 -6.25 -40.81
N ILE I 152 -47.43 -6.71 -41.75
CA ILE I 152 -47.08 -6.63 -43.15
C ILE I 152 -47.07 -5.21 -43.70
N GLU I 153 -48.08 -4.37 -43.37
CA GLU I 153 -47.96 -2.97 -43.71
C GLU I 153 -46.60 -2.43 -43.27
N TYR I 154 -46.22 -2.80 -42.02
CA TYR I 154 -45.06 -2.19 -41.36
C TYR I 154 -43.81 -2.55 -42.14
N ALA I 155 -43.73 -3.81 -42.59
CA ALA I 155 -42.59 -4.36 -43.32
C ALA I 155 -42.46 -3.67 -44.68
N LEU I 156 -43.57 -3.63 -45.40
CA LEU I 156 -43.57 -3.12 -46.72
C LEU I 156 -43.11 -1.67 -46.75
N ASN I 157 -43.16 -1.00 -45.59
CA ASN I 157 -42.73 0.39 -45.47
C ASN I 157 -41.44 0.67 -44.80
N TYR I 158 -40.66 -0.36 -44.58
CA TYR I 158 -39.50 -0.28 -43.72
C TYR I 158 -38.23 -0.03 -44.54
N GLN I 159 -37.28 0.79 -44.02
CA GLN I 159 -35.90 0.89 -44.60
C GLN I 159 -34.89 -0.20 -44.27
N LEU J 13 -81.89 -17.01 5.04
CA LEU J 13 -81.34 -16.69 6.41
C LEU J 13 -80.83 -17.85 7.31
N VAL J 14 -79.54 -17.77 7.71
CA VAL J 14 -78.75 -18.82 8.40
C VAL J 14 -79.07 -18.89 9.91
N LYS J 15 -79.38 -20.09 10.42
CA LYS J 15 -79.71 -20.23 11.85
C LYS J 15 -78.68 -20.86 12.78
N LYS J 16 -77.76 -21.65 12.23
CA LYS J 16 -76.85 -22.48 13.00
C LYS J 16 -75.37 -22.10 12.65
N VAL J 17 -74.70 -21.42 13.56
CA VAL J 17 -73.38 -20.91 13.25
C VAL J 17 -72.39 -21.61 14.15
N LEU J 18 -71.33 -22.14 13.60
CA LEU J 18 -70.26 -22.72 14.40
C LEU J 18 -69.03 -21.82 14.51
N LEU J 19 -68.62 -21.59 15.77
CA LEU J 19 -67.38 -20.81 16.06
C LEU J 19 -66.25 -21.78 16.38
N ILE J 20 -65.18 -21.79 15.59
CA ILE J 20 -64.06 -22.69 15.85
C ILE J 20 -62.82 -21.88 16.23
N ASN J 21 -62.21 -22.22 17.37
CA ASN J 21 -60.94 -21.62 17.73
C ASN J 21 -59.84 -22.66 17.61
N GLY J 22 -58.68 -22.27 17.06
CA GLY J 22 -57.59 -23.22 16.87
C GLY J 22 -56.60 -23.36 18.00
N PRO J 23 -55.47 -24.01 17.71
CA PRO J 23 -54.41 -24.27 18.71
C PRO J 23 -54.00 -23.05 19.52
N ASN J 24 -53.78 -23.25 20.80
CA ASN J 24 -53.24 -22.15 21.62
C ASN J 24 -54.21 -21.07 22.02
N LEU J 25 -55.30 -20.90 21.28
CA LEU J 25 -56.33 -19.95 21.64
C LEU J 25 -56.91 -20.15 23.02
N ASN J 26 -57.06 -21.39 23.49
CA ASN J 26 -57.40 -21.64 24.89
C ASN J 26 -56.51 -20.85 25.87
N LEU J 27 -55.48 -20.21 25.39
CA LEU J 27 -54.47 -19.67 26.30
C LEU J 27 -54.64 -18.18 26.43
N LEU J 28 -55.67 -17.66 25.76
CA LEU J 28 -55.86 -16.26 25.93
C LEU J 28 -56.73 -16.11 27.16
N GLY J 29 -56.48 -15.09 27.97
CA GLY J 29 -55.31 -14.27 27.89
C GLY J 29 -54.71 -14.55 29.25
N THR J 30 -53.72 -15.43 29.28
CA THR J 30 -53.08 -15.84 30.50
C THR J 30 -51.80 -15.05 30.75
N ARG J 31 -51.24 -14.40 29.72
CA ARG J 31 -49.86 -13.83 29.85
C ARG J 31 -49.52 -12.39 30.49
N TYR J 36 -53.79 -9.64 24.86
CA TYR J 36 -53.08 -9.37 26.11
C TYR J 36 -53.98 -8.70 27.28
N GLY J 37 -55.31 -8.83 27.20
CA GLY J 37 -56.23 -8.24 28.23
C GLY J 37 -56.65 -9.34 29.18
N THR J 38 -57.62 -9.11 30.06
CA THR J 38 -58.10 -10.26 30.83
C THR J 38 -59.17 -11.09 30.05
N THR J 39 -59.17 -11.11 28.72
CA THR J 39 -60.29 -11.75 27.99
C THR J 39 -59.97 -13.17 27.64
N SER J 40 -60.70 -14.14 28.18
CA SER J 40 -60.43 -15.54 27.87
C SER J 40 -61.17 -16.09 26.66
N LEU J 41 -60.81 -17.30 26.24
CA LEU J 41 -61.51 -17.95 25.15
C LEU J 41 -62.90 -18.22 25.60
N SER J 42 -63.02 -18.61 26.86
CA SER J 42 -64.32 -18.87 27.45
C SER J 42 -65.29 -17.68 27.31
N ASP J 43 -64.79 -16.46 27.51
CA ASP J 43 -65.55 -15.21 27.36
C ASP J 43 -66.07 -15.01 25.94
N ILE J 44 -65.14 -15.14 25.00
CA ILE J 44 -65.40 -14.97 23.58
C ILE J 44 -66.46 -15.96 23.13
N GLU J 45 -66.31 -17.23 23.56
CA GLU J 45 -67.29 -18.31 23.36
C GLU J 45 -68.65 -17.88 23.93
N GLN J 46 -68.65 -17.28 25.13
CA GLN J 46 -69.91 -16.89 25.79
C GLN J 46 -70.59 -15.68 25.16
N ALA J 47 -69.82 -14.69 24.71
CA ALA J 47 -70.37 -13.51 24.03
C ALA J 47 -71.13 -13.98 22.83
N ALA J 48 -70.48 -14.90 22.13
CA ALA J 48 -70.92 -15.36 20.83
C ALA J 48 -72.24 -16.12 21.02
N ILE J 49 -72.32 -16.93 22.06
CA ILE J 49 -73.54 -17.67 22.30
C ILE J 49 -74.72 -16.73 22.59
N GLU J 50 -74.50 -15.75 23.48
CA GLU J 50 -75.51 -14.78 23.88
C GLU J 50 -75.97 -13.94 22.72
N GLN J 51 -74.99 -13.59 21.88
CA GLN J 51 -75.24 -12.72 20.76
C GLN J 51 -76.38 -13.27 19.92
N ALA J 52 -76.46 -14.60 19.74
CA ALA J 52 -77.47 -15.27 18.91
C ALA J 52 -78.79 -15.53 19.63
N LYS J 53 -78.70 -15.82 20.92
CA LYS J 53 -79.85 -15.82 21.79
C LYS J 53 -80.50 -14.47 21.64
N LEU J 54 -79.82 -13.38 22.03
CA LEU J 54 -80.43 -12.03 21.96
C LEU J 54 -81.20 -11.73 20.66
N LYS J 55 -80.79 -12.30 19.52
CA LYS J 55 -81.51 -12.15 18.25
C LYS J 55 -82.93 -12.66 18.36
N ASN J 56 -83.16 -13.67 19.20
CA ASN J 56 -84.52 -14.13 19.48
C ASN J 56 -85.04 -15.26 18.58
N ASN J 57 -84.62 -15.27 17.30
CA ASN J 57 -85.21 -16.15 16.25
C ASN J 57 -84.64 -17.57 16.11
N ASP J 58 -84.68 -18.32 17.22
CA ASP J 58 -83.92 -19.58 17.38
C ASP J 58 -82.66 -19.56 16.50
N SER J 59 -81.76 -18.61 16.72
CA SER J 59 -80.41 -18.73 16.17
C SER J 59 -79.61 -19.37 17.26
N GLU J 60 -78.47 -19.89 16.85
CA GLU J 60 -77.68 -20.67 17.73
C GLU J 60 -76.21 -20.53 17.37
N VAL J 61 -75.34 -20.34 18.35
CA VAL J 61 -73.90 -20.46 18.02
C VAL J 61 -73.29 -21.59 18.79
N LEU J 62 -72.71 -22.56 18.09
CA LEU J 62 -72.03 -23.64 18.81
C LEU J 62 -70.54 -23.36 18.85
N VAL J 63 -69.90 -23.78 19.93
CA VAL J 63 -68.49 -23.46 20.10
C VAL J 63 -67.57 -24.69 19.96
N PHE J 64 -66.35 -24.44 19.49
CA PHE J 64 -65.34 -25.47 19.54
C PHE J 64 -63.94 -24.87 19.62
N GLN J 65 -63.02 -25.58 20.28
CA GLN J 65 -61.62 -25.25 20.26
C GLN J 65 -60.81 -26.52 20.38
N SER J 66 -59.64 -26.57 19.77
CA SER J 66 -58.81 -27.74 19.78
C SER J 66 -57.40 -27.45 19.36
N ASN J 67 -56.47 -28.21 19.90
CA ASN J 67 -55.08 -27.96 19.55
C ASN J 67 -54.70 -28.82 18.35
N THR J 68 -55.39 -29.98 18.24
CA THR J 68 -55.25 -30.92 17.16
C THR J 68 -55.98 -30.59 15.86
N GLU J 69 -55.20 -30.35 14.77
CA GLU J 69 -55.68 -30.30 13.40
C GLU J 69 -56.78 -31.34 13.00
N GLY J 70 -56.46 -32.63 13.13
CA GLY J 70 -57.36 -33.68 12.70
C GLY J 70 -58.74 -33.47 13.35
N PHE J 71 -58.76 -33.14 14.67
CA PHE J 71 -59.96 -32.85 15.47
C PHE J 71 -60.76 -31.65 14.99
N ILE J 72 -60.11 -30.54 14.66
CA ILE J 72 -60.83 -29.48 14.00
C ILE J 72 -61.45 -29.98 12.65
N ILE J 73 -60.72 -30.77 11.84
CA ILE J 73 -61.31 -31.36 10.61
C ILE J 73 -62.51 -32.21 10.99
N ASP J 74 -62.32 -33.14 11.94
CA ASP J 74 -63.39 -34.00 12.43
C ASP J 74 -64.65 -33.13 12.74
N ARG J 75 -64.44 -31.99 13.36
CA ARG J 75 -65.52 -31.08 13.77
C ARG J 75 -66.22 -30.47 12.58
N ILE J 76 -65.47 -29.84 11.70
CA ILE J 76 -66.08 -29.36 10.49
C ILE J 76 -66.94 -30.45 9.82
N HIS J 77 -66.51 -31.70 9.82
CA HIS J 77 -67.36 -32.74 9.24
C HIS J 77 -68.73 -32.89 9.91
N GLU J 78 -68.66 -32.95 11.26
CA GLU J 78 -69.82 -33.05 12.22
C GLU J 78 -70.76 -31.86 12.02
N ALA J 79 -70.15 -30.72 11.74
CA ALA J 79 -70.87 -29.51 11.58
C ALA J 79 -71.87 -29.63 10.42
N LYS J 80 -71.43 -30.20 9.29
CA LYS J 80 -72.41 -30.49 8.18
C LYS J 80 -73.50 -31.42 8.56
N ARG J 81 -73.10 -32.49 9.26
CA ARG J 81 -74.03 -33.52 9.70
C ARG J 81 -75.13 -32.87 10.57
N GLN J 82 -74.79 -31.77 11.21
CA GLN J 82 -75.62 -31.03 12.11
C GLN J 82 -76.39 -29.88 11.48
N GLY J 83 -76.24 -29.66 10.18
CA GLY J 83 -76.91 -28.51 9.53
C GLY J 83 -76.26 -27.12 9.76
N VAL J 84 -75.04 -27.10 10.25
CA VAL J 84 -74.45 -25.84 10.54
C VAL J 84 -74.33 -25.15 9.20
N GLY J 85 -74.77 -23.90 9.09
CA GLY J 85 -74.81 -23.21 7.83
C GLY J 85 -73.73 -22.14 7.61
N PHE J 86 -72.93 -21.84 8.62
CA PHE J 86 -71.83 -20.89 8.51
C PHE J 86 -70.83 -21.24 9.57
N VAL J 87 -69.56 -21.00 9.30
CA VAL J 87 -68.50 -21.21 10.28
C VAL J 87 -67.69 -19.92 10.42
N VAL J 88 -67.52 -19.46 11.66
CA VAL J 88 -66.59 -18.36 12.02
C VAL J 88 -65.38 -19.03 12.65
N ILE J 89 -64.22 -18.96 12.01
CA ILE J 89 -63.05 -19.70 12.44
C ILE J 89 -61.82 -18.81 12.64
N ASN J 90 -61.23 -18.94 13.82
CA ASN J 90 -59.91 -18.40 14.05
C ASN J 90 -58.99 -19.62 14.23
N ALA J 91 -58.32 -20.00 13.16
CA ALA J 91 -57.57 -21.26 13.06
C ALA J 91 -56.22 -21.19 13.79
N GLY J 92 -55.91 -20.04 14.37
CA GLY J 92 -54.59 -19.82 14.95
C GLY J 92 -53.47 -20.19 13.98
N ALA J 93 -52.42 -20.82 14.53
CA ALA J 93 -51.29 -21.31 13.77
C ALA J 93 -51.71 -22.07 12.48
N TYR J 94 -52.77 -22.89 12.54
CA TYR J 94 -53.20 -23.64 11.41
C TYR J 94 -53.61 -22.80 10.20
N THR J 95 -53.84 -21.51 10.35
CA THR J 95 -54.09 -20.68 9.18
C THR J 95 -52.95 -20.79 8.18
N HIS J 96 -51.76 -21.09 8.66
CA HIS J 96 -50.63 -20.88 7.81
C HIS J 96 -50.14 -22.23 7.34
N THR J 97 -50.62 -23.28 7.99
CA THR J 97 -50.03 -24.55 7.68
C THR J 97 -51.06 -25.56 7.33
N SER J 98 -52.36 -25.30 7.56
CA SER J 98 -53.34 -26.39 7.44
C SER J 98 -54.15 -26.44 6.14
N VAL J 99 -53.77 -27.34 5.23
CA VAL J 99 -54.49 -27.39 3.98
C VAL J 99 -55.64 -28.28 4.28
N GLY J 100 -55.49 -29.07 5.34
CA GLY J 100 -56.52 -30.03 5.70
C GLY J 100 -57.82 -29.40 6.12
N ILE J 101 -57.68 -28.39 6.97
CA ILE J 101 -58.87 -27.59 7.37
C ILE J 101 -59.48 -26.85 6.16
N ARG J 102 -58.64 -26.37 5.24
CA ARG J 102 -59.18 -25.67 4.07
C ARG J 102 -60.11 -26.62 3.29
N ASP J 103 -59.62 -27.83 3.05
CA ASP J 103 -60.27 -28.83 2.28
C ASP J 103 -61.50 -29.37 3.04
N ALA J 104 -61.47 -29.32 4.39
CA ALA J 104 -62.66 -29.75 5.15
C ALA J 104 -63.76 -28.72 4.86
N LEU J 105 -63.45 -27.42 5.01
CA LEU J 105 -64.43 -26.35 4.73
C LEU J 105 -64.95 -26.42 3.29
N LEU J 106 -64.08 -26.62 2.31
CA LEU J 106 -64.49 -26.75 0.91
C LEU J 106 -65.28 -28.00 0.68
N GLY J 107 -64.83 -29.09 1.30
CA GLY J 107 -65.42 -30.41 1.11
C GLY J 107 -66.81 -30.55 1.70
N THR J 108 -67.11 -29.85 2.80
CA THR J 108 -68.47 -29.84 3.41
C THR J 108 -69.30 -28.69 2.81
N ALA J 109 -68.56 -27.74 2.24
CA ALA J 109 -69.11 -26.61 1.49
C ALA J 109 -69.83 -25.61 2.42
N ILE J 110 -69.26 -25.42 3.61
CA ILE J 110 -69.82 -24.51 4.58
C ILE J 110 -69.10 -23.19 4.46
N PRO J 111 -69.83 -22.13 4.06
CA PRO J 111 -69.24 -20.79 3.95
C PRO J 111 -68.61 -20.36 5.27
N PHE J 112 -67.52 -19.61 5.21
CA PHE J 112 -66.79 -19.30 6.44
C PHE J 112 -66.09 -17.96 6.44
N ILE J 113 -65.81 -17.48 7.65
CA ILE J 113 -65.03 -16.22 7.81
C ILE J 113 -63.86 -16.51 8.69
N GLU J 114 -62.69 -15.98 8.33
CA GLU J 114 -61.41 -16.17 9.02
C GLU J 114 -61.27 -14.99 9.97
N VAL J 115 -61.07 -15.27 11.26
CA VAL J 115 -60.75 -14.17 12.18
C VAL J 115 -59.31 -14.26 12.69
N HIS J 116 -58.63 -13.12 12.82
CA HIS J 116 -57.46 -13.02 13.67
C HIS J 116 -57.68 -11.90 14.71
N ILE J 117 -57.62 -12.21 16.01
CA ILE J 117 -57.62 -11.17 17.02
C ILE J 117 -56.59 -10.07 16.74
N THR J 118 -55.35 -10.44 16.46
CA THR J 118 -54.34 -9.39 16.30
C THR J 118 -54.11 -9.18 14.81
N ASN J 119 -53.36 -8.16 14.41
CA ASN J 119 -53.16 -7.96 13.00
C ASN J 119 -51.95 -8.75 12.41
N VAL J 120 -52.25 -9.91 11.75
CA VAL J 120 -51.18 -10.81 11.29
C VAL J 120 -50.17 -10.09 10.38
N HIS J 121 -50.64 -9.06 9.70
CA HIS J 121 -49.79 -8.34 8.74
C HIS J 121 -48.67 -7.61 9.45
N GLN J 122 -48.85 -7.31 10.73
CA GLN J 122 -47.82 -6.68 11.51
C GLN J 122 -46.71 -7.62 11.95
N ARG J 123 -46.87 -8.91 11.69
CA ARG J 123 -46.00 -9.95 12.22
C ARG J 123 -45.08 -10.59 11.15
N GLU J 124 -44.44 -11.72 11.48
CA GLU J 124 -43.51 -12.43 10.59
C GLU J 124 -44.17 -12.70 9.23
N PRO J 125 -43.42 -12.45 8.14
CA PRO J 125 -43.97 -12.60 6.81
C PRO J 125 -44.56 -13.99 6.59
N PHE J 126 -44.12 -15.03 7.31
CA PHE J 126 -44.81 -16.30 7.09
C PHE J 126 -46.26 -16.19 7.52
N ARG J 127 -46.59 -15.27 8.42
CA ARG J 127 -47.98 -15.24 8.92
C ARG J 127 -48.88 -14.54 7.96
N HIS J 128 -48.32 -13.90 6.90
CA HIS J 128 -49.12 -13.29 5.85
C HIS J 128 -49.77 -14.34 4.91
N GLN J 129 -49.17 -15.53 4.75
CA GLN J 129 -49.73 -16.62 3.94
C GLN J 129 -50.80 -17.29 4.71
N SER J 130 -51.96 -17.52 4.08
CA SER J 130 -53.04 -18.28 4.72
C SER J 130 -53.60 -19.37 3.80
N TYR J 131 -53.93 -20.54 4.33
CA TYR J 131 -54.64 -21.47 3.50
C TYR J 131 -56.15 -21.26 3.50
N LEU J 132 -56.61 -20.33 4.34
CA LEU J 132 -58.02 -19.93 4.41
C LEU J 132 -58.50 -18.70 3.61
N SER J 133 -57.74 -17.62 3.58
CA SER J 133 -58.23 -16.35 3.05
C SER J 133 -58.82 -16.44 1.68
N ASP J 134 -58.13 -17.06 0.73
CA ASP J 134 -58.66 -17.07 -0.66
C ASP J 134 -59.98 -17.83 -0.88
N LYS J 135 -60.35 -18.65 0.08
CA LYS J 135 -61.63 -19.32 0.06
C LYS J 135 -62.61 -18.82 1.10
N ALA J 136 -62.15 -18.05 2.09
CA ALA J 136 -63.12 -17.41 3.00
C ALA J 136 -64.09 -16.45 2.29
N VAL J 137 -65.24 -16.23 2.93
CA VAL J 137 -66.14 -15.19 2.48
C VAL J 137 -65.55 -13.81 2.84
N ALA J 138 -65.05 -13.68 4.07
CA ALA J 138 -64.31 -12.47 4.49
C ALA J 138 -63.20 -12.82 5.45
N VAL J 139 -62.20 -11.97 5.57
CA VAL J 139 -61.18 -12.14 6.59
C VAL J 139 -61.18 -10.86 7.44
N ILE J 140 -61.30 -11.03 8.74
CA ILE J 140 -61.21 -9.91 9.66
C ILE J 140 -59.96 -10.08 10.47
N CYS J 141 -59.02 -9.14 10.39
CA CYS J 141 -57.88 -9.31 11.27
C CYS J 141 -57.38 -8.06 11.99
N GLY J 142 -57.30 -8.14 13.32
CA GLY J 142 -56.81 -7.02 14.11
C GLY J 142 -57.87 -6.19 14.77
N LEU J 143 -59.13 -6.60 14.64
CA LEU J 143 -60.26 -5.91 15.25
C LEU J 143 -60.46 -6.37 16.71
N GLY J 144 -59.50 -7.16 17.23
CA GLY J 144 -59.52 -7.62 18.60
C GLY J 144 -60.63 -8.63 18.76
N VAL J 145 -61.20 -8.78 19.96
CA VAL J 145 -62.26 -9.80 20.05
C VAL J 145 -63.52 -9.44 19.29
N TYR J 146 -63.77 -8.13 19.14
CA TYR J 146 -64.94 -7.64 18.42
C TYR J 146 -64.93 -8.21 17.00
N GLY J 147 -63.71 -8.46 16.49
CA GLY J 147 -63.47 -9.21 15.27
C GLY J 147 -64.42 -10.40 15.14
N TYR J 148 -64.53 -11.21 16.20
CA TYR J 148 -65.54 -12.25 16.32
C TYR J 148 -66.98 -11.77 16.26
N THR J 149 -67.33 -10.70 16.98
CA THR J 149 -68.73 -10.23 16.94
C THR J 149 -69.16 -9.84 15.52
N ALA J 150 -68.30 -9.08 14.83
CA ALA J 150 -68.58 -8.66 13.48
C ALA J 150 -68.83 -9.89 12.61
N ALA J 151 -68.02 -10.92 12.82
CA ALA J 151 -68.10 -12.07 11.95
C ALA J 151 -69.42 -12.81 12.23
N ILE J 152 -69.83 -12.87 13.49
CA ILE J 152 -71.10 -13.45 13.79
C ILE J 152 -72.28 -12.62 13.26
N GLU J 153 -72.29 -11.31 13.46
CA GLU J 153 -73.34 -10.47 12.83
C GLU J 153 -73.50 -10.77 11.34
N TYR J 154 -72.37 -10.89 10.66
CA TYR J 154 -72.38 -11.17 9.23
C TYR J 154 -72.94 -12.56 8.97
N ALA J 155 -72.39 -13.54 9.68
CA ALA J 155 -72.88 -14.92 9.68
C ALA J 155 -74.41 -14.95 9.73
N LEU J 156 -74.97 -14.34 10.77
CA LEU J 156 -76.40 -14.35 11.04
C LEU J 156 -77.24 -13.57 10.04
N ASN J 157 -76.61 -13.03 9.01
CA ASN J 157 -77.35 -12.40 7.96
C ASN J 157 -77.14 -13.03 6.59
N TYR J 158 -76.37 -14.09 6.52
CA TYR J 158 -76.02 -14.70 5.24
C TYR J 158 -77.19 -15.58 4.73
N GLN J 159 -77.35 -15.69 3.40
CA GLN J 159 -78.46 -16.43 2.80
C GLN J 159 -78.15 -17.91 2.34
N LEU K 13 -42.28 -61.51 -4.05
CA LEU K 13 -43.47 -60.63 -4.21
C LEU K 13 -44.18 -60.32 -2.88
N VAL K 14 -44.84 -59.15 -2.81
CA VAL K 14 -45.53 -58.69 -1.58
C VAL K 14 -46.85 -59.42 -1.33
N LYS K 15 -47.13 -59.67 -0.05
CA LYS K 15 -48.34 -60.36 0.34
C LYS K 15 -49.24 -59.42 1.16
N LYS K 16 -48.65 -58.42 1.82
CA LYS K 16 -49.42 -57.60 2.72
C LYS K 16 -49.34 -56.07 2.37
N VAL K 17 -50.37 -55.59 1.66
CA VAL K 17 -50.49 -54.15 1.38
C VAL K 17 -51.41 -53.38 2.34
N LEU K 18 -51.03 -52.15 2.68
CA LEU K 18 -51.89 -51.31 3.52
C LEU K 18 -52.26 -50.06 2.75
N LEU K 19 -53.59 -49.87 2.63
CA LEU K 19 -54.23 -48.67 2.00
C LEU K 19 -54.52 -47.60 3.05
N ILE K 20 -53.94 -46.41 2.89
CA ILE K 20 -54.21 -45.28 3.75
C ILE K 20 -54.85 -44.19 2.93
N ASN K 21 -56.03 -43.73 3.37
CA ASN K 21 -56.60 -42.47 2.87
C ASN K 21 -56.54 -41.41 3.98
N GLY K 22 -56.13 -40.20 3.59
CA GLY K 22 -55.93 -39.12 4.55
C GLY K 22 -57.18 -38.32 4.85
N PRO K 23 -57.00 -37.07 5.38
CA PRO K 23 -58.10 -36.22 5.79
C PRO K 23 -59.09 -35.99 4.67
N ASN K 24 -60.34 -35.82 5.04
CA ASN K 24 -61.40 -35.49 4.07
C ASN K 24 -61.88 -36.56 3.12
N LEU K 25 -61.00 -37.47 2.74
CA LEU K 25 -61.35 -38.64 1.91
C LEU K 25 -62.55 -39.46 2.38
N ASN K 26 -62.92 -39.40 3.66
CA ASN K 26 -64.18 -39.99 4.13
C ASN K 26 -65.39 -39.33 3.50
N LEU K 27 -65.21 -38.12 3.00
CA LEU K 27 -66.28 -37.32 2.47
C LEU K 27 -66.68 -37.65 1.02
N LEU K 28 -65.91 -38.52 0.35
CA LEU K 28 -66.34 -38.79 -1.01
C LEU K 28 -67.45 -39.81 -1.06
N GLY K 29 -68.36 -39.69 -2.03
CA GLY K 29 -68.67 -38.47 -2.74
C GLY K 29 -70.02 -38.06 -2.14
N THR K 30 -70.00 -37.16 -1.13
CA THR K 30 -71.22 -36.65 -0.49
C THR K 30 -71.81 -35.37 -1.15
N ARG K 31 -70.99 -34.71 -2.00
CA ARG K 31 -71.32 -33.34 -2.53
C ARG K 31 -72.09 -32.98 -3.92
N TYR K 36 -67.12 -36.56 -7.70
CA TYR K 36 -68.47 -36.05 -7.93
C TYR K 36 -69.47 -37.23 -8.30
N GLY K 37 -68.90 -38.45 -8.36
CA GLY K 37 -69.68 -39.67 -8.58
C GLY K 37 -70.00 -40.22 -7.21
N THR K 38 -71.23 -40.71 -7.00
CA THR K 38 -71.57 -41.16 -5.64
C THR K 38 -70.69 -42.36 -5.12
N THR K 39 -69.37 -42.37 -5.40
CA THR K 39 -68.43 -43.46 -5.06
C THR K 39 -67.80 -43.16 -3.73
N SER K 40 -68.01 -44.04 -2.77
CA SER K 40 -67.62 -43.71 -1.42
C SER K 40 -66.20 -44.16 -1.05
N LEU K 41 -65.74 -43.67 0.10
CA LEU K 41 -64.52 -44.16 0.65
C LEU K 41 -64.70 -45.61 0.88
N SER K 42 -65.87 -45.93 1.41
CA SER K 42 -66.23 -47.29 1.72
C SER K 42 -66.04 -48.20 0.51
N ASP K 43 -66.41 -47.71 -0.69
CA ASP K 43 -66.31 -48.49 -1.95
C ASP K 43 -64.86 -48.78 -2.27
N ILE K 44 -64.04 -47.76 -2.22
CA ILE K 44 -62.65 -47.88 -2.56
C ILE K 44 -61.99 -48.93 -1.70
N GLU K 45 -62.22 -48.86 -0.39
CA GLU K 45 -61.60 -49.76 0.59
C GLU K 45 -62.03 -51.17 0.26
N GLN K 46 -63.32 -51.35 0.05
CA GLN K 46 -63.86 -52.65 -0.34
C GLN K 46 -63.25 -53.27 -1.58
N ALA K 47 -63.23 -52.51 -2.68
CA ALA K 47 -62.76 -52.95 -3.98
C ALA K 47 -61.35 -53.50 -3.88
N ALA K 48 -60.50 -52.75 -3.17
CA ALA K 48 -59.16 -53.16 -2.76
C ALA K 48 -59.12 -54.44 -1.87
N ILE K 49 -59.92 -54.50 -0.81
CA ILE K 49 -59.96 -55.73 -0.02
C ILE K 49 -60.20 -56.93 -0.95
N GLU K 50 -61.15 -56.79 -1.86
CA GLU K 50 -61.52 -57.79 -2.88
C GLU K 50 -60.42 -58.11 -3.86
N GLN K 51 -59.80 -57.06 -4.32
CA GLN K 51 -58.71 -57.15 -5.27
C GLN K 51 -57.68 -58.18 -4.85
N ALA K 52 -57.30 -58.17 -3.57
CA ALA K 52 -56.29 -59.08 -3.01
C ALA K 52 -56.86 -60.47 -2.79
N LYS K 53 -58.02 -60.53 -2.16
CA LYS K 53 -58.71 -61.79 -1.97
C LYS K 53 -58.76 -62.54 -3.30
N LEU K 54 -59.29 -61.91 -4.36
CA LEU K 54 -59.38 -62.56 -5.69
C LEU K 54 -58.03 -63.04 -6.30
N LYS K 55 -56.89 -62.55 -5.79
CA LYS K 55 -55.59 -63.06 -6.22
C LYS K 55 -55.38 -64.47 -5.69
N ASN K 56 -56.36 -65.01 -4.96
CA ASN K 56 -56.37 -66.41 -4.45
C ASN K 56 -55.34 -66.72 -3.30
N ASN K 57 -54.18 -66.05 -3.29
CA ASN K 57 -52.89 -66.54 -2.73
C ASN K 57 -52.30 -65.94 -1.41
N ASP K 58 -53.13 -65.63 -0.40
CA ASP K 58 -52.65 -65.10 0.90
C ASP K 58 -52.24 -63.63 0.82
N SER K 59 -52.58 -62.95 -0.28
CA SER K 59 -52.44 -61.51 -0.34
C SER K 59 -53.54 -60.90 0.50
N GLU K 60 -53.29 -59.74 1.05
CA GLU K 60 -54.29 -59.13 1.86
C GLU K 60 -54.08 -57.63 1.84
N VAL K 61 -55.19 -56.89 1.83
CA VAL K 61 -55.08 -55.41 1.89
C VAL K 61 -55.79 -54.91 3.12
N LEU K 62 -55.03 -54.36 4.05
CA LEU K 62 -55.61 -53.72 5.21
C LEU K 62 -55.92 -52.25 4.84
N VAL K 63 -56.91 -51.64 5.50
CA VAL K 63 -57.37 -50.30 5.16
C VAL K 63 -57.36 -49.37 6.37
N PHE K 64 -57.00 -48.10 6.16
CA PHE K 64 -57.09 -47.10 7.24
C PHE K 64 -57.49 -45.75 6.69
N GLN K 65 -58.22 -44.96 7.47
CA GLN K 65 -58.41 -43.54 7.08
C GLN K 65 -58.42 -42.66 8.31
N SER K 66 -57.63 -41.61 8.38
CA SER K 66 -57.83 -40.63 9.42
C SER K 66 -57.84 -39.25 8.93
N ASN K 67 -58.55 -38.40 9.66
CA ASN K 67 -58.37 -36.98 9.46
C ASN K 67 -57.11 -36.46 10.15
N THR K 68 -56.59 -37.16 11.18
CA THR K 68 -55.40 -36.69 11.93
C THR K 68 -53.95 -37.14 11.51
N GLU K 69 -53.09 -36.18 11.15
CA GLU K 69 -51.69 -36.47 10.82
C GLU K 69 -51.04 -37.54 11.78
N GLY K 70 -51.02 -37.24 13.08
CA GLY K 70 -50.39 -38.09 14.07
C GLY K 70 -50.89 -39.53 13.94
N PHE K 71 -52.21 -39.69 13.81
CA PHE K 71 -52.80 -41.02 13.81
C PHE K 71 -52.34 -41.81 12.54
N ILE K 72 -52.08 -41.10 11.45
CA ILE K 72 -51.69 -41.75 10.21
C ILE K 72 -50.23 -42.19 10.36
N ILE K 73 -49.36 -41.33 10.92
CA ILE K 73 -48.02 -41.74 11.39
C ILE K 73 -48.17 -42.97 12.31
N ASP K 74 -49.07 -42.90 13.28
CA ASP K 74 -49.21 -44.04 14.18
C ASP K 74 -49.46 -45.33 13.39
N ARG K 75 -50.31 -45.22 12.37
CA ARG K 75 -50.75 -46.40 11.64
C ARG K 75 -49.60 -46.97 10.85
N ILE K 76 -48.74 -46.07 10.39
CA ILE K 76 -47.59 -46.48 9.61
C ILE K 76 -46.60 -47.17 10.51
N HIS K 77 -46.48 -46.79 11.77
CA HIS K 77 -45.54 -47.56 12.59
C HIS K 77 -46.10 -48.95 12.81
N GLU K 78 -47.38 -48.94 13.09
CA GLU K 78 -48.18 -50.12 13.35
C GLU K 78 -47.97 -51.11 12.18
N ALA K 79 -48.01 -50.60 10.95
CA ALA K 79 -47.91 -51.43 9.72
C ALA K 79 -46.59 -52.22 9.59
N LYS K 80 -45.49 -51.59 9.99
CA LYS K 80 -44.21 -52.30 10.05
C LYS K 80 -44.25 -53.38 11.13
N ARG K 81 -44.80 -53.06 12.30
CA ARG K 81 -44.80 -53.93 13.48
C ARG K 81 -45.56 -55.21 13.12
N GLN K 82 -46.38 -55.15 12.06
CA GLN K 82 -47.16 -56.29 11.56
C GLN K 82 -46.81 -56.75 10.13
N GLY K 83 -45.58 -56.49 9.70
CA GLY K 83 -45.03 -56.99 8.45
C GLY K 83 -45.67 -56.50 7.18
N VAL K 84 -46.24 -55.29 7.19
CA VAL K 84 -46.84 -54.77 5.96
C VAL K 84 -45.70 -54.50 5.02
N GLY K 85 -45.79 -54.96 3.79
CA GLY K 85 -44.65 -54.87 2.89
C GLY K 85 -44.79 -53.86 1.79
N PHE K 86 -45.82 -52.99 1.84
CA PHE K 86 -46.09 -51.94 0.82
C PHE K 86 -47.34 -51.12 1.22
N VAL K 87 -47.29 -49.81 0.93
CA VAL K 87 -48.40 -48.90 1.24
C VAL K 87 -48.94 -48.22 0.00
N VAL K 88 -50.26 -48.15 -0.14
CA VAL K 88 -50.87 -47.35 -1.18
C VAL K 88 -51.55 -46.28 -0.40
N ILE K 89 -51.22 -45.04 -0.72
CA ILE K 89 -51.60 -43.89 0.10
C ILE K 89 -52.08 -42.68 -0.71
N ASN K 90 -53.29 -42.27 -0.37
CA ASN K 90 -53.78 -40.97 -0.74
C ASN K 90 -53.79 -40.14 0.54
N ALA K 91 -52.79 -39.28 0.67
CA ALA K 91 -52.66 -38.47 1.88
C ALA K 91 -53.55 -37.20 1.89
N GLY K 92 -54.29 -37.01 0.79
CA GLY K 92 -55.18 -35.85 0.61
C GLY K 92 -54.41 -34.58 0.90
N ALA K 93 -54.94 -33.66 1.71
CA ALA K 93 -54.23 -32.43 1.98
C ALA K 93 -52.81 -32.69 2.53
N TYR K 94 -52.67 -33.74 3.34
CA TYR K 94 -51.38 -34.00 3.96
C TYR K 94 -50.21 -34.20 2.98
N THR K 95 -50.47 -34.65 1.74
CA THR K 95 -49.38 -34.64 0.76
C THR K 95 -48.66 -33.31 0.70
N HIS K 96 -49.38 -32.22 0.93
CA HIS K 96 -48.73 -30.99 0.65
C HIS K 96 -48.08 -30.46 1.89
N THR K 97 -48.33 -31.09 3.02
CA THR K 97 -47.97 -30.46 4.24
C THR K 97 -47.26 -31.35 5.24
N SER K 98 -47.42 -32.68 5.14
CA SER K 98 -46.96 -33.55 6.22
C SER K 98 -45.53 -34.08 6.03
N VAL K 99 -44.57 -33.47 6.71
CA VAL K 99 -43.23 -33.99 6.54
C VAL K 99 -43.24 -35.23 7.44
N GLY K 100 -43.99 -35.17 8.54
CA GLY K 100 -44.02 -36.31 9.46
C GLY K 100 -44.42 -37.65 8.83
N ILE K 101 -45.40 -37.61 7.90
CA ILE K 101 -45.82 -38.86 7.23
C ILE K 101 -44.67 -39.37 6.33
N ARG K 102 -43.97 -38.46 5.62
CA ARG K 102 -42.88 -38.85 4.75
C ARG K 102 -41.86 -39.60 5.58
N ASP K 103 -41.49 -39.03 6.75
CA ASP K 103 -40.47 -39.63 7.59
C ASP K 103 -40.98 -40.92 8.23
N ALA K 104 -42.31 -41.07 8.41
CA ALA K 104 -42.84 -42.32 8.96
C ALA K 104 -42.61 -43.49 7.97
N LEU K 105 -42.98 -43.22 6.71
CA LEU K 105 -42.70 -44.13 5.61
C LEU K 105 -41.20 -44.38 5.45
N LEU K 106 -40.40 -43.32 5.50
CA LEU K 106 -38.97 -43.50 5.29
C LEU K 106 -38.38 -44.24 6.43
N GLY K 107 -38.73 -43.82 7.63
CA GLY K 107 -38.25 -44.49 8.84
C GLY K 107 -38.70 -45.91 9.05
N THR K 108 -39.87 -46.29 8.60
CA THR K 108 -40.19 -47.71 8.71
C THR K 108 -39.65 -48.50 7.54
N ALA K 109 -39.23 -47.82 6.44
CA ALA K 109 -38.73 -48.45 5.19
C ALA K 109 -39.77 -49.28 4.46
N ILE K 110 -40.97 -48.78 4.33
CA ILE K 110 -41.95 -49.49 3.57
C ILE K 110 -42.11 -48.79 2.23
N PRO K 111 -41.88 -49.47 1.11
CA PRO K 111 -42.19 -48.80 -0.15
C PRO K 111 -43.67 -48.36 -0.27
N PHE K 112 -43.93 -47.28 -1.03
CA PHE K 112 -45.28 -46.74 -1.21
C PHE K 112 -45.52 -46.09 -2.58
N ILE K 113 -46.82 -46.06 -2.90
CA ILE K 113 -47.33 -45.35 -4.06
C ILE K 113 -48.28 -44.26 -3.55
N GLU K 114 -48.10 -43.03 -4.02
CA GLU K 114 -48.99 -41.94 -3.76
C GLU K 114 -50.12 -42.00 -4.80
N VAL K 115 -51.37 -42.10 -4.31
CA VAL K 115 -52.55 -41.88 -5.17
C VAL K 115 -53.18 -40.49 -5.02
N HIS K 116 -53.66 -39.91 -6.11
CA HIS K 116 -54.59 -38.79 -6.07
C HIS K 116 -55.72 -39.11 -7.01
N ILE K 117 -56.95 -39.33 -6.52
CA ILE K 117 -58.10 -39.48 -7.39
C ILE K 117 -58.08 -38.48 -8.53
N THR K 118 -57.90 -37.18 -8.23
CA THR K 118 -58.04 -36.16 -9.31
C THR K 118 -56.71 -35.66 -9.85
N ASN K 119 -56.68 -34.91 -10.95
CA ASN K 119 -55.36 -34.49 -11.37
C ASN K 119 -54.90 -33.19 -10.74
N VAL K 120 -54.06 -33.31 -9.69
CA VAL K 120 -53.61 -32.15 -8.91
C VAL K 120 -52.95 -31.04 -9.74
N HIS K 121 -52.28 -31.45 -10.81
CA HIS K 121 -51.59 -30.51 -11.68
C HIS K 121 -52.56 -29.59 -12.36
N GLN K 122 -53.83 -30.01 -12.43
CA GLN K 122 -54.89 -29.11 -12.88
C GLN K 122 -55.24 -28.05 -11.84
N ARG K 123 -54.93 -28.26 -10.55
CA ARG K 123 -55.39 -27.40 -9.49
C ARG K 123 -54.43 -26.24 -9.08
N GLU K 124 -54.68 -25.57 -7.95
CA GLU K 124 -53.80 -24.48 -7.43
C GLU K 124 -52.35 -24.97 -7.27
N PRO K 125 -51.37 -24.05 -7.54
CA PRO K 125 -49.96 -24.41 -7.48
C PRO K 125 -49.53 -24.94 -6.14
N PHE K 126 -50.02 -24.45 -5.00
CA PHE K 126 -49.57 -25.14 -3.79
C PHE K 126 -49.72 -26.64 -3.90
N ARG K 127 -50.67 -27.11 -4.68
CA ARG K 127 -50.90 -28.53 -4.69
C ARG K 127 -49.97 -29.29 -5.62
N HIS K 128 -49.18 -28.54 -6.40
CA HIS K 128 -48.12 -29.17 -7.17
C HIS K 128 -46.97 -29.79 -6.35
N GLN K 129 -46.63 -29.26 -5.15
CA GLN K 129 -45.60 -29.86 -4.29
C GLN K 129 -46.16 -30.92 -3.40
N SER K 130 -45.44 -32.02 -3.30
CA SER K 130 -45.83 -33.14 -2.46
C SER K 130 -44.65 -33.47 -1.59
N TYR K 131 -44.81 -33.78 -0.31
CA TYR K 131 -43.65 -34.32 0.38
C TYR K 131 -43.53 -35.83 0.23
N LEU K 132 -44.40 -36.47 -0.55
CA LEU K 132 -44.26 -37.90 -0.78
C LEU K 132 -43.64 -38.24 -2.13
N SER K 133 -43.99 -37.46 -3.12
CA SER K 133 -43.55 -37.68 -4.49
C SER K 133 -42.14 -38.10 -4.77
N ASP K 134 -41.15 -37.42 -4.23
CA ASP K 134 -39.80 -37.79 -4.61
C ASP K 134 -39.28 -39.03 -3.88
N LYS K 135 -40.01 -39.54 -2.90
CA LYS K 135 -39.64 -40.79 -2.24
C LYS K 135 -40.58 -41.93 -2.55
N ALA K 136 -41.56 -41.73 -3.42
CA ALA K 136 -42.43 -42.82 -3.73
C ALA K 136 -41.82 -43.71 -4.85
N VAL K 137 -42.32 -44.96 -4.94
CA VAL K 137 -42.00 -45.78 -6.07
C VAL K 137 -42.63 -45.13 -7.31
N ALA K 138 -43.90 -44.76 -7.15
CA ALA K 138 -44.70 -44.07 -8.15
C ALA K 138 -45.80 -43.18 -7.54
N VAL K 139 -46.27 -42.33 -8.43
CA VAL K 139 -47.32 -41.40 -8.13
C VAL K 139 -48.22 -41.41 -9.42
N ILE K 140 -49.48 -41.76 -9.17
CA ILE K 140 -50.58 -41.89 -10.13
C ILE K 140 -51.53 -40.84 -9.70
N CYS K 141 -51.95 -40.04 -10.66
CA CYS K 141 -52.82 -38.96 -10.33
C CYS K 141 -53.70 -38.57 -11.50
N GLY K 142 -55.00 -38.65 -11.28
CA GLY K 142 -56.04 -38.25 -12.20
C GLY K 142 -56.65 -39.44 -12.87
N LEU K 143 -56.41 -40.60 -12.32
CA LEU K 143 -56.85 -41.78 -13.00
C LEU K 143 -58.17 -42.20 -12.34
N GLY K 144 -58.78 -41.25 -11.64
CA GLY K 144 -59.94 -41.51 -10.81
C GLY K 144 -59.76 -42.55 -9.73
N VAL K 145 -60.82 -43.28 -9.45
CA VAL K 145 -60.78 -44.25 -8.38
C VAL K 145 -59.85 -45.40 -8.78
N TYR K 146 -59.88 -45.68 -10.08
CA TYR K 146 -59.05 -46.66 -10.75
C TYR K 146 -57.57 -46.63 -10.36
N GLY K 147 -57.07 -45.42 -10.08
CA GLY K 147 -55.75 -45.24 -9.55
C GLY K 147 -55.41 -46.03 -8.29
N TYR K 148 -56.28 -46.09 -7.29
CA TYR K 148 -56.07 -47.08 -6.22
C TYR K 148 -55.88 -48.47 -6.81
N THR K 149 -56.77 -48.89 -7.72
CA THR K 149 -56.64 -50.24 -8.30
C THR K 149 -55.26 -50.52 -8.94
N ALA K 150 -54.75 -49.57 -9.72
CA ALA K 150 -53.49 -49.83 -10.34
C ALA K 150 -52.30 -49.79 -9.34
N ALA K 151 -52.33 -48.88 -8.36
CA ALA K 151 -51.37 -48.94 -7.27
C ALA K 151 -51.37 -50.37 -6.64
N ILE K 152 -52.56 -50.93 -6.45
CA ILE K 152 -52.64 -52.16 -5.77
C ILE K 152 -52.08 -53.28 -6.62
N GLU K 153 -52.38 -53.30 -7.92
CA GLU K 153 -51.78 -54.33 -8.80
C GLU K 153 -50.28 -54.33 -8.70
N TYR K 154 -49.71 -53.13 -8.60
CA TYR K 154 -48.27 -52.96 -8.71
C TYR K 154 -47.63 -53.49 -7.47
N ALA K 155 -48.30 -53.15 -6.36
CA ALA K 155 -47.91 -53.43 -4.97
C ALA K 155 -47.83 -54.94 -4.80
N LEU K 156 -48.91 -55.60 -5.19
CA LEU K 156 -49.00 -57.02 -5.17
C LEU K 156 -48.03 -57.76 -6.08
N ASN K 157 -47.41 -57.11 -7.07
CA ASN K 157 -46.28 -57.69 -7.82
C ASN K 157 -44.90 -57.18 -7.50
N TYR K 158 -44.73 -56.40 -6.43
CA TYR K 158 -43.45 -55.81 -6.10
C TYR K 158 -42.67 -56.84 -5.33
N GLN K 159 -41.39 -57.03 -5.65
CA GLN K 159 -40.58 -58.00 -4.84
C GLN K 159 -40.03 -57.42 -3.51
N LEU K 160 -39.97 -58.28 -2.47
CA LEU K 160 -39.80 -57.85 -1.05
C LEU K 160 -38.45 -57.16 -0.69
N LEU L 13 -32.71 -20.27 38.83
CA LEU L 13 -32.11 -21.59 38.38
C LEU L 13 -33.11 -22.76 38.24
N VAL L 14 -33.28 -23.23 37.01
CA VAL L 14 -34.41 -24.06 36.59
C VAL L 14 -34.45 -25.45 37.24
N LYS L 15 -35.60 -25.81 37.83
CA LYS L 15 -35.76 -27.14 38.43
C LYS L 15 -36.46 -28.14 37.51
N LYS L 16 -37.55 -27.70 36.89
CA LYS L 16 -38.43 -28.61 36.17
C LYS L 16 -38.09 -28.46 34.66
N VAL L 17 -37.46 -29.45 34.06
CA VAL L 17 -37.17 -29.39 32.63
C VAL L 17 -38.01 -30.42 31.90
N LEU L 18 -38.60 -30.06 30.77
CA LEU L 18 -39.38 -31.07 30.03
C LEU L 18 -38.70 -31.44 28.70
N LEU L 19 -38.28 -32.71 28.54
CA LEU L 19 -37.74 -33.17 27.24
C LEU L 19 -38.94 -33.61 26.37
N ILE L 20 -39.09 -33.07 25.15
CA ILE L 20 -40.13 -33.54 24.25
C ILE L 20 -39.48 -34.15 23.00
N ASN L 21 -39.85 -35.35 22.57
CA ASN L 21 -39.50 -35.69 21.19
C ASN L 21 -40.75 -35.87 20.31
N GLY L 22 -40.59 -35.52 19.03
CA GLY L 22 -41.69 -35.52 18.11
C GLY L 22 -41.88 -36.78 17.29
N PRO L 23 -42.63 -36.66 16.17
CA PRO L 23 -43.03 -37.83 15.39
C PRO L 23 -41.85 -38.68 14.94
N ASN L 24 -42.06 -39.97 14.96
CA ASN L 24 -41.07 -40.90 14.44
C ASN L 24 -39.89 -41.15 15.35
N LEU L 25 -39.68 -40.28 16.33
CA LEU L 25 -38.64 -40.49 17.30
C LEU L 25 -38.75 -41.81 18.06
N ASN L 26 -39.97 -42.25 18.35
CA ASN L 26 -40.20 -43.58 18.89
C ASN L 26 -39.39 -44.64 18.16
N LEU L 27 -39.00 -44.36 16.94
CA LEU L 27 -38.42 -45.37 16.08
C LEU L 27 -36.92 -45.51 16.13
N LEU L 28 -36.21 -44.65 16.85
CA LEU L 28 -34.79 -44.98 16.93
C LEU L 28 -34.61 -46.06 17.92
N GLY L 29 -33.67 -46.94 17.65
CA GLY L 29 -32.90 -46.94 16.43
C GLY L 29 -33.14 -48.37 16.00
N THR L 30 -34.21 -48.55 15.21
CA THR L 30 -34.57 -49.84 14.68
C THR L 30 -34.16 -50.08 13.22
N ARG L 31 -33.52 -49.13 12.54
CA ARG L 31 -33.22 -49.43 11.13
C ARG L 31 -31.76 -49.86 10.76
N TYR L 36 -28.63 -44.88 13.69
CA TYR L 36 -28.25 -46.23 13.21
C TYR L 36 -27.56 -47.28 14.27
N GLY L 37 -27.21 -46.83 15.50
CA GLY L 37 -26.69 -47.75 16.56
C GLY L 37 -27.86 -48.11 17.45
N THR L 38 -27.82 -49.21 18.23
CA THR L 38 -29.08 -49.55 18.95
C THR L 38 -29.39 -48.58 20.11
N THR L 39 -29.44 -47.27 19.81
CA THR L 39 -29.79 -46.27 20.82
C THR L 39 -31.24 -45.93 20.63
N SER L 40 -32.09 -46.40 21.55
CA SER L 40 -33.52 -46.14 21.49
C SER L 40 -33.95 -44.82 22.14
N LEU L 41 -35.20 -44.41 21.83
CA LEU L 41 -35.82 -43.23 22.42
C LEU L 41 -35.88 -43.37 23.91
N SER L 42 -36.17 -44.59 24.32
CA SER L 42 -36.24 -44.90 25.71
C SER L 42 -34.94 -44.57 26.47
N ASP L 43 -33.81 -44.86 25.84
CA ASP L 43 -32.48 -44.61 26.41
C ASP L 43 -32.30 -43.14 26.69
N ILE L 44 -32.63 -42.34 25.71
CA ILE L 44 -32.40 -40.91 25.75
C ILE L 44 -33.14 -40.30 26.92
N GLU L 45 -34.39 -40.74 27.04
CA GLU L 45 -35.27 -40.34 28.11
C GLU L 45 -34.63 -40.68 29.43
N GLN L 46 -34.20 -41.92 29.59
CA GLN L 46 -33.59 -42.38 30.84
C GLN L 46 -32.35 -41.61 31.28
N ALA L 47 -31.50 -41.33 30.29
CA ALA L 47 -30.25 -40.66 30.47
C ALA L 47 -30.55 -39.27 30.95
N ALA L 48 -31.52 -38.64 30.30
CA ALA L 48 -31.99 -37.28 30.63
C ALA L 48 -32.57 -37.20 32.05
N ILE L 49 -33.37 -38.18 32.44
CA ILE L 49 -33.82 -38.25 33.82
C ILE L 49 -32.65 -38.39 34.80
N GLU L 50 -31.72 -39.29 34.53
CA GLU L 50 -30.61 -39.53 35.43
C GLU L 50 -29.69 -38.31 35.55
N GLN L 51 -29.48 -37.64 34.43
CA GLN L 51 -28.75 -36.40 34.45
C GLN L 51 -29.26 -35.49 35.55
N ALA L 52 -30.57 -35.24 35.60
CA ALA L 52 -31.17 -34.30 36.56
C ALA L 52 -31.17 -34.80 38.02
N LYS L 53 -31.35 -36.10 38.21
CA LYS L 53 -31.31 -36.71 39.52
C LYS L 53 -29.90 -36.62 40.03
N LEU L 54 -28.97 -37.16 39.25
CA LEU L 54 -27.53 -37.08 39.55
C LEU L 54 -27.00 -35.64 39.83
N LYS L 55 -27.87 -34.62 39.86
CA LYS L 55 -27.47 -33.26 40.26
C LYS L 55 -27.74 -32.96 41.76
N ASN L 56 -28.46 -33.86 42.42
CA ASN L 56 -28.68 -33.78 43.88
C ASN L 56 -29.55 -32.63 44.46
N ASN L 57 -29.84 -31.59 43.67
CA ASN L 57 -30.60 -30.45 44.19
C ASN L 57 -32.07 -30.44 43.75
N ASP L 58 -32.72 -31.60 43.73
CA ASP L 58 -34.13 -31.69 43.36
C ASP L 58 -34.36 -30.96 42.04
N SER L 59 -33.52 -31.24 41.03
CA SER L 59 -33.82 -30.91 39.63
C SER L 59 -34.57 -32.10 39.10
N GLU L 60 -35.26 -31.91 37.99
CA GLU L 60 -35.99 -33.00 37.42
C GLU L 60 -36.27 -32.82 35.94
N VAL L 61 -36.26 -33.92 35.20
CA VAL L 61 -36.60 -33.84 33.79
C VAL L 61 -37.73 -34.76 33.50
N LEU L 62 -38.85 -34.17 33.09
CA LEU L 62 -40.03 -34.92 32.61
C LEU L 62 -39.86 -35.20 31.11
N VAL L 63 -40.45 -36.28 30.64
CA VAL L 63 -40.24 -36.73 29.27
C VAL L 63 -41.57 -36.94 28.49
N PHE L 64 -41.55 -36.57 27.21
CA PHE L 64 -42.76 -36.79 26.42
C PHE L 64 -42.42 -37.11 25.01
N GLN L 65 -43.25 -37.94 24.39
CA GLN L 65 -43.12 -38.14 22.95
C GLN L 65 -44.49 -38.36 22.33
N SER L 66 -44.69 -37.89 21.11
CA SER L 66 -45.90 -38.08 20.37
C SER L 66 -45.64 -37.95 18.92
N ASN L 67 -46.53 -38.57 18.16
CA ASN L 67 -46.53 -38.43 16.73
C ASN L 67 -47.51 -37.34 16.34
N THR L 68 -48.49 -37.05 17.24
CA THR L 68 -49.47 -35.99 16.99
C THR L 68 -49.07 -34.54 17.41
N GLU L 69 -49.04 -33.64 16.43
CA GLU L 69 -48.87 -32.20 16.64
C GLU L 69 -49.74 -31.65 17.80
N GLY L 70 -51.06 -31.81 17.70
CA GLY L 70 -51.92 -31.34 18.79
C GLY L 70 -51.47 -31.81 20.18
N PHE L 71 -50.94 -33.02 20.26
CA PHE L 71 -50.66 -33.60 21.55
C PHE L 71 -49.43 -32.94 22.14
N ILE L 72 -48.51 -32.57 21.29
CA ILE L 72 -47.31 -31.93 21.71
C ILE L 72 -47.69 -30.54 22.21
N ILE L 73 -48.71 -29.94 21.58
CA ILE L 73 -49.18 -28.61 21.94
C ILE L 73 -49.85 -28.71 23.30
N ASP L 74 -50.66 -29.74 23.52
CA ASP L 74 -51.28 -29.89 24.83
C ASP L 74 -50.24 -30.07 25.91
N ARG L 75 -49.17 -30.79 25.59
CA ARG L 75 -48.22 -31.18 26.61
C ARG L 75 -47.49 -29.94 26.99
N ILE L 76 -47.12 -29.11 26.01
CA ILE L 76 -46.58 -27.78 26.31
C ILE L 76 -47.55 -26.93 27.14
N HIS L 77 -48.86 -27.01 26.90
CA HIS L 77 -49.75 -26.27 27.78
C HIS L 77 -49.67 -26.70 29.26
N GLU L 78 -49.69 -28.01 29.51
CA GLU L 78 -49.71 -28.49 30.91
C GLU L 78 -48.40 -28.23 31.54
N ALA L 79 -47.35 -28.35 30.75
CA ALA L 79 -46.02 -28.02 31.22
C ALA L 79 -45.95 -26.62 31.91
N LYS L 80 -46.67 -25.63 31.35
CA LYS L 80 -46.84 -24.32 32.00
C LYS L 80 -47.55 -24.48 33.33
N ARG L 81 -48.74 -25.09 33.34
CA ARG L 81 -49.58 -25.23 34.56
C ARG L 81 -48.86 -26.06 35.63
N GLN L 82 -47.90 -26.83 35.20
CA GLN L 82 -47.08 -27.65 36.03
C GLN L 82 -45.81 -26.93 36.42
N GLY L 83 -45.66 -25.65 36.09
CA GLY L 83 -44.45 -24.87 36.37
C GLY L 83 -43.10 -25.29 35.79
N VAL L 84 -43.08 -25.82 34.58
CA VAL L 84 -41.83 -26.21 33.92
C VAL L 84 -41.12 -24.95 33.52
N GLY L 85 -39.85 -24.84 33.87
CA GLY L 85 -39.06 -23.66 33.56
C GLY L 85 -38.31 -23.62 32.24
N PHE L 86 -38.13 -24.78 31.58
CA PHE L 86 -37.36 -24.91 30.30
C PHE L 86 -37.75 -26.15 29.55
N VAL L 87 -37.59 -26.15 28.22
CA VAL L 87 -37.93 -27.30 27.36
C VAL L 87 -36.75 -27.66 26.43
N VAL L 88 -36.47 -28.95 26.34
CA VAL L 88 -35.50 -29.38 25.36
C VAL L 88 -36.35 -30.16 24.40
N ILE L 89 -36.32 -29.77 23.12
CA ILE L 89 -37.23 -30.38 22.12
C ILE L 89 -36.55 -30.84 20.80
N ASN L 90 -36.67 -32.12 20.49
CA ASN L 90 -36.41 -32.59 19.14
C ASN L 90 -37.80 -32.78 18.55
N ALA L 91 -38.28 -31.80 17.77
CA ALA L 91 -39.59 -31.82 17.13
C ALA L 91 -39.69 -32.78 15.90
N GLY L 92 -38.56 -33.38 15.52
CA GLY L 92 -38.53 -34.28 14.39
C GLY L 92 -39.10 -33.50 13.23
N ALA L 93 -40.07 -34.06 12.48
CA ALA L 93 -40.52 -33.40 11.24
C ALA L 93 -41.23 -32.13 11.52
N TYR L 94 -41.86 -32.04 12.69
CA TYR L 94 -42.62 -30.84 12.98
C TYR L 94 -41.74 -29.55 13.05
N THR L 95 -40.44 -29.70 13.25
CA THR L 95 -39.54 -28.57 13.09
C THR L 95 -39.85 -27.76 11.80
N HIS L 96 -40.17 -28.46 10.70
CA HIS L 96 -40.25 -27.78 9.43
C HIS L 96 -41.68 -27.41 9.07
N THR L 97 -42.67 -27.91 9.79
CA THR L 97 -44.04 -27.65 9.42
C THR L 97 -44.90 -27.06 10.55
N SER L 98 -44.49 -27.20 11.82
CA SER L 98 -45.37 -26.81 12.94
C SER L 98 -45.33 -25.37 13.51
N VAL L 99 -46.16 -24.48 12.98
CA VAL L 99 -46.25 -23.17 13.59
C VAL L 99 -47.04 -23.29 14.88
N GLY L 100 -47.82 -24.36 15.06
CA GLY L 100 -48.58 -24.59 16.33
C GLY L 100 -47.63 -24.83 17.51
N ILE L 101 -46.79 -25.84 17.36
CA ILE L 101 -45.78 -26.05 18.38
C ILE L 101 -45.02 -24.73 18.69
N ARG L 102 -44.67 -23.95 17.64
CA ARG L 102 -43.89 -22.70 17.88
C ARG L 102 -44.68 -21.73 18.78
N ASP L 103 -45.96 -21.54 18.42
CA ASP L 103 -46.86 -20.65 19.12
C ASP L 103 -47.19 -21.10 20.57
N ALA L 104 -47.04 -22.40 20.81
CA ALA L 104 -47.38 -22.95 22.10
C ALA L 104 -46.28 -22.58 23.06
N LEU L 105 -45.04 -22.70 22.54
CA LEU L 105 -43.85 -22.33 23.31
C LEU L 105 -43.83 -20.82 23.62
N LEU L 106 -44.07 -20.03 22.59
CA LEU L 106 -44.17 -18.59 22.79
C LEU L 106 -45.31 -18.25 23.71
N GLY L 107 -46.43 -18.97 23.60
CA GLY L 107 -47.67 -18.65 24.27
C GLY L 107 -47.65 -18.93 25.76
N THR L 108 -46.92 -19.98 26.15
CA THR L 108 -46.70 -20.35 27.55
C THR L 108 -45.42 -19.71 28.12
N ALA L 109 -44.58 -19.23 27.21
CA ALA L 109 -43.43 -18.42 27.53
C ALA L 109 -42.31 -19.30 28.11
N ILE L 110 -42.27 -20.58 27.74
CA ILE L 110 -41.15 -21.38 28.25
C ILE L 110 -39.90 -21.34 27.36
N PRO L 111 -38.73 -20.92 27.88
CA PRO L 111 -37.56 -20.95 26.99
C PRO L 111 -37.18 -22.36 26.52
N PHE L 112 -36.59 -22.46 25.34
CA PHE L 112 -36.34 -23.80 24.84
C PHE L 112 -35.08 -23.98 23.98
N ILE L 113 -34.72 -25.26 23.85
CA ILE L 113 -33.62 -25.61 22.94
C ILE L 113 -34.09 -26.64 21.93
N GLU L 114 -33.81 -26.38 20.65
CA GLU L 114 -34.15 -27.23 19.52
C GLU L 114 -32.99 -28.20 19.33
N VAL L 115 -33.30 -29.49 19.38
CA VAL L 115 -32.28 -30.52 19.16
C VAL L 115 -32.53 -31.32 17.89
N HIS L 116 -31.49 -31.61 17.09
CA HIS L 116 -31.55 -32.58 15.97
C HIS L 116 -30.45 -33.55 16.13
N ILE L 117 -30.76 -34.85 16.25
CA ILE L 117 -29.73 -35.85 16.41
C ILE L 117 -28.66 -35.84 15.27
N THR L 118 -29.11 -35.63 14.03
CA THR L 118 -28.17 -35.63 12.89
C THR L 118 -28.09 -34.22 12.30
N ASN L 119 -27.12 -33.99 11.43
CA ASN L 119 -27.01 -32.65 10.93
C ASN L 119 -28.00 -32.34 9.82
N VAL L 120 -29.16 -31.77 10.18
CA VAL L 120 -30.15 -31.38 9.16
C VAL L 120 -29.55 -30.63 7.96
N HIS L 121 -28.39 -29.99 8.12
CA HIS L 121 -27.90 -29.14 7.02
C HIS L 121 -27.32 -29.95 5.88
N GLN L 122 -26.97 -31.19 6.20
CA GLN L 122 -26.62 -32.16 5.21
C GLN L 122 -27.80 -32.72 4.38
N ARG L 123 -29.03 -32.41 4.74
CA ARG L 123 -30.15 -33.12 4.17
C ARG L 123 -30.89 -32.26 3.15
N GLU L 124 -31.99 -32.77 2.59
CA GLU L 124 -32.78 -32.00 1.57
C GLU L 124 -32.96 -30.51 2.01
N PRO L 125 -32.76 -29.53 1.09
CA PRO L 125 -33.01 -28.10 1.34
C PRO L 125 -34.26 -27.78 2.24
N PHE L 126 -35.40 -28.44 2.05
CA PHE L 126 -36.55 -28.09 2.92
C PHE L 126 -36.27 -28.25 4.38
N ARG L 127 -35.25 -29.02 4.75
CA ARG L 127 -35.05 -29.31 6.16
C ARG L 127 -34.15 -28.30 6.80
N HIS L 128 -33.63 -27.38 5.99
CA HIS L 128 -32.94 -26.22 6.51
C HIS L 128 -33.85 -25.18 7.20
N GLN L 129 -35.15 -25.09 6.80
CA GLN L 129 -36.15 -24.25 7.48
C GLN L 129 -36.59 -24.87 8.75
N SER L 130 -36.68 -24.07 9.80
CA SER L 130 -37.24 -24.46 11.07
C SER L 130 -38.24 -23.40 11.55
N TYR L 131 -39.33 -23.81 12.18
CA TYR L 131 -40.16 -22.82 12.90
C TYR L 131 -39.80 -22.64 14.38
N LEU L 132 -38.80 -23.38 14.85
CA LEU L 132 -38.32 -23.16 16.17
C LEU L 132 -37.07 -22.29 16.28
N SER L 133 -36.12 -22.43 15.37
CA SER L 133 -34.76 -21.86 15.55
C SER L 133 -34.72 -20.41 15.94
N ASP L 134 -35.46 -19.54 15.27
CA ASP L 134 -35.35 -18.11 15.62
C ASP L 134 -35.94 -17.71 16.95
N LYS L 135 -36.75 -18.60 17.51
CA LYS L 135 -37.27 -18.44 18.87
C LYS L 135 -36.57 -19.27 19.91
N ALA L 136 -35.80 -20.28 19.52
CA ALA L 136 -35.04 -21.11 20.48
C ALA L 136 -33.90 -20.34 21.16
N VAL L 137 -33.54 -20.76 22.37
CA VAL L 137 -32.41 -20.14 23.03
C VAL L 137 -31.13 -20.61 22.29
N ALA L 138 -31.08 -21.90 21.98
CA ALA L 138 -30.04 -22.46 21.13
C ALA L 138 -30.56 -23.53 20.16
N VAL L 139 -29.72 -23.87 19.21
CA VAL L 139 -30.04 -24.98 18.31
C VAL L 139 -28.82 -25.83 18.27
N ILE L 140 -28.93 -27.04 18.79
CA ILE L 140 -27.86 -28.03 18.68
C ILE L 140 -28.31 -29.03 17.63
N CYS L 141 -27.38 -29.41 16.76
CA CYS L 141 -27.78 -30.14 15.61
C CYS L 141 -26.65 -30.93 14.93
N GLY L 142 -26.69 -32.26 15.06
CA GLY L 142 -25.68 -33.20 14.53
C GLY L 142 -24.68 -33.71 15.57
N LEU L 143 -24.94 -33.42 16.83
CA LEU L 143 -23.98 -33.74 17.87
C LEU L 143 -24.27 -35.15 18.41
N GLY L 144 -25.09 -35.87 17.62
CA GLY L 144 -25.71 -37.16 17.95
C GLY L 144 -26.62 -37.09 19.17
N VAL L 145 -26.71 -38.17 19.95
CA VAL L 145 -27.58 -38.16 21.16
C VAL L 145 -27.05 -37.26 22.26
N TYR L 146 -25.74 -37.02 22.20
CA TYR L 146 -25.09 -36.15 23.18
C TYR L 146 -25.67 -34.72 23.11
N GLY L 147 -26.28 -34.42 21.96
CA GLY L 147 -27.09 -33.22 21.75
C GLY L 147 -28.06 -32.96 22.88
N TYR L 148 -28.89 -33.97 23.20
CA TYR L 148 -29.74 -33.95 24.41
C TYR L 148 -28.94 -33.63 25.69
N THR L 149 -27.80 -34.26 25.88
CA THR L 149 -27.13 -34.12 27.15
C THR L 149 -26.66 -32.67 27.30
N ALA L 150 -26.23 -32.04 26.19
CA ALA L 150 -25.66 -30.69 26.29
C ALA L 150 -26.81 -29.71 26.47
N ALA L 151 -27.95 -30.03 25.85
CA ALA L 151 -29.11 -29.18 26.00
C ALA L 151 -29.58 -29.18 27.47
N ILE L 152 -29.59 -30.35 28.07
CA ILE L 152 -30.02 -30.44 29.42
C ILE L 152 -29.02 -29.77 30.37
N GLU L 153 -27.73 -29.89 30.14
CA GLU L 153 -26.77 -29.23 31.03
C GLU L 153 -27.03 -27.76 31.03
N TYR L 154 -27.41 -27.28 29.84
CA TYR L 154 -27.56 -25.85 29.60
C TYR L 154 -28.83 -25.39 30.26
N ALA L 155 -29.95 -26.05 29.93
CA ALA L 155 -31.24 -25.95 30.65
C ALA L 155 -31.09 -25.80 32.16
N LEU L 156 -30.48 -26.81 32.78
CA LEU L 156 -30.31 -26.87 34.21
C LEU L 156 -29.55 -25.70 34.80
N ASN L 157 -28.72 -25.03 34.01
CA ASN L 157 -27.99 -23.86 34.47
C ASN L 157 -28.49 -22.55 34.03
N TYR L 158 -29.73 -22.51 33.59
CA TYR L 158 -30.27 -21.29 32.98
C TYR L 158 -31.05 -20.63 34.11
N GLN L 159 -31.12 -19.29 34.16
CA GLN L 159 -31.83 -18.57 35.26
C GLN L 159 -33.37 -18.28 35.13
N LEU L 160 -34.22 -18.84 36.01
CA LEU L 160 -35.73 -18.77 35.93
C LEU L 160 -36.31 -17.36 35.70
N LEU M 13 7.93 13.19 -28.67
CA LEU M 13 7.82 14.24 -27.61
C LEU M 13 6.77 13.95 -26.54
N VAL M 14 6.99 14.55 -25.36
CA VAL M 14 6.26 14.30 -24.10
C VAL M 14 4.95 15.10 -23.94
N LYS M 15 3.95 14.43 -23.36
CA LYS M 15 2.63 15.01 -23.27
C LYS M 15 2.04 15.04 -21.86
N LYS M 16 2.36 14.08 -21.01
CA LYS M 16 1.80 14.11 -19.67
C LYS M 16 2.92 14.47 -18.70
N VAL M 17 2.80 15.63 -18.06
CA VAL M 17 3.83 16.06 -17.18
C VAL M 17 3.26 16.20 -15.80
N LEU M 18 4.00 15.81 -14.77
CA LEU M 18 3.54 16.04 -13.41
C LEU M 18 4.40 17.05 -12.65
N LEU M 19 3.78 18.14 -12.19
CA LEU M 19 4.41 19.14 -11.29
C LEU M 19 4.26 18.70 -9.83
N ILE M 20 5.35 18.54 -9.09
CA ILE M 20 5.27 18.14 -7.69
C ILE M 20 5.90 19.23 -6.84
N ASN M 21 5.18 19.68 -5.81
CA ASN M 21 5.77 20.56 -4.81
C ASN M 21 5.80 19.96 -3.41
N GLY M 22 6.92 20.10 -2.71
CA GLY M 22 7.02 19.42 -1.42
C GLY M 22 6.78 20.27 -0.19
N PRO M 23 7.33 19.84 0.95
CA PRO M 23 6.89 20.41 2.25
C PRO M 23 6.98 21.90 2.29
N ASN M 24 6.02 22.53 2.86
CA ASN M 24 6.14 23.99 3.11
C ASN M 24 5.82 24.89 1.98
N LEU M 25 5.97 24.41 0.74
CA LEU M 25 5.55 25.18 -0.44
C LEU M 25 4.14 25.77 -0.39
N ASN M 26 3.16 25.03 0.11
CA ASN M 26 1.88 25.66 0.36
C ASN M 26 1.87 27.10 1.00
N LEU M 27 2.92 27.46 1.71
CA LEU M 27 2.95 28.69 2.46
C LEU M 27 3.33 29.90 1.60
N LEU M 28 3.78 29.68 0.36
CA LEU M 28 4.13 30.89 -0.35
C LEU M 28 2.83 31.50 -0.81
N GLY M 29 2.63 32.79 -0.61
CA GLY M 29 3.56 33.69 0.04
C GLY M 29 2.59 34.30 1.04
N THR M 30 2.59 33.79 2.28
CA THR M 30 1.74 34.35 3.31
C THR M 30 2.54 35.33 4.18
N ARG M 31 3.88 35.28 4.04
CA ARG M 31 4.74 35.81 5.11
C ARG M 31 5.15 37.35 5.24
N TYR M 36 8.27 36.22 -1.19
CA TYR M 36 7.79 37.36 -0.41
C TYR M 36 6.69 38.24 -1.18
N GLY M 37 6.36 37.85 -2.43
CA GLY M 37 5.43 38.62 -3.32
C GLY M 37 4.18 37.77 -3.31
N THR M 38 3.00 38.36 -3.44
CA THR M 38 1.80 37.57 -3.07
C THR M 38 1.54 36.28 -3.92
N THR M 39 2.52 35.84 -4.74
CA THR M 39 2.40 34.63 -5.60
C THR M 39 2.18 33.43 -4.72
N SER M 40 1.06 32.73 -4.90
CA SER M 40 0.77 31.57 -4.10
C SER M 40 1.14 30.26 -4.79
N LEU M 41 1.03 29.15 -4.06
CA LEU M 41 1.34 27.85 -4.62
C LEU M 41 0.24 27.60 -5.59
N SER M 42 -0.96 27.95 -5.19
CA SER M 42 -2.09 27.82 -6.08
C SER M 42 -1.90 28.58 -7.44
N ASP M 43 -1.18 29.70 -7.50
CA ASP M 43 -0.91 30.38 -8.80
C ASP M 43 0.07 29.56 -9.68
N ILE M 44 1.02 28.91 -9.04
CA ILE M 44 2.09 28.28 -9.74
C ILE M 44 1.52 27.09 -10.48
N GLU M 45 0.78 26.24 -9.75
CA GLU M 45 0.03 25.12 -10.27
C GLU M 45 -0.89 25.59 -11.41
N GLN M 46 -1.65 26.65 -11.18
CA GLN M 46 -2.61 27.09 -12.20
C GLN M 46 -1.95 27.43 -13.53
N ALA M 47 -0.86 28.18 -13.43
CA ALA M 47 -0.03 28.69 -14.52
C ALA M 47 0.43 27.56 -15.37
N ALA M 48 0.99 26.55 -14.71
CA ALA M 48 1.46 25.30 -15.33
C ALA M 48 0.38 24.53 -16.11
N ILE M 49 -0.66 24.09 -15.41
CA ILE M 49 -1.87 23.54 -16.01
C ILE M 49 -2.27 24.27 -17.29
N GLU M 50 -2.15 25.60 -17.28
CA GLU M 50 -2.61 26.44 -18.33
C GLU M 50 -1.53 26.57 -19.42
N GLN M 51 -0.29 26.25 -19.11
CA GLN M 51 0.83 26.36 -20.05
C GLN M 51 0.73 25.23 -21.04
N ALA M 52 0.49 24.04 -20.49
CA ALA M 52 0.27 22.84 -21.27
C ALA M 52 -0.99 23.03 -22.08
N LYS M 53 -2.14 23.20 -21.43
CA LYS M 53 -3.41 23.45 -22.12
C LYS M 53 -3.20 24.27 -23.41
N LEU M 54 -2.42 25.34 -23.29
CA LEU M 54 -2.18 26.28 -24.37
C LEU M 54 -1.46 25.72 -25.63
N LYS M 55 -0.76 24.61 -25.53
CA LYS M 55 -0.14 24.05 -26.72
C LYS M 55 -1.25 23.51 -27.61
N ASN M 56 -2.47 23.45 -27.10
CA ASN M 56 -3.62 22.96 -27.86
C ASN M 56 -3.26 21.64 -28.61
N ASN M 57 -2.75 20.64 -27.87
CA ASN M 57 -2.31 19.33 -28.47
C ASN M 57 -2.22 18.13 -27.51
N ASP M 58 -3.20 17.96 -26.62
CA ASP M 58 -3.20 16.88 -25.61
C ASP M 58 -2.05 16.93 -24.66
N SER M 59 -1.57 18.11 -24.30
CA SER M 59 -0.56 18.16 -23.27
C SER M 59 -1.28 18.55 -22.04
N GLU M 60 -0.79 18.04 -20.93
CA GLU M 60 -1.54 18.08 -19.73
C GLU M 60 -0.48 18.17 -18.69
N VAL M 61 -0.68 19.08 -17.73
CA VAL M 61 0.10 19.07 -16.48
C VAL M 61 -0.76 18.71 -15.27
N LEU M 62 -0.39 17.66 -14.58
CA LEU M 62 -1.06 17.29 -13.34
C LEU M 62 -0.25 17.85 -12.18
N VAL M 63 -0.92 18.21 -11.09
CA VAL M 63 -0.20 18.93 -10.02
C VAL M 63 -0.38 18.30 -8.65
N PHE M 64 0.65 18.27 -7.83
CA PHE M 64 0.60 17.75 -6.48
C PHE M 64 1.50 18.50 -5.47
N GLN M 65 1.08 18.50 -4.18
CA GLN M 65 1.83 19.07 -3.06
C GLN M 65 1.44 18.36 -1.80
N SER M 66 2.39 18.23 -0.88
CA SER M 66 2.24 17.48 0.34
C SER M 66 3.38 17.84 1.20
N ASN M 67 3.19 17.85 2.52
CA ASN M 67 4.37 17.97 3.35
C ASN M 67 4.92 16.60 3.77
N THR M 68 4.32 15.50 3.29
CA THR M 68 4.76 14.21 3.79
C THR M 68 5.64 13.46 2.80
N GLU M 69 6.94 13.27 3.10
CA GLU M 69 7.80 12.48 2.19
C GLU M 69 7.06 11.24 1.50
N GLY M 70 6.39 10.42 2.31
CA GLY M 70 5.87 9.16 1.80
C GLY M 70 4.78 9.42 0.76
N PHE M 71 3.99 10.45 1.03
CA PHE M 71 2.88 10.81 0.17
C PHE M 71 3.39 11.26 -1.20
N ILE M 72 4.52 11.98 -1.24
CA ILE M 72 5.16 12.35 -2.47
C ILE M 72 5.67 11.10 -3.17
N ILE M 73 6.25 10.15 -2.45
CA ILE M 73 6.68 8.89 -3.09
C ILE M 73 5.46 8.15 -3.69
N ASP M 74 4.39 8.00 -2.90
CA ASP M 74 3.17 7.39 -3.34
C ASP M 74 2.78 8.01 -4.65
N ARG M 75 2.83 9.34 -4.72
CA ARG M 75 2.32 10.06 -5.89
C ARG M 75 3.17 9.71 -7.09
N ILE M 76 4.47 9.69 -6.89
CA ILE M 76 5.38 9.33 -7.98
C ILE M 76 5.10 7.90 -8.54
N HIS M 77 4.82 6.94 -7.66
CA HIS M 77 4.40 5.65 -8.18
C HIS M 77 3.13 5.73 -9.05
N GLU M 78 2.14 6.51 -8.56
CA GLU M 78 0.83 6.71 -9.20
C GLU M 78 1.02 7.21 -10.61
N ALA M 79 1.79 8.28 -10.72
CA ALA M 79 2.28 8.83 -11.97
C ALA M 79 2.72 7.79 -13.02
N LYS M 80 3.64 6.90 -12.63
CA LYS M 80 4.02 5.83 -13.55
C LYS M 80 2.80 5.13 -14.13
N ARG M 81 1.86 4.66 -13.30
CA ARG M 81 0.71 3.91 -13.81
C ARG M 81 -0.20 4.75 -14.67
N GLN M 82 -0.19 6.05 -14.41
CA GLN M 82 -0.89 7.05 -15.24
C GLN M 82 -0.14 7.46 -16.50
N GLY M 83 1.00 6.87 -16.80
CA GLY M 83 1.73 7.23 -18.00
C GLY M 83 2.43 8.58 -18.03
N VAL M 84 2.67 9.19 -16.85
CA VAL M 84 3.28 10.50 -16.78
C VAL M 84 4.65 10.35 -17.41
N GLY M 85 4.93 11.15 -18.42
CA GLY M 85 6.18 11.05 -19.11
C GLY M 85 7.35 11.80 -18.52
N PHE M 86 7.10 12.80 -17.67
CA PHE M 86 8.12 13.75 -17.10
C PHE M 86 7.60 14.44 -15.84
N VAL M 87 8.47 14.58 -14.84
CA VAL M 87 8.16 15.28 -13.58
C VAL M 87 8.97 16.57 -13.48
N VAL M 88 8.34 17.65 -13.06
CA VAL M 88 9.06 18.84 -12.65
C VAL M 88 8.83 18.93 -11.17
N ILE M 89 9.88 18.91 -10.35
CA ILE M 89 9.69 18.86 -8.92
C ILE M 89 10.52 19.93 -8.18
N ASN M 90 9.90 20.55 -7.16
CA ASN M 90 10.58 21.40 -6.18
C ASN M 90 10.25 20.76 -4.84
N ALA M 91 11.25 20.06 -4.29
CA ALA M 91 11.03 19.13 -3.22
C ALA M 91 11.12 19.85 -1.85
N GLY M 92 11.32 21.17 -1.88
CA GLY M 92 11.54 21.93 -0.66
C GLY M 92 12.61 21.25 0.17
N ALA M 93 12.45 21.25 1.49
CA ALA M 93 13.51 20.67 2.30
C ALA M 93 13.88 19.24 1.84
N TYR M 94 12.88 18.49 1.30
CA TYR M 94 13.14 17.11 0.94
C TYR M 94 14.25 17.00 -0.12
N THR M 95 14.52 18.04 -0.91
CA THR M 95 15.76 18.05 -1.72
C THR M 95 16.97 17.59 -0.94
N HIS M 96 17.10 17.96 0.33
CA HIS M 96 18.38 17.75 0.96
C HIS M 96 18.35 16.55 1.83
N THR M 97 17.20 15.92 1.99
CA THR M 97 17.14 14.86 2.94
C THR M 97 16.55 13.59 2.45
N SER M 98 15.85 13.59 1.31
CA SER M 98 15.04 12.44 0.85
C SER M 98 15.67 11.54 -0.23
N VAL M 99 16.40 10.52 0.25
CA VAL M 99 16.87 9.48 -0.64
C VAL M 99 15.66 8.78 -1.20
N GLY M 100 14.59 8.70 -0.42
CA GLY M 100 13.43 7.98 -0.89
C GLY M 100 12.76 8.64 -2.07
N ILE M 101 12.70 9.98 -2.10
CA ILE M 101 12.18 10.63 -3.33
C ILE M 101 13.10 10.29 -4.54
N ARG M 102 14.42 10.33 -4.36
CA ARG M 102 15.39 10.06 -5.44
C ARG M 102 15.05 8.69 -6.02
N ASP M 103 14.93 7.71 -5.12
CA ASP M 103 14.78 6.37 -5.53
C ASP M 103 13.41 6.14 -6.17
N ALA M 104 12.43 6.98 -5.83
CA ALA M 104 11.10 6.82 -6.42
C ALA M 104 11.11 7.24 -7.90
N LEU M 105 11.87 8.30 -8.18
CA LEU M 105 12.03 8.76 -9.53
C LEU M 105 12.91 7.78 -10.33
N LEU M 106 13.98 7.31 -9.73
CA LEU M 106 14.82 6.38 -10.45
C LEU M 106 14.09 5.07 -10.67
N GLY M 107 13.37 4.64 -9.62
CA GLY M 107 12.54 3.45 -9.63
C GLY M 107 11.49 3.36 -10.68
N THR M 108 10.73 4.44 -10.91
CA THR M 108 9.70 4.46 -11.96
C THR M 108 10.29 4.88 -13.28
N ALA M 109 11.57 5.33 -13.22
CA ALA M 109 12.35 5.79 -14.37
C ALA M 109 11.68 6.97 -15.07
N ILE M 110 11.15 7.93 -14.31
CA ILE M 110 10.61 9.13 -14.94
C ILE M 110 11.64 10.27 -14.92
N PRO M 111 11.97 10.82 -16.09
CA PRO M 111 12.90 11.96 -16.06
C PRO M 111 12.33 13.20 -15.32
N PHE M 112 13.18 14.04 -14.76
CA PHE M 112 12.68 15.17 -13.97
C PHE M 112 13.64 16.33 -13.98
N ILE M 113 13.10 17.52 -13.75
CA ILE M 113 13.89 18.74 -13.60
C ILE M 113 13.63 19.21 -12.19
N GLU M 114 14.67 19.58 -11.46
CA GLU M 114 14.57 20.03 -10.09
C GLU M 114 14.48 21.57 -10.14
N VAL M 115 13.48 22.15 -9.46
CA VAL M 115 13.32 23.61 -9.39
C VAL M 115 13.55 24.21 -7.98
N HIS M 116 14.29 25.32 -7.87
CA HIS M 116 14.19 26.08 -6.65
C HIS M 116 13.73 27.51 -6.92
N ILE M 117 12.76 28.04 -6.16
CA ILE M 117 12.30 29.38 -6.46
C ILE M 117 13.43 30.39 -6.20
N THR M 118 14.20 30.22 -5.13
CA THR M 118 15.28 31.16 -4.88
C THR M 118 16.61 30.47 -5.04
N ASN M 119 17.69 31.21 -5.00
CA ASN M 119 18.93 30.55 -5.21
C ASN M 119 19.44 29.84 -3.93
N VAL M 120 19.35 28.53 -3.88
CA VAL M 120 19.88 27.85 -2.66
C VAL M 120 21.36 28.01 -2.44
N HIS M 121 22.14 28.27 -3.48
CA HIS M 121 23.58 28.44 -3.22
C HIS M 121 23.87 29.62 -2.33
N GLN M 122 22.90 30.51 -2.17
CA GLN M 122 23.06 31.68 -1.38
C GLN M 122 22.86 31.38 0.08
N ARG M 123 22.48 30.16 0.41
CA ARG M 123 22.02 29.86 1.73
C ARG M 123 22.95 28.93 2.53
N GLU M 124 22.43 28.30 3.57
CA GLU M 124 23.27 27.58 4.52
C GLU M 124 23.93 26.39 3.72
N PRO M 125 25.29 26.20 3.79
CA PRO M 125 26.01 25.06 3.18
C PRO M 125 25.17 23.77 3.07
N PHE M 126 24.50 23.35 4.13
CA PHE M 126 23.78 22.05 3.99
C PHE M 126 22.76 22.13 2.89
N ARG M 127 22.38 23.33 2.48
CA ARG M 127 21.39 23.43 1.46
C ARG M 127 21.98 23.24 0.08
N HIS M 128 23.32 23.26 -0.03
CA HIS M 128 24.00 22.88 -1.27
C HIS M 128 23.94 21.39 -1.69
N GLN M 129 23.63 20.43 -0.78
CA GLN M 129 23.46 18.96 -1.03
C GLN M 129 22.18 18.76 -1.66
N SER M 130 22.12 18.00 -2.72
CA SER M 130 20.81 17.61 -3.16
C SER M 130 20.81 16.13 -3.45
N TYR M 131 19.83 15.40 -2.95
CA TYR M 131 19.68 14.01 -3.36
C TYR M 131 19.02 13.81 -4.73
N LEU M 132 18.63 14.94 -5.37
CA LEU M 132 18.07 14.93 -6.74
C LEU M 132 18.94 15.36 -7.92
N SER M 133 19.73 16.42 -7.79
CA SER M 133 20.57 16.98 -8.87
C SER M 133 21.32 15.99 -9.70
N ASP M 134 22.02 15.04 -9.12
CA ASP M 134 22.84 14.28 -10.01
C ASP M 134 22.09 13.32 -10.84
N LYS M 135 20.84 13.14 -10.51
CA LYS M 135 20.02 12.30 -11.36
C LYS M 135 19.07 13.04 -12.25
N ALA M 136 18.94 14.34 -12.02
CA ALA M 136 17.98 15.18 -12.71
C ALA M 136 18.40 15.51 -14.14
N VAL M 137 17.47 15.85 -15.02
CA VAL M 137 17.87 16.18 -16.39
C VAL M 137 18.50 17.58 -16.36
N ALA M 138 17.87 18.49 -15.62
CA ALA M 138 18.44 19.78 -15.32
C ALA M 138 18.09 20.24 -13.93
N VAL M 139 18.71 21.34 -13.56
CA VAL M 139 18.35 21.91 -12.29
C VAL M 139 18.39 23.40 -12.49
N ILE M 140 17.24 24.03 -12.25
CA ILE M 140 17.07 25.48 -12.33
C ILE M 140 16.92 26.01 -10.92
N CYS M 141 17.74 26.98 -10.53
CA CYS M 141 17.37 27.66 -9.31
C CYS M 141 17.58 29.15 -9.17
N GLY M 142 16.72 29.78 -8.38
CA GLY M 142 16.70 31.26 -8.25
C GLY M 142 16.13 31.99 -9.43
N LEU M 143 15.39 31.29 -10.29
CA LEU M 143 14.80 31.95 -11.44
C LEU M 143 13.38 32.44 -11.11
N GLY M 144 13.01 32.36 -9.83
CA GLY M 144 11.75 32.93 -9.38
C GLY M 144 10.75 31.88 -9.79
N VAL M 145 9.49 32.26 -9.77
CA VAL M 145 8.45 31.42 -10.30
C VAL M 145 8.65 31.00 -11.75
N TYR M 146 9.30 31.82 -12.57
CA TYR M 146 9.65 31.46 -13.92
C TYR M 146 10.40 30.12 -13.99
N GLY M 147 11.17 29.78 -12.96
CA GLY M 147 11.82 28.49 -12.96
C GLY M 147 10.82 27.39 -13.27
N TYR M 148 9.63 27.53 -12.78
CA TYR M 148 8.66 26.48 -13.07
C TYR M 148 8.26 26.50 -14.55
N THR M 149 8.09 27.69 -15.14
CA THR M 149 7.68 27.80 -16.55
C THR M 149 8.75 27.20 -17.46
N ALA M 150 10.03 27.50 -17.17
CA ALA M 150 11.05 27.02 -18.08
C ALA M 150 11.22 25.45 -17.97
N ALA M 151 11.19 24.89 -16.74
CA ALA M 151 11.19 23.45 -16.69
C ALA M 151 9.95 22.90 -17.45
N ILE M 152 8.80 23.59 -17.39
CA ILE M 152 7.71 23.04 -18.12
C ILE M 152 7.88 23.13 -19.66
N GLU M 153 8.45 24.22 -20.18
CA GLU M 153 8.79 24.27 -21.63
C GLU M 153 9.61 23.08 -22.04
N TYR M 154 10.73 22.87 -21.32
CA TYR M 154 11.77 21.90 -21.63
C TYR M 154 11.10 20.56 -21.66
N ALA M 155 10.34 20.36 -20.58
CA ALA M 155 9.58 19.18 -20.30
C ALA M 155 8.78 18.83 -21.53
N LEU M 156 8.06 19.80 -22.03
CA LEU M 156 7.18 19.53 -23.12
C LEU M 156 7.88 19.39 -24.48
N ASN M 157 9.19 19.61 -24.60
CA ASN M 157 9.86 19.20 -25.85
C ASN M 157 10.89 18.18 -25.59
N TYR M 158 10.51 17.15 -24.86
CA TYR M 158 11.46 16.13 -24.55
C TYR M 158 11.06 14.81 -25.20
N GLN M 159 12.03 14.26 -25.95
CA GLN M 159 12.31 12.80 -26.22
C GLN M 159 11.28 11.68 -26.10
N LEU M 160 10.56 11.47 -27.22
CA LEU M 160 9.32 10.58 -27.33
C LEU M 160 9.27 9.48 -26.20
N LEU N 13 12.66 -19.55 22.33
CA LEU N 13 12.79 -19.36 20.83
C LEU N 13 11.64 -18.57 20.18
N VAL N 14 11.99 -17.56 19.37
CA VAL N 14 11.05 -16.66 18.70
C VAL N 14 10.07 -17.41 17.81
N LYS N 15 8.84 -16.91 17.69
CA LYS N 15 7.82 -17.61 16.95
C LYS N 15 7.01 -16.64 16.15
N LYS N 16 7.04 -15.37 16.53
CA LYS N 16 6.25 -14.39 15.81
C LYS N 16 7.22 -13.32 15.23
N VAL N 17 7.49 -13.33 13.91
CA VAL N 17 8.43 -12.44 13.29
C VAL N 17 7.75 -11.41 12.41
N LEU N 18 8.28 -10.18 12.32
CA LEU N 18 7.65 -9.18 11.43
C LEU N 18 8.59 -8.82 10.27
N LEU N 19 8.15 -9.08 9.02
CA LEU N 19 8.87 -8.55 7.85
C LEU N 19 8.42 -7.13 7.43
N ILE N 20 9.33 -6.14 7.48
CA ILE N 20 9.06 -4.80 6.97
C ILE N 20 9.86 -4.52 5.71
N ASN N 21 9.19 -4.08 4.64
CA ASN N 21 9.89 -3.44 3.52
C ASN N 21 9.56 -1.95 3.45
N GLY N 22 10.57 -1.11 3.22
CA GLY N 22 10.36 0.33 3.12
C GLY N 22 10.07 0.86 1.72
N PRO N 23 10.33 2.15 1.51
CA PRO N 23 9.92 2.83 0.30
C PRO N 23 10.35 2.20 -0.99
N ASN N 24 9.48 2.25 -1.96
CA ASN N 24 9.79 1.81 -3.33
C ASN N 24 9.91 0.31 -3.50
N LEU N 25 9.97 -0.47 -2.43
CA LEU N 25 10.15 -1.85 -2.67
C LEU N 25 8.91 -2.47 -3.30
N ASN N 26 7.78 -1.83 -3.19
CA ASN N 26 6.60 -2.27 -3.86
C ASN N 26 6.78 -2.31 -5.39
N LEU N 27 7.95 -1.90 -5.87
CA LEU N 27 8.19 -1.62 -7.32
C LEU N 27 9.09 -2.68 -7.88
N LEU N 28 9.55 -3.58 -6.99
CA LEU N 28 10.27 -4.69 -7.53
C LEU N 28 9.27 -5.63 -8.07
N GLY N 29 9.59 -6.22 -9.21
CA GLY N 29 10.72 -5.96 -10.04
C GLY N 29 10.04 -5.60 -11.35
N THR N 30 9.94 -4.30 -11.55
CA THR N 30 9.19 -3.76 -12.64
C THR N 30 10.15 -3.11 -13.64
N ARG N 31 11.46 -3.04 -13.30
CA ARG N 31 12.47 -2.56 -14.32
C ARG N 31 13.08 -3.49 -15.51
N TYR N 36 17.11 -7.64 -10.71
CA TYR N 36 16.82 -7.48 -12.12
C TYR N 36 15.95 -8.74 -12.68
N GLY N 37 15.37 -9.53 -11.78
CA GLY N 37 14.46 -10.64 -12.21
C GLY N 37 12.99 -10.25 -12.13
N THR N 38 12.07 -11.16 -12.42
CA THR N 38 10.71 -10.76 -12.30
C THR N 38 10.02 -10.87 -10.89
N THR N 39 10.80 -10.87 -9.82
CA THR N 39 10.26 -11.16 -8.52
C THR N 39 9.60 -9.95 -7.93
N SER N 40 8.33 -10.06 -7.54
CA SER N 40 7.59 -8.94 -6.94
C SER N 40 7.64 -8.89 -5.43
N LEU N 41 7.29 -7.75 -4.85
CA LEU N 41 7.25 -7.65 -3.41
C LEU N 41 6.36 -8.74 -2.91
N SER N 42 5.24 -8.98 -3.62
CA SER N 42 4.26 -9.82 -3.05
C SER N 42 4.68 -11.28 -3.15
N ASP N 43 5.77 -11.52 -3.87
CA ASP N 43 6.39 -12.83 -3.95
C ASP N 43 7.17 -13.05 -2.69
N ILE N 44 8.09 -12.15 -2.42
CA ILE N 44 8.90 -12.14 -1.23
C ILE N 44 8.06 -12.34 0.03
N GLU N 45 6.91 -11.67 0.05
CA GLU N 45 6.05 -11.68 1.19
C GLU N 45 5.47 -13.07 1.33
N GLN N 46 4.97 -13.63 0.24
CA GLN N 46 4.34 -14.93 0.29
C GLN N 46 5.34 -16.00 0.67
N ALA N 47 6.64 -15.75 0.47
CA ALA N 47 7.60 -16.81 0.53
C ALA N 47 7.89 -16.83 1.98
N ALA N 48 7.98 -15.62 2.52
CA ALA N 48 8.19 -15.35 3.94
C ALA N 48 7.06 -15.99 4.76
N ILE N 49 5.81 -15.68 4.43
CA ILE N 49 4.66 -16.20 5.16
C ILE N 49 4.65 -17.70 5.20
N GLU N 50 5.10 -18.30 4.10
CA GLU N 50 5.12 -19.74 4.02
C GLU N 50 6.33 -20.36 4.65
N GLN N 51 7.45 -19.65 4.70
CA GLN N 51 8.63 -20.18 5.33
C GLN N 51 8.28 -20.54 6.75
N ALA N 52 7.57 -19.62 7.42
CA ALA N 52 7.18 -19.75 8.82
C ALA N 52 6.15 -20.88 9.03
N LYS N 53 5.08 -20.84 8.26
CA LYS N 53 4.04 -21.85 8.29
C LYS N 53 4.58 -23.24 8.16
N LEU N 54 5.52 -23.44 7.24
CA LEU N 54 6.13 -24.75 7.01
C LEU N 54 6.93 -25.31 8.19
N LYS N 55 7.32 -24.48 9.14
CA LYS N 55 7.87 -25.00 10.40
C LYS N 55 6.78 -25.70 11.26
N ASN N 56 5.52 -25.72 10.83
CA ASN N 56 4.47 -26.43 11.58
C ASN N 56 4.32 -26.20 13.08
N ASN N 57 4.93 -25.18 13.65
CA ASN N 57 5.02 -25.05 15.10
C ASN N 57 4.42 -23.78 15.60
N ASP N 58 3.30 -23.39 15.04
CA ASP N 58 2.63 -22.17 15.47
C ASP N 58 3.59 -21.00 15.48
N SER N 59 4.41 -20.91 14.42
CA SER N 59 5.22 -19.73 14.06
C SER N 59 4.39 -18.88 13.12
N GLU N 60 4.91 -17.72 12.75
CA GLU N 60 4.16 -16.71 12.04
C GLU N 60 5.08 -15.54 11.65
N VAL N 61 5.01 -15.12 10.37
CA VAL N 61 5.69 -13.93 9.84
C VAL N 61 4.66 -12.92 9.34
N LEU N 62 4.59 -11.75 9.94
CA LEU N 62 3.67 -10.75 9.44
C LEU N 62 4.33 -9.87 8.36
N VAL N 63 3.55 -9.26 7.49
CA VAL N 63 4.22 -8.47 6.46
C VAL N 63 3.81 -7.01 6.40
N PHE N 64 4.72 -6.11 6.09
CA PHE N 64 4.35 -4.71 5.98
C PHE N 64 5.26 -4.09 4.94
N GLN N 65 4.69 -3.24 4.05
CA GLN N 65 5.48 -2.30 3.31
C GLN N 65 4.83 -0.93 3.32
N SER N 66 5.65 0.10 3.27
CA SER N 66 5.19 1.49 3.26
C SER N 66 6.23 2.41 2.75
N ASN N 67 5.77 3.49 2.14
CA ASN N 67 6.64 4.46 1.62
C ASN N 67 6.89 5.58 2.62
N THR N 68 6.06 5.64 3.69
CA THR N 68 6.08 6.69 4.67
C THR N 68 6.87 6.42 5.95
N GLU N 69 7.95 7.15 6.21
CA GLU N 69 8.75 6.92 7.46
C GLU N 69 7.82 6.73 8.71
N GLY N 70 6.90 7.68 8.88
CA GLY N 70 5.93 7.65 9.98
C GLY N 70 5.19 6.34 10.14
N PHE N 71 4.69 5.78 9.05
CA PHE N 71 3.94 4.56 9.10
C PHE N 71 4.85 3.37 9.42
N ILE N 72 6.07 3.36 8.92
CA ILE N 72 6.94 2.28 9.29
C ILE N 72 7.21 2.34 10.78
N ILE N 73 7.43 3.55 11.32
CA ILE N 73 7.61 3.69 12.76
C ILE N 73 6.35 3.22 13.52
N ASP N 74 5.18 3.68 13.06
CA ASP N 74 3.93 3.26 13.70
C ASP N 74 3.85 1.76 13.74
N ARG N 75 4.26 1.09 12.69
CA ARG N 75 4.06 -0.34 12.54
C ARG N 75 4.95 -1.06 13.51
N ILE N 76 6.14 -0.51 13.71
CA ILE N 76 7.05 -1.11 14.64
C ILE N 76 6.49 -0.98 16.04
N HIS N 77 5.81 0.14 16.39
CA HIS N 77 5.20 0.21 17.74
C HIS N 77 4.14 -0.84 17.90
N GLU N 78 3.27 -0.98 16.89
CA GLU N 78 2.17 -1.95 16.86
C GLU N 78 2.71 -3.35 17.09
N ALA N 79 3.79 -3.66 16.37
CA ALA N 79 4.52 -4.93 16.51
C ALA N 79 4.90 -5.28 17.96
N LYS N 80 5.36 -4.31 18.75
CA LYS N 80 5.49 -4.53 20.21
C LYS N 80 4.17 -4.86 20.89
N ARG N 81 3.09 -4.13 20.65
CA ARG N 81 1.81 -4.51 21.26
C ARG N 81 1.43 -5.97 20.95
N GLN N 82 1.85 -6.44 19.77
CA GLN N 82 1.52 -7.78 19.29
C GLN N 82 2.42 -8.90 19.83
N GLY N 83 3.42 -8.55 20.64
CA GLY N 83 4.51 -9.45 20.97
C GLY N 83 5.26 -10.08 19.79
N VAL N 84 5.52 -9.31 18.72
CA VAL N 84 6.50 -9.68 17.70
C VAL N 84 7.87 -9.79 18.37
N GLY N 85 8.61 -10.85 18.09
CA GLY N 85 9.81 -11.14 18.82
C GLY N 85 11.07 -10.79 18.04
N PHE N 86 10.93 -10.55 16.73
CA PHE N 86 12.07 -10.28 15.81
C PHE N 86 11.54 -9.60 14.55
N VAL N 87 12.37 -8.74 13.96
CA VAL N 87 11.97 -7.97 12.75
C VAL N 87 13.02 -8.18 11.68
N VAL N 88 12.59 -8.51 10.46
CA VAL N 88 13.46 -8.55 9.28
C VAL N 88 13.02 -7.36 8.44
N ILE N 89 13.91 -6.37 8.32
CA ILE N 89 13.60 -5.09 7.64
C ILE N 89 14.62 -4.84 6.51
N ASN N 90 14.08 -4.45 5.35
CA ASN N 90 14.85 -3.86 4.27
C ASN N 90 14.24 -2.49 4.19
N ALA N 91 14.83 -1.52 4.91
CA ALA N 91 14.34 -0.13 4.93
C ALA N 91 14.45 0.64 3.60
N GLY N 92 14.92 0.01 2.53
CA GLY N 92 15.19 0.77 1.30
C GLY N 92 15.94 2.06 1.60
N ALA N 93 15.52 3.16 0.98
CA ALA N 93 16.20 4.45 1.15
C ALA N 93 16.23 4.91 2.61
N TYR N 94 15.19 4.60 3.37
CA TYR N 94 15.19 4.96 4.75
C TYR N 94 16.43 4.44 5.52
N THR N 95 17.11 3.40 5.02
CA THR N 95 18.30 2.92 5.70
C THR N 95 19.35 4.00 5.88
N HIS N 96 19.42 4.92 4.92
CA HIS N 96 20.46 5.90 4.95
C HIS N 96 19.98 7.18 5.58
N THR N 97 18.69 7.33 5.89
CA THR N 97 18.21 8.66 6.24
C THR N 97 17.39 8.73 7.49
N SER N 98 16.83 7.58 7.93
CA SER N 98 15.81 7.57 9.00
C SER N 98 16.37 7.15 10.34
N VAL N 99 16.67 8.15 11.15
CA VAL N 99 17.10 7.89 12.55
C VAL N 99 15.88 7.41 13.30
N GLY N 100 14.70 7.81 12.85
CA GLY N 100 13.52 7.52 13.61
C GLY N 100 13.13 6.07 13.53
N ILE N 101 13.26 5.44 12.36
CA ILE N 101 13.11 3.98 12.32
C ILE N 101 14.08 3.34 13.32
N ARG N 102 15.34 3.78 13.29
CA ARG N 102 16.34 3.20 14.21
C ARG N 102 15.84 3.27 15.66
N ASP N 103 15.39 4.45 16.10
CA ASP N 103 14.86 4.65 17.45
C ASP N 103 13.57 3.90 17.79
N ALA N 104 12.73 3.64 16.80
CA ALA N 104 11.54 2.85 17.00
C ALA N 104 11.96 1.44 17.33
N LEU N 105 12.93 0.90 16.60
CA LEU N 105 13.42 -0.47 16.93
C LEU N 105 14.09 -0.50 18.32
N LEU N 106 14.89 0.48 18.66
CA LEU N 106 15.47 0.43 20.02
C LEU N 106 14.45 0.76 21.08
N GLY N 107 13.45 1.57 20.72
CA GLY N 107 12.42 1.96 21.68
C GLY N 107 11.55 0.80 22.11
N THR N 108 11.25 -0.09 21.18
CA THR N 108 10.39 -1.22 21.41
C THR N 108 11.22 -2.43 21.74
N ALA N 109 12.54 -2.30 21.56
CA ALA N 109 13.47 -3.32 22.04
C ALA N 109 13.36 -4.63 21.26
N ILE N 110 12.88 -4.58 20.01
CA ILE N 110 12.78 -5.78 19.20
C ILE N 110 14.10 -5.97 18.46
N PRO N 111 14.74 -7.15 18.52
CA PRO N 111 15.92 -7.29 17.67
C PRO N 111 15.58 -7.41 16.14
N PHE N 112 16.58 -7.22 15.26
CA PHE N 112 16.31 -7.21 13.83
C PHE N 112 17.49 -7.44 12.96
N ILE N 113 17.18 -7.79 11.71
CA ILE N 113 18.16 -7.95 10.65
C ILE N 113 17.92 -6.97 9.50
N GLU N 114 18.95 -6.28 9.01
CA GLU N 114 18.80 -5.33 7.92
C GLU N 114 19.13 -6.11 6.64
N VAL N 115 18.23 -6.04 5.65
CA VAL N 115 18.43 -6.74 4.39
C VAL N 115 18.51 -5.74 3.29
N HIS N 116 19.43 -5.94 2.34
CA HIS N 116 19.38 -5.27 1.04
C HIS N 116 19.40 -6.28 -0.11
N ILE N 117 18.42 -6.28 -1.01
CA ILE N 117 18.42 -7.23 -2.12
C ILE N 117 19.73 -7.20 -2.88
N THR N 118 20.27 -6.02 -3.15
CA THR N 118 21.48 -5.93 -3.99
C THR N 118 22.64 -5.41 -3.12
N ASN N 119 23.84 -5.33 -3.68
CA ASN N 119 24.97 -4.92 -2.83
C ASN N 119 25.18 -3.42 -2.80
N VAL N 120 24.62 -2.76 -1.77
CA VAL N 120 24.77 -1.32 -1.59
C VAL N 120 26.22 -0.84 -1.71
N HIS N 121 27.17 -1.65 -1.33
CA HIS N 121 28.56 -1.24 -1.31
C HIS N 121 29.10 -0.97 -2.70
N GLN N 122 28.35 -1.45 -3.69
CA GLN N 122 28.69 -1.30 -5.06
C GLN N 122 28.20 0.00 -5.64
N ARG N 123 27.49 0.81 -4.84
CA ARG N 123 26.73 1.93 -5.32
C ARG N 123 27.26 3.23 -4.77
N GLU N 124 26.58 4.35 -5.03
CA GLU N 124 27.04 5.65 -4.54
C GLU N 124 27.42 5.53 -3.07
N PRO N 125 28.56 6.15 -2.69
CA PRO N 125 29.10 6.23 -1.35
C PRO N 125 28.07 6.70 -0.33
N PHE N 126 27.16 7.62 -0.61
CA PHE N 126 26.13 7.86 0.44
C PHE N 126 25.44 6.60 0.88
N ARG N 127 25.40 5.54 0.09
CA ARG N 127 24.59 4.41 0.50
C ARG N 127 25.38 3.50 1.40
N HIS N 128 26.65 3.73 1.52
CA HIS N 128 27.42 3.00 2.49
C HIS N 128 27.05 3.34 3.94
N GLN N 129 26.46 4.50 4.25
CA GLN N 129 26.03 4.79 5.58
C GLN N 129 24.68 4.18 5.83
N SER N 130 24.44 3.72 7.05
CA SER N 130 23.21 3.10 7.42
C SER N 130 22.87 3.52 8.84
N TYR N 131 21.62 3.87 9.16
CA TYR N 131 21.31 4.10 10.54
C TYR N 131 20.77 2.88 11.18
N LEU N 132 20.71 1.72 10.48
CA LEU N 132 20.37 0.47 11.16
C LEU N 132 21.58 -0.48 11.47
N SER N 133 22.61 -0.49 10.64
CA SER N 133 23.70 -1.50 10.75
C SER N 133 24.30 -1.67 12.12
N ASP N 134 24.62 -0.62 12.84
CA ASP N 134 25.32 -0.85 14.09
C ASP N 134 24.46 -1.30 15.24
N LYS N 135 23.15 -1.29 15.08
CA LYS N 135 22.19 -1.84 16.07
C LYS N 135 21.52 -3.13 15.57
N ALA N 136 21.67 -3.47 14.30
CA ALA N 136 21.19 -4.74 13.82
C ALA N 136 21.91 -5.92 14.46
N VAL N 137 21.21 -7.03 14.56
CA VAL N 137 21.86 -8.28 14.89
C VAL N 137 22.73 -8.68 13.72
N ALA N 138 22.25 -8.52 12.52
CA ALA N 138 23.05 -8.80 11.34
C ALA N 138 22.68 -7.94 10.14
N VAL N 139 23.58 -7.85 9.19
CA VAL N 139 23.25 -7.12 7.97
C VAL N 139 23.54 -8.04 6.82
N ILE N 140 22.53 -8.32 6.03
CA ILE N 140 22.70 -9.20 4.85
C ILE N 140 22.51 -8.33 3.64
N CYS N 141 23.50 -8.26 2.77
CA CYS N 141 23.29 -7.40 1.65
C CYS N 141 23.90 -7.89 0.33
N GLY N 142 23.05 -8.00 -0.70
CA GLY N 142 23.45 -8.49 -2.00
C GLY N 142 23.16 -9.94 -2.18
N LEU N 143 22.39 -10.50 -1.28
CA LEU N 143 22.21 -11.92 -1.45
C LEU N 143 20.95 -12.24 -2.27
N GLY N 144 20.47 -11.23 -2.98
CA GLY N 144 19.27 -11.30 -3.76
C GLY N 144 18.08 -11.34 -2.87
N VAL N 145 17.02 -11.90 -3.37
CA VAL N 145 15.87 -12.14 -2.59
C VAL N 145 16.09 -13.15 -1.45
N TYR N 146 17.05 -14.08 -1.62
CA TYR N 146 17.41 -15.09 -0.64
C TYR N 146 17.87 -14.40 0.66
N GLY N 147 18.27 -13.15 0.55
CA GLY N 147 18.50 -12.37 1.75
C GLY N 147 17.39 -12.56 2.75
N TYR N 148 16.15 -12.28 2.35
CA TYR N 148 15.00 -12.40 3.26
C TYR N 148 14.91 -13.81 3.74
N THR N 149 15.04 -14.79 2.85
CA THR N 149 15.04 -16.16 3.38
C THR N 149 16.08 -16.41 4.51
N ALA N 150 17.32 -15.99 4.35
CA ALA N 150 18.31 -16.29 5.35
C ALA N 150 18.03 -15.53 6.67
N ALA N 151 17.62 -14.26 6.58
CA ALA N 151 17.33 -13.49 7.78
C ALA N 151 16.17 -14.14 8.57
N ILE N 152 15.15 -14.65 7.89
CA ILE N 152 14.01 -15.28 8.54
C ILE N 152 14.41 -16.61 9.24
N GLU N 153 15.35 -17.34 8.64
CA GLU N 153 15.78 -18.59 9.22
C GLU N 153 16.50 -18.30 10.52
N TYR N 154 17.26 -17.22 10.51
CA TYR N 154 17.98 -16.85 11.70
C TYR N 154 17.00 -16.39 12.78
N ALA N 155 16.00 -15.61 12.37
CA ALA N 155 15.03 -15.03 13.27
C ALA N 155 14.36 -16.18 13.98
N LEU N 156 13.88 -17.15 13.21
CA LEU N 156 13.03 -18.20 13.77
C LEU N 156 13.85 -19.12 14.63
N ASN N 157 15.14 -18.90 14.63
CA ASN N 157 16.00 -19.64 15.46
C ASN N 157 16.67 -18.86 16.57
N TYR N 158 16.09 -17.73 16.97
CA TYR N 158 16.76 -16.82 17.85
C TYR N 158 16.26 -16.96 19.27
N GLN N 159 17.20 -17.27 20.16
CA GLN N 159 17.17 -17.01 21.62
C GLN N 159 16.10 -16.02 22.20
N LEU N 160 14.97 -16.50 22.77
CA LEU N 160 13.86 -15.58 23.20
C LEU N 160 14.16 -14.73 24.43
N LEU O 13 3.36 39.66 25.79
CA LEU O 13 3.39 38.24 26.33
C LEU O 13 2.52 37.15 25.63
N VAL O 14 3.06 35.92 25.51
CA VAL O 14 2.44 34.82 24.71
C VAL O 14 1.24 34.19 25.47
N LYS O 15 0.29 33.61 24.73
CA LYS O 15 -0.84 32.96 25.39
C LYS O 15 -1.15 31.59 24.80
N LYS O 16 -1.12 31.48 23.48
CA LYS O 16 -1.31 30.22 22.79
C LYS O 16 0.11 29.64 22.59
N VAL O 17 0.44 28.54 23.28
CA VAL O 17 1.73 27.83 23.16
C VAL O 17 1.48 26.41 22.70
N LEU O 18 2.26 25.87 21.76
CA LEU O 18 2.04 24.49 21.31
C LEU O 18 3.16 23.56 21.73
N LEU O 19 2.82 22.50 22.45
CA LEU O 19 3.80 21.49 22.79
C LEU O 19 3.74 20.38 21.73
N ILE O 20 4.88 20.14 21.05
CA ILE O 20 5.03 19.05 20.08
C ILE O 20 6.06 18.02 20.53
N ASN O 21 5.74 16.73 20.41
CA ASN O 21 6.72 15.68 20.55
C ASN O 21 6.69 14.81 19.30
N GLY O 22 7.86 14.36 18.85
CA GLY O 22 8.01 13.73 17.52
C GLY O 22 8.05 12.24 17.68
N PRO O 23 8.71 11.51 16.80
CA PRO O 23 8.47 10.10 16.82
C PRO O 23 8.99 9.36 18.03
N ASN O 24 8.38 8.25 18.28
CA ASN O 24 8.75 7.37 19.38
C ASN O 24 8.51 7.89 20.78
N LEU O 25 8.34 9.21 20.96
CA LEU O 25 8.05 9.77 22.28
C LEU O 25 6.78 9.22 22.98
N ASN O 26 5.71 8.88 22.24
CA ASN O 26 4.64 8.07 22.79
C ASN O 26 5.11 6.91 23.64
N LEU O 27 6.32 6.42 23.40
CA LEU O 27 6.71 5.17 24.08
C LEU O 27 7.22 5.39 25.49
N LEU O 28 7.41 6.65 25.90
CA LEU O 28 8.04 6.82 27.20
C LEU O 28 6.99 6.51 28.19
N GLY O 29 7.27 5.74 29.21
CA GLY O 29 8.50 5.02 29.41
C GLY O 29 7.91 3.66 29.69
N THR O 30 7.81 2.83 28.65
CA THR O 30 7.38 1.47 28.75
C THR O 30 8.53 0.45 28.90
N ARG O 31 9.76 0.86 29.20
CA ARG O 31 10.78 -0.21 29.38
C ARG O 31 11.26 -0.73 30.81
N TYR O 36 13.30 6.54 31.22
CA TYR O 36 13.22 5.20 31.85
C TYR O 36 12.38 5.11 33.24
N GLY O 37 11.90 6.25 33.79
CA GLY O 37 11.02 6.23 35.00
C GLY O 37 9.63 6.05 34.47
N THR O 38 8.63 5.82 35.31
CA THR O 38 7.32 5.51 34.72
C THR O 38 6.54 6.70 34.12
N THR O 39 7.25 7.72 33.60
CA THR O 39 6.64 8.97 33.14
C THR O 39 6.20 8.82 31.74
N SER O 40 4.92 9.01 31.48
CA SER O 40 4.38 8.81 30.17
C SER O 40 4.26 10.12 29.40
N LEU O 41 4.11 10.05 28.08
CA LEU O 41 3.97 11.27 27.27
C LEU O 41 2.71 11.98 27.75
N SER O 42 1.62 11.23 27.89
CA SER O 42 0.39 11.70 28.49
C SER O 42 0.65 12.54 29.73
N ASP O 43 1.52 12.07 30.64
CA ASP O 43 1.86 12.83 31.83
C ASP O 43 2.39 14.25 31.50
N ILE O 44 3.38 14.30 30.63
CA ILE O 44 4.06 15.52 30.25
C ILE O 44 3.10 16.49 29.63
N GLU O 45 2.22 15.96 28.78
CA GLU O 45 1.16 16.78 28.14
C GLU O 45 0.28 17.41 29.18
N GLN O 46 -0.32 16.58 30.04
CA GLN O 46 -1.16 17.08 31.15
C GLN O 46 -0.49 18.17 31.98
N ALA O 47 0.77 17.95 32.39
CA ALA O 47 1.48 18.80 33.32
C ALA O 47 1.67 20.13 32.65
N ALA O 48 1.89 20.08 31.35
CA ALA O 48 2.05 21.27 30.54
C ALA O 48 0.71 22.02 30.41
N ILE O 49 -0.36 21.31 30.06
CA ILE O 49 -1.71 21.88 30.05
C ILE O 49 -2.09 22.54 31.39
N GLU O 50 -1.81 21.85 32.49
CA GLU O 50 -2.01 22.36 33.84
C GLU O 50 -1.18 23.59 34.13
N GLN O 51 0.00 23.66 33.56
CA GLN O 51 0.94 24.72 33.90
C GLN O 51 0.40 26.08 33.51
N ALA O 52 -0.11 26.13 32.27
CA ALA O 52 -0.81 27.29 31.72
C ALA O 52 -2.07 27.61 32.50
N LYS O 53 -2.94 26.64 32.75
CA LYS O 53 -4.20 26.87 33.50
C LYS O 53 -3.98 27.61 34.82
N LEU O 54 -3.01 27.15 35.62
CA LEU O 54 -2.63 27.78 36.87
C LEU O 54 -2.42 29.30 36.65
N LYS O 55 -1.64 29.71 35.64
CA LYS O 55 -1.39 31.15 35.38
C LYS O 55 -2.62 32.03 35.47
N ASN O 56 -3.79 31.48 35.13
CA ASN O 56 -5.08 32.17 35.30
C ASN O 56 -5.43 33.25 34.24
N ASN O 57 -4.44 33.66 33.46
CA ASN O 57 -4.63 34.78 32.57
C ASN O 57 -5.04 34.31 31.19
N ASP O 58 -6.02 33.41 31.10
CA ASP O 58 -6.51 32.98 29.80
C ASP O 58 -5.36 32.46 28.88
N SER O 59 -4.38 31.71 29.39
CA SER O 59 -3.42 31.03 28.48
C SER O 59 -3.59 29.51 28.34
N GLU O 60 -2.87 28.97 27.38
CA GLU O 60 -3.04 27.58 26.91
C GLU O 60 -1.76 26.96 26.38
N VAL O 61 -1.66 25.66 26.61
CA VAL O 61 -0.76 24.82 25.90
C VAL O 61 -1.68 23.92 25.12
N LEU O 62 -1.47 23.81 23.81
CA LEU O 62 -2.10 22.75 23.04
C LEU O 62 -1.07 21.64 22.84
N VAL O 63 -1.47 20.39 22.65
CA VAL O 63 -0.48 19.29 22.60
C VAL O 63 -0.57 18.46 21.32
N PHE O 64 0.56 18.07 20.78
CA PHE O 64 0.58 17.18 19.66
C PHE O 64 1.74 16.20 19.70
N GLN O 65 1.53 15.02 19.12
CA GLN O 65 2.59 14.05 19.00
C GLN O 65 2.29 13.20 17.78
N SER O 66 3.25 12.99 16.90
CA SER O 66 3.07 12.20 15.72
C SER O 66 4.40 11.49 15.39
N ASN O 67 4.35 10.37 14.70
CA ASN O 67 5.60 9.78 14.25
C ASN O 67 5.91 10.12 12.80
N THR O 68 4.96 10.79 12.09
CA THR O 68 5.20 11.26 10.76
C THR O 68 5.77 12.71 10.66
N GLU O 69 6.93 12.85 10.04
CA GLU O 69 7.46 14.17 9.79
C GLU O 69 6.34 15.07 9.14
N GLY O 70 5.77 14.57 8.05
CA GLY O 70 4.78 15.35 7.30
C GLY O 70 3.67 15.91 8.18
N PHE O 71 3.05 15.09 9.02
CA PHE O 71 2.11 15.56 10.01
C PHE O 71 2.61 16.59 11.00
N ILE O 72 3.84 16.45 11.50
CA ILE O 72 4.37 17.44 12.41
C ILE O 72 4.42 18.78 11.66
N ILE O 73 4.69 18.75 10.35
CA ILE O 73 4.78 19.99 9.56
C ILE O 73 3.36 20.54 9.41
N ASP O 74 2.43 19.68 8.97
CA ASP O 74 1.00 20.02 8.85
C ASP O 74 0.56 20.68 10.16
N ARG O 75 1.06 20.19 11.28
CA ARG O 75 0.60 20.69 12.59
C ARG O 75 1.14 22.08 12.84
N ILE O 76 2.36 22.36 12.39
CA ILE O 76 2.98 23.66 12.59
C ILE O 76 2.28 24.72 11.79
N HIS O 77 1.99 24.43 10.52
CA HIS O 77 1.15 25.26 9.66
C HIS O 77 -0.17 25.62 10.31
N GLU O 78 -0.85 24.58 10.80
CA GLU O 78 -2.09 24.66 11.54
C GLU O 78 -2.00 25.64 12.72
N ALA O 79 -0.98 25.48 13.54
CA ALA O 79 -0.65 26.30 14.67
C ALA O 79 -0.59 27.77 14.26
N LYS O 80 0.10 28.08 13.17
CA LYS O 80 0.16 29.47 12.77
C LYS O 80 -1.27 29.99 12.49
N ARG O 81 -2.15 29.14 11.92
CA ARG O 81 -3.55 29.52 11.67
C ARG O 81 -4.34 29.78 12.95
N GLN O 82 -3.93 29.15 14.05
CA GLN O 82 -4.63 29.32 15.33
C GLN O 82 -3.96 30.43 16.13
N GLY O 83 -3.07 31.16 15.44
CA GLY O 83 -2.29 32.20 16.06
C GLY O 83 -1.55 31.67 17.26
N VAL O 84 -1.04 30.44 17.19
CA VAL O 84 -0.05 30.00 18.19
C VAL O 84 1.11 31.01 18.19
N GLY O 85 1.54 31.49 19.34
CA GLY O 85 2.67 32.42 19.43
C GLY O 85 4.06 31.84 19.75
N PHE O 86 4.13 30.59 20.21
CA PHE O 86 5.40 29.96 20.57
C PHE O 86 5.30 28.50 20.48
N VAL O 87 6.39 27.80 20.11
CA VAL O 87 6.39 26.29 20.12
C VAL O 87 7.49 25.70 21.00
N VAL O 88 7.11 24.76 21.87
CA VAL O 88 8.08 23.98 22.65
C VAL O 88 8.02 22.63 21.97
N ILE O 89 9.16 22.23 21.39
CA ILE O 89 9.25 21.04 20.52
C ILE O 89 10.42 20.15 20.91
N ASN O 90 10.08 18.87 21.04
CA ASN O 90 11.04 17.82 21.19
C ASN O 90 10.72 16.97 19.99
N ALA O 91 11.53 17.13 18.95
CA ALA O 91 11.39 16.50 17.65
C ALA O 91 11.85 15.03 17.68
N GLY O 92 12.39 14.57 18.79
CA GLY O 92 12.88 13.21 18.87
C GLY O 92 13.88 12.98 17.73
N ALA O 93 13.88 11.79 17.10
CA ALA O 93 14.81 11.56 16.02
C ALA O 93 14.75 12.64 14.94
N TYR O 94 13.60 13.29 14.72
CA TYR O 94 13.54 14.24 13.62
C TYR O 94 14.42 15.46 13.80
N THR O 95 14.86 15.72 15.02
CA THR O 95 15.82 16.77 15.29
C THR O 95 17.03 16.63 14.36
N HIS O 96 17.39 15.40 14.02
CA HIS O 96 18.68 15.21 13.37
C HIS O 96 18.52 15.07 11.87
N THR O 97 17.29 14.86 11.39
CA THR O 97 17.15 14.48 10.02
C THR O 97 16.24 15.39 9.24
N SER O 98 15.42 16.20 9.92
CA SER O 98 14.30 16.90 9.30
C SER O 98 14.45 18.39 9.00
N VAL O 99 14.77 18.69 7.76
CA VAL O 99 14.90 20.09 7.39
C VAL O 99 13.51 20.64 7.14
N GLY O 100 12.55 19.80 6.77
CA GLY O 100 11.16 20.27 6.64
C GLY O 100 10.55 20.75 7.97
N ILE O 101 10.81 20.07 9.08
CA ILE O 101 10.33 20.67 10.31
C ILE O 101 10.99 22.04 10.50
N ARG O 102 12.30 22.16 10.26
CA ARG O 102 12.96 23.44 10.46
C ARG O 102 12.28 24.54 9.59
N ASP O 103 11.92 24.15 8.37
CA ASP O 103 11.54 25.11 7.38
C ASP O 103 10.08 25.58 7.58
N ALA O 104 9.31 24.73 8.29
CA ALA O 104 7.94 24.99 8.68
C ALA O 104 7.94 25.92 9.87
N LEU O 105 8.89 25.75 10.79
CA LEU O 105 9.02 26.71 11.89
C LEU O 105 9.44 28.10 11.33
N LEU O 106 10.38 28.07 10.38
CA LEU O 106 10.86 29.30 9.75
C LEU O 106 9.79 29.84 8.84
N GLY O 107 9.08 28.93 8.19
CA GLY O 107 7.96 29.28 7.27
C GLY O 107 6.95 30.12 8.00
N THR O 108 6.44 29.58 9.09
CA THR O 108 5.42 30.22 9.92
C THR O 108 5.91 31.28 10.89
N ALA O 109 7.23 31.44 11.02
CA ALA O 109 7.85 32.40 11.95
C ALA O 109 7.44 32.15 13.44
N ILE O 110 7.16 30.93 13.83
CA ILE O 110 6.82 30.73 15.22
C ILE O 110 8.08 30.47 16.06
N PRO O 111 8.37 31.32 17.05
CA PRO O 111 9.65 31.02 17.71
C PRO O 111 9.54 29.80 18.57
N PHE O 112 10.65 29.12 18.80
CA PHE O 112 10.57 27.81 19.46
C PHE O 112 11.70 27.46 20.40
N ILE O 113 11.44 26.59 21.36
CA ILE O 113 12.56 26.07 22.20
C ILE O 113 12.60 24.60 21.89
N GLU O 114 13.80 24.00 21.96
CA GLU O 114 13.99 22.62 21.50
C GLU O 114 14.37 21.85 22.76
N VAL O 115 13.60 20.82 23.04
CA VAL O 115 13.75 20.08 24.28
C VAL O 115 14.20 18.66 23.99
N HIS O 116 15.17 18.19 24.77
CA HIS O 116 15.56 16.83 24.80
C HIS O 116 15.50 16.33 26.29
N ILE O 117 14.77 15.25 26.58
CA ILE O 117 14.69 14.73 27.95
C ILE O 117 16.09 14.35 28.49
N THR O 118 16.92 13.75 27.64
CA THR O 118 18.17 13.21 28.10
C THR O 118 19.27 14.00 27.41
N ASN O 119 20.50 13.91 27.91
CA ASN O 119 21.51 14.71 27.33
C ASN O 119 22.08 14.15 26.02
N VAL O 120 21.56 14.58 24.88
CA VAL O 120 22.13 14.05 23.61
C VAL O 120 23.66 14.09 23.50
N HIS O 121 24.36 14.98 24.22
CA HIS O 121 25.80 15.12 23.97
C HIS O 121 26.56 13.89 24.49
N GLN O 122 25.85 13.07 25.30
CA GLN O 122 26.34 11.79 25.76
C GLN O 122 26.17 10.69 24.75
N ARG O 123 25.40 10.89 23.70
CA ARG O 123 25.08 9.77 22.87
C ARG O 123 25.99 9.72 21.60
N GLU O 124 25.57 8.99 20.56
CA GLU O 124 26.32 8.93 19.30
C GLU O 124 26.54 10.33 18.69
N PRO O 125 27.79 10.61 18.16
CA PRO O 125 28.13 11.89 17.55
C PRO O 125 27.09 12.31 16.53
N PHE O 126 26.47 11.38 15.83
CA PHE O 126 25.46 11.88 14.89
C PHE O 126 24.35 12.62 15.60
N ARG O 127 24.15 12.38 16.87
CA ARG O 127 23.05 13.12 17.51
C ARG O 127 23.50 14.45 18.02
N HIS O 128 24.73 14.87 17.73
CA HIS O 128 25.13 16.20 18.09
C HIS O 128 24.70 17.22 17.06
N GLN O 129 24.34 16.84 15.84
CA GLN O 129 23.87 17.77 14.80
C GLN O 129 22.42 17.88 15.00
N SER O 130 21.90 19.10 15.01
CA SER O 130 20.45 19.35 15.06
C SER O 130 20.03 20.18 13.83
N TYR O 131 18.84 20.06 13.30
CA TYR O 131 18.46 21.03 12.29
C TYR O 131 17.63 22.14 12.88
N LEU O 132 17.40 22.04 14.20
CA LEU O 132 16.70 23.06 14.99
C LEU O 132 17.60 24.03 15.81
N SER O 133 18.61 23.48 16.48
CA SER O 133 19.34 24.22 17.52
C SER O 133 19.69 25.61 17.08
N ASP O 134 20.13 25.74 15.82
CA ASP O 134 20.61 27.06 15.38
C ASP O 134 19.57 28.07 14.95
N LYS O 135 18.31 27.72 14.98
CA LYS O 135 17.24 28.67 14.73
C LYS O 135 16.32 28.74 15.97
N ALA O 136 16.59 27.91 16.97
CA ALA O 136 15.75 27.92 18.18
C ALA O 136 16.10 29.10 19.05
N VAL O 137 15.15 29.48 19.90
CA VAL O 137 15.40 30.56 20.79
C VAL O 137 16.39 30.03 21.82
N ALA O 138 16.19 28.76 22.16
CA ALA O 138 16.88 28.04 23.22
C ALA O 138 16.84 26.53 22.97
N VAL O 139 17.77 25.83 23.58
CA VAL O 139 17.84 24.37 23.54
C VAL O 139 18.08 23.89 24.98
N ILE O 140 17.07 23.30 25.57
CA ILE O 140 17.20 22.68 26.88
C ILE O 140 17.44 21.23 26.58
N CYS O 141 18.45 20.65 27.19
CA CYS O 141 18.77 19.28 26.85
C CYS O 141 19.40 18.52 28.05
N GLY O 142 18.69 17.48 28.49
CA GLY O 142 19.05 16.69 29.70
C GLY O 142 18.44 17.04 31.05
N LEU O 143 17.52 17.98 31.08
CA LEU O 143 16.98 18.46 32.34
C LEU O 143 15.80 17.55 32.76
N GLY O 144 15.75 16.39 32.08
CA GLY O 144 14.74 15.40 32.31
C GLY O 144 13.43 15.95 31.76
N VAL O 145 12.35 15.50 32.37
CA VAL O 145 11.03 15.87 31.93
C VAL O 145 10.79 17.36 32.28
N TYR O 146 11.54 17.84 33.27
CA TYR O 146 11.45 19.22 33.75
C TYR O 146 11.87 20.23 32.66
N GLY O 147 12.73 19.75 31.75
CA GLY O 147 13.10 20.44 30.52
C GLY O 147 11.85 21.06 29.89
N TYR O 148 10.77 20.29 29.78
CA TYR O 148 9.49 20.81 29.33
C TYR O 148 8.93 21.93 30.25
N THR O 149 8.89 21.73 31.57
CA THR O 149 8.29 22.76 32.43
C THR O 149 9.06 24.10 32.26
N ALA O 150 10.38 23.99 32.12
CA ALA O 150 11.24 25.14 31.90
C ALA O 150 10.93 25.82 30.56
N ALA O 151 10.86 25.05 29.48
CA ALA O 151 10.58 25.62 28.16
C ALA O 151 9.25 26.36 28.18
N ILE O 152 8.25 25.78 28.83
CA ILE O 152 6.92 26.36 28.93
C ILE O 152 6.90 27.65 29.74
N GLU O 153 7.49 27.68 30.94
CA GLU O 153 7.60 28.96 31.68
C GLU O 153 8.10 30.06 30.75
N TYR O 154 9.18 29.75 30.04
CA TYR O 154 9.93 30.74 29.32
C TYR O 154 9.08 31.20 28.18
N ALA O 155 8.45 30.26 27.47
CA ALA O 155 7.48 30.60 26.42
C ALA O 155 6.43 31.61 26.88
N LEU O 156 5.76 31.29 27.99
CA LEU O 156 4.74 32.08 28.61
C LEU O 156 5.22 33.43 29.10
N ASN O 157 6.50 33.69 29.00
CA ASN O 157 7.01 34.97 29.37
C ASN O 157 7.62 35.74 28.25
N TYR O 158 7.42 35.27 27.03
CA TYR O 158 8.16 35.82 25.91
C TYR O 158 7.30 36.90 25.29
N GLN O 159 7.90 38.08 25.08
CA GLN O 159 7.39 39.24 24.29
C GLN O 159 6.62 38.87 23.02
N LEU O 160 5.31 39.20 22.90
CA LEU O 160 4.42 38.54 21.88
C LEU O 160 4.98 38.57 20.46
N LEU P 13 52.18 -12.38 39.56
CA LEU P 13 53.15 -11.59 38.68
C LEU P 13 53.67 -12.40 37.49
N VAL P 14 53.91 -11.72 36.37
CA VAL P 14 54.24 -12.38 35.07
C VAL P 14 55.65 -13.01 35.05
N LYS P 15 55.79 -14.19 34.45
CA LYS P 15 57.06 -14.84 34.47
C LYS P 15 57.67 -15.06 33.12
N LYS P 16 56.83 -15.15 32.09
CA LYS P 16 57.33 -15.44 30.77
C LYS P 16 56.85 -14.35 29.78
N VAL P 17 57.78 -13.63 29.14
CA VAL P 17 57.48 -12.40 28.39
C VAL P 17 58.01 -12.56 26.99
N LEU P 18 57.28 -12.16 25.94
CA LEU P 18 57.78 -12.27 24.56
C LEU P 18 58.12 -10.88 23.97
N LEU P 19 59.38 -10.69 23.53
CA LEU P 19 59.79 -9.51 22.77
C LEU P 19 59.58 -9.80 21.30
N ILE P 20 58.69 -9.07 20.61
CA ILE P 20 58.52 -9.23 19.18
C ILE P 20 59.01 -7.93 18.52
N ASN P 21 59.84 -8.05 17.47
CA ASN P 21 60.31 -6.94 16.66
C ASN P 21 59.89 -7.17 15.20
N GLY P 22 59.23 -6.16 14.59
CA GLY P 22 58.70 -6.31 13.23
C GLY P 22 59.64 -5.99 12.08
N PRO P 23 59.10 -5.71 10.87
CA PRO P 23 59.89 -5.50 9.65
C PRO P 23 61.02 -4.48 9.78
N ASN P 24 62.20 -4.80 9.23
CA ASN P 24 63.27 -3.85 9.05
C ASN P 24 64.10 -3.62 10.29
N LEU P 25 63.51 -3.91 11.43
CA LEU P 25 64.19 -3.76 12.68
C LEU P 25 65.45 -4.59 12.81
N ASN P 26 65.64 -5.54 11.91
CA ASN P 26 66.85 -6.31 11.82
C ASN P 26 67.99 -5.51 11.13
N LEU P 27 67.72 -4.26 10.76
CA LEU P 27 68.65 -3.51 9.95
C LEU P 27 69.36 -2.51 10.84
N LEU P 28 68.94 -2.51 12.10
CA LEU P 28 69.57 -1.57 13.01
C LEU P 28 70.74 -2.31 13.53
N GLY P 29 71.83 -1.58 13.64
CA GLY P 29 71.91 -0.26 13.08
C GLY P 29 73.03 -0.43 12.06
N THR P 30 72.67 -0.60 10.78
CA THR P 30 73.66 -0.60 9.69
C THR P 30 73.70 0.67 8.83
N ARG P 31 73.21 1.81 9.35
CA ARG P 31 73.34 3.07 8.59
C ARG P 31 73.97 4.41 9.23
N TYR P 36 71.02 5.52 14.52
CA TYR P 36 72.41 5.91 14.22
C TYR P 36 73.61 5.21 15.01
N GLY P 37 73.36 4.52 16.14
CA GLY P 37 74.47 3.91 16.90
C GLY P 37 74.66 2.49 16.44
N THR P 38 75.86 1.92 16.55
CA THR P 38 76.05 0.54 16.06
C THR P 38 75.19 -0.56 16.80
N THR P 39 74.04 -0.17 17.41
CA THR P 39 73.27 -1.06 18.28
C THR P 39 72.40 -1.95 17.48
N SER P 40 72.73 -3.23 17.48
CA SER P 40 72.01 -4.19 16.69
C SER P 40 70.72 -4.67 17.33
N LEU P 41 69.85 -5.29 16.52
CA LEU P 41 68.65 -5.96 17.02
C LEU P 41 69.07 -6.99 18.08
N SER P 42 70.23 -7.57 17.80
CA SER P 42 70.66 -8.71 18.47
C SER P 42 71.10 -8.27 19.86
N ASP P 43 71.68 -7.08 19.96
CA ASP P 43 71.99 -6.46 21.26
C ASP P 43 70.70 -6.33 22.13
N ILE P 44 69.70 -5.70 21.56
CA ILE P 44 68.46 -5.45 22.21
C ILE P 44 67.87 -6.74 22.77
N GLU P 45 67.78 -7.75 21.91
CA GLU P 45 67.32 -9.10 22.19
C GLU P 45 68.12 -9.67 23.34
N GLN P 46 69.44 -9.76 23.18
CA GLN P 46 70.29 -10.34 24.23
C GLN P 46 70.05 -9.70 25.58
N ALA P 47 69.99 -8.37 25.59
CA ALA P 47 69.83 -7.58 26.79
C ALA P 47 68.46 -7.84 27.42
N ALA P 48 67.46 -8.00 26.60
CA ALA P 48 66.16 -8.29 27.13
C ALA P 48 66.22 -9.64 27.84
N ILE P 49 66.88 -10.63 27.24
CA ILE P 49 67.06 -11.96 27.82
C ILE P 49 67.77 -11.85 29.16
N GLU P 50 68.92 -11.16 29.17
CA GLU P 50 69.71 -10.96 30.38
C GLU P 50 68.93 -10.30 31.52
N GLN P 51 68.02 -9.42 31.17
CA GLN P 51 67.24 -8.65 32.12
C GLN P 51 66.42 -9.52 33.06
N ALA P 52 65.66 -10.43 32.45
CA ALA P 52 64.82 -11.44 33.11
C ALA P 52 65.60 -12.45 33.95
N LYS P 53 66.67 -12.98 33.36
CA LYS P 53 67.53 -13.91 34.05
C LYS P 53 68.09 -13.27 35.28
N LEU P 54 68.25 -11.95 35.29
CA LEU P 54 68.98 -11.30 36.38
C LEU P 54 68.03 -11.01 37.54
N LYS P 55 67.01 -11.85 37.66
CA LYS P 55 66.02 -11.74 38.73
C LYS P 55 65.87 -13.04 39.50
N ASN P 56 66.82 -13.96 39.29
CA ASN P 56 66.93 -15.25 40.03
C ASN P 56 65.73 -16.27 39.94
N ASN P 57 64.65 -15.92 39.25
CA ASN P 57 63.35 -16.54 39.51
C ASN P 57 62.50 -17.09 38.35
N ASP P 58 63.06 -17.89 37.46
CA ASP P 58 62.29 -18.46 36.33
C ASP P 58 61.47 -17.40 35.67
N SER P 59 62.09 -16.26 35.45
CA SER P 59 61.57 -15.30 34.50
C SER P 59 62.37 -15.45 33.21
N GLU P 60 61.78 -15.05 32.10
CA GLU P 60 62.28 -15.45 30.83
C GLU P 60 61.73 -14.51 29.80
N VAL P 61 62.57 -14.07 28.89
CA VAL P 61 62.08 -13.29 27.76
C VAL P 61 62.35 -14.16 26.53
N LEU P 62 61.33 -14.51 25.80
CA LEU P 62 61.59 -15.13 24.54
C LEU P 62 61.69 -14.02 23.49
N VAL P 63 62.47 -14.23 22.40
CA VAL P 63 62.59 -13.19 21.32
C VAL P 63 62.17 -13.58 19.90
N PHE P 64 61.75 -12.58 19.14
CA PHE P 64 61.32 -12.87 17.75
C PHE P 64 61.38 -11.68 16.83
N GLN P 65 61.74 -11.90 15.57
CA GLN P 65 61.66 -10.85 14.59
C GLN P 65 61.34 -11.48 13.26
N SER P 66 60.70 -10.70 12.41
CA SER P 66 60.30 -11.13 11.13
C SER P 66 59.81 -9.90 10.42
N ASN P 67 59.88 -9.97 9.10
CA ASN P 67 59.35 -8.94 8.27
C ASN P 67 57.97 -9.33 7.76
N THR P 68 57.51 -10.56 8.08
CA THR P 68 56.28 -11.02 7.49
C THR P 68 55.16 -10.89 8.50
N GLU P 69 54.21 -9.99 8.27
CA GLU P 69 53.00 -9.88 9.07
C GLU P 69 52.49 -11.27 9.56
N GLY P 70 52.24 -12.19 8.65
CA GLY P 70 51.57 -13.44 9.02
C GLY P 70 52.37 -14.23 10.04
N PHE P 71 53.70 -14.15 9.92
CA PHE P 71 54.59 -14.91 10.75
C PHE P 71 54.64 -14.33 12.17
N ILE P 72 54.41 -13.03 12.30
CA ILE P 72 54.35 -12.40 13.58
C ILE P 72 53.04 -12.85 14.17
N ILE P 73 51.98 -12.82 13.38
CA ILE P 73 50.68 -13.28 13.82
C ILE P 73 50.79 -14.76 14.24
N ASP P 74 51.47 -15.63 13.48
CA ASP P 74 51.64 -17.03 13.98
C ASP P 74 52.39 -17.06 15.31
N ARG P 75 53.31 -16.13 15.49
CA ARG P 75 54.16 -16.15 16.66
C ARG P 75 53.32 -15.78 17.87
N ILE P 76 52.37 -14.87 17.67
CA ILE P 76 51.52 -14.46 18.76
C ILE P 76 50.66 -15.64 19.17
N HIS P 77 50.13 -16.37 18.19
CA HIS P 77 49.40 -17.59 18.50
C HIS P 77 50.24 -18.59 19.26
N GLU P 78 51.47 -18.86 18.79
CA GLU P 78 52.38 -19.83 19.50
C GLU P 78 52.61 -19.38 20.92
N ALA P 79 52.65 -18.07 21.15
CA ALA P 79 52.89 -17.53 22.49
C ALA P 79 51.81 -17.92 23.45
N LYS P 80 50.56 -17.81 23.03
CA LYS P 80 49.45 -18.26 23.86
C LYS P 80 49.66 -19.74 24.24
N ARG P 81 49.87 -20.62 23.24
CA ARG P 81 50.23 -22.05 23.47
C ARG P 81 51.36 -22.23 24.51
N GLN P 82 52.29 -21.29 24.49
CA GLN P 82 53.52 -21.38 25.21
C GLN P 82 53.38 -20.90 26.65
N GLY P 83 52.29 -20.21 26.94
CA GLY P 83 52.05 -19.72 28.28
C GLY P 83 52.55 -18.30 28.41
N VAL P 84 52.95 -17.68 27.30
CA VAL P 84 53.47 -16.30 27.41
C VAL P 84 52.42 -15.44 28.09
N GLY P 85 52.81 -14.65 29.09
CA GLY P 85 51.88 -13.87 29.88
C GLY P 85 51.89 -12.37 29.65
N PHE P 86 52.86 -11.90 28.86
CA PHE P 86 52.95 -10.49 28.43
C PHE P 86 53.81 -10.39 27.14
N VAL P 87 53.57 -9.39 26.29
CA VAL P 87 54.36 -9.18 25.05
C VAL P 87 54.87 -7.73 25.05
N VAL P 88 56.15 -7.56 24.69
CA VAL P 88 56.71 -6.25 24.39
C VAL P 88 56.97 -6.25 22.89
N ILE P 89 56.25 -5.39 22.18
CA ILE P 89 56.29 -5.43 20.73
C ILE P 89 56.66 -4.07 20.13
N ASN P 90 57.58 -4.11 19.15
CA ASN P 90 57.88 -2.99 18.27
C ASN P 90 57.55 -3.49 16.86
N ALA P 91 56.35 -3.14 16.41
CA ALA P 91 55.82 -3.72 15.20
C ALA P 91 56.42 -3.05 13.95
N GLY P 92 57.32 -2.08 14.17
CA GLY P 92 57.85 -1.30 13.04
C GLY P 92 56.72 -0.77 12.18
N ALA P 93 56.84 -0.87 10.86
CA ALA P 93 55.79 -0.36 9.96
C ALA P 93 54.44 -1.01 10.25
N TYR P 94 54.44 -2.29 10.61
CA TYR P 94 53.19 -2.92 10.96
C TYR P 94 52.33 -2.23 12.04
N THR P 95 52.92 -1.37 12.86
CA THR P 95 52.07 -0.59 13.72
C THR P 95 51.01 0.16 12.92
N HIS P 96 51.35 0.71 11.77
CA HIS P 96 50.44 1.64 11.16
C HIS P 96 49.55 0.91 10.14
N THR P 97 49.80 -0.37 9.88
CA THR P 97 49.06 -1.04 8.85
C THR P 97 48.45 -2.37 9.23
N SER P 98 48.83 -2.96 10.34
CA SER P 98 48.39 -4.34 10.65
C SER P 98 47.27 -4.48 11.69
N VAL P 99 46.02 -4.51 11.24
CA VAL P 99 44.89 -4.87 12.10
C VAL P 99 45.06 -6.34 12.39
N GLY P 100 45.71 -7.05 11.48
CA GLY P 100 46.02 -8.44 11.68
C GLY P 100 46.69 -8.66 13.02
N ILE P 101 47.78 -7.94 13.26
CA ILE P 101 48.51 -8.09 14.55
C ILE P 101 47.66 -7.67 15.77
N ARG P 102 46.85 -6.62 15.59
CA ARG P 102 46.02 -6.12 16.69
C ARG P 102 45.12 -7.27 17.11
N ASP P 103 44.44 -7.88 16.13
CA ASP P 103 43.50 -8.95 16.37
C ASP P 103 44.16 -10.23 16.90
N ALA P 104 45.44 -10.47 16.56
CA ALA P 104 46.07 -11.62 17.20
C ALA P 104 46.25 -11.39 18.70
N LEU P 105 46.65 -10.16 19.09
CA LEU P 105 46.89 -9.86 20.52
C LEU P 105 45.56 -9.90 21.32
N LEU P 106 44.51 -9.32 20.77
CA LEU P 106 43.24 -9.35 21.47
C LEU P 106 42.74 -10.74 21.45
N GLY P 107 42.91 -11.42 20.32
CA GLY P 107 42.45 -12.80 20.16
C GLY P 107 43.02 -13.79 21.13
N THR P 108 44.26 -13.62 21.53
CA THR P 108 44.87 -14.50 22.52
C THR P 108 44.84 -13.88 23.92
N ALA P 109 44.41 -12.64 24.04
CA ALA P 109 44.30 -11.96 25.34
C ALA P 109 45.65 -11.80 26.04
N ILE P 110 46.73 -11.79 25.32
CA ILE P 110 47.98 -11.40 25.96
C ILE P 110 48.06 -9.86 26.05
N PRO P 111 48.27 -9.30 27.26
CA PRO P 111 48.53 -7.86 27.44
C PRO P 111 49.81 -7.50 26.75
N PHE P 112 49.98 -6.25 26.31
CA PHE P 112 51.23 -5.87 25.63
C PHE P 112 51.55 -4.39 25.76
N ILE P 113 52.83 -4.09 25.58
CA ILE P 113 53.34 -2.72 25.48
C ILE P 113 53.95 -2.58 24.12
N GLU P 114 53.77 -1.40 23.54
CA GLU P 114 54.19 -1.04 22.19
C GLU P 114 55.36 -0.09 22.32
N VAL P 115 56.44 -0.42 21.63
CA VAL P 115 57.68 0.32 21.76
C VAL P 115 58.09 0.93 20.43
N HIS P 116 58.57 2.15 20.39
CA HIS P 116 59.16 2.70 19.18
C HIS P 116 60.48 3.29 19.59
N ILE P 117 61.60 2.96 18.94
CA ILE P 117 62.92 3.44 19.37
C ILE P 117 62.96 4.91 19.25
N THR P 118 62.43 5.42 18.13
CA THR P 118 62.52 6.86 17.89
C THR P 118 61.19 7.52 18.12
N ASN P 119 61.17 8.84 18.21
CA ASN P 119 59.89 9.48 18.47
C ASN P 119 59.08 9.70 17.21
N VAL P 120 58.23 8.72 16.98
CA VAL P 120 57.31 8.62 15.90
C VAL P 120 56.48 9.89 15.68
N HIS P 121 56.15 10.63 16.73
CA HIS P 121 55.40 11.89 16.56
C HIS P 121 56.18 13.03 15.89
N GLN P 122 57.52 12.94 15.84
CA GLN P 122 58.33 13.82 14.99
C GLN P 122 58.11 13.51 13.51
N ARG P 123 57.73 12.29 13.19
CA ARG P 123 57.87 11.82 11.86
C ARG P 123 56.62 12.17 10.98
N GLU P 124 56.44 11.55 9.83
CA GLU P 124 55.28 11.86 8.93
C GLU P 124 53.97 11.52 9.68
N PRO P 125 52.89 12.33 9.49
CA PRO P 125 51.53 12.17 9.93
C PRO P 125 51.02 10.73 9.95
N PHE P 126 51.10 10.01 8.82
CA PHE P 126 50.67 8.61 8.87
C PHE P 126 51.24 7.78 10.00
N ARG P 127 52.33 8.21 10.62
CA ARG P 127 52.97 7.37 11.66
C ARG P 127 52.42 7.69 13.02
N HIS P 128 51.61 8.75 13.11
CA HIS P 128 50.87 8.99 14.32
C HIS P 128 49.67 8.07 14.56
N GLN P 129 49.25 7.27 13.56
CA GLN P 129 48.17 6.28 13.70
C GLN P 129 48.79 5.00 14.03
N SER P 130 48.29 4.33 15.06
CA SER P 130 48.70 2.99 15.35
C SER P 130 47.50 2.05 15.43
N TYR P 131 47.61 0.81 15.03
CA TYR P 131 46.59 -0.15 15.34
C TYR P 131 46.84 -0.91 16.63
N LEU P 132 47.94 -0.61 17.31
CA LEU P 132 48.14 -1.17 18.64
C LEU P 132 47.82 -0.23 19.82
N SER P 133 48.06 1.06 19.70
CA SER P 133 48.06 1.97 20.85
C SER P 133 46.78 2.01 21.67
N ASP P 134 45.61 1.84 21.08
CA ASP P 134 44.46 1.90 21.96
C ASP P 134 44.19 0.65 22.75
N LYS P 135 44.95 -0.40 22.45
CA LYS P 135 44.75 -1.64 23.14
C LYS P 135 45.93 -2.01 23.98
N ALA P 136 47.02 -1.27 23.88
CA ALA P 136 48.19 -1.62 24.66
C ALA P 136 48.03 -1.19 26.10
N VAL P 137 48.73 -1.87 27.02
CA VAL P 137 48.71 -1.43 28.40
C VAL P 137 49.30 -0.02 28.45
N ALA P 138 50.36 0.15 27.64
CA ALA P 138 51.24 1.32 27.59
C ALA P 138 51.92 1.46 26.21
N VAL P 139 52.29 2.68 25.90
CA VAL P 139 53.09 2.93 24.70
C VAL P 139 54.26 3.81 25.08
N ILE P 140 55.44 3.39 24.62
CA ILE P 140 56.69 4.12 24.89
C ILE P 140 57.34 4.47 23.53
N CYS P 141 57.59 5.74 23.29
CA CYS P 141 58.32 6.02 22.08
C CYS P 141 59.20 7.16 22.21
N GLY P 142 60.45 6.95 21.80
CA GLY P 142 61.51 7.95 21.68
C GLY P 142 62.52 7.86 22.80
N LEU P 143 62.40 6.79 23.56
CA LEU P 143 63.26 6.61 24.72
C LEU P 143 64.50 5.83 24.29
N GLY P 144 64.70 5.73 22.97
CA GLY P 144 65.72 4.95 22.31
C GLY P 144 65.60 3.49 22.69
N VAL P 145 66.73 2.82 22.74
CA VAL P 145 66.74 1.41 22.97
C VAL P 145 66.27 0.99 24.39
N TYR P 146 66.33 1.95 25.32
CA TYR P 146 65.96 1.82 26.72
C TYR P 146 64.48 1.61 26.85
N GLY P 147 63.74 2.07 25.85
CA GLY P 147 62.33 1.85 25.84
C GLY P 147 62.00 0.36 25.99
N TYR P 148 62.86 -0.53 25.49
CA TYR P 148 62.63 -1.96 25.61
C TYR P 148 62.89 -2.39 27.08
N THR P 149 63.87 -1.78 27.71
CA THR P 149 64.15 -2.18 29.08
C THR P 149 62.99 -1.80 30.02
N ALA P 150 62.53 -0.56 29.89
CA ALA P 150 61.40 -0.01 30.61
C ALA P 150 60.22 -0.94 30.50
N ALA P 151 59.87 -1.24 29.26
CA ALA P 151 58.75 -2.08 29.01
C ALA P 151 58.96 -3.46 29.65
N ILE P 152 60.17 -4.01 29.62
CA ILE P 152 60.35 -5.32 30.24
C ILE P 152 60.26 -5.25 31.76
N GLU P 153 60.76 -4.19 32.37
CA GLU P 153 60.61 -4.04 33.80
C GLU P 153 59.12 -4.13 34.13
N TYR P 154 58.33 -3.43 33.31
CA TYR P 154 56.95 -3.20 33.64
C TYR P 154 56.25 -4.52 33.51
N ALA P 155 56.58 -5.20 32.43
CA ALA P 155 56.08 -6.51 32.12
C ALA P 155 56.22 -7.47 33.30
N LEU P 156 57.44 -7.56 33.84
CA LEU P 156 57.75 -8.45 34.93
C LEU P 156 57.12 -8.03 36.25
N ASN P 157 56.51 -6.87 36.35
CA ASN P 157 55.71 -6.61 37.53
C ASN P 157 54.23 -6.67 37.39
N TYR P 158 53.75 -6.99 36.20
CA TYR P 158 52.36 -6.92 35.88
C TYR P 158 51.61 -8.00 36.61
N GLN P 159 50.59 -7.63 37.38
CA GLN P 159 49.90 -8.62 38.22
C GLN P 159 49.00 -9.51 37.37
N LEU P 160 49.45 -10.75 37.16
CA LEU P 160 48.78 -11.81 36.35
C LEU P 160 47.25 -11.81 36.44
N LEU Q 13 25.63 -23.39 -13.70
CA LEU Q 13 25.65 -23.43 -12.20
C LEU Q 13 26.98 -23.90 -11.57
N VAL Q 14 27.38 -23.32 -10.43
CA VAL Q 14 28.74 -23.52 -9.89
C VAL Q 14 28.92 -24.86 -9.15
N LYS Q 15 30.10 -25.47 -9.23
CA LYS Q 15 30.22 -26.81 -8.65
C LYS Q 15 31.39 -26.86 -7.66
N LYS Q 16 32.38 -25.99 -7.85
CA LYS Q 16 33.59 -26.04 -7.08
C LYS Q 16 33.69 -24.73 -6.29
N VAL Q 17 33.43 -24.75 -4.98
CA VAL Q 17 33.52 -23.53 -4.18
C VAL Q 17 34.73 -23.54 -3.25
N LEU Q 18 35.43 -22.42 -3.10
CA LEU Q 18 36.56 -22.35 -2.14
C LEU Q 18 36.22 -21.48 -1.01
N LEU Q 19 36.21 -22.05 0.20
CA LEU Q 19 36.08 -21.28 1.44
C LEU Q 19 37.44 -20.88 1.97
N ILE Q 20 37.66 -19.57 2.20
CA ILE Q 20 38.91 -19.01 2.68
C ILE Q 20 38.65 -18.30 3.99
N ASN Q 21 39.53 -18.44 4.97
CA ASN Q 21 39.40 -17.79 6.27
C ASN Q 21 40.73 -17.13 6.58
N GLY Q 22 40.67 -15.83 6.94
CA GLY Q 22 41.87 -15.01 7.08
C GLY Q 22 42.46 -15.17 8.45
N PRO Q 23 43.33 -14.24 8.83
CA PRO Q 23 44.07 -14.34 10.09
C PRO Q 23 43.24 -14.39 11.37
N ASN Q 24 43.79 -15.10 12.32
CA ASN Q 24 43.22 -15.27 13.63
C ASN Q 24 42.00 -16.14 13.65
N LEU Q 25 41.30 -16.35 12.54
CA LEU Q 25 40.12 -17.21 12.58
C LEU Q 25 40.36 -18.62 13.06
N ASN Q 26 41.60 -19.09 13.03
CA ASN Q 26 42.00 -20.36 13.52
C ASN Q 26 41.77 -20.48 15.02
N LEU Q 27 41.46 -19.37 15.64
CA LEU Q 27 41.33 -19.33 17.07
C LEU Q 27 39.91 -19.39 17.57
N LEU Q 28 38.91 -19.37 16.70
CA LEU Q 28 37.59 -19.55 17.32
C LEU Q 28 37.51 -21.00 17.66
N GLY Q 29 36.91 -21.30 18.81
CA GLY Q 29 36.42 -20.29 19.72
C GLY Q 29 37.13 -20.82 20.93
N THR Q 30 38.33 -20.31 21.18
CA THR Q 30 39.14 -20.83 22.30
C THR Q 30 39.32 -19.82 23.46
N ARG Q 31 38.57 -18.70 23.47
CA ARG Q 31 38.54 -17.85 24.73
C ARG Q 31 37.28 -17.85 25.75
N TYR Q 36 31.48 -16.77 20.65
CA TYR Q 36 31.97 -17.12 21.99
C TYR Q 36 31.75 -18.65 22.48
N GLY Q 37 30.99 -19.47 21.74
CA GLY Q 37 30.78 -20.86 22.19
C GLY Q 37 31.79 -21.76 21.53
N THR Q 38 32.05 -22.94 22.11
CA THR Q 38 33.04 -23.87 21.52
C THR Q 38 32.93 -24.14 19.97
N THR Q 39 32.54 -23.16 19.13
CA THR Q 39 32.48 -23.45 17.70
C THR Q 39 33.79 -23.10 17.10
N SER Q 40 34.47 -24.10 16.58
CA SER Q 40 35.78 -23.90 16.02
C SER Q 40 35.85 -23.59 14.52
N LEU Q 41 37.06 -23.28 14.04
CA LEU Q 41 37.29 -23.06 12.61
C LEU Q 41 37.00 -24.33 11.87
N SER Q 42 37.40 -25.39 12.50
CA SER Q 42 37.51 -26.66 11.88
C SER Q 42 36.12 -27.24 11.77
N ASP Q 43 35.20 -26.70 12.55
CA ASP Q 43 33.80 -27.09 12.50
C ASP Q 43 33.14 -26.48 11.30
N ILE Q 44 33.42 -25.21 11.11
CA ILE Q 44 32.81 -24.43 10.07
C ILE Q 44 33.24 -25.07 8.76
N GLU Q 45 34.53 -25.35 8.70
CA GLU Q 45 35.19 -25.99 7.60
C GLU Q 45 34.42 -27.29 7.23
N GLN Q 46 34.24 -28.12 8.24
CA GLN Q 46 33.60 -29.40 8.08
C GLN Q 46 32.15 -29.34 7.63
N ALA Q 47 31.44 -28.35 8.15
CA ALA Q 47 30.04 -28.12 7.90
C ALA Q 47 29.89 -27.72 6.44
N ALA Q 48 30.81 -26.86 6.02
CA ALA Q 48 30.79 -26.34 4.67
C ALA Q 48 31.02 -27.51 3.71
N ILE Q 49 32.12 -28.24 3.88
CA ILE Q 49 32.34 -29.50 3.13
C ILE Q 49 31.12 -30.44 3.05
N GLU Q 50 30.46 -30.72 4.17
CA GLU Q 50 29.25 -31.57 4.13
C GLU Q 50 28.10 -30.95 3.34
N GLN Q 51 27.82 -29.67 3.58
CA GLN Q 51 26.84 -28.95 2.81
C GLN Q 51 26.86 -29.30 1.33
N ALA Q 52 28.02 -29.21 0.70
CA ALA Q 52 28.20 -29.58 -0.69
C ALA Q 52 27.92 -31.07 -0.98
N LYS Q 53 28.59 -31.97 -0.27
CA LYS Q 53 28.36 -33.43 -0.40
C LYS Q 53 26.88 -33.72 -0.44
N LEU Q 54 26.09 -33.08 0.43
CA LEU Q 54 24.64 -33.28 0.52
C LEU Q 54 23.82 -32.78 -0.65
N LYS Q 55 24.36 -31.91 -1.49
CA LYS Q 55 23.63 -31.52 -2.70
C LYS Q 55 23.61 -32.63 -3.78
N ASN Q 56 24.31 -33.75 -3.48
CA ASN Q 56 24.49 -35.01 -4.29
C ASN Q 56 25.19 -35.00 -5.67
N ASN Q 57 25.36 -33.80 -6.23
CA ASN Q 57 25.58 -33.56 -7.65
C ASN Q 57 26.99 -33.18 -8.04
N ASP Q 58 28.00 -33.72 -7.37
CA ASP Q 58 29.37 -33.37 -7.70
C ASP Q 58 29.69 -31.91 -7.49
N SER Q 59 29.12 -31.34 -6.43
CA SER Q 59 29.62 -30.10 -5.88
C SER Q 59 30.66 -30.47 -4.91
N GLU Q 60 31.30 -29.48 -4.32
CA GLU Q 60 32.48 -29.68 -3.58
C GLU Q 60 32.87 -28.32 -3.07
N VAL Q 61 33.27 -28.25 -1.81
CA VAL Q 61 33.85 -27.05 -1.22
C VAL Q 61 35.28 -27.34 -0.73
N LEU Q 62 36.27 -26.55 -1.17
CA LEU Q 62 37.62 -26.74 -0.73
C LEU Q 62 37.84 -25.70 0.33
N VAL Q 63 38.73 -25.93 1.30
CA VAL Q 63 38.88 -24.97 2.42
C VAL Q 63 40.32 -24.52 2.62
N PHE Q 64 40.53 -23.26 2.94
CA PHE Q 64 41.86 -22.77 3.22
C PHE Q 64 41.75 -21.77 4.36
N GLN Q 65 42.85 -21.59 5.13
CA GLN Q 65 43.02 -20.58 6.16
C GLN Q 65 44.48 -20.31 6.38
N SER Q 66 44.87 -19.04 6.53
CA SER Q 66 46.22 -18.63 6.78
C SER Q 66 46.21 -17.31 7.48
N ASN Q 67 47.27 -16.99 8.19
CA ASN Q 67 47.41 -15.66 8.72
C ASN Q 67 48.28 -14.79 7.78
N THR Q 68 48.85 -15.38 6.72
CA THR Q 68 49.68 -14.61 5.80
C THR Q 68 48.94 -14.07 4.55
N GLU Q 69 48.73 -12.77 4.45
CA GLU Q 69 48.15 -12.16 3.25
C GLU Q 69 48.62 -12.86 1.96
N GLY Q 70 49.94 -13.03 1.80
CA GLY Q 70 50.53 -13.47 0.56
C GLY Q 70 50.00 -14.86 0.20
N PHE Q 71 49.94 -15.73 1.22
CA PHE Q 71 49.53 -17.08 1.07
C PHE Q 71 48.01 -17.09 0.72
N ILE Q 72 47.24 -16.18 1.28
CA ILE Q 72 45.87 -16.14 0.81
C ILE Q 72 45.88 -15.78 -0.71
N ILE Q 73 46.79 -14.89 -1.11
CA ILE Q 73 46.81 -14.44 -2.53
C ILE Q 73 47.26 -15.61 -3.37
N ASP Q 74 48.30 -16.29 -2.91
CA ASP Q 74 48.83 -17.47 -3.54
C ASP Q 74 47.72 -18.48 -3.84
N ARG Q 75 46.81 -18.62 -2.86
CA ARG Q 75 45.76 -19.62 -2.88
C ARG Q 75 44.75 -19.18 -3.85
N ILE Q 76 44.37 -17.90 -3.84
CA ILE Q 76 43.33 -17.47 -4.79
C ILE Q 76 43.82 -17.74 -6.20
N HIS Q 77 45.13 -17.54 -6.44
CA HIS Q 77 45.65 -17.85 -7.76
C HIS Q 77 45.47 -19.30 -8.07
N GLU Q 78 45.99 -20.18 -7.21
CA GLU Q 78 45.86 -21.66 -7.35
C GLU Q 78 44.41 -22.03 -7.56
N ALA Q 79 43.47 -21.36 -6.90
CA ALA Q 79 42.05 -21.61 -7.12
C ALA Q 79 41.62 -21.51 -8.58
N LYS Q 80 42.04 -20.43 -9.24
CA LYS Q 80 41.82 -20.24 -10.66
C LYS Q 80 42.32 -21.42 -11.47
N ARG Q 81 43.60 -21.79 -11.26
CA ARG Q 81 44.16 -23.00 -11.92
C ARG Q 81 43.27 -24.27 -11.77
N GLN Q 82 42.59 -24.37 -10.61
CA GLN Q 82 41.85 -25.55 -10.18
C GLN Q 82 40.40 -25.48 -10.62
N GLY Q 83 39.96 -24.40 -11.29
CA GLY Q 83 38.62 -24.23 -11.78
C GLY Q 83 37.61 -23.90 -10.70
N VAL Q 84 38.06 -23.32 -9.60
CA VAL Q 84 37.15 -22.90 -8.55
C VAL Q 84 36.29 -21.85 -9.22
N GLY Q 85 34.98 -21.96 -9.00
CA GLY Q 85 34.00 -21.11 -9.62
C GLY Q 85 33.47 -19.99 -8.78
N PHE Q 86 33.68 -20.04 -7.48
CA PHE Q 86 33.16 -19.03 -6.52
C PHE Q 86 33.96 -19.19 -5.26
N VAL Q 87 34.25 -18.06 -4.58
CA VAL Q 87 34.97 -18.05 -3.28
C VAL Q 87 34.06 -17.49 -2.18
N VAL Q 88 34.05 -18.11 -1.00
CA VAL Q 88 33.38 -17.55 0.18
C VAL Q 88 34.49 -17.22 1.16
N ILE Q 89 34.63 -15.94 1.53
CA ILE Q 89 35.84 -15.52 2.26
C ILE Q 89 35.51 -14.71 3.48
N ASN Q 90 36.16 -15.02 4.60
CA ASN Q 90 36.07 -14.16 5.76
C ASN Q 90 37.52 -13.82 5.94
N ALA Q 91 37.89 -12.62 5.51
CA ALA Q 91 39.26 -12.20 5.47
C ALA Q 91 39.74 -11.82 6.89
N GLY Q 92 38.81 -11.76 7.84
CA GLY Q 92 39.17 -11.32 9.20
C GLY Q 92 39.78 -9.95 9.01
N ALA Q 93 40.85 -9.68 9.73
CA ALA Q 93 41.43 -8.36 9.74
C ALA Q 93 41.83 -7.87 8.36
N TYR Q 94 42.15 -8.77 7.43
CA TYR Q 94 42.64 -8.36 6.13
C TYR Q 94 41.53 -7.70 5.27
N THR Q 95 40.27 -7.78 5.71
CA THR Q 95 39.15 -7.11 5.02
C THR Q 95 39.39 -5.65 5.03
N HIS Q 96 40.12 -5.18 6.05
CA HIS Q 96 40.23 -3.78 6.27
C HIS Q 96 41.58 -3.32 5.77
N THR Q 97 42.51 -4.21 5.51
CA THR Q 97 43.79 -3.70 5.15
C THR Q 97 44.29 -4.20 3.79
N SER Q 98 43.64 -5.19 3.19
CA SER Q 98 44.26 -5.89 2.05
C SER Q 98 43.76 -5.58 0.61
N VAL Q 99 44.30 -4.53 -0.02
CA VAL Q 99 44.10 -4.36 -1.46
C VAL Q 99 44.61 -5.58 -2.24
N GLY Q 100 45.61 -6.29 -1.72
CA GLY Q 100 46.22 -7.40 -2.47
C GLY Q 100 45.26 -8.55 -2.68
N ILE Q 101 44.47 -8.82 -1.65
CA ILE Q 101 43.48 -9.89 -1.77
C ILE Q 101 42.36 -9.42 -2.70
N ARG Q 102 41.96 -8.15 -2.58
CA ARG Q 102 40.92 -7.61 -3.46
C ARG Q 102 41.40 -7.82 -4.89
N ASP Q 103 42.64 -7.40 -5.13
CA ASP Q 103 43.20 -7.48 -6.45
C ASP Q 103 43.43 -8.93 -6.98
N ALA Q 104 43.68 -9.89 -6.10
CA ALA Q 104 43.75 -11.29 -6.54
C ALA Q 104 42.42 -11.79 -6.98
N LEU Q 105 41.37 -11.50 -6.22
CA LEU Q 105 39.98 -11.92 -6.62
C LEU Q 105 39.59 -11.28 -7.94
N LEU Q 106 39.79 -9.98 -8.05
CA LEU Q 106 39.57 -9.34 -9.33
C LEU Q 106 40.41 -9.91 -10.48
N GLY Q 107 41.73 -10.02 -10.26
CA GLY Q 107 42.69 -10.60 -11.22
C GLY Q 107 42.34 -11.96 -11.73
N THR Q 108 41.95 -12.87 -10.85
CA THR Q 108 41.54 -14.22 -11.33
C THR Q 108 40.07 -14.21 -11.75
N ALA Q 109 39.34 -13.13 -11.52
CA ALA Q 109 37.94 -13.01 -11.96
C ALA Q 109 37.05 -13.99 -11.24
N ILE Q 110 37.38 -14.38 -10.01
CA ILE Q 110 36.47 -15.29 -9.31
C ILE Q 110 35.48 -14.49 -8.45
N PRO Q 111 34.17 -14.69 -8.70
CA PRO Q 111 33.14 -14.01 -7.91
C PRO Q 111 33.15 -14.48 -6.41
N PHE Q 112 32.73 -13.62 -5.49
CA PHE Q 112 32.84 -14.00 -4.09
C PHE Q 112 31.88 -13.32 -3.13
N ILE Q 113 31.73 -13.94 -1.97
CA ILE Q 113 30.93 -13.32 -0.90
C ILE Q 113 31.80 -13.09 0.30
N GLU Q 114 31.67 -11.92 0.93
CA GLU Q 114 32.43 -11.53 2.10
C GLU Q 114 31.58 -11.89 3.30
N VAL Q 115 32.16 -12.67 4.22
CA VAL Q 115 31.48 -13.06 5.45
C VAL Q 115 32.17 -12.55 6.69
N HIS Q 116 31.36 -12.12 7.65
CA HIS Q 116 31.81 -11.83 9.02
C HIS Q 116 30.90 -12.51 9.99
N ILE Q 117 31.46 -13.26 10.92
CA ILE Q 117 30.69 -13.92 11.98
C ILE Q 117 29.93 -12.90 12.86
N THR Q 118 30.59 -11.81 13.25
CA THR Q 118 29.99 -10.94 14.23
C THR Q 118 29.59 -9.71 13.44
N ASN Q 119 28.78 -8.83 14.00
CA ASN Q 119 28.47 -7.67 13.18
C ASN Q 119 29.48 -6.53 13.31
N VAL Q 120 30.46 -6.48 12.37
CA VAL Q 120 31.45 -5.42 12.26
C VAL Q 120 30.90 -4.01 12.37
N HIS Q 121 29.68 -3.73 11.90
CA HIS Q 121 29.20 -2.31 12.00
C HIS Q 121 29.03 -1.94 13.44
N GLN Q 122 29.19 -2.94 14.29
CA GLN Q 122 28.93 -2.77 15.69
C GLN Q 122 30.19 -2.36 16.43
N ARG Q 123 31.32 -2.41 15.74
CA ARG Q 123 32.64 -2.27 16.33
C ARG Q 123 33.32 -0.95 15.96
N GLU Q 124 34.63 -0.88 16.06
CA GLU Q 124 35.34 0.39 15.85
C GLU Q 124 35.09 0.78 14.40
N PRO Q 125 34.97 2.10 14.09
CA PRO Q 125 34.74 2.62 12.72
C PRO Q 125 35.73 2.08 11.68
N PHE Q 126 36.97 1.72 12.07
CA PHE Q 126 37.91 1.29 11.07
C PHE Q 126 37.46 -0.05 10.51
N ARG Q 127 36.56 -0.70 11.23
CA ARG Q 127 36.11 -2.00 10.78
C ARG Q 127 34.97 -1.83 9.86
N HIS Q 128 34.55 -0.59 9.70
CA HIS Q 128 33.41 -0.30 8.86
C HIS Q 128 33.83 -0.24 7.38
N GLN Q 129 35.10 -0.01 7.08
CA GLN Q 129 35.66 -0.01 5.72
C GLN Q 129 36.11 -1.35 5.30
N SER Q 130 35.88 -1.75 4.07
CA SER Q 130 36.37 -3.03 3.56
C SER Q 130 36.98 -2.92 2.16
N TYR Q 131 38.13 -3.51 1.87
CA TYR Q 131 38.54 -3.56 0.47
C TYR Q 131 37.83 -4.63 -0.33
N LEU Q 132 36.89 -5.36 0.26
CA LEU Q 132 36.18 -6.38 -0.48
C LEU Q 132 34.70 -6.07 -0.81
N SER Q 133 33.98 -5.51 0.14
CA SER Q 133 32.55 -5.23 -0.04
C SER Q 133 32.16 -4.72 -1.40
N ASP Q 134 32.86 -3.75 -1.95
CA ASP Q 134 32.32 -3.12 -3.15
C ASP Q 134 32.49 -3.97 -4.44
N LYS Q 135 33.25 -5.06 -4.32
CA LYS Q 135 33.46 -5.96 -5.44
C LYS Q 135 32.83 -7.31 -5.17
N ALA Q 136 32.43 -7.56 -3.92
CA ALA Q 136 31.74 -8.80 -3.55
C ALA Q 136 30.42 -8.98 -4.27
N VAL Q 137 29.95 -10.21 -4.35
CA VAL Q 137 28.59 -10.39 -4.89
C VAL Q 137 27.61 -9.98 -3.79
N ALA Q 138 27.87 -10.45 -2.58
CA ALA Q 138 27.21 -10.03 -1.34
C ALA Q 138 28.12 -9.95 -0.11
N VAL Q 139 27.57 -9.35 0.92
CA VAL Q 139 28.28 -9.28 2.18
C VAL Q 139 27.28 -9.72 3.25
N ILE Q 140 27.57 -10.84 3.91
CA ILE Q 140 26.78 -11.30 5.04
C ILE Q 140 27.58 -10.95 6.26
N CYS Q 141 26.99 -10.24 7.19
CA CYS Q 141 27.80 -9.92 8.35
C CYS Q 141 26.98 -9.80 9.62
N GLY Q 142 27.31 -10.64 10.58
CA GLY Q 142 26.58 -10.63 11.82
C GLY Q 142 25.63 -11.77 12.07
N LEU Q 143 25.70 -12.78 11.26
CA LEU Q 143 24.64 -13.77 11.22
C LEU Q 143 25.18 -15.02 11.88
N GLY Q 144 26.11 -14.82 12.81
CA GLY Q 144 26.92 -15.89 13.35
C GLY Q 144 27.57 -16.77 12.30
N VAL Q 145 27.90 -17.96 12.74
CA VAL Q 145 28.51 -19.00 11.93
C VAL Q 145 27.62 -19.38 10.73
N TYR Q 146 26.30 -19.31 10.89
CA TYR Q 146 25.36 -19.51 9.74
C TYR Q 146 25.64 -18.67 8.46
N GLY Q 147 26.35 -17.54 8.64
CA GLY Q 147 26.83 -16.69 7.58
C GLY Q 147 27.43 -17.55 6.47
N TYR Q 148 28.36 -18.39 6.88
CA TYR Q 148 28.99 -19.32 5.99
C TYR Q 148 27.98 -20.20 5.27
N THR Q 149 27.01 -20.77 5.99
CA THR Q 149 26.10 -21.72 5.33
C THR Q 149 25.33 -20.96 4.25
N ALA Q 150 24.82 -19.78 4.61
CA ALA Q 150 24.07 -18.97 3.70
C ALA Q 150 24.95 -18.55 2.49
N ALA Q 151 26.12 -18.00 2.73
CA ALA Q 151 27.06 -17.84 1.60
C ALA Q 151 27.14 -19.10 0.67
N ILE Q 152 27.37 -20.27 1.24
CA ILE Q 152 27.56 -21.44 0.43
C ILE Q 152 26.30 -21.83 -0.34
N GLU Q 153 25.11 -21.78 0.28
CA GLU Q 153 23.87 -21.98 -0.47
C GLU Q 153 23.85 -21.03 -1.65
N TYR Q 154 24.18 -19.78 -1.43
CA TYR Q 154 24.06 -18.82 -2.51
C TYR Q 154 25.08 -19.20 -3.63
N ALA Q 155 26.32 -19.42 -3.23
CA ALA Q 155 27.39 -19.86 -4.11
C ALA Q 155 26.96 -21.04 -5.00
N LEU Q 156 26.63 -22.16 -4.37
CA LEU Q 156 26.24 -23.34 -5.10
C LEU Q 156 25.02 -23.17 -5.99
N ASN Q 157 24.33 -22.04 -5.95
CA ASN Q 157 23.21 -21.85 -6.85
C ASN Q 157 23.49 -20.80 -7.87
N TYR Q 158 24.75 -20.49 -8.11
CA TYR Q 158 25.07 -19.28 -8.82
C TYR Q 158 25.49 -19.61 -10.25
N GLN Q 159 24.88 -18.84 -11.18
CA GLN Q 159 25.09 -18.80 -12.64
C GLN Q 159 26.53 -18.74 -13.18
N LEU Q 160 26.99 -19.76 -13.95
CA LEU Q 160 28.37 -19.69 -14.54
C LEU Q 160 28.57 -18.65 -15.68
N LEU R 13 78.52 5.67 -12.03
CA LEU R 13 77.23 5.12 -12.57
C LEU R 13 76.85 3.69 -12.06
N VAL R 14 75.55 3.45 -11.94
CA VAL R 14 74.99 2.19 -11.40
C VAL R 14 75.17 0.90 -12.26
N LYS R 15 75.73 -0.18 -11.67
CA LYS R 15 75.86 -1.44 -12.40
C LYS R 15 74.76 -2.51 -12.14
N LYS R 16 74.27 -2.67 -10.92
CA LYS R 16 73.43 -3.79 -10.55
C LYS R 16 72.10 -3.15 -10.24
N VAL R 17 71.03 -3.61 -10.87
CA VAL R 17 69.70 -3.02 -10.69
C VAL R 17 68.73 -4.15 -10.34
N LEU R 18 67.81 -3.94 -9.39
CA LEU R 18 66.80 -4.99 -9.06
C LEU R 18 65.41 -4.65 -9.55
N LEU R 19 64.80 -5.53 -10.36
CA LEU R 19 63.41 -5.33 -10.74
C LEU R 19 62.58 -6.16 -9.79
N ILE R 20 61.70 -5.49 -9.02
CA ILE R 20 60.76 -6.18 -8.13
C ILE R 20 59.34 -5.96 -8.67
N ASN R 21 58.54 -7.01 -8.82
CA ASN R 21 57.12 -6.84 -9.02
C ASN R 21 56.41 -7.51 -7.86
N GLY R 22 55.30 -6.92 -7.42
CA GLY R 22 54.56 -7.42 -6.24
C GLY R 22 53.33 -8.24 -6.53
N PRO R 23 52.37 -8.21 -5.60
CA PRO R 23 51.27 -9.14 -5.70
C PRO R 23 50.49 -9.05 -6.98
N ASN R 24 50.25 -10.20 -7.53
CA ASN R 24 49.39 -10.41 -8.65
C ASN R 24 50.06 -10.17 -9.97
N LEU R 25 51.20 -9.46 -10.01
CA LEU R 25 51.79 -9.30 -11.33
C LEU R 25 52.19 -10.62 -12.10
N ASN R 26 52.31 -11.77 -11.46
CA ASN R 26 52.50 -12.99 -12.17
C ASN R 26 51.34 -13.24 -13.07
N LEU R 27 50.18 -12.69 -12.73
CA LEU R 27 48.95 -12.96 -13.50
C LEU R 27 48.93 -12.22 -14.81
N LEU R 28 49.84 -11.27 -15.02
CA LEU R 28 49.71 -10.62 -16.33
C LEU R 28 50.25 -11.56 -17.42
N GLY R 29 49.57 -11.68 -18.55
CA GLY R 29 48.32 -11.07 -18.79
C GLY R 29 47.51 -12.31 -19.16
N THR R 30 46.76 -12.87 -18.19
CA THR R 30 46.03 -14.07 -18.46
C THR R 30 44.54 -13.86 -18.53
N ARG R 31 43.98 -12.72 -18.09
CA ARG R 31 42.46 -12.66 -18.10
C ARG R 31 41.55 -12.13 -19.33
N TYR R 36 46.15 -5.84 -20.79
CA TYR R 36 45.33 -6.88 -21.40
C TYR R 36 45.97 -7.61 -22.71
N GLY R 37 47.29 -7.52 -22.90
CA GLY R 37 47.93 -8.02 -24.15
C GLY R 37 48.33 -9.43 -23.86
N THR R 38 48.91 -10.17 -24.79
CA THR R 38 49.52 -11.39 -24.25
C THR R 38 50.87 -11.21 -23.37
N THR R 39 51.20 -9.98 -22.92
CA THR R 39 52.54 -9.76 -22.33
C THR R 39 52.60 -10.28 -20.91
N SER R 40 53.53 -11.22 -20.61
CA SER R 40 53.58 -11.87 -19.31
C SER R 40 54.60 -11.30 -18.41
N LEU R 41 54.58 -11.70 -17.15
CA LEU R 41 55.51 -11.05 -16.25
C LEU R 41 56.83 -11.49 -16.71
N SER R 42 56.89 -12.69 -17.22
CA SER R 42 58.16 -13.21 -17.62
C SER R 42 58.74 -12.40 -18.78
N ASP R 43 57.94 -12.09 -19.81
CA ASP R 43 58.38 -11.27 -20.92
C ASP R 43 59.07 -10.01 -20.39
N ILE R 44 58.38 -9.31 -19.51
CA ILE R 44 58.92 -8.13 -18.88
C ILE R 44 60.27 -8.36 -18.24
N GLU R 45 60.40 -9.42 -17.44
CA GLU R 45 61.62 -9.68 -16.72
C GLU R 45 62.73 -9.95 -17.71
N GLN R 46 62.45 -10.80 -18.67
CA GLN R 46 63.45 -11.16 -19.66
C GLN R 46 63.98 -9.92 -20.38
N ALA R 47 63.05 -9.08 -20.87
CA ALA R 47 63.30 -7.82 -21.53
C ALA R 47 64.25 -6.94 -20.72
N ALA R 48 63.98 -6.73 -19.43
CA ALA R 48 64.86 -5.98 -18.54
C ALA R 48 66.24 -6.64 -18.36
N ILE R 49 66.27 -7.97 -18.19
CA ILE R 49 67.61 -8.67 -18.11
C ILE R 49 68.49 -8.36 -19.35
N GLU R 50 67.84 -8.39 -20.51
CA GLU R 50 68.45 -8.20 -21.78
C GLU R 50 68.87 -6.73 -22.09
N GLN R 51 67.96 -5.81 -21.80
CA GLN R 51 68.22 -4.40 -21.89
C GLN R 51 69.54 -4.07 -21.21
N ALA R 52 69.77 -4.64 -20.05
CA ALA R 52 70.98 -4.40 -19.34
C ALA R 52 72.14 -5.09 -19.98
N LYS R 53 72.00 -6.35 -20.39
CA LYS R 53 73.08 -7.05 -21.10
C LYS R 53 73.59 -6.29 -22.32
N LEU R 54 72.70 -5.72 -23.15
CA LEU R 54 73.04 -4.88 -24.33
C LEU R 54 73.93 -3.66 -24.16
N LYS R 55 74.02 -3.11 -22.96
CA LYS R 55 74.93 -2.00 -22.75
C LYS R 55 76.35 -2.55 -22.76
N ASN R 56 76.50 -3.88 -22.61
CA ASN R 56 77.78 -4.61 -22.64
C ASN R 56 78.90 -3.86 -21.89
N ASN R 57 78.72 -3.68 -20.59
CA ASN R 57 79.75 -3.11 -19.69
C ASN R 57 79.51 -3.60 -18.27
N ASP R 58 79.12 -4.87 -18.16
CA ASP R 58 78.79 -5.49 -16.89
C ASP R 58 77.77 -4.70 -16.07
N SER R 59 76.71 -4.21 -16.75
CA SER R 59 75.44 -3.91 -16.11
C SER R 59 74.72 -5.23 -16.03
N GLU R 60 73.82 -5.31 -15.06
CA GLU R 60 73.06 -6.52 -14.83
C GLU R 60 71.77 -6.07 -14.24
N VAL R 61 70.66 -6.76 -14.51
CA VAL R 61 69.39 -6.50 -13.81
C VAL R 61 68.95 -7.76 -13.15
N LEU R 62 68.82 -7.72 -11.84
CA LEU R 62 68.27 -8.85 -11.12
C LEU R 62 66.76 -8.72 -11.04
N VAL R 63 66.03 -9.82 -10.96
CA VAL R 63 64.54 -9.79 -11.05
C VAL R 63 63.87 -10.58 -9.91
N PHE R 64 62.82 -10.00 -9.33
CA PHE R 64 62.06 -10.71 -8.27
C PHE R 64 60.58 -10.46 -8.35
N GLN R 65 59.76 -11.44 -7.95
CA GLN R 65 58.32 -11.24 -7.79
C GLN R 65 57.80 -12.11 -6.64
N SER R 66 56.93 -11.55 -5.82
CA SER R 66 56.26 -12.28 -4.77
C SER R 66 54.92 -11.70 -4.47
N ASN R 67 53.99 -12.52 -4.02
CA ASN R 67 52.73 -12.04 -3.53
C ASN R 67 52.81 -11.61 -2.08
N THR R 68 53.86 -12.05 -1.34
CA THR R 68 53.97 -11.79 0.09
C THR R 68 54.75 -10.52 0.50
N GLU R 69 54.13 -9.57 1.22
CA GLU R 69 54.85 -8.37 1.71
C GLU R 69 56.22 -8.75 2.39
N GLY R 70 56.21 -9.70 3.29
CA GLY R 70 57.46 -9.95 4.05
C GLY R 70 58.63 -10.32 3.12
N PHE R 71 58.31 -10.96 1.99
CA PHE R 71 59.32 -11.57 1.16
C PHE R 71 59.88 -10.48 0.28
N ILE R 72 59.05 -9.51 -0.09
CA ILE R 72 59.52 -8.38 -0.88
C ILE R 72 60.49 -7.63 0.03
N ILE R 73 60.18 -7.52 1.32
CA ILE R 73 61.05 -6.75 2.24
C ILE R 73 62.34 -7.51 2.37
N ASP R 74 62.21 -8.84 2.54
CA ASP R 74 63.36 -9.72 2.72
C ASP R 74 64.31 -9.54 1.55
N ARG R 75 63.75 -9.48 0.34
CA ARG R 75 64.55 -9.41 -0.89
C ARG R 75 65.27 -8.08 -0.98
N ILE R 76 64.67 -7.05 -0.40
CA ILE R 76 65.24 -5.74 -0.50
C ILE R 76 66.41 -5.74 0.41
N HIS R 77 66.25 -6.33 1.60
CA HIS R 77 67.48 -6.42 2.46
C HIS R 77 68.61 -7.18 1.77
N GLU R 78 68.28 -8.31 1.11
CA GLU R 78 69.25 -9.08 0.37
C GLU R 78 69.92 -8.25 -0.74
N ALA R 79 69.14 -7.47 -1.45
CA ALA R 79 69.64 -6.55 -2.44
C ALA R 79 70.79 -5.68 -1.93
N LYS R 80 70.62 -5.11 -0.73
CA LYS R 80 71.69 -4.32 -0.11
C LYS R 80 72.93 -5.16 0.07
N ARG R 81 72.81 -6.35 0.66
CA ARG R 81 73.96 -7.22 0.78
C ARG R 81 74.67 -7.48 -0.55
N GLN R 82 73.91 -7.48 -1.63
CA GLN R 82 74.47 -7.80 -2.93
C GLN R 82 75.07 -6.55 -3.59
N GLY R 83 74.80 -5.37 -3.02
CA GLY R 83 75.32 -4.13 -3.58
C GLY R 83 74.56 -3.66 -4.78
N VAL R 84 73.33 -4.15 -4.92
CA VAL R 84 72.33 -3.56 -5.80
C VAL R 84 72.33 -2.07 -5.56
N GLY R 85 72.55 -1.29 -6.64
CA GLY R 85 72.53 0.17 -6.63
C GLY R 85 71.23 0.88 -6.89
N PHE R 86 70.24 0.22 -7.45
CA PHE R 86 68.97 0.87 -7.79
C PHE R 86 67.90 -0.16 -7.89
N VAL R 87 66.66 0.24 -7.58
CA VAL R 87 65.51 -0.65 -7.62
C VAL R 87 64.43 -0.07 -8.51
N VAL R 88 63.94 -0.87 -9.45
CA VAL R 88 62.72 -0.50 -10.18
C VAL R 88 61.60 -1.36 -9.62
N ILE R 89 60.57 -0.77 -9.01
CA ILE R 89 59.54 -1.59 -8.29
C ILE R 89 58.14 -1.22 -8.70
N ASN R 90 57.31 -2.24 -8.93
CA ASN R 90 55.88 -2.13 -9.14
C ASN R 90 55.32 -2.99 -8.06
N ALA R 91 55.02 -2.33 -6.94
CA ALA R 91 54.61 -3.01 -5.73
C ALA R 91 53.13 -3.42 -5.81
N GLY R 92 52.50 -3.20 -6.96
CA GLY R 92 51.16 -3.70 -7.20
C GLY R 92 50.30 -3.16 -6.11
N ALA R 93 49.40 -3.97 -5.57
CA ALA R 93 48.55 -3.48 -4.49
C ALA R 93 49.33 -2.97 -3.29
N TYR R 94 50.53 -3.48 -3.02
CA TYR R 94 51.28 -3.03 -1.88
C TYR R 94 51.66 -1.58 -2.00
N THR R 95 51.68 -0.99 -3.18
CA THR R 95 51.82 0.48 -3.22
C THR R 95 50.91 1.19 -2.21
N HIS R 96 49.71 0.67 -1.97
CA HIS R 96 48.75 1.53 -1.31
C HIS R 96 48.68 1.20 0.15
N THR R 97 49.26 0.07 0.51
CA THR R 97 49.04 -0.48 1.81
C THR R 97 50.30 -0.74 2.57
N SER R 98 51.49 -0.74 1.90
CA SER R 98 52.72 -1.26 2.53
C SER R 98 53.71 -0.24 3.05
N VAL R 99 53.72 0.01 4.34
CA VAL R 99 54.68 0.96 4.87
C VAL R 99 55.97 0.17 5.07
N GLY R 100 55.85 -1.13 4.99
CA GLY R 100 56.97 -1.97 5.35
C GLY R 100 57.89 -1.99 4.18
N ILE R 101 57.30 -2.07 2.98
CA ILE R 101 58.15 -1.94 1.79
C ILE R 101 58.88 -0.55 1.77
N ARG R 102 58.18 0.54 2.11
CA ARG R 102 58.77 1.87 2.01
C ARG R 102 59.97 1.93 2.98
N ASP R 103 59.77 1.40 4.20
CA ASP R 103 60.80 1.43 5.26
C ASP R 103 62.02 0.55 4.93
N ALA R 104 61.76 -0.53 4.17
CA ALA R 104 62.83 -1.34 3.66
C ALA R 104 63.73 -0.59 2.67
N LEU R 105 63.15 0.13 1.72
CA LEU R 105 63.94 0.82 0.72
C LEU R 105 64.69 1.95 1.43
N LEU R 106 64.02 2.63 2.37
CA LEU R 106 64.64 3.74 3.09
C LEU R 106 65.79 3.26 3.97
N GLY R 107 65.58 2.09 4.58
CA GLY R 107 66.51 1.44 5.50
C GLY R 107 67.72 0.94 4.82
N THR R 108 67.61 0.40 3.62
CA THR R 108 68.78 0.01 2.85
C THR R 108 69.34 1.23 2.10
N ALA R 109 68.58 2.32 2.09
CA ALA R 109 68.93 3.55 1.33
C ALA R 109 69.17 3.29 -0.17
N ILE R 110 68.37 2.41 -0.77
CA ILE R 110 68.54 2.17 -2.18
C ILE R 110 67.57 3.06 -2.96
N PRO R 111 68.08 3.75 -3.98
CA PRO R 111 67.09 4.60 -4.64
C PRO R 111 66.18 3.77 -5.50
N PHE R 112 64.99 4.27 -5.76
CA PHE R 112 64.03 3.48 -6.52
C PHE R 112 63.16 4.29 -7.46
N ILE R 113 62.50 3.59 -8.38
CA ILE R 113 61.48 4.23 -9.23
C ILE R 113 60.27 3.39 -9.11
N GLU R 114 59.12 4.01 -9.01
CA GLU R 114 57.88 3.31 -8.79
C GLU R 114 57.21 3.14 -10.17
N VAL R 115 56.87 1.94 -10.56
CA VAL R 115 56.25 1.78 -11.85
C VAL R 115 54.83 1.27 -11.78
N HIS R 116 53.91 1.85 -12.56
CA HIS R 116 52.62 1.23 -12.73
C HIS R 116 52.33 1.08 -14.20
N ILE R 117 51.92 -0.13 -14.58
CA ILE R 117 51.61 -0.40 -15.94
C ILE R 117 50.48 0.48 -16.41
N THR R 118 49.39 0.53 -15.68
CA THR R 118 48.23 1.28 -16.12
C THR R 118 48.24 2.64 -15.43
N ASN R 119 47.47 3.57 -15.93
CA ASN R 119 47.40 4.81 -15.19
C ASN R 119 46.52 4.69 -13.94
N VAL R 120 47.15 4.48 -12.81
CA VAL R 120 46.46 4.42 -11.53
C VAL R 120 45.47 5.63 -11.24
N HIS R 121 45.75 6.82 -11.75
CA HIS R 121 44.87 7.97 -11.43
C HIS R 121 43.54 7.82 -12.09
N GLN R 122 43.38 6.78 -12.89
CA GLN R 122 42.15 6.64 -13.61
C GLN R 122 41.25 5.76 -12.79
N ARG R 123 41.78 5.18 -11.75
CA ARG R 123 41.07 4.17 -11.03
C ARG R 123 40.47 4.69 -9.69
N GLU R 124 40.05 3.78 -8.83
CA GLU R 124 39.45 4.17 -7.55
C GLU R 124 40.43 5.14 -6.82
N PRO R 125 39.88 6.23 -6.22
CA PRO R 125 40.62 7.18 -5.41
C PRO R 125 41.53 6.50 -4.43
N PHE R 126 41.21 5.32 -3.88
CA PHE R 126 42.20 4.77 -2.95
C PHE R 126 43.52 4.50 -3.64
N ARG R 127 43.51 4.24 -4.94
CA ARG R 127 44.75 3.89 -5.60
C ARG R 127 45.58 5.12 -5.92
N HIS R 128 45.04 6.31 -5.66
CA HIS R 128 45.79 7.53 -5.84
C HIS R 128 46.89 7.74 -4.79
N GLN R 129 46.67 7.30 -3.54
CA GLN R 129 47.70 7.34 -2.52
C GLN R 129 48.66 6.18 -2.59
N SER R 130 49.94 6.49 -2.43
CA SER R 130 51.04 5.53 -2.50
C SER R 130 51.96 5.72 -1.28
N TYR R 131 52.48 4.66 -0.68
CA TYR R 131 53.54 4.85 0.29
C TYR R 131 54.96 4.86 -0.33
N LEU R 132 55.00 4.84 -1.68
CA LEU R 132 56.28 4.95 -2.32
C LEU R 132 56.61 6.32 -3.03
N SER R 133 55.61 6.92 -3.64
CA SER R 133 55.84 8.06 -4.52
C SER R 133 56.59 9.14 -3.81
N ASP R 134 56.28 9.42 -2.56
CA ASP R 134 56.92 10.60 -2.03
C ASP R 134 58.35 10.33 -1.76
N LYS R 135 58.76 9.06 -1.86
CA LYS R 135 60.16 8.75 -1.57
C LYS R 135 60.91 8.18 -2.75
N ALA R 136 60.20 7.90 -3.82
CA ALA R 136 60.83 7.41 -5.02
C ALA R 136 61.62 8.52 -5.68
N VAL R 137 62.63 8.19 -6.50
CA VAL R 137 63.24 9.19 -7.34
C VAL R 137 62.14 9.67 -8.32
N ALA R 138 61.52 8.73 -9.02
CA ALA R 138 60.54 9.07 -10.05
C ALA R 138 59.36 8.10 -10.06
N VAL R 139 58.28 8.49 -10.68
CA VAL R 139 57.08 7.61 -10.68
C VAL R 139 56.55 7.65 -12.06
N ILE R 140 56.44 6.47 -12.63
CA ILE R 140 56.01 6.28 -13.99
C ILE R 140 54.77 5.46 -13.91
N CYS R 141 53.68 6.08 -14.32
CA CYS R 141 52.51 5.26 -14.40
C CYS R 141 51.67 5.52 -15.63
N GLY R 142 51.37 4.43 -16.34
CA GLY R 142 50.43 4.41 -17.48
C GLY R 142 51.14 4.29 -18.79
N LEU R 143 52.42 4.00 -18.73
CA LEU R 143 53.25 3.94 -19.90
C LEU R 143 53.31 2.50 -20.43
N GLY R 144 52.40 1.63 -19.95
CA GLY R 144 52.47 0.22 -20.23
C GLY R 144 53.80 -0.38 -19.83
N VAL R 145 54.17 -1.50 -20.47
CA VAL R 145 55.37 -2.23 -20.01
C VAL R 145 56.65 -1.42 -20.23
N TYR R 146 56.56 -0.44 -21.14
CA TYR R 146 57.72 0.40 -21.45
C TYR R 146 58.06 1.32 -20.22
N GLY R 147 57.06 1.52 -19.34
CA GLY R 147 57.33 2.05 -18.04
C GLY R 147 58.58 1.39 -17.47
N TYR R 148 58.68 0.04 -17.52
CA TYR R 148 59.84 -0.63 -16.99
C TYR R 148 61.04 -0.31 -17.86
N THR R 149 60.92 -0.31 -19.17
CA THR R 149 62.12 0.04 -19.96
C THR R 149 62.73 1.41 -19.60
N ALA R 150 61.89 2.44 -19.58
CA ALA R 150 62.34 3.77 -19.26
C ALA R 150 62.89 3.84 -17.83
N ALA R 151 62.26 3.16 -16.89
CA ALA R 151 62.81 3.15 -15.53
C ALA R 151 64.23 2.54 -15.54
N ILE R 152 64.38 1.40 -16.23
CA ILE R 152 65.66 0.73 -16.30
C ILE R 152 66.73 1.61 -17.02
N GLU R 153 66.34 2.36 -18.06
CA GLU R 153 67.28 3.27 -18.68
C GLU R 153 67.80 4.25 -17.69
N TYR R 154 66.91 4.81 -16.88
CA TYR R 154 67.25 5.92 -16.01
C TYR R 154 68.17 5.40 -14.94
N ALA R 155 67.80 4.24 -14.42
CA ALA R 155 68.54 3.50 -13.43
C ALA R 155 69.99 3.29 -13.80
N LEU R 156 70.24 2.83 -15.02
CA LEU R 156 71.54 2.51 -15.52
C LEU R 156 72.33 3.77 -15.76
N ASN R 157 71.68 4.90 -15.93
CA ASN R 157 72.40 6.14 -16.09
C ASN R 157 72.47 6.93 -14.81
N TYR R 158 72.10 6.35 -13.68
CA TYR R 158 72.03 7.13 -12.46
C TYR R 158 73.36 7.17 -11.77
N GLN R 159 73.76 8.37 -11.34
CA GLN R 159 75.08 8.51 -10.68
C GLN R 159 75.16 7.80 -9.31
N LEU R 160 76.22 6.97 -9.15
CA LEU R 160 76.48 6.11 -7.97
C LEU R 160 76.06 6.64 -6.58
N LEU S 13 14.18 48.67 -15.56
CA LEU S 13 14.02 47.54 -16.53
C LEU S 13 15.23 47.37 -17.50
N VAL S 14 15.99 46.28 -17.31
CA VAL S 14 17.32 46.07 -17.92
C VAL S 14 17.33 46.03 -19.45
N LYS S 15 18.33 46.66 -20.08
CA LYS S 15 18.28 46.75 -21.54
C LYS S 15 19.50 46.27 -22.28
N LYS S 16 20.69 46.62 -21.79
CA LYS S 16 21.89 46.10 -22.40
C LYS S 16 22.27 44.85 -21.59
N VAL S 17 22.45 43.70 -22.26
CA VAL S 17 22.75 42.45 -21.57
C VAL S 17 23.95 41.87 -22.25
N LEU S 18 24.91 41.33 -21.49
CA LEU S 18 26.07 40.67 -22.06
C LEU S 18 26.11 39.13 -21.80
N LEU S 19 26.27 38.39 -22.90
CA LEU S 19 26.50 36.93 -22.90
C LEU S 19 28.02 36.59 -23.00
N ILE S 20 28.52 35.72 -22.12
CA ILE S 20 29.94 35.42 -22.06
C ILE S 20 30.12 33.90 -22.05
N ASN S 21 30.90 33.36 -22.96
CA ASN S 21 31.23 32.00 -22.78
C ASN S 21 32.71 31.97 -22.58
N GLY S 22 33.14 31.18 -21.60
CA GLY S 22 34.55 31.02 -21.37
C GLY S 22 35.19 29.88 -22.14
N PRO S 23 36.30 29.37 -21.61
CA PRO S 23 37.16 28.47 -22.30
C PRO S 23 36.46 27.28 -22.93
N ASN S 24 36.93 26.88 -24.08
CA ASN S 24 36.48 25.64 -24.73
C ASN S 24 35.13 25.69 -25.36
N LEU S 25 34.35 26.69 -24.95
CA LEU S 25 33.00 26.87 -25.47
C LEU S 25 32.97 27.12 -26.94
N ASN S 26 33.96 27.76 -27.53
CA ASN S 26 34.02 27.92 -28.98
C ASN S 26 34.01 26.53 -29.67
N LEU S 27 34.31 25.48 -28.92
CA LEU S 27 34.46 24.20 -29.56
C LEU S 27 33.15 23.46 -29.75
N LEU S 28 32.05 23.97 -29.24
CA LEU S 28 30.83 23.24 -29.56
C LEU S 28 30.39 23.55 -30.96
N GLY S 29 29.76 22.58 -31.61
CA GLY S 29 29.73 21.22 -31.16
C GLY S 29 30.46 20.61 -32.34
N THR S 30 31.69 20.15 -32.07
CA THR S 30 32.55 19.64 -33.12
C THR S 30 32.94 18.22 -32.84
N ARG S 31 32.54 17.66 -31.69
CA ARG S 31 32.87 16.25 -31.41
C ARG S 31 31.75 15.11 -31.40
N TYR S 36 26.52 17.83 -27.89
CA TYR S 36 26.81 16.74 -28.86
C TYR S 36 26.00 16.90 -30.23
N GLY S 37 25.16 17.95 -30.30
CA GLY S 37 24.37 18.18 -31.51
C GLY S 37 25.22 19.09 -32.33
N THR S 38 24.87 19.27 -33.60
CA THR S 38 25.62 20.21 -34.40
C THR S 38 25.61 21.71 -33.88
N THR S 39 25.10 22.02 -32.66
CA THR S 39 24.84 23.43 -32.26
C THR S 39 26.11 24.15 -31.94
N SER S 40 26.45 25.15 -32.74
CA SER S 40 27.70 25.88 -32.58
C SER S 40 27.59 27.01 -31.58
N LEU S 41 28.69 27.63 -31.18
CA LEU S 41 28.61 28.72 -30.22
C LEU S 41 28.08 29.91 -30.95
N SER S 42 28.43 30.00 -32.23
CA SER S 42 27.98 31.13 -32.98
C SER S 42 26.45 31.05 -33.07
N ASP S 43 25.88 29.84 -33.08
CA ASP S 43 24.41 29.70 -33.11
C ASP S 43 23.77 30.36 -31.88
N ILE S 44 24.40 30.11 -30.76
CA ILE S 44 23.85 30.48 -29.48
C ILE S 44 23.87 31.98 -29.34
N GLU S 45 25.03 32.53 -29.73
CA GLU S 45 25.30 33.94 -29.76
C GLU S 45 24.22 34.54 -30.62
N GLN S 46 24.10 34.10 -31.87
CA GLN S 46 23.11 34.65 -32.78
C GLN S 46 21.68 34.55 -32.24
N ALA S 47 21.29 33.36 -31.76
CA ALA S 47 19.98 33.11 -31.21
C ALA S 47 19.61 34.16 -30.16
N ALA S 48 20.54 34.43 -29.23
CA ALA S 48 20.40 35.44 -28.18
C ALA S 48 20.30 36.90 -28.71
N ILE S 49 21.12 37.26 -29.70
CA ILE S 49 21.03 38.59 -30.27
C ILE S 49 19.63 38.88 -30.84
N GLU S 50 19.04 37.86 -31.47
CA GLU S 50 17.76 37.98 -32.10
C GLU S 50 16.66 37.97 -31.05
N GLN S 51 16.88 37.25 -29.95
CA GLN S 51 15.93 37.23 -28.83
C GLN S 51 15.59 38.64 -28.38
N ALA S 52 16.66 39.44 -28.16
CA ALA S 52 16.60 40.84 -27.73
C ALA S 52 15.96 41.64 -28.79
N LYS S 53 16.39 41.42 -30.04
CA LYS S 53 15.89 42.18 -31.18
C LYS S 53 14.39 42.06 -31.27
N LEU S 54 13.86 40.84 -31.13
CA LEU S 54 12.39 40.61 -31.19
C LEU S 54 11.59 41.33 -30.12
N LYS S 55 12.20 41.72 -28.98
CA LYS S 55 11.46 42.42 -27.92
C LYS S 55 10.83 43.73 -28.42
N ASN S 56 11.55 44.41 -29.30
CA ASN S 56 11.10 45.60 -30.05
C ASN S 56 11.60 46.92 -29.48
N ASN S 57 11.73 46.99 -28.16
CA ASN S 57 12.06 48.22 -27.41
C ASN S 57 13.57 48.57 -27.27
N ASP S 58 14.37 48.41 -28.33
CA ASP S 58 15.85 48.55 -28.21
C ASP S 58 16.37 48.06 -26.88
N SER S 59 16.35 46.73 -26.67
CA SER S 59 17.28 46.04 -25.77
C SER S 59 18.33 45.59 -26.72
N GLU S 60 19.25 44.78 -26.23
CA GLU S 60 20.39 44.39 -26.99
C GLU S 60 21.13 43.32 -26.25
N VAL S 61 21.57 42.29 -26.94
CA VAL S 61 22.47 41.34 -26.29
C VAL S 61 23.84 41.41 -26.95
N LEU S 62 24.85 41.78 -26.17
CA LEU S 62 26.24 41.77 -26.61
C LEU S 62 26.84 40.45 -26.31
N VAL S 63 27.81 40.00 -27.10
CA VAL S 63 28.36 38.61 -26.92
C VAL S 63 29.88 38.57 -26.89
N PHE S 64 30.42 37.76 -25.99
CA PHE S 64 31.86 37.60 -25.79
C PHE S 64 32.24 36.13 -25.55
N GLN S 65 33.38 35.72 -26.13
CA GLN S 65 34.00 34.40 -25.77
C GLN S 65 35.50 34.50 -25.71
N SER S 66 36.10 33.84 -24.75
CA SER S 66 37.53 33.84 -24.63
C SER S 66 38.02 32.63 -23.91
N ASN S 67 39.23 32.21 -24.23
CA ASN S 67 39.73 31.10 -23.44
C ASN S 67 40.56 31.60 -22.29
N THR S 68 40.92 32.91 -22.34
CA THR S 68 41.80 33.50 -21.37
C THR S 68 41.00 34.18 -20.27
N GLU S 69 41.20 33.71 -19.02
CA GLU S 69 40.57 34.28 -17.82
C GLU S 69 40.73 35.84 -17.77
N GLY S 70 41.94 36.36 -17.89
CA GLY S 70 42.08 37.81 -17.68
C GLY S 70 41.23 38.63 -18.65
N PHE S 71 40.99 38.03 -19.83
CA PHE S 71 40.34 38.68 -20.95
C PHE S 71 38.83 38.74 -20.67
N ILE S 72 38.29 37.69 -20.07
CA ILE S 72 36.92 37.70 -19.61
C ILE S 72 36.77 38.76 -18.51
N ILE S 73 37.84 38.99 -17.74
CA ILE S 73 37.75 39.90 -16.57
C ILE S 73 37.78 41.27 -17.13
N ASP S 74 38.66 41.50 -18.10
CA ASP S 74 38.65 42.74 -18.84
C ASP S 74 37.29 43.00 -19.41
N ARG S 75 36.67 41.97 -19.98
CA ARG S 75 35.39 42.21 -20.65
C ARG S 75 34.35 42.67 -19.65
N ILE S 76 34.26 41.94 -18.52
CA ILE S 76 33.40 42.37 -17.42
C ILE S 76 33.57 43.84 -17.00
N HIS S 77 34.79 44.36 -16.91
CA HIS S 77 35.01 45.76 -16.59
C HIS S 77 34.48 46.68 -17.67
N GLU S 78 34.78 46.29 -18.92
CA GLU S 78 34.37 47.06 -20.12
C GLU S 78 32.85 47.08 -20.10
N ALA S 79 32.24 45.96 -19.75
CA ALA S 79 30.79 45.94 -19.67
C ALA S 79 30.14 47.01 -18.72
N LYS S 80 30.63 47.15 -17.49
CA LYS S 80 30.15 48.20 -16.59
C LYS S 80 30.33 49.58 -17.22
N ARG S 81 31.35 49.69 -18.04
CA ARG S 81 31.71 50.94 -18.65
C ARG S 81 30.73 51.29 -19.79
N GLN S 82 30.27 50.27 -20.51
CA GLN S 82 29.35 50.40 -21.59
C GLN S 82 27.96 50.35 -21.02
N GLY S 83 27.86 50.36 -19.69
CA GLY S 83 26.57 50.33 -18.99
C GLY S 83 25.67 49.16 -19.26
N VAL S 84 26.26 48.00 -19.47
CA VAL S 84 25.57 46.74 -19.46
C VAL S 84 24.90 46.56 -18.10
N GLY S 85 23.62 46.25 -18.10
CA GLY S 85 22.89 46.14 -16.89
C GLY S 85 22.67 44.74 -16.32
N PHE S 86 23.18 43.67 -16.97
CA PHE S 86 22.99 42.25 -16.54
C PHE S 86 23.89 41.37 -17.42
N VAL S 87 24.50 40.36 -16.80
CA VAL S 87 25.33 39.39 -17.51
C VAL S 87 24.72 37.99 -17.39
N VAL S 88 24.65 37.30 -18.56
CA VAL S 88 24.42 35.84 -18.67
C VAL S 88 25.74 35.21 -19.06
N ILE S 89 26.32 34.42 -18.17
CA ILE S 89 27.67 33.91 -18.37
C ILE S 89 27.68 32.39 -18.13
N ASN S 90 28.25 31.66 -19.10
CA ASN S 90 28.73 30.31 -18.93
C ASN S 90 30.26 30.30 -18.88
N ALA S 91 30.81 30.32 -17.66
CA ALA S 91 32.23 30.42 -17.41
C ALA S 91 33.01 29.12 -17.78
N GLY S 92 32.27 28.10 -18.23
CA GLY S 92 32.89 26.84 -18.66
C GLY S 92 33.77 26.39 -17.52
N ALA S 93 35.01 26.01 -17.81
CA ALA S 93 35.88 25.52 -16.73
C ALA S 93 36.16 26.58 -15.66
N TYR S 94 36.12 27.87 -16.03
CA TYR S 94 36.44 28.89 -15.06
C TYR S 94 35.43 28.99 -13.93
N THR S 95 34.24 28.43 -14.12
CA THR S 95 33.28 28.36 -13.05
C THR S 95 33.92 27.81 -11.77
N HIS S 96 34.79 26.83 -11.94
CA HIS S 96 35.18 26.03 -10.83
C HIS S 96 36.47 26.55 -10.30
N THR S 97 37.09 27.46 -11.04
CA THR S 97 38.44 27.87 -10.70
C THR S 97 38.66 29.33 -10.53
N SER S 98 37.80 30.18 -11.09
CA SER S 98 38.16 31.59 -11.21
C SER S 98 37.56 32.45 -10.12
N VAL S 99 38.33 32.79 -9.11
CA VAL S 99 37.85 33.75 -8.16
C VAL S 99 37.94 35.13 -8.81
N GLY S 100 38.79 35.32 -9.80
CA GLY S 100 38.92 36.62 -10.43
C GLY S 100 37.66 37.07 -11.15
N ILE S 101 37.05 36.13 -11.87
CA ILE S 101 35.77 36.38 -12.53
C ILE S 101 34.69 36.80 -11.48
N ARG S 102 34.52 36.03 -10.39
CA ARG S 102 33.54 36.44 -9.35
C ARG S 102 33.82 37.92 -8.90
N ASP S 103 35.06 38.19 -8.48
CA ASP S 103 35.40 39.50 -8.01
C ASP S 103 35.22 40.60 -9.05
N ALA S 104 35.26 40.22 -10.34
CA ALA S 104 34.98 41.22 -11.37
C ALA S 104 33.50 41.49 -11.38
N LEU S 105 32.71 40.41 -11.23
CA LEU S 105 31.26 40.61 -11.30
C LEU S 105 30.79 41.35 -10.05
N LEU S 106 31.24 40.87 -8.90
CA LEU S 106 30.99 41.57 -7.63
C LEU S 106 31.47 42.97 -7.67
N GLY S 107 32.65 43.19 -8.23
CA GLY S 107 33.32 44.53 -8.25
C GLY S 107 32.71 45.57 -9.18
N THR S 108 32.11 45.17 -10.29
CA THR S 108 31.38 46.09 -11.14
C THR S 108 29.88 46.13 -10.77
N ALA S 109 29.45 45.23 -9.88
CA ALA S 109 28.05 45.08 -9.38
C ALA S 109 27.00 44.80 -10.46
N ILE S 110 27.40 44.20 -11.56
CA ILE S 110 26.43 43.76 -12.56
C ILE S 110 25.85 42.40 -12.13
N PRO S 111 24.50 42.28 -12.02
CA PRO S 111 23.97 41.00 -11.58
C PRO S 111 24.04 40.00 -12.68
N PHE S 112 24.09 38.73 -12.32
CA PHE S 112 24.21 37.71 -13.35
C PHE S 112 23.54 36.37 -13.06
N ILE S 113 23.40 35.62 -14.14
CA ILE S 113 22.91 34.26 -14.09
C ILE S 113 24.04 33.40 -14.66
N GLU S 114 24.21 32.19 -14.12
CA GLU S 114 25.26 31.25 -14.45
C GLU S 114 24.63 30.16 -15.29
N VAL S 115 25.25 29.84 -16.40
CA VAL S 115 24.65 28.78 -17.20
C VAL S 115 25.56 27.62 -17.44
N HIS S 116 25.04 26.39 -17.34
CA HIS S 116 25.74 25.25 -17.91
C HIS S 116 24.90 24.54 -18.95
N ILE S 117 25.38 24.27 -20.14
CA ILE S 117 24.60 23.47 -21.07
C ILE S 117 24.21 22.09 -20.53
N THR S 118 25.12 21.46 -19.79
CA THR S 118 24.85 20.10 -19.35
C THR S 118 24.74 19.99 -17.83
N ASN S 119 24.13 18.95 -17.29
CA ASN S 119 24.00 18.95 -15.83
C ASN S 119 25.30 18.63 -15.14
N VAL S 120 25.99 19.69 -14.80
CA VAL S 120 27.23 19.65 -14.07
C VAL S 120 27.18 18.65 -12.93
N HIS S 121 26.04 18.51 -12.26
CA HIS S 121 25.98 17.64 -11.08
C HIS S 121 26.11 16.16 -11.40
N GLN S 122 25.97 15.80 -12.69
CA GLN S 122 26.10 14.46 -13.14
C GLN S 122 27.55 14.11 -13.30
N ARG S 123 28.43 15.09 -13.23
CA ARG S 123 29.87 14.88 -13.48
C ARG S 123 30.79 14.82 -12.26
N GLU S 124 32.09 14.87 -12.49
CA GLU S 124 33.12 14.73 -11.46
C GLU S 124 32.78 15.77 -10.33
N PRO S 125 32.78 15.34 -9.05
CA PRO S 125 32.71 16.05 -7.79
C PRO S 125 33.34 17.42 -7.86
N PHE S 126 34.55 17.55 -8.41
CA PHE S 126 35.07 18.91 -8.49
C PHE S 126 34.16 19.87 -9.25
N ARG S 127 33.19 19.41 -10.01
CA ARG S 127 32.53 20.38 -10.88
C ARG S 127 31.28 20.82 -10.17
N HIS S 128 31.02 20.23 -8.99
CA HIS S 128 29.92 20.65 -8.16
C HIS S 128 30.14 21.99 -7.45
N GLN S 129 31.39 22.45 -7.31
CA GLN S 129 31.70 23.75 -6.70
C GLN S 129 31.74 24.77 -7.76
N SER S 130 31.24 25.98 -7.46
CA SER S 130 31.31 27.07 -8.34
C SER S 130 31.70 28.34 -7.60
N TYR S 131 32.64 29.14 -8.07
CA TYR S 131 32.76 30.41 -7.44
C TYR S 131 31.75 31.45 -7.92
N LEU S 132 30.67 31.04 -8.62
CA LEU S 132 29.64 32.00 -9.02
C LEU S 132 28.23 31.71 -8.41
N SER S 133 27.87 30.44 -8.29
CA SER S 133 26.56 30.07 -7.78
C SER S 133 26.12 30.90 -6.61
N ASP S 134 26.97 31.05 -5.59
CA ASP S 134 26.51 31.74 -4.42
C ASP S 134 26.29 33.25 -4.59
N LYS S 135 26.86 33.84 -5.62
CA LYS S 135 26.62 35.27 -5.94
C LYS S 135 25.70 35.51 -7.14
N ALA S 136 25.23 34.46 -7.80
CA ALA S 136 24.38 34.74 -8.95
C ALA S 136 22.99 34.99 -8.49
N VAL S 137 22.24 35.63 -9.37
CA VAL S 137 20.81 35.73 -9.16
C VAL S 137 20.23 34.33 -9.35
N ALA S 138 20.60 33.62 -10.42
CA ALA S 138 20.28 32.21 -10.56
C ALA S 138 21.30 31.29 -11.27
N VAL S 139 21.08 30.02 -11.15
CA VAL S 139 21.92 29.06 -11.85
C VAL S 139 20.96 28.09 -12.55
N ILE S 140 21.06 28.12 -13.90
CA ILE S 140 20.44 27.18 -14.81
C ILE S 140 21.49 26.19 -15.31
N CYS S 141 21.28 24.93 -15.03
CA CYS S 141 22.28 24.01 -15.42
C CYS S 141 21.60 22.68 -15.89
N GLY S 142 21.84 22.36 -17.17
CA GLY S 142 21.42 21.11 -17.80
C GLY S 142 20.23 21.24 -18.69
N LEU S 143 19.76 22.48 -18.86
CA LEU S 143 18.58 22.73 -19.67
C LEU S 143 18.98 22.77 -21.16
N GLY S 144 20.23 22.40 -21.43
CA GLY S 144 20.82 22.43 -22.73
C GLY S 144 21.06 23.85 -23.19
N VAL S 145 21.03 24.06 -24.49
CA VAL S 145 21.24 25.34 -25.08
C VAL S 145 20.10 26.30 -24.73
N TYR S 146 18.95 25.72 -24.42
CA TYR S 146 17.77 26.51 -24.09
C TYR S 146 18.02 27.27 -22.78
N GLY S 147 18.99 26.80 -21.99
CA GLY S 147 19.37 27.44 -20.77
C GLY S 147 19.76 28.88 -21.01
N TYR S 148 20.44 29.18 -22.13
CA TYR S 148 20.72 30.57 -22.41
C TYR S 148 19.41 31.28 -22.69
N THR S 149 18.50 30.65 -23.44
CA THR S 149 17.32 31.38 -23.88
C THR S 149 16.55 31.84 -22.66
N ALA S 150 16.55 30.96 -21.65
CA ALA S 150 15.74 31.14 -20.49
C ALA S 150 16.43 32.14 -19.61
N ALA S 151 17.71 31.97 -19.30
CA ALA S 151 18.51 33.04 -18.69
C ALA S 151 18.16 34.42 -19.29
N ILE S 152 18.11 34.54 -20.61
CA ILE S 152 18.08 35.87 -21.19
C ILE S 152 16.70 36.52 -21.02
N GLU S 153 15.64 35.73 -21.11
CA GLU S 153 14.30 36.17 -20.84
C GLU S 153 14.25 36.75 -19.44
N TYR S 154 14.89 36.08 -18.50
CA TYR S 154 14.78 36.49 -17.12
C TYR S 154 15.49 37.80 -16.96
N ALA S 155 16.70 37.86 -17.50
CA ALA S 155 17.51 39.10 -17.61
C ALA S 155 16.69 40.26 -18.12
N LEU S 156 16.25 40.17 -19.37
CA LEU S 156 15.50 41.18 -20.07
C LEU S 156 14.22 41.57 -19.37
N ASN S 157 13.88 40.87 -18.27
CA ASN S 157 12.71 41.22 -17.46
C ASN S 157 13.07 41.70 -16.09
N TYR S 158 14.27 42.21 -15.92
CA TYR S 158 14.82 42.36 -14.59
C TYR S 158 14.87 43.80 -14.07
N GLN S 159 14.16 43.99 -12.97
CA GLN S 159 14.36 45.04 -11.95
C GLN S 159 15.31 46.23 -12.26
N LEU S 160 14.67 47.38 -12.57
CA LEU S 160 15.28 48.75 -12.57
C LEU S 160 14.34 50.01 -12.83
N GLN T 12 74.00 45.65 -0.02
CA GLN T 12 73.38 46.44 1.10
C GLN T 12 71.83 46.28 1.16
N LEU T 13 71.14 47.36 1.56
CA LEU T 13 69.68 47.49 1.45
C LEU T 13 69.26 47.41 -0.06
N VAL T 14 68.00 47.09 -0.32
CA VAL T 14 67.47 46.93 -1.68
C VAL T 14 67.13 48.29 -2.35
N LYS T 15 67.39 48.38 -3.65
CA LYS T 15 67.27 49.63 -4.41
C LYS T 15 66.10 49.63 -5.35
N LYS T 16 65.83 48.51 -6.02
CA LYS T 16 64.83 48.50 -7.07
C LYS T 16 63.65 47.59 -6.71
N VAL T 17 62.45 48.15 -6.45
CA VAL T 17 61.31 47.35 -5.97
C VAL T 17 60.17 47.35 -6.96
N LEU T 18 59.45 46.24 -7.11
CA LEU T 18 58.28 46.23 -8.03
C LEU T 18 56.96 46.02 -7.29
N LEU T 19 56.09 47.03 -7.35
CA LEU T 19 54.72 46.86 -6.86
C LEU T 19 53.78 46.12 -7.87
N ILE T 20 53.17 44.99 -7.50
CA ILE T 20 52.26 44.30 -8.42
C ILE T 20 50.84 44.32 -7.88
N ASN T 21 49.89 44.74 -8.72
CA ASN T 21 48.47 44.56 -8.40
C ASN T 21 47.74 43.64 -9.40
N GLY T 22 46.95 42.71 -8.84
CA GLY T 22 46.24 41.74 -9.65
C GLY T 22 44.86 42.14 -10.09
N PRO T 23 44.06 41.16 -10.50
CA PRO T 23 42.76 41.31 -11.12
C PRO T 23 41.88 42.35 -10.42
N ASN T 24 41.02 43.05 -11.12
CA ASN T 24 40.03 43.86 -10.39
C ASN T 24 40.50 45.14 -9.66
N LEU T 25 41.74 45.15 -9.18
CA LEU T 25 42.29 46.25 -8.47
C LEU T 25 42.29 47.57 -9.20
N ASN T 26 42.31 47.61 -10.52
CA ASN T 26 42.02 48.84 -11.25
C ASN T 26 40.73 49.47 -10.84
N LEU T 27 39.85 48.68 -10.24
CA LEU T 27 38.49 49.19 -9.94
C LEU T 27 38.37 49.97 -8.64
N LEU T 28 39.44 50.06 -7.87
CA LEU T 28 39.26 50.73 -6.58
C LEU T 28 39.37 52.20 -6.86
N GLY T 29 38.47 53.03 -6.37
CA GLY T 29 37.26 52.60 -5.71
C GLY T 29 36.23 53.31 -6.58
N THR T 30 35.43 52.51 -7.31
CA THR T 30 34.34 53.05 -8.09
C THR T 30 32.98 52.72 -7.48
N ARG T 31 32.90 52.02 -6.33
CA ARG T 31 31.50 51.79 -5.82
C ARG T 31 30.52 52.91 -5.23
N TYR T 36 35.84 51.38 -0.56
CA TYR T 36 34.58 52.12 -0.52
C TYR T 36 34.84 53.70 -0.48
N GLY T 37 36.10 54.12 -0.17
CA GLY T 37 36.52 55.56 -0.20
C GLY T 37 37.26 55.84 -1.51
N THR T 38 37.21 57.08 -2.00
CA THR T 38 37.61 57.31 -3.40
C THR T 38 39.13 57.03 -3.84
N THR T 39 39.93 56.29 -3.03
CA THR T 39 41.37 56.02 -3.32
C THR T 39 41.52 55.09 -4.47
N SER T 40 42.14 55.56 -5.55
CA SER T 40 42.24 54.77 -6.76
C SER T 40 43.52 53.98 -6.85
N LEU T 41 43.61 53.04 -7.79
CA LEU T 41 44.80 52.21 -7.91
C LEU T 41 45.92 53.14 -8.32
N SER T 42 45.57 54.17 -9.06
CA SER T 42 46.59 55.03 -9.53
C SER T 42 47.19 55.89 -8.38
N ASP T 43 46.39 56.21 -7.36
CA ASP T 43 46.87 56.90 -6.15
C ASP T 43 47.88 56.07 -5.38
N ILE T 44 47.65 54.78 -5.31
CA ILE T 44 48.51 53.90 -4.59
C ILE T 44 49.82 53.76 -5.35
N GLU T 45 49.67 53.54 -6.67
CA GLU T 45 50.77 53.43 -7.60
C GLU T 45 51.67 54.68 -7.41
N GLN T 46 51.05 55.84 -7.38
CA GLN T 46 51.83 57.03 -7.31
C GLN T 46 52.52 57.27 -5.97
N ALA T 47 51.82 57.07 -4.85
CA ALA T 47 52.41 57.26 -3.51
C ALA T 47 53.60 56.32 -3.31
N ALA T 48 53.44 55.08 -3.76
CA ALA T 48 54.53 54.13 -3.70
C ALA T 48 55.80 54.60 -4.47
N ILE T 49 55.67 54.97 -5.74
CA ILE T 49 56.76 55.59 -6.58
C ILE T 49 57.52 56.70 -5.87
N GLU T 50 56.70 57.54 -5.24
CA GLU T 50 57.02 58.79 -4.61
C GLU T 50 57.69 58.51 -3.28
N GLN T 51 57.41 57.34 -2.72
CA GLN T 51 57.94 56.98 -1.43
C GLN T 51 59.40 56.60 -1.59
N ALA T 52 59.72 55.96 -2.72
CA ALA T 52 61.09 55.62 -3.08
C ALA T 52 61.87 56.89 -3.38
N LYS T 53 61.41 57.67 -4.35
CA LYS T 53 61.96 58.98 -4.65
C LYS T 53 62.46 59.71 -3.39
N LEU T 54 61.60 59.86 -2.38
CA LEU T 54 61.98 60.61 -1.16
C LEU T 54 63.02 59.89 -0.29
N LYS T 55 63.97 59.20 -0.90
CA LYS T 55 65.14 58.64 -0.18
C LYS T 55 66.47 59.18 -0.77
N ASN T 56 66.39 59.88 -1.90
CA ASN T 56 67.50 60.06 -2.86
C ASN T 56 68.12 58.83 -3.49
N ASN T 57 68.56 57.90 -2.64
CA ASN T 57 69.61 56.89 -2.92
C ASN T 57 69.38 55.85 -4.05
N ASP T 58 68.84 56.27 -5.20
CA ASP T 58 68.58 55.41 -6.36
C ASP T 58 67.68 54.27 -5.98
N SER T 59 66.84 54.54 -4.99
CA SER T 59 65.78 53.62 -4.67
C SER T 59 64.74 53.96 -5.71
N GLU T 60 63.85 53.02 -5.97
CA GLU T 60 62.90 53.15 -7.02
C GLU T 60 61.76 52.15 -6.83
N VAL T 61 60.56 52.52 -7.24
CA VAL T 61 59.44 51.58 -7.28
C VAL T 61 58.88 51.62 -8.69
N LEU T 62 58.90 50.49 -9.37
CA LEU T 62 58.26 50.35 -10.65
C LEU T 62 56.91 49.69 -10.32
N VAL T 63 55.84 50.03 -11.07
CA VAL T 63 54.46 49.57 -10.79
C VAL T 63 53.83 48.75 -11.90
N PHE T 64 53.07 47.73 -11.52
CA PHE T 64 52.33 46.90 -12.50
C PHE T 64 50.96 46.47 -12.02
N GLN T 65 49.97 46.51 -12.91
CA GLN T 65 48.71 45.83 -12.64
C GLN T 65 48.19 45.14 -13.86
N SER T 66 47.64 43.95 -13.69
CA SER T 66 46.98 43.24 -14.79
C SER T 66 45.95 42.32 -14.30
N ASN T 67 44.94 42.13 -15.13
CA ASN T 67 43.87 41.21 -14.79
C ASN T 67 44.19 39.76 -15.12
N THR T 68 45.22 39.52 -15.98
CA THR T 68 45.71 38.21 -16.43
C THR T 68 46.86 37.52 -15.61
N GLU T 69 46.58 36.37 -14.99
CA GLU T 69 47.62 35.47 -14.47
C GLU T 69 48.97 35.53 -15.32
N GLY T 70 48.92 35.10 -16.60
CA GLY T 70 50.14 34.91 -17.43
C GLY T 70 50.97 36.20 -17.41
N PHE T 71 50.27 37.29 -17.71
CA PHE T 71 50.87 38.60 -17.78
C PHE T 71 51.57 38.92 -16.46
N ILE T 72 50.91 38.66 -15.33
CA ILE T 72 51.58 38.88 -14.03
C ILE T 72 52.88 37.99 -13.88
N ILE T 73 52.80 36.73 -14.30
CA ILE T 73 53.94 35.85 -14.32
C ILE T 73 55.03 36.43 -15.26
N ASP T 74 54.64 36.86 -16.50
CA ASP T 74 55.58 37.45 -17.49
C ASP T 74 56.28 38.63 -16.83
N ARG T 75 55.53 39.46 -16.12
CA ARG T 75 56.14 40.64 -15.54
C ARG T 75 57.12 40.21 -14.45
N ILE T 76 56.74 39.24 -13.61
CA ILE T 76 57.69 38.76 -12.58
C ILE T 76 58.98 38.24 -13.19
N HIS T 77 58.91 37.53 -14.32
CA HIS T 77 60.15 37.16 -15.02
C HIS T 77 60.97 38.38 -15.38
N GLU T 78 60.31 39.34 -16.00
CA GLU T 78 60.89 40.61 -16.37
C GLU T 78 61.62 41.35 -15.23
N ALA T 79 61.05 41.31 -14.05
CA ALA T 79 61.64 41.97 -12.92
C ALA T 79 63.00 41.38 -12.59
N LYS T 80 63.16 40.08 -12.82
CA LYS T 80 64.44 39.44 -12.59
C LYS T 80 65.40 39.98 -13.64
N ARG T 81 64.95 39.98 -14.90
CA ARG T 81 65.75 40.48 -15.97
C ARG T 81 66.19 41.95 -15.67
N GLN T 82 65.42 42.66 -14.85
CA GLN T 82 65.65 44.06 -14.60
C GLN T 82 66.44 44.31 -13.35
N GLY T 83 66.80 43.25 -12.67
CA GLY T 83 67.46 43.38 -11.38
C GLY T 83 66.52 43.86 -10.29
N VAL T 84 65.21 43.62 -10.39
CA VAL T 84 64.35 43.93 -9.25
C VAL T 84 64.79 43.12 -8.04
N GLY T 85 65.03 43.80 -6.92
CA GLY T 85 65.40 43.14 -5.69
C GLY T 85 64.28 42.71 -4.76
N PHE T 86 63.07 43.27 -4.90
CA PHE T 86 61.93 42.93 -4.00
C PHE T 86 60.59 43.17 -4.68
N VAL T 87 59.62 42.31 -4.36
CA VAL T 87 58.27 42.48 -4.86
C VAL T 87 57.23 42.70 -3.76
N VAL T 88 56.43 43.75 -3.88
CA VAL T 88 55.34 43.94 -2.96
C VAL T 88 54.17 43.66 -3.86
N ILE T 89 53.38 42.62 -3.56
CA ILE T 89 52.27 42.16 -4.40
C ILE T 89 50.91 42.02 -3.67
N ASN T 90 49.86 42.45 -4.36
CA ASN T 90 48.48 42.24 -3.92
C ASN T 90 47.82 41.52 -5.11
N ALA T 91 47.59 40.21 -4.97
CA ALA T 91 47.37 39.42 -6.15
C ALA T 91 45.89 39.27 -6.38
N GLY T 92 45.13 39.98 -5.55
CA GLY T 92 43.70 39.97 -5.60
C GLY T 92 43.24 38.54 -5.52
N ALA T 93 42.22 38.17 -6.31
CA ALA T 93 41.78 36.78 -6.39
C ALA T 93 42.92 35.83 -6.59
N TYR T 94 43.93 36.23 -7.37
CA TYR T 94 45.00 35.27 -7.71
C TYR T 94 45.74 34.79 -6.50
N THR T 95 45.61 35.47 -5.38
CA THR T 95 46.10 34.99 -4.10
C THR T 95 45.60 33.61 -3.77
N HIS T 96 44.39 33.29 -4.17
CA HIS T 96 43.77 32.10 -3.70
C HIS T 96 43.80 31.03 -4.77
N THR T 97 44.18 31.37 -5.98
CA THR T 97 44.05 30.42 -7.07
C THR T 97 45.32 30.24 -7.90
N SER T 98 46.27 31.16 -7.79
CA SER T 98 47.43 31.11 -8.67
C SER T 98 48.71 30.48 -8.13
N VAL T 99 48.81 29.14 -8.14
CA VAL T 99 50.08 28.47 -7.98
C VAL T 99 51.11 29.01 -8.96
N GLY T 100 50.69 29.38 -10.18
CA GLY T 100 51.60 29.92 -11.19
C GLY T 100 52.33 31.17 -10.77
N ILE T 101 51.64 32.11 -10.11
CA ILE T 101 52.29 33.33 -9.62
C ILE T 101 53.30 32.97 -8.50
N ARG T 102 52.91 32.06 -7.60
CA ARG T 102 53.82 31.54 -6.56
C ARG T 102 55.17 31.00 -7.18
N ASP T 103 55.03 30.14 -8.18
CA ASP T 103 56.17 29.56 -8.84
C ASP T 103 57.01 30.57 -9.67
N ALA T 104 56.37 31.67 -10.07
CA ALA T 104 57.13 32.71 -10.71
C ALA T 104 58.01 33.40 -9.68
N LEU T 105 57.44 33.80 -8.54
CA LEU T 105 58.22 34.40 -7.43
C LEU T 105 59.30 33.49 -6.92
N LEU T 106 58.96 32.25 -6.63
CA LEU T 106 59.98 31.25 -6.27
C LEU T 106 61.00 30.99 -7.35
N GLY T 107 60.58 30.92 -8.63
CA GLY T 107 61.47 30.64 -9.80
C GLY T 107 62.54 31.70 -9.99
N THR T 108 62.14 32.94 -10.10
CA THR T 108 63.05 34.07 -10.14
C THR T 108 63.73 34.37 -8.79
N ALA T 109 63.29 33.77 -7.69
CA ALA T 109 63.88 33.99 -6.36
C ALA T 109 63.80 35.43 -5.86
N ILE T 110 62.69 36.13 -6.11
CA ILE T 110 62.59 37.49 -5.60
C ILE T 110 61.80 37.44 -4.30
N PRO T 111 62.34 38.00 -3.23
CA PRO T 111 61.53 38.02 -2.03
C PRO T 111 60.27 38.96 -2.14
N PHE T 112 59.17 38.58 -1.48
CA PHE T 112 57.96 39.36 -1.59
C PHE T 112 57.15 39.52 -0.28
N ILE T 113 56.32 40.55 -0.27
CA ILE T 113 55.33 40.72 0.78
C ILE T 113 53.94 40.75 0.13
N GLU T 114 53.03 39.88 0.55
CA GLU T 114 51.62 39.83 0.16
C GLU T 114 50.84 40.90 0.90
N VAL T 115 50.09 41.72 0.15
CA VAL T 115 49.25 42.74 0.76
C VAL T 115 47.81 42.47 0.42
N HIS T 116 46.92 42.65 1.39
CA HIS T 116 45.49 42.80 1.14
C HIS T 116 44.97 44.10 1.78
N ILE T 117 44.34 44.98 1.01
CA ILE T 117 43.74 46.18 1.53
C ILE T 117 42.74 45.90 2.68
N THR T 118 41.88 44.89 2.51
CA THR T 118 40.83 44.69 3.51
C THR T 118 41.31 43.47 4.23
N ASN T 119 40.66 43.16 5.36
CA ASN T 119 41.00 41.98 6.12
C ASN T 119 40.26 40.78 5.60
N VAL T 120 40.89 40.16 4.63
CA VAL T 120 40.51 38.87 4.13
C VAL T 120 39.93 37.89 5.16
N HIS T 121 40.42 37.85 6.39
CA HIS T 121 39.93 36.81 7.33
C HIS T 121 38.54 37.07 7.81
N GLN T 122 38.03 38.27 7.55
CA GLN T 122 36.62 38.54 7.77
C GLN T 122 35.71 38.00 6.70
N ARG T 123 36.24 37.67 5.53
CA ARG T 123 35.42 37.28 4.40
C ARG T 123 35.14 35.75 4.31
N GLU T 124 34.73 35.27 3.13
CA GLU T 124 34.36 33.87 2.92
C GLU T 124 35.56 33.01 3.35
N PRO T 125 35.30 31.80 3.89
CA PRO T 125 36.44 30.90 4.24
C PRO T 125 37.41 30.62 3.09
N PHE T 126 36.97 30.57 1.84
CA PHE T 126 37.94 30.31 0.77
C PHE T 126 39.00 31.33 0.70
N ARG T 127 38.76 32.50 1.22
CA ARG T 127 39.69 33.60 1.02
C ARG T 127 40.76 33.58 2.08
N HIS T 128 40.68 32.56 2.93
CA HIS T 128 41.67 32.36 3.97
C HIS T 128 42.93 31.64 3.51
N GLN T 129 42.92 30.98 2.36
CA GLN T 129 44.06 30.24 1.87
C GLN T 129 44.70 31.14 0.91
N SER T 130 46.04 31.29 0.99
CA SER T 130 46.82 31.94 -0.05
C SER T 130 47.85 30.97 -0.62
N TYR T 131 48.21 31.09 -1.90
CA TYR T 131 49.40 30.41 -2.42
C TYR T 131 50.67 31.24 -2.26
N LEU T 132 50.51 32.48 -1.76
CA LEU T 132 51.66 33.31 -1.44
C LEU T 132 52.17 33.23 0.00
N SER T 133 51.25 33.27 0.97
CA SER T 133 51.57 33.49 2.40
C SER T 133 52.73 32.72 2.96
N ASP T 134 52.85 31.47 2.59
CA ASP T 134 53.78 30.65 3.25
C ASP T 134 55.12 30.71 2.64
N LYS T 135 55.22 31.47 1.55
CA LYS T 135 56.51 31.84 0.94
C LYS T 135 56.84 33.31 1.04
N ALA T 136 55.89 34.14 1.47
CA ALA T 136 56.14 35.55 1.55
C ALA T 136 57.08 35.88 2.70
N VAL T 137 57.71 37.06 2.64
CA VAL T 137 58.48 37.49 3.78
C VAL T 137 57.53 37.85 4.91
N ALA T 138 56.53 38.69 4.62
CA ALA T 138 55.39 38.99 5.51
C ALA T 138 54.12 39.04 4.72
N VAL T 139 53.01 39.03 5.46
CA VAL T 139 51.66 39.25 4.92
C VAL T 139 50.98 40.38 5.74
N ILE T 140 50.56 41.46 5.08
CA ILE T 140 49.87 42.56 5.75
C ILE T 140 48.54 42.51 5.09
N CYS T 141 47.50 42.52 5.92
CA CYS T 141 46.18 42.70 5.39
C CYS T 141 45.16 43.19 6.39
N GLY T 142 44.30 44.08 5.89
CA GLY T 142 43.36 44.95 6.63
C GLY T 142 43.97 46.28 7.07
N LEU T 143 45.16 46.62 6.58
CA LEU T 143 45.75 47.85 7.07
C LEU T 143 45.36 48.99 6.10
N GLY T 144 44.47 48.66 5.16
CA GLY T 144 43.94 49.61 4.20
C GLY T 144 44.98 49.82 3.16
N VAL T 145 44.97 51.02 2.59
CA VAL T 145 45.93 51.39 1.56
C VAL T 145 47.35 51.53 2.16
N TYR T 146 47.38 51.78 3.46
CA TYR T 146 48.62 51.90 4.23
C TYR T 146 49.42 50.61 4.24
N GLY T 147 48.77 49.45 4.08
CA GLY T 147 49.47 48.16 4.08
C GLY T 147 50.56 48.12 3.02
N TYR T 148 50.28 48.72 1.85
CA TYR T 148 51.25 49.08 0.82
C TYR T 148 52.39 49.93 1.36
N THR T 149 52.13 51.04 2.01
CA THR T 149 53.24 51.85 2.51
C THR T 149 54.19 51.06 3.45
N ALA T 150 53.62 50.34 4.42
CA ALA T 150 54.36 49.38 5.26
C ALA T 150 55.20 48.37 4.45
N ALA T 151 54.57 47.69 3.48
CA ALA T 151 55.32 46.85 2.53
C ALA T 151 56.51 47.56 1.88
N ILE T 152 56.27 48.77 1.33
CA ILE T 152 57.37 49.52 0.76
C ILE T 152 58.49 49.88 1.79
N GLU T 153 58.13 50.12 3.04
CA GLU T 153 59.18 50.57 4.00
C GLU T 153 60.10 49.42 4.40
N TYR T 154 59.57 48.23 4.27
CA TYR T 154 60.31 47.07 4.66
C TYR T 154 61.21 46.69 3.47
N ALA T 155 60.60 46.70 2.28
CA ALA T 155 61.25 46.36 1.03
C ALA T 155 62.53 47.13 0.95
N LEU T 156 62.38 48.43 1.12
CA LEU T 156 63.44 49.40 0.98
C LEU T 156 64.44 49.34 2.10
N ASN T 157 64.40 48.30 2.90
CA ASN T 157 65.27 48.16 4.04
C ASN T 157 65.84 46.78 4.16
N TYR T 158 65.46 45.93 3.22
CA TYR T 158 65.79 44.52 3.24
C TYR T 158 67.20 44.23 2.67
N GLN T 159 67.86 43.20 3.19
CA GLN T 159 69.30 42.93 2.94
C GLN T 159 69.91 42.76 1.51
N LEU U 13 49.63 4.68 -36.62
CA LEU U 13 50.68 5.37 -35.81
C LEU U 13 50.62 6.90 -35.85
N VAL U 14 50.82 7.53 -34.69
CA VAL U 14 50.93 9.00 -34.57
C VAL U 14 52.23 9.59 -35.17
N LYS U 15 52.07 10.70 -35.89
CA LYS U 15 53.15 11.33 -36.63
C LYS U 15 53.34 12.81 -36.27
N LYS U 16 52.27 13.49 -35.86
CA LYS U 16 52.34 14.88 -35.48
C LYS U 16 52.14 14.94 -33.94
N VAL U 17 53.19 15.32 -33.21
CA VAL U 17 53.11 15.34 -31.76
C VAL U 17 53.37 16.76 -31.32
N LEU U 18 52.57 17.31 -30.42
CA LEU U 18 52.88 18.67 -29.96
C LEU U 18 53.32 18.62 -28.53
N LEU U 19 54.54 19.09 -28.24
CA LEU U 19 55.00 19.31 -26.88
C LEU U 19 54.57 20.68 -26.33
N ILE U 20 53.93 20.68 -25.16
CA ILE U 20 53.58 21.96 -24.51
C ILE U 20 54.23 22.01 -23.17
N ASN U 21 54.88 23.14 -22.82
CA ASN U 21 55.31 23.44 -21.48
C ASN U 21 54.59 24.69 -20.96
N GLY U 22 54.16 24.61 -19.70
CA GLY U 22 53.45 25.70 -19.04
C GLY U 22 54.32 26.74 -18.37
N PRO U 23 53.74 27.46 -17.42
CA PRO U 23 54.35 28.62 -16.84
C PRO U 23 55.64 28.36 -16.13
N ASN U 24 56.49 29.37 -16.15
CA ASN U 24 57.75 29.32 -15.46
C ASN U 24 58.76 28.35 -16.07
N LEU U 25 58.28 27.45 -16.95
CA LEU U 25 59.21 26.52 -17.61
C LEU U 25 60.24 27.18 -18.47
N ASN U 26 60.05 28.39 -18.95
CA ASN U 26 61.06 29.06 -19.71
C ASN U 26 62.29 29.30 -18.88
N LEU U 27 62.12 29.41 -17.57
CA LEU U 27 63.25 29.74 -16.69
C LEU U 27 64.16 28.54 -16.36
N LEU U 28 63.91 27.33 -16.84
CA LEU U 28 64.97 26.38 -16.54
C LEU U 28 66.15 26.65 -17.44
N GLY U 29 67.35 26.51 -16.90
CA GLY U 29 67.56 26.20 -15.51
C GLY U 29 68.48 27.35 -15.21
N THR U 30 67.87 28.46 -14.76
CA THR U 30 68.60 29.68 -14.53
C THR U 30 69.07 29.92 -13.11
N ARG U 31 68.68 29.09 -12.14
CA ARG U 31 69.18 29.34 -10.74
C ARG U 31 70.36 28.50 -10.01
N TYR U 36 68.17 21.91 -11.66
CA TYR U 36 69.27 22.73 -11.13
C TYR U 36 70.61 22.77 -12.01
N GLY U 37 70.57 22.31 -13.28
CA GLY U 37 71.81 22.22 -14.13
C GLY U 37 71.58 22.96 -15.41
N THR U 38 72.63 23.33 -16.14
CA THR U 38 72.38 24.30 -17.22
C THR U 38 71.27 23.86 -18.32
N THR U 39 70.46 22.82 -18.09
CA THR U 39 69.53 22.36 -19.15
C THR U 39 68.36 23.28 -19.32
N SER U 40 68.31 23.99 -20.44
CA SER U 40 67.27 25.01 -20.68
C SER U 40 66.03 24.47 -21.34
N LEU U 41 65.03 25.32 -21.48
CA LEU U 41 63.79 24.90 -22.13
C LEU U 41 64.09 24.69 -23.59
N SER U 42 64.77 25.65 -24.17
CA SER U 42 65.20 25.50 -25.53
C SER U 42 65.90 24.14 -25.88
N ASP U 43 66.77 23.65 -24.97
CA ASP U 43 67.43 22.35 -25.11
C ASP U 43 66.42 21.24 -25.22
N ILE U 44 65.38 21.32 -24.43
CA ILE U 44 64.46 20.22 -24.29
C ILE U 44 63.67 20.14 -25.54
N GLU U 45 63.20 21.31 -26.00
CA GLU U 45 62.44 21.42 -27.20
C GLU U 45 63.29 20.90 -28.36
N GLN U 46 64.58 21.19 -28.36
CA GLN U 46 65.41 20.76 -29.47
C GLN U 46 65.52 19.25 -29.55
N ALA U 47 65.66 18.64 -28.38
CA ALA U 47 66.00 17.25 -28.26
C ALA U 47 64.80 16.51 -28.81
N ALA U 48 63.62 17.05 -28.50
CA ALA U 48 62.36 16.48 -28.89
C ALA U 48 62.18 16.65 -30.41
N ILE U 49 62.52 17.83 -30.95
CA ILE U 49 62.44 18.00 -32.41
C ILE U 49 63.31 16.98 -33.15
N GLU U 50 64.52 16.72 -32.67
CA GLU U 50 65.46 15.80 -33.34
C GLU U 50 65.01 14.38 -33.19
N GLN U 51 64.56 14.07 -31.99
CA GLN U 51 64.15 12.74 -31.63
C GLN U 51 63.21 12.27 -32.70
N ALA U 52 62.27 13.15 -33.05
CA ALA U 52 61.22 12.88 -34.03
C ALA U 52 61.73 12.75 -35.41
N LYS U 53 62.79 13.50 -35.72
CA LYS U 53 63.39 13.52 -37.02
C LYS U 53 64.13 12.23 -37.19
N LEU U 54 65.00 11.92 -36.20
CA LEU U 54 65.85 10.71 -36.17
C LEU U 54 65.10 9.43 -36.55
N LYS U 55 63.77 9.43 -36.38
CA LYS U 55 62.89 8.31 -36.70
C LYS U 55 62.72 8.13 -38.19
N ASN U 56 63.15 9.11 -38.97
CA ASN U 56 63.16 9.02 -40.43
C ASN U 56 61.88 8.44 -41.12
N ASN U 57 60.70 8.95 -40.75
CA ASN U 57 59.46 8.62 -41.49
C ASN U 57 58.43 9.75 -41.42
N ASP U 58 58.91 11.00 -41.42
CA ASP U 58 58.03 12.14 -41.35
C ASP U 58 57.16 12.07 -40.09
N SER U 59 57.84 12.01 -38.96
CA SER U 59 57.23 12.30 -37.69
C SER U 59 57.69 13.72 -37.40
N GLU U 60 57.00 14.42 -36.52
CA GLU U 60 57.25 15.82 -36.31
C GLU U 60 56.91 16.15 -34.88
N VAL U 61 57.76 16.89 -34.21
CA VAL U 61 57.38 17.38 -32.91
C VAL U 61 57.24 18.88 -32.98
N LEU U 62 56.05 19.40 -32.73
CA LEU U 62 55.92 20.83 -32.62
C LEU U 62 55.99 21.22 -31.13
N VAL U 63 56.55 22.40 -30.86
CA VAL U 63 56.82 22.87 -29.51
C VAL U 63 56.12 24.17 -29.17
N PHE U 64 55.63 24.31 -27.95
CA PHE U 64 54.99 25.56 -27.45
C PHE U 64 55.22 25.74 -25.94
N GLN U 65 55.39 26.98 -25.50
CA GLN U 65 55.47 27.33 -24.08
C GLN U 65 54.72 28.62 -23.87
N SER U 66 54.04 28.76 -22.75
CA SER U 66 53.42 30.01 -22.35
C SER U 66 53.24 30.07 -20.85
N ASN U 67 53.17 31.29 -20.35
CA ASN U 67 52.80 31.45 -19.00
C ASN U 67 51.31 31.65 -18.88
N THR U 68 50.64 31.98 -20.01
CA THR U 68 49.22 32.22 -19.98
C THR U 68 48.33 30.95 -20.21
N GLU U 69 47.47 30.65 -19.23
CA GLU U 69 46.52 29.54 -19.29
C GLU U 69 45.74 29.63 -20.61
N GLY U 70 45.08 30.75 -20.84
CA GLY U 70 44.24 30.82 -22.01
C GLY U 70 45.04 30.56 -23.26
N PHE U 71 46.28 31.02 -23.35
CA PHE U 71 47.05 30.80 -24.53
C PHE U 71 47.33 29.31 -24.69
N ILE U 72 47.57 28.61 -23.60
CA ILE U 72 47.81 27.17 -23.73
C ILE U 72 46.51 26.48 -24.28
N ILE U 73 45.36 26.89 -23.75
CA ILE U 73 44.07 26.40 -24.22
C ILE U 73 43.99 26.73 -25.72
N ASP U 74 44.11 28.02 -26.07
CA ASP U 74 44.17 28.47 -27.46
C ASP U 74 45.03 27.48 -28.31
N ARG U 75 46.20 27.13 -27.79
CA ARG U 75 47.20 26.40 -28.57
C ARG U 75 46.73 25.00 -28.84
N ILE U 76 46.07 24.44 -27.84
CA ILE U 76 45.57 23.09 -27.93
C ILE U 76 44.42 23.04 -28.91
N HIS U 77 43.60 24.10 -28.98
CA HIS U 77 42.59 24.10 -30.02
C HIS U 77 43.26 24.07 -31.38
N GLU U 78 44.29 24.93 -31.60
CA GLU U 78 44.92 25.07 -32.92
C GLU U 78 45.49 23.75 -33.30
N ALA U 79 46.04 23.06 -32.30
CA ALA U 79 46.58 21.72 -32.44
C ALA U 79 45.62 20.72 -33.11
N LYS U 80 44.34 20.70 -32.73
CA LYS U 80 43.42 19.83 -33.45
C LYS U 80 43.19 20.27 -34.87
N ARG U 81 43.17 21.57 -35.14
CA ARG U 81 43.02 22.10 -36.51
C ARG U 81 44.16 21.59 -37.36
N GLN U 82 45.32 21.47 -36.73
CA GLN U 82 46.60 21.04 -37.30
C GLN U 82 46.79 19.55 -37.52
N GLY U 83 45.98 18.69 -36.92
CA GLY U 83 46.07 17.25 -37.14
C GLY U 83 47.05 16.61 -36.18
N VAL U 84 47.38 17.33 -35.10
CA VAL U 84 48.27 16.86 -34.06
C VAL U 84 47.60 15.66 -33.45
N GLY U 85 48.27 14.53 -33.46
CA GLY U 85 47.68 13.30 -32.92
C GLY U 85 48.00 12.91 -31.48
N PHE U 86 48.86 13.66 -30.80
CA PHE U 86 49.24 13.37 -29.44
C PHE U 86 49.90 14.62 -28.86
N VAL U 87 49.76 14.83 -27.54
CA VAL U 87 50.35 15.99 -26.89
C VAL U 87 51.12 15.44 -25.75
N VAL U 88 52.34 15.94 -25.57
CA VAL U 88 53.11 15.70 -24.38
C VAL U 88 53.20 17.03 -23.66
N ILE U 89 52.69 17.12 -22.42
CA ILE U 89 52.48 18.39 -21.71
C ILE U 89 53.00 18.35 -20.31
N ASN U 90 53.86 19.30 -19.98
CA ASN U 90 54.21 19.56 -18.60
C ASN U 90 53.57 20.89 -18.33
N ALA U 91 52.48 20.91 -17.57
CA ALA U 91 51.70 22.13 -17.35
C ALA U 91 52.26 23.05 -16.22
N GLY U 92 53.34 22.61 -15.58
CA GLY U 92 53.87 23.36 -14.44
C GLY U 92 52.74 23.68 -13.47
N ALA U 93 52.68 24.92 -12.97
CA ALA U 93 51.68 25.19 -11.94
C ALA U 93 50.29 24.76 -12.38
N TYR U 94 49.93 24.97 -13.65
CA TYR U 94 48.59 24.70 -14.12
C TYR U 94 48.11 23.25 -13.94
N THR U 95 49.01 22.31 -13.76
CA THR U 95 48.62 20.94 -13.53
C THR U 95 47.73 20.91 -12.34
N HIS U 96 47.96 21.83 -11.41
CA HIS U 96 47.23 21.82 -10.18
C HIS U 96 45.98 22.76 -10.13
N THR U 97 45.81 23.61 -11.15
CA THR U 97 44.77 24.59 -11.04
C THR U 97 43.89 24.71 -12.27
N SER U 98 44.33 24.14 -13.39
CA SER U 98 43.67 24.46 -14.67
C SER U 98 42.67 23.46 -15.18
N VAL U 99 41.41 23.70 -14.91
CA VAL U 99 40.42 22.74 -15.32
C VAL U 99 40.19 23.00 -16.80
N GLY U 100 40.45 24.24 -17.22
CA GLY U 100 40.26 24.64 -18.62
C GLY U 100 41.27 23.99 -19.53
N ILE U 101 42.53 23.81 -19.07
CA ILE U 101 43.43 23.03 -19.89
C ILE U 101 42.91 21.58 -20.04
N ARG U 102 42.35 21.04 -18.95
CA ARG U 102 41.85 19.65 -18.96
C ARG U 102 40.80 19.51 -20.05
N ASP U 103 39.84 20.45 -20.05
CA ASP U 103 38.71 20.44 -20.97
C ASP U 103 39.15 20.75 -22.43
N ALA U 104 40.28 21.46 -22.59
CA ALA U 104 40.79 21.65 -23.94
C ALA U 104 41.27 20.32 -24.47
N LEU U 105 41.97 19.59 -23.62
CA LEU U 105 42.45 18.30 -24.03
C LEU U 105 41.26 17.35 -24.29
N LEU U 106 40.29 17.31 -23.36
CA LEU U 106 39.12 16.46 -23.52
C LEU U 106 38.28 16.90 -24.73
N GLY U 107 38.10 18.22 -24.87
CA GLY U 107 37.35 18.86 -25.95
C GLY U 107 37.83 18.59 -27.35
N THR U 108 39.13 18.49 -27.55
CA THR U 108 39.70 18.21 -28.86
C THR U 108 40.01 16.71 -28.96
N ALA U 109 39.84 16.00 -27.84
CA ALA U 109 40.06 14.55 -27.81
C ALA U 109 41.48 14.21 -28.27
N ILE U 110 42.48 14.95 -27.83
CA ILE U 110 43.81 14.55 -28.22
C ILE U 110 44.40 13.82 -27.05
N PRO U 111 44.86 12.58 -27.26
CA PRO U 111 45.43 11.89 -26.11
C PRO U 111 46.72 12.58 -25.65
N PHE U 112 47.06 12.46 -24.37
CA PHE U 112 48.23 13.21 -23.88
C PHE U 112 48.95 12.53 -22.73
N ILE U 113 50.23 12.87 -22.57
CA ILE U 113 51.01 12.36 -21.45
C ILE U 113 51.40 13.53 -20.61
N GLU U 114 51.18 13.50 -19.29
CA GLU U 114 51.61 14.57 -18.38
C GLU U 114 53.06 14.32 -17.88
N VAL U 115 53.90 15.35 -17.97
CA VAL U 115 55.27 15.25 -17.48
C VAL U 115 55.60 16.21 -16.35
N HIS U 116 56.26 15.73 -15.30
CA HIS U 116 56.96 16.60 -14.36
C HIS U 116 58.46 16.24 -14.28
N ILE U 117 59.35 17.18 -14.60
CA ILE U 117 60.78 17.00 -14.38
C ILE U 117 61.10 16.46 -12.98
N THR U 118 60.50 17.04 -11.95
CA THR U 118 60.89 16.61 -10.60
C THR U 118 59.74 15.83 -10.04
N ASN U 119 60.02 15.09 -8.98
CA ASN U 119 58.97 14.31 -8.34
C ASN U 119 58.10 15.17 -7.42
N VAL U 120 56.99 15.55 -8.00
CA VAL U 120 56.03 16.38 -7.40
C VAL U 120 55.53 15.69 -6.12
N HIS U 121 55.55 14.36 -6.06
CA HIS U 121 55.10 13.66 -4.81
C HIS U 121 55.90 13.93 -3.58
N GLN U 122 57.03 14.58 -3.80
CA GLN U 122 57.99 14.85 -2.78
C GLN U 122 57.78 16.24 -2.19
N ARG U 123 56.83 17.00 -2.74
CA ARG U 123 56.70 18.43 -2.56
C ARG U 123 55.41 18.78 -1.76
N GLU U 124 54.89 20.00 -1.85
CA GLU U 124 53.74 20.41 -1.01
C GLU U 124 52.54 19.46 -1.31
N PRO U 125 51.74 19.09 -0.30
CA PRO U 125 50.52 18.36 -0.55
C PRO U 125 49.68 18.91 -1.66
N PHE U 126 49.66 20.21 -1.87
CA PHE U 126 48.78 20.67 -2.93
C PHE U 126 49.25 20.18 -4.28
N ARG U 127 50.52 19.88 -4.41
CA ARG U 127 51.03 19.55 -5.72
C ARG U 127 50.73 18.10 -6.08
N HIS U 128 50.13 17.34 -5.14
CA HIS U 128 49.76 15.97 -5.42
C HIS U 128 48.49 15.86 -6.26
N GLN U 129 47.62 16.87 -6.23
CA GLN U 129 46.40 16.96 -7.08
C GLN U 129 46.84 17.38 -8.39
N SER U 130 46.24 16.84 -9.45
CA SER U 130 46.50 17.30 -10.79
C SER U 130 45.18 17.28 -11.49
N TYR U 131 44.83 18.26 -12.33
CA TYR U 131 43.62 18.06 -13.12
C TYR U 131 43.86 17.33 -14.42
N LEU U 132 45.11 16.88 -14.69
CA LEU U 132 45.35 16.16 -15.90
C LEU U 132 45.52 14.64 -15.70
N SER U 133 46.13 14.24 -14.58
CA SER U 133 46.50 12.83 -14.33
C SER U 133 45.40 11.87 -14.65
N ASP U 134 44.16 12.14 -14.27
CA ASP U 134 43.18 11.08 -14.41
C ASP U 134 42.60 10.97 -15.79
N LYS U 135 42.86 11.97 -16.64
CA LYS U 135 42.58 11.78 -18.05
C LYS U 135 43.83 11.53 -18.86
N ALA U 136 45.01 11.45 -18.27
CA ALA U 136 46.20 11.32 -19.12
C ALA U 136 46.37 9.91 -19.66
N VAL U 137 47.16 9.70 -20.71
CA VAL U 137 47.44 8.30 -21.05
C VAL U 137 48.40 7.76 -19.97
N ALA U 138 49.45 8.54 -19.67
CA ALA U 138 50.35 8.32 -18.54
C ALA U 138 50.80 9.62 -17.89
N VAL U 139 51.30 9.48 -16.66
CA VAL U 139 51.93 10.57 -15.93
C VAL U 139 53.33 10.12 -15.57
N ILE U 140 54.33 10.76 -16.16
CA ILE U 140 55.73 10.48 -15.86
C ILE U 140 56.16 11.59 -14.95
N CYS U 141 56.64 11.29 -13.76
CA CYS U 141 57.27 12.38 -13.01
C CYS U 141 58.41 12.02 -12.07
N GLY U 142 59.43 12.87 -12.11
CA GLY U 142 60.67 12.75 -11.36
C GLY U 142 61.74 12.16 -12.24
N LEU U 143 61.48 12.10 -13.55
CA LEU U 143 62.40 11.32 -14.39
C LEU U 143 63.39 12.22 -15.06
N GLY U 144 63.36 13.51 -14.71
CA GLY U 144 64.28 14.50 -15.22
C GLY U 144 63.87 14.91 -16.60
N VAL U 145 64.79 15.47 -17.37
CA VAL U 145 64.46 15.88 -18.71
C VAL U 145 64.12 14.67 -19.56
N TYR U 146 64.79 13.55 -19.28
CA TYR U 146 64.49 12.28 -19.90
C TYR U 146 63.00 11.96 -19.87
N GLY U 147 62.28 12.47 -18.87
CA GLY U 147 60.84 12.33 -18.80
C GLY U 147 60.17 12.68 -20.12
N TYR U 148 60.52 13.85 -20.70
CA TYR U 148 60.09 14.20 -22.06
C TYR U 148 60.49 13.14 -23.12
N THR U 149 61.73 12.64 -23.08
CA THR U 149 62.12 11.67 -24.10
C THR U 149 61.21 10.42 -24.07
N ALA U 150 61.08 9.83 -22.89
CA ALA U 150 60.27 8.67 -22.75
C ALA U 150 58.83 8.95 -23.21
N ALA U 151 58.34 10.17 -22.97
CA ALA U 151 56.95 10.45 -23.34
C ALA U 151 56.81 10.57 -24.89
N ILE U 152 57.85 11.07 -25.51
CA ILE U 152 57.80 11.25 -26.94
C ILE U 152 57.91 9.89 -27.65
N GLU U 153 58.71 8.96 -27.06
CA GLU U 153 58.85 7.63 -27.61
C GLU U 153 57.55 6.94 -27.55
N TYR U 154 56.91 7.04 -26.40
CA TYR U 154 55.61 6.45 -26.28
C TYR U 154 54.62 7.02 -27.31
N ALA U 155 54.65 8.34 -27.55
CA ALA U 155 53.73 9.01 -28.46
C ALA U 155 53.91 8.48 -29.84
N LEU U 156 55.15 8.44 -30.29
CA LEU U 156 55.43 8.03 -31.65
C LEU U 156 55.14 6.54 -31.85
N ASN U 157 54.89 5.80 -30.76
CA ASN U 157 54.49 4.42 -30.95
C ASN U 157 53.01 4.15 -30.76
N TYR U 158 52.24 5.20 -30.55
CA TYR U 158 50.82 5.10 -30.23
C TYR U 158 49.86 4.98 -31.43
N GLN U 159 48.71 4.32 -31.27
CA GLN U 159 47.72 4.15 -32.37
C GLN U 159 46.62 5.27 -32.54
N LEU V 13 76.50 14.76 30.50
CA LEU V 13 75.26 14.24 31.19
C LEU V 13 74.48 15.27 32.04
N VAL V 14 73.13 15.26 31.96
CA VAL V 14 72.25 16.24 32.63
C VAL V 14 72.38 16.13 34.18
N LYS V 15 72.17 17.21 34.93
CA LYS V 15 72.26 17.15 36.41
C LYS V 15 71.02 17.73 37.10
N LYS V 16 70.45 18.77 36.51
CA LYS V 16 69.32 19.49 37.08
C LYS V 16 68.09 19.15 36.20
N VAL V 17 67.22 18.28 36.73
CA VAL V 17 65.97 17.89 36.07
C VAL V 17 64.80 18.58 36.76
N LEU V 18 63.78 18.96 35.98
CA LEU V 18 62.53 19.53 36.52
C LEU V 18 61.36 18.60 36.17
N LEU V 19 60.65 18.19 37.24
CA LEU V 19 59.41 17.42 37.16
C LEU V 19 58.26 18.40 37.15
N ILE V 20 57.41 18.40 36.14
CA ILE V 20 56.29 19.31 36.12
C ILE V 20 54.98 18.52 35.99
N ASN V 21 54.00 18.78 36.87
CA ASN V 21 52.71 18.16 36.71
C ASN V 21 51.65 19.22 36.47
N GLY V 22 50.75 18.96 35.52
CA GLY V 22 49.77 19.96 35.14
C GLY V 22 48.52 19.91 35.98
N PRO V 23 47.46 20.49 35.47
CA PRO V 23 46.24 20.66 36.23
C PRO V 23 45.61 19.33 36.70
N ASN V 24 44.91 19.37 37.83
CA ASN V 24 44.19 18.21 38.39
C ASN V 24 45.08 17.12 38.92
N LEU V 25 46.33 17.13 38.51
CA LEU V 25 47.24 16.10 38.95
C LEU V 25 47.41 16.10 40.42
N ASN V 26 47.39 17.24 41.09
CA ASN V 26 47.35 17.25 42.55
C ASN V 26 46.28 16.30 43.13
N LEU V 27 45.33 15.89 42.32
CA LEU V 27 44.18 15.18 42.88
C LEU V 27 44.35 13.69 42.88
N LEU V 28 45.50 13.17 42.43
CA LEU V 28 45.65 11.72 42.57
C LEU V 28 46.05 11.45 43.95
N GLY V 29 45.48 10.40 44.52
CA GLY V 29 44.42 9.61 43.94
C GLY V 29 43.44 9.65 45.10
N THR V 30 42.33 10.39 44.93
CA THR V 30 41.46 10.68 46.05
C THR V 30 40.15 9.89 46.02
N ARG V 31 39.67 9.52 44.81
CA ARG V 31 38.30 8.94 44.68
C ARG V 31 38.10 7.46 45.17
N TYR V 36 43.95 5.12 40.04
CA TYR V 36 42.94 4.87 41.09
C TYR V 36 43.51 4.04 42.35
N GLY V 37 44.82 4.12 42.61
CA GLY V 37 45.39 3.54 43.85
C GLY V 37 45.83 4.71 44.71
N THR V 38 46.07 4.49 46.00
CA THR V 38 46.36 5.64 46.87
C THR V 38 47.69 6.43 46.59
N THR V 39 48.24 6.38 45.37
CA THR V 39 49.54 7.00 45.09
C THR V 39 49.29 8.43 44.83
N SER V 40 49.90 9.32 45.59
CA SER V 40 49.55 10.74 45.55
C SER V 40 50.52 11.51 44.70
N LEU V 41 50.16 12.75 44.34
CA LEU V 41 51.11 13.60 43.65
C LEU V 41 52.34 13.67 44.53
N SER V 42 52.15 13.90 45.83
CA SER V 42 53.27 14.01 46.69
C SER V 42 54.24 12.84 46.53
N ASP V 43 53.73 11.61 46.41
CA ASP V 43 54.55 10.37 46.39
C ASP V 43 55.51 10.30 45.20
N ILE V 44 54.98 10.70 44.06
CA ILE V 44 55.66 10.80 42.80
C ILE V 44 56.74 11.83 42.89
N GLU V 45 56.40 13.00 43.45
CA GLU V 45 57.38 14.06 43.71
C GLU V 45 58.51 13.48 44.58
N GLN V 46 58.15 12.85 45.69
CA GLN V 46 59.15 12.23 46.57
C GLN V 46 60.09 11.21 45.88
N ALA V 47 59.51 10.11 45.38
CA ALA V 47 60.20 9.14 44.51
C ALA V 47 61.22 9.77 43.58
N ALA V 48 60.79 10.79 42.86
CA ALA V 48 61.64 11.53 41.90
C ALA V 48 62.85 12.24 42.54
N ILE V 49 62.61 13.13 43.51
CA ILE V 49 63.66 13.76 44.32
C ILE V 49 64.66 12.73 44.81
N GLU V 50 64.13 11.61 45.29
CA GLU V 50 64.92 10.55 45.90
C GLU V 50 65.72 9.84 44.85
N GLN V 51 65.04 9.35 43.82
CA GLN V 51 65.70 8.75 42.67
C GLN V 51 66.96 9.50 42.25
N ALA V 52 66.89 10.82 42.10
CA ALA V 52 68.05 11.68 41.75
C ALA V 52 69.16 11.68 42.79
N LYS V 53 68.82 11.91 44.06
CA LYS V 53 69.74 11.78 45.19
C LYS V 53 70.54 10.49 45.10
N LEU V 54 69.85 9.37 45.14
CA LEU V 54 70.49 8.04 45.04
C LEU V 54 71.55 7.80 43.92
N LYS V 55 71.57 8.60 42.83
CA LYS V 55 72.68 8.55 41.83
C LYS V 55 74.01 8.95 42.45
N ASN V 56 74.00 9.77 43.50
CA ASN V 56 75.19 10.11 44.31
C ASN V 56 76.00 11.32 43.83
N ASN V 57 75.95 11.63 42.54
CA ASN V 57 76.77 12.67 41.89
C ASN V 57 76.14 14.08 41.73
N ASP V 58 75.38 14.53 42.73
CA ASP V 58 74.67 15.82 42.70
C ASP V 58 73.87 16.04 41.43
N SER V 59 73.09 15.03 41.06
CA SER V 59 71.88 15.22 40.30
C SER V 59 70.86 15.71 41.30
N GLU V 60 69.76 16.24 40.77
CA GLU V 60 68.74 16.83 41.62
C GLU V 60 67.47 16.88 40.81
N VAL V 61 66.36 16.46 41.38
CA VAL V 61 65.11 16.66 40.69
C VAL V 61 64.32 17.74 41.42
N LEU V 62 64.00 18.81 40.71
CA LEU V 62 63.05 19.80 41.21
C LEU V 62 61.65 19.41 40.78
N VAL V 63 60.67 19.77 41.60
CA VAL V 63 59.27 19.50 41.36
C VAL V 63 58.36 20.74 41.29
N PHE V 64 57.26 20.63 40.54
CA PHE V 64 56.25 21.69 40.36
C PHE V 64 54.87 21.12 39.96
N GLN V 65 53.80 21.82 40.34
CA GLN V 65 52.48 21.48 39.87
C GLN V 65 51.63 22.71 39.86
N SER V 66 50.95 23.02 38.78
CA SER V 66 49.98 24.09 38.83
C SER V 66 48.74 23.72 38.06
N ASN V 67 47.64 24.35 38.41
CA ASN V 67 46.47 24.16 37.64
C ASN V 67 46.42 25.26 36.60
N THR V 68 47.14 26.36 36.83
CA THR V 68 47.14 27.53 35.95
C THR V 68 48.23 27.45 34.90
N GLU V 69 47.83 27.50 33.62
CA GLU V 69 48.73 27.37 32.48
C GLU V 69 49.90 28.40 32.50
N GLY V 70 49.58 29.69 32.72
CA GLY V 70 50.61 30.74 32.72
C GLY V 70 51.75 30.49 33.71
N PHE V 71 51.37 30.00 34.88
CA PHE V 71 52.29 29.54 35.91
C PHE V 71 53.22 28.43 35.38
N ILE V 72 52.68 27.48 34.65
CA ILE V 72 53.55 26.46 34.16
C ILE V 72 54.57 27.10 33.19
N ILE V 73 54.11 28.01 32.32
CA ILE V 73 54.97 28.81 31.41
C ILE V 73 55.97 29.67 32.20
N ASP V 74 55.50 30.38 33.24
CA ASP V 74 56.39 31.20 34.07
C ASP V 74 57.50 30.25 34.64
N ARG V 75 57.11 29.03 35.04
CA ARG V 75 58.04 28.08 35.66
C ARG V 75 59.09 27.57 34.67
N ILE V 76 58.66 27.22 33.46
CA ILE V 76 59.61 26.82 32.45
C ILE V 76 60.67 27.87 32.15
N HIS V 77 60.25 29.13 32.00
CA HIS V 77 61.21 30.23 31.97
C HIS V 77 62.17 30.23 33.13
N GLU V 78 61.63 30.19 34.38
CA GLU V 78 62.44 30.23 35.65
C GLU V 78 63.54 29.16 35.57
N ALA V 79 63.09 27.95 35.31
CA ALA V 79 63.90 26.78 35.01
C ALA V 79 65.13 27.01 34.15
N LYS V 80 64.98 27.64 32.98
CA LYS V 80 66.13 27.91 32.11
C LYS V 80 67.10 28.82 32.84
N ARG V 81 66.55 29.77 33.60
CA ARG V 81 67.37 30.71 34.37
C ARG V 81 68.04 30.07 35.57
N GLN V 82 67.56 28.89 35.97
CA GLN V 82 68.30 28.04 36.91
C GLN V 82 69.25 27.05 36.20
N GLY V 83 69.41 27.18 34.88
CA GLY V 83 70.18 26.18 34.12
C GLY V 83 69.70 24.74 34.34
N VAL V 84 68.38 24.54 34.45
CA VAL V 84 67.80 23.22 34.30
C VAL V 84 68.06 22.73 32.89
N GLY V 85 68.43 21.47 32.79
CA GLY V 85 68.96 20.90 31.56
C GLY V 85 68.05 19.93 30.85
N PHE V 86 67.01 19.45 31.57
CA PHE V 86 65.98 18.53 31.05
C PHE V 86 64.74 18.72 31.88
N VAL V 87 63.57 18.48 31.25
CA VAL V 87 62.22 18.56 31.89
C VAL V 87 61.48 17.23 31.67
N VAL V 88 60.85 16.71 32.72
CA VAL V 88 59.90 15.59 32.55
C VAL V 88 58.57 16.23 32.87
N ILE V 89 57.62 16.19 31.96
CA ILE V 89 56.36 16.88 32.14
C ILE V 89 55.16 15.99 31.90
N ASN V 90 54.26 15.94 32.89
CA ASN V 90 52.91 15.44 32.65
C ASN V 90 51.99 16.65 32.62
N ALA V 91 51.48 17.07 31.45
CA ALA V 91 50.81 18.38 31.40
C ALA V 91 49.27 18.27 31.64
N GLY V 92 48.82 17.04 31.96
CA GLY V 92 47.42 16.75 32.17
C GLY V 92 46.67 17.31 30.99
N ALA V 93 45.52 17.92 31.27
CA ALA V 93 44.71 18.53 30.22
C ALA V 93 45.55 19.35 29.23
N TYR V 94 46.52 20.09 29.75
CA TYR V 94 47.18 21.08 28.94
C TYR V 94 47.94 20.44 27.77
N THR V 95 48.26 19.15 27.89
CA THR V 95 48.78 18.44 26.76
C THR V 95 47.95 18.69 25.52
N HIS V 96 46.64 18.82 25.68
CA HIS V 96 45.85 18.75 24.49
C HIS V 96 45.46 20.14 24.02
N THR V 97 45.81 21.16 24.80
CA THR V 97 45.28 22.45 24.56
C THR V 97 46.36 23.52 24.64
N SER V 98 47.50 23.28 25.29
CA SER V 98 48.42 24.40 25.54
C SER V 98 49.55 24.54 24.53
N VAL V 99 49.36 25.39 23.54
CA VAL V 99 50.44 25.71 22.60
C VAL V 99 51.40 26.59 23.36
N GLY V 100 50.90 27.22 24.43
CA GLY V 100 51.73 28.06 25.24
C GLY V 100 52.88 27.30 25.86
N ILE V 101 52.59 26.19 26.50
CA ILE V 101 53.64 25.38 27.14
C ILE V 101 54.64 24.84 26.12
N ARG V 102 54.11 24.34 24.98
CA ARG V 102 54.97 23.90 23.85
C ARG V 102 56.03 24.98 23.56
N ASP V 103 55.56 26.21 23.36
CA ASP V 103 56.39 27.28 22.90
C ASP V 103 57.34 27.77 24.00
N ALA V 104 56.97 27.52 25.25
CA ALA V 104 57.86 27.85 26.34
C ALA V 104 59.07 26.87 26.33
N LEU V 105 58.80 25.57 26.15
CA LEU V 105 59.89 24.58 26.09
C LEU V 105 60.73 24.76 24.81
N LEU V 106 60.09 25.08 23.70
CA LEU V 106 60.81 25.38 22.48
C LEU V 106 61.65 26.62 22.59
N GLY V 107 61.17 27.57 23.38
CA GLY V 107 61.74 28.90 23.51
C GLY V 107 62.93 28.91 24.38
N THR V 108 62.88 28.25 25.50
CA THR V 108 64.02 28.10 26.42
C THR V 108 64.97 26.99 25.97
N ALA V 109 64.45 26.05 25.17
CA ALA V 109 65.24 25.05 24.48
C ALA V 109 65.66 23.96 25.41
N ILE V 110 64.87 23.74 26.44
CA ILE V 110 65.13 22.63 27.34
C ILE V 110 64.48 21.41 26.72
N PRO V 111 65.24 20.32 26.57
CA PRO V 111 64.69 19.04 26.14
C PRO V 111 63.66 18.46 27.12
N PHE V 112 62.63 17.76 26.66
CA PHE V 112 61.68 17.19 27.63
C PHE V 112 61.15 15.85 27.18
N ILE V 113 60.53 15.14 28.12
CA ILE V 113 59.76 13.91 27.87
C ILE V 113 58.35 14.15 28.41
N GLU V 114 57.34 13.77 27.65
CA GLU V 114 55.93 13.92 28.02
C GLU V 114 55.51 12.62 28.69
N VAL V 115 54.94 12.73 29.89
CA VAL V 115 54.45 11.54 30.57
C VAL V 115 52.92 11.53 30.68
N HIS V 116 52.28 10.39 30.38
CA HIS V 116 50.93 10.14 30.87
C HIS V 116 50.84 8.87 31.76
N ILE V 117 50.22 8.97 32.94
CA ILE V 117 50.09 7.85 33.85
C ILE V 117 49.25 6.73 33.25
N THR V 118 48.16 7.07 32.54
CA THR V 118 47.30 6.06 31.91
C THR V 118 47.40 6.14 30.40
N ASN V 119 46.97 5.12 29.71
CA ASN V 119 47.10 5.21 28.27
C ASN V 119 46.03 6.10 27.63
N VAL V 120 46.43 7.31 27.24
CA VAL V 120 45.48 8.26 26.68
C VAL V 120 44.86 7.72 25.42
N HIS V 121 45.57 6.85 24.70
CA HIS V 121 45.02 6.35 23.43
C HIS V 121 43.80 5.51 23.68
N GLN V 122 43.59 5.08 24.92
CA GLN V 122 42.42 4.33 25.28
C GLN V 122 41.22 5.22 25.49
N ARG V 123 41.41 6.54 25.43
CA ARG V 123 40.32 7.44 25.77
C ARG V 123 39.77 8.27 24.64
N GLU V 124 39.10 9.36 24.99
CA GLU V 124 38.37 10.15 23.99
C GLU V 124 39.41 10.52 22.92
N PRO V 125 39.01 10.52 21.63
CA PRO V 125 39.88 10.87 20.53
C PRO V 125 40.51 12.22 20.69
N PHE V 126 39.85 13.19 21.31
CA PHE V 126 40.58 14.44 21.47
C PHE V 126 41.90 14.31 22.17
N ARG V 127 42.05 13.30 23.04
CA ARG V 127 43.24 13.19 23.84
C ARG V 127 44.35 12.53 23.06
N HIS V 128 44.07 12.09 21.85
CA HIS V 128 45.14 11.60 21.01
C HIS V 128 46.03 12.69 20.36
N GLN V 129 45.63 13.97 20.35
CA GLN V 129 46.56 15.02 19.96
C GLN V 129 47.16 15.61 21.18
N SER V 130 48.40 16.00 21.02
CA SER V 130 49.20 16.56 22.04
C SER V 130 49.98 17.70 21.37
N TYR V 131 50.13 18.88 21.98
CA TYR V 131 51.03 19.89 21.40
C TYR V 131 52.46 19.70 21.88
N LEU V 132 52.68 18.64 22.67
CA LEU V 132 53.99 18.29 23.19
C LEU V 132 54.68 17.15 22.42
N SER V 133 53.98 16.06 22.15
CA SER V 133 54.55 14.90 21.44
C SER V 133 55.50 15.20 20.34
N ASP V 134 55.17 16.04 19.38
CA ASP V 134 56.11 16.10 18.24
C ASP V 134 57.41 16.83 18.49
N LYS V 135 57.51 17.48 19.64
CA LYS V 135 58.74 18.17 19.97
C LYS V 135 59.38 17.56 21.18
N ALA V 136 58.79 16.51 21.75
CA ALA V 136 59.43 15.79 22.84
C ALA V 136 60.56 14.88 22.35
N VAL V 137 61.50 14.58 23.26
CA VAL V 137 62.57 13.63 23.03
C VAL V 137 61.89 12.28 22.99
N ALA V 138 61.12 11.97 24.02
CA ALA V 138 60.22 10.78 23.99
C ALA V 138 58.85 11.06 24.63
N VAL V 139 57.96 10.13 24.42
CA VAL V 139 56.65 10.21 25.07
C VAL V 139 56.39 8.87 25.71
N ILE V 140 56.25 8.82 27.03
CA ILE V 140 55.87 7.59 27.72
C ILE V 140 54.42 7.71 28.13
N CYS V 141 53.57 6.79 27.68
CA CYS V 141 52.22 6.85 28.15
C CYS V 141 51.57 5.50 28.52
N GLY V 142 51.00 5.44 29.73
CA GLY V 142 50.31 4.24 30.25
C GLY V 142 51.13 3.30 31.12
N LEU V 143 52.28 3.78 31.55
CA LEU V 143 53.19 2.95 32.29
C LEU V 143 52.90 3.11 33.76
N GLY V 144 51.85 3.85 34.07
CA GLY V 144 51.55 4.13 35.46
C GLY V 144 52.63 5.02 36.03
N VAL V 145 52.61 5.20 37.34
CA VAL V 145 53.59 6.09 37.96
C VAL V 145 55.03 5.77 37.53
N TYR V 146 55.25 4.53 37.12
CA TYR V 146 56.60 4.12 36.74
C TYR V 146 57.18 4.93 35.55
N GLY V 147 56.29 5.44 34.71
CA GLY V 147 56.68 6.30 33.60
C GLY V 147 57.41 7.57 34.01
N TYR V 148 57.02 8.17 35.12
CA TYR V 148 57.89 9.14 35.74
C TYR V 148 59.29 8.58 35.96
N THR V 149 59.41 7.46 36.67
CA THR V 149 60.74 6.91 36.98
C THR V 149 61.57 6.74 35.71
N ALA V 150 60.94 6.16 34.68
CA ALA V 150 61.62 5.85 33.44
C ALA V 150 62.11 7.12 32.74
N ALA V 151 61.25 8.16 32.67
CA ALA V 151 61.61 9.44 32.04
C ALA V 151 62.79 10.04 32.79
N ILE V 152 62.66 10.08 34.11
CA ILE V 152 63.75 10.51 34.97
C ILE V 152 65.08 9.73 34.76
N GLU V 153 65.05 8.40 34.57
CA GLU V 153 66.32 7.67 34.36
C GLU V 153 66.91 8.11 33.05
N TYR V 154 66.07 8.28 32.05
CA TYR V 154 66.51 8.65 30.73
C TYR V 154 67.14 10.07 30.78
N ALA V 155 66.50 10.95 31.55
CA ALA V 155 66.83 12.35 31.68
C ALA V 155 68.27 12.52 32.16
N LEU V 156 68.46 12.09 33.40
CA LEU V 156 69.72 11.85 34.04
C LEU V 156 70.77 11.07 33.26
N ASN V 157 70.54 10.79 31.97
CA ASN V 157 71.53 10.07 31.18
C ASN V 157 71.88 10.68 29.85
N TYR V 158 71.41 11.90 29.62
CA TYR V 158 71.36 12.57 28.35
C TYR V 158 72.45 13.66 28.23
N GLN V 159 73.21 13.71 27.13
CA GLN V 159 73.71 15.00 26.50
C GLN V 159 73.70 16.32 27.35
N GLN W 12 38.25 62.85 14.35
CA GLN W 12 38.83 62.72 15.73
C GLN W 12 39.48 61.31 16.03
N LEU W 13 40.82 61.32 16.08
CA LEU W 13 41.67 60.13 16.23
C LEU W 13 41.87 59.64 17.70
N VAL W 14 42.30 58.37 17.85
CA VAL W 14 42.50 57.74 19.19
C VAL W 14 43.77 58.29 19.89
N LYS W 15 43.59 58.78 21.12
CA LYS W 15 44.71 59.19 21.97
C LYS W 15 45.40 57.96 22.55
N LYS W 16 44.64 57.02 23.13
CA LYS W 16 45.23 56.07 24.09
C LYS W 16 45.24 54.58 23.63
N VAL W 17 46.42 54.06 23.33
CA VAL W 17 46.56 52.73 22.71
C VAL W 17 47.21 51.70 23.65
N LEU W 18 46.71 50.47 23.67
CA LEU W 18 47.32 49.47 24.55
C LEU W 18 48.03 48.36 23.76
N LEU W 19 49.35 48.24 23.98
CA LEU W 19 50.14 47.14 23.39
C LEU W 19 50.24 45.95 24.34
N ILE W 20 49.67 44.81 23.94
CA ILE W 20 49.66 43.58 24.71
C ILE W 20 50.59 42.54 24.01
N ASN W 21 51.52 41.96 24.76
CA ASN W 21 52.21 40.79 24.25
C ASN W 21 51.87 39.59 25.13
N GLY W 22 51.63 38.44 24.46
CA GLY W 22 51.28 37.17 25.10
C GLY W 22 52.41 36.31 25.66
N PRO W 23 52.11 35.03 25.89
CA PRO W 23 53.08 34.21 26.58
C PRO W 23 54.41 34.11 25.82
N ASN W 24 55.46 33.84 26.56
CA ASN W 24 56.74 33.65 25.94
C ASN W 24 57.38 34.85 25.33
N LEU W 25 56.63 35.86 24.90
CA LEU W 25 57.24 37.04 24.28
C LEU W 25 58.39 37.70 25.07
N ASN W 26 58.23 37.97 26.36
CA ASN W 26 59.38 38.21 27.25
C ASN W 26 60.74 37.61 26.85
N LEU W 27 60.78 36.52 26.08
CA LEU W 27 62.08 35.83 25.78
C LEU W 27 62.80 36.28 24.50
N LEU W 28 62.26 37.31 23.81
CA LEU W 28 63.00 37.79 22.65
C LEU W 28 64.08 38.66 23.06
N GLY W 29 65.24 38.45 22.48
CA GLY W 29 65.53 37.22 21.78
C GLY W 29 66.70 36.79 22.62
N THR W 30 66.53 35.72 23.41
CA THR W 30 67.61 35.26 24.25
C THR W 30 68.26 33.97 23.72
N ARG W 31 67.70 33.34 22.69
CA ARG W 31 68.28 32.04 22.24
C ARG W 31 69.38 32.09 21.10
N TYR W 36 65.93 36.21 15.80
CA TYR W 36 67.25 35.64 16.10
C TYR W 36 68.43 36.69 16.50
N GLY W 37 68.17 38.01 16.33
CA GLY W 37 69.09 39.10 16.74
C GLY W 37 68.54 39.78 17.98
N THR W 38 69.42 40.32 18.83
CA THR W 38 69.02 40.57 20.21
C THR W 38 68.07 41.79 20.46
N THR W 39 66.93 41.88 19.77
CA THR W 39 65.90 42.91 20.07
C THR W 39 65.08 42.34 21.19
N SER W 40 65.03 43.01 22.35
CA SER W 40 64.28 42.47 23.48
C SER W 40 62.83 42.91 23.50
N LEU W 41 62.06 42.40 24.47
CA LEU W 41 60.66 42.80 24.56
C LEU W 41 60.67 44.19 25.11
N SER W 42 61.60 44.45 26.03
CA SER W 42 61.65 45.75 26.64
C SER W 42 61.80 46.80 25.54
N ASP W 43 62.50 46.42 24.46
CA ASP W 43 62.84 47.31 23.36
C ASP W 43 61.60 47.62 22.55
N ILE W 44 60.80 46.64 22.28
CA ILE W 44 59.60 46.91 21.56
C ILE W 44 58.65 47.88 22.26
N GLU W 45 58.57 47.75 23.58
CA GLU W 45 57.59 48.47 24.37
C GLU W 45 58.16 49.86 24.46
N GLN W 46 59.47 49.94 24.51
CA GLN W 46 60.06 51.28 24.55
C GLN W 46 59.88 52.03 23.24
N ALA W 47 59.92 51.33 22.10
CA ALA W 47 59.82 52.01 20.81
C ALA W 47 58.40 52.53 20.68
N ALA W 48 57.43 51.62 20.90
CA ALA W 48 55.99 51.91 20.98
C ALA W 48 55.67 53.18 21.86
N ILE W 49 56.02 53.08 23.13
CA ILE W 49 55.92 54.22 24.07
C ILE W 49 56.32 55.56 23.48
N GLU W 50 57.46 55.56 22.80
CA GLU W 50 58.08 56.74 22.17
C GLU W 50 57.42 57.19 20.88
N GLN W 51 57.27 56.27 19.95
CA GLN W 51 56.39 56.41 18.79
C GLN W 51 55.18 57.31 19.10
N ALA W 52 54.45 56.98 20.19
CA ALA W 52 53.31 57.75 20.70
C ALA W 52 53.80 59.11 21.14
N LYS W 53 54.73 59.16 22.09
CA LYS W 53 55.20 60.49 22.61
C LYS W 53 55.56 61.42 21.43
N LEU W 54 56.49 61.03 20.54
CA LEU W 54 56.83 61.84 19.32
C LEU W 54 55.64 62.32 18.41
N LYS W 55 54.40 61.88 18.63
CA LYS W 55 53.28 62.49 17.89
C LYS W 55 52.92 63.91 18.41
N ASN W 56 53.44 64.28 19.60
CA ASN W 56 53.26 65.60 20.16
C ASN W 56 51.92 65.86 20.85
N ASN W 57 50.97 64.94 20.78
CA ASN W 57 49.56 65.34 20.98
C ASN W 57 48.73 64.64 22.05
N ASP W 58 49.30 64.41 23.24
CA ASP W 58 48.67 63.61 24.32
C ASP W 58 48.20 62.24 23.80
N SER W 59 48.99 61.61 22.91
CA SER W 59 48.84 60.18 22.61
C SER W 59 49.64 59.37 23.60
N GLU W 60 49.23 58.16 23.88
CA GLU W 60 49.88 57.37 24.88
C GLU W 60 49.78 55.92 24.47
N VAL W 61 50.90 55.20 24.52
CA VAL W 61 50.89 53.72 24.42
C VAL W 61 51.18 53.10 25.81
N LEU W 62 50.21 52.41 26.37
CA LEU W 62 50.49 51.64 27.58
C LEU W 62 50.93 50.21 27.18
N VAL W 63 51.86 49.65 27.95
CA VAL W 63 52.32 48.30 27.59
C VAL W 63 51.94 47.20 28.59
N PHE W 64 51.61 46.03 28.06
CA PHE W 64 51.43 44.84 28.91
C PHE W 64 52.15 43.59 28.38
N GLN W 65 52.47 42.66 29.26
CA GLN W 65 52.80 41.30 28.83
C GLN W 65 52.50 40.31 29.91
N SER W 66 52.04 39.13 29.57
CA SER W 66 51.83 38.09 30.56
C SER W 66 51.85 36.74 29.90
N ASN W 67 52.16 35.71 30.67
CA ASN W 67 52.10 34.36 30.13
C ASN W 67 50.75 33.80 30.46
N THR W 68 50.01 34.49 31.35
CA THR W 68 48.72 33.98 31.77
C THR W 68 47.50 34.50 30.96
N GLU W 69 46.77 33.58 30.30
CA GLU W 69 45.49 33.91 29.64
C GLU W 69 44.54 34.82 30.46
N GLY W 70 44.21 34.37 31.66
CA GLY W 70 43.30 35.08 32.56
C GLY W 70 43.71 36.53 32.77
N PHE W 71 45.00 36.75 33.10
CA PHE W 71 45.57 38.08 33.26
C PHE W 71 45.50 38.96 32.01
N ILE W 72 45.69 38.40 30.82
CA ILE W 72 45.54 39.21 29.62
C ILE W 72 44.08 39.61 29.49
N ILE W 73 43.18 38.68 29.79
CA ILE W 73 41.74 38.96 29.80
C ILE W 73 41.48 40.07 30.82
N ASP W 74 42.06 39.93 32.01
CA ASP W 74 41.90 40.92 33.04
C ASP W 74 42.31 42.29 32.47
N ARG W 75 43.47 42.33 31.81
CA ARG W 75 44.05 43.59 31.35
C ARG W 75 43.22 44.26 30.28
N ILE W 76 42.74 43.48 29.30
CA ILE W 76 41.70 44.00 28.39
C ILE W 76 40.48 44.59 29.09
N HIS W 77 40.00 43.95 30.16
CA HIS W 77 38.92 44.56 30.93
C HIS W 77 39.24 45.93 31.52
N GLU W 78 40.43 46.01 32.18
CA GLU W 78 40.93 47.18 32.92
C GLU W 78 41.12 48.33 31.90
N ALA W 79 41.38 47.96 30.65
CA ALA W 79 41.64 48.92 29.57
C ALA W 79 40.37 49.62 29.07
N LYS W 80 39.27 48.88 29.00
CA LYS W 80 37.98 49.53 28.77
C LYS W 80 37.74 50.58 29.88
N ARG W 81 37.86 50.11 31.14
CA ARG W 81 37.64 50.88 32.34
C ARG W 81 38.47 52.17 32.32
N GLN W 82 39.53 52.18 31.49
CA GLN W 82 40.62 53.21 31.45
C GLN W 82 40.61 54.09 30.25
N GLY W 83 39.62 53.95 29.37
CA GLY W 83 39.54 54.80 28.19
C GLY W 83 40.38 54.33 27.00
N VAL W 84 40.95 53.12 27.07
CA VAL W 84 41.78 52.63 25.95
C VAL W 84 40.98 52.56 24.67
N GLY W 85 41.48 53.24 23.66
CA GLY W 85 40.79 53.45 22.40
C GLY W 85 40.99 52.37 21.36
N PHE W 86 42.16 51.71 21.35
CA PHE W 86 42.60 50.70 20.36
C PHE W 86 43.66 49.79 21.01
N VAL W 87 43.68 48.50 20.67
CA VAL W 87 44.65 47.53 21.26
C VAL W 87 45.53 46.95 20.13
N VAL W 88 46.87 46.94 20.33
CA VAL W 88 47.75 46.21 19.42
C VAL W 88 48.27 45.01 20.20
N ILE W 89 48.14 43.83 19.60
CA ILE W 89 48.31 42.58 20.33
C ILE W 89 49.06 41.51 19.57
N ASN W 90 50.04 40.95 20.26
CA ASN W 90 50.74 39.77 19.82
C ASN W 90 50.41 38.67 20.82
N ALA W 91 49.49 37.80 20.45
CA ALA W 91 49.00 36.92 21.47
C ALA W 91 49.90 35.67 21.65
N GLY W 92 50.92 35.56 20.79
CA GLY W 92 51.82 34.40 20.76
C GLY W 92 50.96 33.19 20.63
N ALA W 93 51.32 32.10 21.29
CA ALA W 93 50.51 30.89 21.34
C ALA W 93 49.03 31.20 21.51
N TYR W 94 48.67 32.13 22.39
CA TYR W 94 47.23 32.36 22.67
C TYR W 94 46.40 32.72 21.43
N THR W 95 47.07 33.17 20.37
CA THR W 95 46.39 33.39 19.11
C THR W 95 45.67 32.13 18.64
N HIS W 96 46.24 30.99 18.87
CA HIS W 96 45.73 29.81 18.23
C HIS W 96 44.84 29.10 19.22
N THR W 97 44.91 29.52 20.49
CA THR W 97 44.20 28.77 21.51
C THR W 97 43.15 29.53 22.28
N SER W 98 43.24 30.85 22.36
CA SER W 98 42.45 31.58 23.37
C SER W 98 41.17 32.25 22.90
N VAL W 99 40.02 31.58 23.07
CA VAL W 99 38.77 32.20 22.68
C VAL W 99 38.46 33.26 23.76
N GLY W 100 39.00 33.08 24.97
CA GLY W 100 38.75 34.00 26.06
C GLY W 100 39.20 35.42 25.73
N ILE W 101 40.41 35.51 25.18
CA ILE W 101 40.98 36.81 24.81
C ILE W 101 40.14 37.41 23.66
N ARG W 102 39.65 36.56 22.73
CA ARG W 102 38.81 37.09 21.66
C ARG W 102 37.51 37.71 22.24
N ASP W 103 36.84 36.99 23.14
CA ASP W 103 35.62 37.50 23.76
C ASP W 103 35.84 38.79 24.63
N ALA W 104 37.09 38.98 25.11
CA ALA W 104 37.44 40.08 25.99
C ALA W 104 37.47 41.32 25.11
N LEU W 105 38.14 41.17 23.95
CA LEU W 105 38.23 42.22 22.92
C LEU W 105 36.86 42.54 22.36
N LEU W 106 36.10 41.51 22.05
CA LEU W 106 34.71 41.67 21.57
C LEU W 106 33.75 42.28 22.58
N GLY W 107 33.83 41.83 23.83
CA GLY W 107 32.85 42.19 24.83
C GLY W 107 33.24 43.46 25.51
N THR W 108 34.47 43.94 25.36
CA THR W 108 34.78 45.38 25.72
C THR W 108 34.78 46.36 24.52
N ALA W 109 34.69 45.79 23.31
CA ALA W 109 34.48 46.52 22.06
C ALA W 109 35.63 47.43 21.66
N ILE W 110 36.84 47.06 22.04
CA ILE W 110 38.00 47.82 21.63
C ILE W 110 38.53 47.23 20.31
N PRO W 111 38.71 48.07 19.25
CA PRO W 111 39.29 47.54 18.01
C PRO W 111 40.74 47.13 18.24
N PHE W 112 41.21 46.17 17.46
CA PHE W 112 42.57 45.69 17.68
C PHE W 112 43.26 45.28 16.40
N ILE W 113 44.59 45.17 16.49
CA ILE W 113 45.39 44.61 15.40
C ILE W 113 46.22 43.47 15.96
N GLU W 114 46.30 42.36 15.20
CA GLU W 114 47.01 41.17 15.55
C GLU W 114 48.40 41.25 14.90
N VAL W 115 49.45 41.25 15.73
CA VAL W 115 50.82 41.18 15.22
C VAL W 115 51.52 39.81 15.44
N HIS W 116 52.24 39.32 14.41
CA HIS W 116 53.18 38.26 14.54
C HIS W 116 54.54 38.73 13.99
N ILE W 117 55.65 38.60 14.74
CA ILE W 117 56.92 39.05 14.26
C ILE W 117 57.43 38.25 13.03
N THR W 118 57.25 36.94 13.08
CA THR W 118 57.72 36.07 11.99
C THR W 118 56.50 35.64 11.26
N ASN W 119 56.64 34.97 10.14
CA ASN W 119 55.49 34.70 9.36
C ASN W 119 54.88 33.38 9.75
N VAL W 120 53.80 33.43 10.50
CA VAL W 120 53.21 32.20 10.97
C VAL W 120 52.76 31.30 9.82
N HIS W 121 52.51 31.86 8.65
CA HIS W 121 52.09 30.99 7.54
C HIS W 121 53.18 30.04 7.07
N GLN W 122 54.43 30.31 7.51
CA GLN W 122 55.59 29.49 7.17
C GLN W 122 55.76 28.34 8.13
N ARG W 123 54.98 28.32 9.19
CA ARG W 123 55.17 27.36 10.26
C ARG W 123 54.19 26.18 10.26
N GLU W 124 54.00 25.55 11.41
CA GLU W 124 53.09 24.41 11.55
C GLU W 124 51.67 24.84 11.12
N PRO W 125 50.95 23.96 10.40
CA PRO W 125 49.53 24.09 10.12
C PRO W 125 48.68 24.60 11.30
N PHE W 126 48.82 24.06 12.51
CA PHE W 126 47.98 24.62 13.57
C PHE W 126 48.14 26.13 13.74
N ARG W 127 49.24 26.72 13.24
CA ARG W 127 49.54 28.12 13.54
C ARG W 127 48.88 29.03 12.51
N HIS W 128 48.30 28.44 11.48
CA HIS W 128 47.54 29.15 10.46
C HIS W 128 46.13 29.58 10.90
N GLN W 129 45.59 28.89 11.92
CA GLN W 129 44.30 29.22 12.58
C GLN W 129 44.54 30.26 13.58
N SER W 130 43.75 31.30 13.61
CA SER W 130 43.86 32.31 14.65
C SER W 130 42.50 32.56 15.34
N TYR W 131 42.39 32.72 16.65
CA TYR W 131 41.06 33.14 17.15
C TYR W 131 40.80 34.64 17.12
N LEU W 132 41.74 35.39 16.54
CA LEU W 132 41.64 36.84 16.44
C LEU W 132 41.50 37.40 15.00
N SER W 133 42.24 36.85 14.04
CA SER W 133 42.26 37.42 12.69
C SER W 133 40.87 37.79 12.21
N ASP W 134 39.91 36.91 12.39
CA ASP W 134 38.65 37.23 11.76
C ASP W 134 37.90 38.42 12.40
N LYS W 135 38.31 38.82 13.60
CA LYS W 135 37.72 39.98 14.24
C LYS W 135 38.65 41.19 14.37
N ALA W 136 39.92 41.07 14.03
CA ALA W 136 40.80 42.22 14.02
C ALA W 136 40.51 43.25 12.92
N VAL W 137 40.94 44.47 13.15
CA VAL W 137 41.02 45.44 12.06
C VAL W 137 42.03 45.02 10.93
N ALA W 138 43.18 44.44 11.33
CA ALA W 138 44.17 43.92 10.40
C ALA W 138 45.13 42.94 11.10
N VAL W 139 45.78 42.11 10.29
CA VAL W 139 46.81 41.18 10.74
C VAL W 139 48.05 41.51 9.94
N ILE W 140 49.13 41.80 10.65
CA ILE W 140 50.41 42.06 10.06
C ILE W 140 51.18 40.92 10.62
N CYS W 141 51.74 40.10 9.74
CA CYS W 141 52.65 39.13 10.24
C CYS W 141 53.85 38.80 9.34
N GLY W 142 55.04 38.79 9.93
CA GLY W 142 56.29 38.50 9.22
C GLY W 142 57.07 39.75 8.92
N LEU W 143 56.67 40.85 9.54
CA LEU W 143 57.15 42.13 9.12
C LEU W 143 58.22 42.50 10.11
N GLY W 144 58.58 41.51 10.91
CA GLY W 144 59.52 41.68 11.99
C GLY W 144 58.97 42.60 13.04
N VAL W 145 59.88 43.28 13.71
CA VAL W 145 59.54 44.13 14.83
C VAL W 145 58.87 45.40 14.32
N TYR W 146 59.18 45.76 13.07
CA TYR W 146 58.47 46.84 12.40
C TYR W 146 56.98 46.61 12.47
N GLY W 147 56.59 45.35 12.47
CA GLY W 147 55.19 45.01 12.59
C GLY W 147 54.45 45.80 13.66
N TYR W 148 55.04 45.91 14.85
CA TYR W 148 54.44 46.70 15.91
C TYR W 148 54.40 48.16 15.51
N THR W 149 55.48 48.67 14.97
CA THR W 149 55.48 50.08 14.58
C THR W 149 54.29 50.41 13.66
N ALA W 150 54.11 49.60 12.60
CA ALA W 150 53.11 49.85 11.60
C ALA W 150 51.73 49.81 12.26
N ALA W 151 51.51 48.80 13.11
CA ALA W 151 50.27 48.65 13.90
C ALA W 151 49.99 49.98 14.64
N ILE W 152 51.04 50.64 15.11
CA ILE W 152 50.86 51.76 15.98
C ILE W 152 50.61 53.02 15.16
N GLU W 153 51.39 53.22 14.08
CA GLU W 153 51.10 54.29 13.12
C GLU W 153 49.65 54.17 12.76
N TYR W 154 49.17 52.94 12.55
CA TYR W 154 47.81 52.77 12.02
C TYR W 154 46.78 53.06 13.09
N ALA W 155 47.03 52.46 14.26
CA ALA W 155 46.29 52.68 15.49
C ALA W 155 46.09 54.14 15.77
N LEU W 156 47.20 54.88 15.86
CA LEU W 156 47.16 56.32 16.10
C LEU W 156 46.40 57.13 15.09
N ASN W 157 46.02 56.56 13.95
CA ASN W 157 45.25 57.29 12.93
C ASN W 157 43.82 56.85 12.71
N TYR W 158 43.14 56.40 13.77
CA TYR W 158 41.86 55.71 13.62
C TYR W 158 40.72 56.46 14.33
N GLN W 159 39.52 56.47 13.72
CA GLN W 159 38.36 57.25 14.20
C GLN W 159 37.46 56.71 15.39
N LEU W 160 36.73 57.62 16.07
CA LEU W 160 35.77 57.33 17.20
C LEU W 160 36.36 56.38 18.24
N GLN X 12 18.69 11.85 51.14
CA GLN X 12 19.07 11.72 49.71
C GLN X 12 19.27 13.10 48.99
N LEU X 13 18.39 14.07 49.30
CA LEU X 13 18.31 15.36 48.58
C LEU X 13 19.61 16.21 48.63
N VAL X 14 19.92 16.97 47.57
CA VAL X 14 21.16 17.86 47.50
C VAL X 14 21.05 19.24 48.21
N LYS X 15 22.14 19.73 48.80
CA LYS X 15 22.02 20.97 49.61
C LYS X 15 23.09 22.05 49.40
N LYS X 16 24.29 21.69 49.00
CA LYS X 16 25.28 22.72 48.71
C LYS X 16 25.53 22.83 47.16
N VAL X 17 25.32 24.01 46.57
CA VAL X 17 25.44 24.13 45.14
C VAL X 17 26.41 25.25 44.83
N LEU X 18 27.32 25.02 43.90
CA LEU X 18 28.30 26.04 43.53
C LEU X 18 27.95 26.59 42.17
N LEU X 19 27.74 27.92 42.09
CA LEU X 19 27.55 28.60 40.79
C LEU X 19 28.89 29.20 40.34
N ILE X 20 29.34 28.78 39.17
CA ILE X 20 30.60 29.29 38.64
C ILE X 20 30.32 29.91 37.32
N ASN X 21 30.80 31.15 37.15
CA ASN X 21 30.88 31.79 35.84
C ASN X 21 32.33 31.98 35.39
N GLY X 22 32.52 31.82 34.08
CA GLY X 22 33.83 31.97 33.45
C GLY X 22 34.25 33.36 33.00
N PRO X 23 35.25 33.42 32.10
CA PRO X 23 35.86 34.67 31.62
C PRO X 23 34.88 35.59 30.95
N ASN X 24 35.07 36.87 31.11
CA ASN X 24 34.24 37.88 30.47
C ASN X 24 32.90 38.07 31.12
N LEU X 25 32.36 37.03 31.74
CA LEU X 25 31.04 37.11 32.40
C LEU X 25 30.80 38.24 33.37
N ASN X 26 31.85 38.78 33.93
CA ASN X 26 31.77 39.87 34.86
C ASN X 26 31.24 41.11 34.13
N LEU X 27 31.22 41.05 32.80
CA LEU X 27 30.95 42.20 32.00
C LEU X 27 29.47 42.34 31.60
N LEU X 28 28.65 41.33 31.91
CA LEU X 28 27.25 41.55 31.60
C LEU X 28 26.76 42.46 32.67
N GLY X 29 25.96 43.47 32.33
CA GLY X 29 25.68 43.86 30.96
C GLY X 29 26.20 45.27 30.94
N THR X 30 27.42 45.46 30.43
CA THR X 30 27.90 46.82 30.28
C THR X 30 27.78 47.35 28.84
N ARG X 31 27.65 46.50 27.81
CA ARG X 31 27.64 47.14 26.45
C ARG X 31 26.54 48.24 26.01
N TYR X 36 22.04 42.05 26.91
CA TYR X 36 21.84 43.38 26.31
C TYR X 36 21.14 44.41 27.30
N GLY X 37 20.51 43.89 28.38
CA GLY X 37 19.77 44.75 29.32
C GLY X 37 20.67 45.01 30.52
N THR X 38 20.26 45.90 31.41
CA THR X 38 21.05 46.11 32.64
C THR X 38 20.95 44.89 33.63
N THR X 39 21.30 43.67 33.17
CA THR X 39 21.35 42.49 34.07
C THR X 39 22.78 42.13 34.21
N SER X 40 23.29 42.31 35.43
CA SER X 40 24.70 42.14 35.75
C SER X 40 24.98 40.77 36.32
N LEU X 41 26.26 40.42 36.39
CA LEU X 41 26.68 39.15 36.90
C LEU X 41 26.29 39.08 38.36
N SER X 42 26.42 40.20 39.04
CA SER X 42 26.00 40.22 40.39
C SER X 42 24.53 39.91 40.59
N ASP X 43 23.67 40.37 39.67
CA ASP X 43 22.22 40.15 39.72
C ASP X 43 21.96 38.69 39.70
N ILE X 44 22.59 38.01 38.75
CA ILE X 44 22.46 36.59 38.54
C ILE X 44 22.88 35.87 39.81
N GLU X 45 24.03 36.24 40.37
CA GLU X 45 24.55 35.65 41.59
C GLU X 45 23.61 35.80 42.78
N GLN X 46 23.23 37.03 43.08
CA GLN X 46 22.28 37.26 44.13
C GLN X 46 21.01 36.46 43.94
N ALA X 47 20.42 36.52 42.75
CA ALA X 47 19.19 35.82 42.46
C ALA X 47 19.32 34.38 42.86
N ALA X 48 20.45 33.80 42.50
CA ALA X 48 20.75 32.42 42.80
C ALA X 48 20.85 32.15 44.32
N ILE X 49 21.69 32.90 45.07
CA ILE X 49 21.72 32.85 46.57
C ILE X 49 20.31 32.87 47.15
N GLU X 50 19.52 33.78 46.64
CA GLU X 50 18.17 33.97 47.07
C GLU X 50 17.28 32.75 46.88
N GLN X 51 17.35 32.15 45.69
CA GLN X 51 16.57 30.96 45.33
C GLN X 51 16.66 29.88 46.38
N ALA X 52 17.91 29.62 46.80
CA ALA X 52 18.23 28.61 47.79
C ALA X 52 17.81 29.05 49.18
N LYS X 53 18.27 30.21 49.64
CA LYS X 53 17.74 30.79 50.87
C LYS X 53 16.24 30.48 50.96
N LEU X 54 15.44 30.98 50.01
CA LEU X 54 13.93 30.89 50.02
C LEU X 54 13.35 29.46 50.00
N LYS X 55 14.19 28.46 49.76
CA LYS X 55 13.72 27.08 49.83
C LYS X 55 13.63 26.69 51.31
N ASN X 56 14.62 27.08 52.11
CA ASN X 56 14.58 26.94 53.59
C ASN X 56 14.51 25.50 54.10
N ASN X 57 15.66 24.83 54.03
CA ASN X 57 15.85 23.52 54.66
C ASN X 57 17.34 23.38 55.01
N ASP X 58 18.14 24.09 54.21
CA ASP X 58 19.48 24.59 54.52
C ASP X 58 20.33 24.29 53.34
N SER X 59 19.83 24.73 52.20
CA SER X 59 20.60 24.71 50.96
C SER X 59 21.11 26.10 50.76
N GLU X 60 22.15 26.21 49.97
CA GLU X 60 22.97 27.38 49.96
C GLU X 60 23.57 27.36 48.60
N VAL X 61 23.53 28.47 47.90
CA VAL X 61 24.29 28.51 46.63
C VAL X 61 25.55 29.36 46.82
N LEU X 62 26.73 28.75 46.82
CA LEU X 62 27.95 29.55 46.79
C LEU X 62 28.18 30.05 45.34
N VAL X 63 28.91 31.16 45.17
CA VAL X 63 29.19 31.76 43.86
C VAL X 63 30.66 32.06 43.59
N PHE X 64 31.03 32.05 42.31
CA PHE X 64 32.42 32.34 41.90
C PHE X 64 32.46 32.82 40.43
N GLN X 65 33.41 33.70 40.11
CA GLN X 65 33.65 34.05 38.72
C GLN X 65 35.12 34.39 38.57
N SER X 66 35.73 34.03 37.46
CA SER X 66 37.13 34.32 37.17
C SER X 66 37.42 34.44 35.68
N ASN X 67 38.48 35.14 35.35
CA ASN X 67 38.91 35.11 33.96
C ASN X 67 39.99 34.07 33.75
N THR X 68 40.56 33.53 34.83
CA THR X 68 41.64 32.56 34.72
C THR X 68 41.21 31.09 34.78
N GLU X 69 41.49 30.36 33.70
CA GLU X 69 41.20 28.93 33.64
C GLU X 69 41.73 28.22 34.92
N GLY X 70 43.02 28.44 35.20
CA GLY X 70 43.63 27.79 36.36
C GLY X 70 42.83 27.93 37.67
N PHE X 71 42.39 29.16 37.97
CA PHE X 71 41.67 29.52 39.17
C PHE X 71 40.28 28.84 39.22
N ILE X 72 39.66 28.64 38.05
CA ILE X 72 38.40 27.97 38.03
C ILE X 72 38.63 26.51 38.42
N ILE X 73 39.72 25.92 37.97
CA ILE X 73 40.06 24.55 38.31
C ILE X 73 40.29 24.52 39.85
N ASP X 74 40.95 25.56 40.40
CA ASP X 74 41.29 25.64 41.81
C ASP X 74 39.98 25.65 42.58
N ARG X 75 38.98 26.33 42.03
CA ARG X 75 37.77 26.56 42.80
C ARG X 75 37.01 25.27 42.85
N ILE X 76 37.15 24.52 41.77
CA ILE X 76 36.39 23.28 41.67
C ILE X 76 36.96 22.29 42.67
N HIS X 77 38.29 22.19 42.73
CA HIS X 77 38.93 21.33 43.70
C HIS X 77 38.44 21.69 45.08
N GLU X 78 38.39 23.01 45.36
CA GLU X 78 38.09 23.50 46.72
C GLU X 78 36.64 23.23 47.07
N ALA X 79 35.80 23.16 46.06
CA ALA X 79 34.40 22.87 46.29
C ALA X 79 34.18 21.41 46.76
N LYS X 80 34.96 20.47 46.20
CA LYS X 80 34.98 19.07 46.69
C LYS X 80 35.25 18.99 48.20
N ARG X 81 36.27 19.72 48.67
CA ARG X 81 36.65 19.72 50.08
C ARG X 81 35.54 20.31 50.94
N GLN X 82 34.77 21.22 50.33
CA GLN X 82 33.67 21.93 50.99
C GLN X 82 32.40 21.08 51.01
N GLY X 83 32.48 19.86 50.48
CA GLY X 83 31.30 18.99 50.29
C GLY X 83 30.19 19.58 49.39
N VAL X 84 30.56 20.36 48.39
CA VAL X 84 29.60 20.88 47.46
C VAL X 84 29.08 19.70 46.66
N GLY X 85 27.78 19.47 46.70
CA GLY X 85 27.19 18.36 45.95
C GLY X 85 26.86 18.48 44.45
N PHE X 86 26.72 19.71 43.93
CA PHE X 86 26.39 20.01 42.51
C PHE X 86 26.92 21.36 42.00
N VAL X 87 27.25 21.45 40.71
CA VAL X 87 27.80 22.70 40.17
C VAL X 87 27.00 23.16 38.99
N VAL X 88 26.81 24.47 38.92
CA VAL X 88 26.11 25.08 37.80
C VAL X 88 27.13 26.03 37.23
N ILE X 89 27.52 25.79 35.99
CA ILE X 89 28.65 26.52 35.43
C ILE X 89 28.35 27.06 34.03
N ASN X 90 28.66 28.36 33.86
CA ASN X 90 28.73 28.96 32.56
C ASN X 90 30.21 29.21 32.36
N ALA X 91 30.94 28.33 31.67
CA ALA X 91 32.39 28.53 31.51
C ALA X 91 32.76 29.57 30.41
N GLY X 92 31.75 30.18 29.79
CA GLY X 92 32.02 31.19 28.77
C GLY X 92 32.95 30.64 27.69
N ALA X 93 33.96 31.38 27.29
CA ALA X 93 34.86 30.90 26.28
C ALA X 93 35.50 29.56 26.69
N TYR X 94 35.84 29.37 27.98
CA TYR X 94 36.46 28.11 28.37
C TYR X 94 35.67 26.85 27.99
N THR X 95 34.40 27.00 27.61
CA THR X 95 33.59 25.86 27.31
C THR X 95 34.20 25.22 26.08
N HIS X 96 34.69 26.05 25.20
CA HIS X 96 35.10 25.56 23.95
C HIS X 96 36.59 25.19 23.98
N THR X 97 37.28 25.49 25.08
CA THR X 97 38.73 25.34 25.06
C THR X 97 39.35 24.53 26.20
N SER X 98 38.64 24.43 27.34
CA SER X 98 39.22 23.96 28.59
C SER X 98 39.00 22.50 28.90
N VAL X 99 39.89 21.65 28.45
CA VAL X 99 39.88 20.30 28.95
C VAL X 99 40.21 20.27 30.45
N GLY X 100 40.94 21.25 30.99
CA GLY X 100 41.27 21.19 32.40
C GLY X 100 40.07 21.32 33.32
N ILE X 101 39.09 22.10 32.88
CA ILE X 101 37.92 22.29 33.69
C ILE X 101 37.08 21.00 33.64
N ARG X 102 36.93 20.43 32.45
CA ARG X 102 36.27 19.16 32.26
C ARG X 102 36.91 18.18 33.26
N ASP X 103 38.24 18.13 33.26
CA ASP X 103 38.96 17.17 34.07
C ASP X 103 38.85 17.47 35.59
N ALA X 104 38.69 18.75 35.90
CA ALA X 104 38.54 19.18 37.26
C ALA X 104 37.20 18.67 37.79
N LEU X 105 36.19 18.60 36.91
CA LEU X 105 34.83 18.28 37.35
C LEU X 105 34.72 16.79 37.40
N LEU X 106 35.14 16.13 36.32
CA LEU X 106 35.30 14.67 36.31
C LEU X 106 36.13 14.13 37.50
N GLY X 107 37.23 14.83 37.77
CA GLY X 107 38.20 14.49 38.82
C GLY X 107 37.68 14.54 40.23
N THR X 108 36.97 15.59 40.59
CA THR X 108 36.29 15.66 41.89
C THR X 108 34.96 14.91 41.88
N ALA X 109 34.48 14.51 40.69
CA ALA X 109 33.17 13.85 40.46
C ALA X 109 31.95 14.56 41.07
N ILE X 110 31.87 15.86 40.81
CA ILE X 110 30.69 16.64 41.14
C ILE X 110 29.84 16.78 39.87
N PRO X 111 28.58 16.31 39.91
CA PRO X 111 27.69 16.58 38.82
C PRO X 111 27.52 18.08 38.51
N PHE X 112 27.14 18.37 37.25
CA PHE X 112 27.03 19.77 36.82
C PHE X 112 26.09 20.01 35.63
N ILE X 113 25.65 21.26 35.52
CA ILE X 113 24.90 21.70 34.37
C ILE X 113 25.68 22.82 33.69
N GLU X 114 25.80 22.77 32.36
CA GLU X 114 26.43 23.81 31.59
C GLU X 114 25.32 24.77 31.22
N VAL X 115 25.53 26.04 31.54
CA VAL X 115 24.57 27.06 31.11
C VAL X 115 25.22 27.98 30.11
N HIS X 116 24.45 28.43 29.11
CA HIS X 116 24.81 29.57 28.27
C HIS X 116 23.62 30.54 28.21
N ILE X 117 23.84 31.81 28.51
CA ILE X 117 22.80 32.82 28.43
C ILE X 117 22.26 32.85 27.00
N THR X 118 23.13 32.78 25.99
CA THR X 118 22.61 33.00 24.65
C THR X 118 22.60 31.73 23.83
N ASN X 119 21.88 31.67 22.74
CA ASN X 119 21.96 30.40 22.03
C ASN X 119 23.21 30.28 21.19
N VAL X 120 24.14 29.55 21.77
CA VAL X 120 25.46 29.36 21.22
C VAL X 120 25.41 28.66 19.83
N HIS X 121 24.34 27.90 19.53
CA HIS X 121 24.26 27.21 18.23
C HIS X 121 23.99 28.17 17.13
N GLN X 122 23.66 29.41 17.51
CA GLN X 122 23.38 30.46 16.54
C GLN X 122 24.64 31.20 16.12
N ARG X 123 25.73 30.85 16.77
CA ARG X 123 26.96 31.57 16.59
C ARG X 123 28.03 30.91 15.67
N GLU X 124 29.31 31.22 15.86
CA GLU X 124 30.30 30.74 14.89
C GLU X 124 30.42 29.25 15.19
N PRO X 125 30.59 28.40 14.14
CA PRO X 125 30.80 26.96 14.23
C PRO X 125 31.75 26.54 15.34
N PHE X 126 32.92 27.15 15.54
CA PHE X 126 33.64 26.71 16.74
C PHE X 126 32.86 26.70 18.08
N ARG X 127 31.71 27.38 18.22
CA ARG X 127 31.10 27.40 19.59
C ARG X 127 30.08 26.32 19.76
N HIS X 128 29.83 25.58 18.69
CA HIS X 128 29.02 24.39 18.72
C HIS X 128 29.69 23.26 19.50
N GLN X 129 31.02 23.31 19.65
CA GLN X 129 31.77 22.24 20.28
C GLN X 129 32.02 22.64 21.73
N SER X 130 31.72 21.75 22.67
CA SER X 130 32.01 22.10 24.04
C SER X 130 32.87 21.03 24.74
N TYR X 131 33.70 21.35 25.72
CA TYR X 131 34.30 20.24 26.49
C TYR X 131 33.54 19.91 27.71
N LEU X 132 32.36 20.52 27.89
CA LEU X 132 31.49 20.11 29.00
C LEU X 132 30.28 19.24 28.66
N SER X 133 29.50 19.66 27.67
CA SER X 133 28.25 19.01 27.29
C SER X 133 28.23 17.52 27.43
N ASP X 134 29.30 16.85 27.08
CA ASP X 134 29.20 15.40 26.97
C ASP X 134 29.33 14.64 28.27
N LYS X 135 29.66 15.38 29.33
CA LYS X 135 29.74 14.95 30.74
C LYS X 135 28.76 15.68 31.67
N ALA X 136 28.13 16.73 31.14
CA ALA X 136 27.15 17.51 31.88
C ALA X 136 25.90 16.70 32.25
N VAL X 137 25.23 17.04 33.35
CA VAL X 137 23.95 16.34 33.56
C VAL X 137 22.98 16.91 32.52
N ALA X 138 23.00 18.23 32.39
CA ALA X 138 22.20 18.85 31.36
C ALA X 138 22.92 20.04 30.75
N VAL X 139 22.44 20.47 29.59
CA VAL X 139 23.00 21.67 28.97
C VAL X 139 21.82 22.52 28.67
N ILE X 140 21.74 23.67 29.29
CA ILE X 140 20.66 24.65 29.03
C ILE X 140 21.32 25.79 28.33
N CYS X 141 20.75 26.30 27.28
CA CYS X 141 21.48 27.31 26.56
C CYS X 141 20.56 28.08 25.63
N GLY X 142 20.54 29.41 25.78
CA GLY X 142 19.57 30.29 25.12
C GLY X 142 18.37 30.67 25.97
N LEU X 143 18.31 30.24 27.21
CA LEU X 143 17.11 30.48 28.00
C LEU X 143 17.28 31.82 28.70
N GLY X 144 18.24 32.59 28.20
CA GLY X 144 18.62 33.82 28.85
C GLY X 144 19.10 33.65 30.29
N VAL X 145 18.79 34.64 31.11
CA VAL X 145 19.33 34.61 32.45
C VAL X 145 18.65 33.51 33.26
N TYR X 146 17.41 33.21 32.86
CA TYR X 146 16.55 32.19 33.46
C TYR X 146 17.17 30.81 33.35
N GLY X 147 18.00 30.59 32.32
CA GLY X 147 18.92 29.46 32.30
C GLY X 147 19.52 29.09 33.66
N TYR X 148 20.05 30.05 34.43
CA TYR X 148 20.60 29.73 35.73
C TYR X 148 19.51 29.35 36.74
N THR X 149 18.38 30.03 36.75
CA THR X 149 17.33 29.67 37.71
C THR X 149 16.92 28.20 37.57
N ALA X 150 16.64 27.79 36.34
CA ALA X 150 16.23 26.44 36.04
C ALA X 150 17.36 25.45 36.33
N ALA X 151 18.59 25.78 35.93
CA ALA X 151 19.73 24.97 36.33
C ALA X 151 19.74 24.77 37.86
N ILE X 152 19.49 25.82 38.63
CA ILE X 152 19.44 25.69 40.08
C ILE X 152 18.24 24.94 40.63
N GLU X 153 17.02 25.15 40.13
CA GLU X 153 15.95 24.22 40.54
C GLU X 153 16.31 22.73 40.39
N TYR X 154 16.95 22.35 39.29
CA TYR X 154 17.32 20.94 39.06
C TYR X 154 18.39 20.59 40.05
N ALA X 155 19.36 21.47 40.19
CA ALA X 155 20.41 21.31 41.18
C ALA X 155 19.81 20.85 42.51
N LEU X 156 18.81 21.59 42.99
CA LEU X 156 18.33 21.49 44.36
C LEU X 156 17.45 20.29 44.61
N ASN X 157 17.21 19.57 43.52
CA ASN X 157 16.29 18.46 43.47
C ASN X 157 16.93 17.18 43.01
N TYR X 158 18.16 16.90 43.42
CA TYR X 158 18.89 15.82 42.78
C TYR X 158 19.49 14.84 43.80
N GLN X 159 19.33 13.52 43.54
CA GLN X 159 19.83 12.40 44.41
C GLN X 159 21.37 12.36 44.70
N LEU X 160 21.76 12.78 45.92
CA LEU X 160 23.15 12.63 46.43
C LEU X 160 23.27 11.23 47.07
S SO4 Y . -10.65 -26.81 -9.48
O1 SO4 Y . -11.25 -25.63 -8.80
O2 SO4 Y . -9.64 -26.29 -10.42
O3 SO4 Y . -10.10 -27.96 -8.71
O4 SO4 Y . -11.75 -27.45 -10.21
S SO4 Z . 1.13 0.10 -5.38
O1 SO4 Z . 1.52 -0.72 -4.20
O2 SO4 Z . 1.39 -0.63 -6.67
O3 SO4 Z . -0.26 0.59 -5.13
O4 SO4 Z . 1.97 1.28 -5.41
C TRS AA . -14.63 -12.82 0.81
C1 TRS AA . -15.50 -11.92 1.68
C2 TRS AA . -14.85 -12.61 -0.72
C3 TRS AA . -14.96 -14.30 1.16
N TRS AA . -13.19 -12.47 1.09
O1 TRS AA . -15.22 -10.65 1.19
O2 TRS AA . -13.82 -13.21 -1.45
O3 TRS AA . -15.04 -14.53 2.56
S SO4 BA . -16.01 3.45 -6.80
O1 SO4 BA . -14.97 3.22 -7.86
O2 SO4 BA . -17.04 4.22 -7.50
O3 SO4 BA . -16.49 2.30 -5.96
O4 SO4 BA . -15.58 4.32 -5.71
S SO4 CA . -21.24 -15.66 16.72
O1 SO4 CA . -21.11 -14.21 16.76
O2 SO4 CA . -20.61 -16.35 15.56
O3 SO4 CA . -20.74 -16.12 18.03
O4 SO4 CA . -22.69 -15.86 16.62
S SO4 DA . -63.17 -3.53 -2.93
O1 SO4 DA . -63.94 -3.51 -4.20
O2 SO4 DA . -61.72 -3.17 -3.01
O3 SO4 DA . -63.81 -2.65 -1.93
O4 SO4 DA . -63.30 -4.92 -2.49
C TRS EA . -48.33 5.12 -8.34
C1 TRS EA . -48.84 4.10 -9.37
C2 TRS EA . -46.80 5.14 -8.46
C3 TRS EA . -48.58 4.48 -6.96
N TRS EA . -49.01 6.47 -8.56
O1 TRS EA . -49.32 4.71 -10.54
O2 TRS EA . -46.27 6.43 -8.37
O3 TRS EA . -49.62 5.10 -6.27
S SO4 FA . -36.35 10.84 3.56
O1 SO4 FA . -36.09 12.26 3.27
O2 SO4 FA . -35.08 10.32 4.05
O3 SO4 FA . -37.21 10.63 4.75
O4 SO4 FA . -36.82 10.19 2.31
S SO4 GA . -43.49 4.33 -25.43
O1 SO4 GA . -42.52 5.34 -25.94
O2 SO4 GA . -42.87 3.02 -25.68
O3 SO4 GA . -43.96 4.21 -24.01
O4 SO4 GA . -44.74 4.59 -26.16
S SO4 HA . -21.09 -19.99 -29.99
O1 SO4 HA . -21.44 -18.95 -31.01
O2 SO4 HA . -20.29 -21.07 -30.62
O3 SO4 HA . -20.17 -19.23 -29.13
O4 SO4 HA . -22.15 -20.60 -29.12
C TRS IA . -37.34 -27.27 -27.82
C1 TRS IA . -37.10 -25.74 -27.89
C2 TRS IA . -38.71 -27.38 -27.18
C3 TRS IA . -36.21 -27.94 -26.98
N TRS IA . -37.31 -27.93 -29.15
O1 TRS IA . -37.87 -25.08 -28.82
O2 TRS IA . -38.86 -28.71 -26.82
O3 TRS IA . -34.95 -27.63 -27.59
S SO4 JA . -39.19 -41.88 -18.34
O1 SO4 JA . -39.56 -40.52 -18.84
O2 SO4 JA . -37.77 -42.30 -18.46
O3 SO4 JA . -39.41 -41.96 -16.90
O4 SO4 JA . -40.01 -42.90 -19.00
S SO4 KA . -50.45 -17.23 -30.63
O1 SO4 KA . -48.98 -16.98 -30.73
O2 SO4 KA . -51.16 -16.84 -31.83
O3 SO4 KA . -50.46 -18.66 -30.49
O4 SO4 KA . -51.31 -16.66 -29.56
S SO4 LA . -54.69 -14.32 16.46
O1 SO4 LA . -54.26 -13.00 15.97
O2 SO4 LA . -54.65 -15.39 15.40
O3 SO4 LA . -53.83 -14.54 17.63
O4 SO4 LA . -56.07 -14.21 16.93
C TRS MA . -49.20 -29.58 9.65
C1 TRS MA . -50.21 -28.73 8.83
C2 TRS MA . -48.19 -28.69 10.41
C3 TRS MA . -48.42 -30.49 8.67
N TRS MA . -49.90 -30.40 10.69
O1 TRS MA . -51.13 -28.07 9.68
O2 TRS MA . -47.19 -29.49 11.00
O3 TRS MA . -49.24 -31.33 7.92
S SO4 NA . -57.74 -36.23 -4.68
O1 SO4 NA . -57.75 -37.69 -4.60
O2 SO4 NA . -57.65 -35.87 -6.09
O3 SO4 NA . -59.05 -35.75 -4.23
O4 SO4 NA . -56.58 -35.68 -3.92
S SO4 OA . 12.71 27.19 -2.95
O1 SO4 OA . 13.75 28.13 -3.39
O2 SO4 OA . 13.22 25.84 -2.51
O3 SO4 OA . 11.96 27.97 -1.94
O4 SO4 OA . 11.88 26.98 -4.16
S SO4 PA . 17.65 -3.11 -2.25
O1 SO4 PA . 18.69 -4.03 -2.74
O2 SO4 PA . 17.09 -2.71 -3.54
O3 SO4 PA . 16.78 -3.91 -1.34
O4 SO4 PA . 18.20 -1.98 -1.44
C TRS QA . 13.74 12.14 6.46
C1 TRS QA . 14.09 13.50 7.09
C2 TRS QA . 14.21 10.98 7.37
C3 TRS QA . 14.33 12.04 5.05
N TRS QA . 12.28 11.98 6.35
O1 TRS QA . 13.44 13.71 8.31
O2 TRS QA . 14.55 9.84 6.65
O3 TRS QA . 13.70 12.97 4.22
S SO4 RA . 14.96 12.80 24.21
O1 SO4 RA . 14.63 11.40 24.51
O2 SO4 RA . 15.22 13.12 22.78
O3 SO4 RA . 13.90 13.71 24.69
O4 SO4 RA . 16.14 12.95 25.08
S SO4 SA . 61.01 2.74 15.33
O1 SO4 SA . 62.39 2.81 14.79
O2 SO4 SA . 61.01 1.93 16.54
O3 SO4 SA . 60.68 4.14 15.58
O4 SO4 SA . 59.95 2.20 14.43
C TRS TA . 49.21 -5.00 4.90
C1 TRS TA . 47.96 -5.18 4.04
C2 TRS TA . 48.82 -4.54 6.34
C3 TRS TA . 49.91 -3.77 4.34
N TRS TA . 49.98 -6.27 4.86
O1 TRS TA . 47.05 -6.11 4.61
O2 TRS TA . 49.72 -4.86 7.38
O3 TRS TA . 50.67 -4.04 3.21
S SO4 UA . 34.57 -11.83 12.26
O1 SO4 UA . 35.42 -11.01 11.33
O2 SO4 UA . 34.14 -13.07 11.60
O3 SO4 UA . 35.07 -12.28 13.59
O4 SO4 UA . 33.38 -11.03 12.62
S SO4 VA . 49.48 -1.87 -12.57
O1 SO4 VA . 48.96 -0.89 -13.52
O2 SO4 VA . 50.86 -2.21 -12.94
O3 SO4 VA . 49.48 -1.36 -11.15
O4 SO4 VA . 48.66 -3.03 -12.92
S SO4 WA . 28.82 23.24 -19.93
O1 SO4 WA . 28.00 24.34 -20.47
O2 SO4 WA . 29.40 22.50 -21.09
O3 SO4 WA . 29.73 23.85 -18.92
O4 SO4 WA . 27.94 22.23 -19.31
S SO4 XA . 42.06 43.29 -1.31
O1 SO4 XA . 43.27 44.10 -1.50
O2 SO4 XA . 42.36 41.94 -1.87
O3 SO4 XA . 41.68 43.17 0.10
O4 SO4 XA . 40.90 44.00 -1.87
C TRS YA . 43.30 29.76 -12.46
C1 TRS YA . 43.31 28.26 -12.87
C2 TRS YA . 44.35 29.95 -11.34
C3 TRS YA . 41.93 30.10 -11.84
N TRS YA . 43.60 30.60 -13.67
O1 TRS YA . 44.39 28.05 -13.77
O2 TRS YA . 44.64 31.30 -11.04
O3 TRS YA . 40.97 30.31 -12.85
S SO4 ZA . 58.26 20.23 -12.80
O1 SO4 ZA . 58.98 21.42 -12.34
O2 SO4 ZA . 58.61 19.92 -14.20
O3 SO4 ZA . 58.94 19.27 -11.91
O4 SO4 ZA . 56.76 20.25 -12.77
S SO4 AB . 47.17 10.77 33.26
O1 SO4 AB . 46.76 11.53 32.06
O2 SO4 AB . 48.56 11.16 33.55
O3 SO4 AB . 46.27 11.00 34.42
O4 SO4 AB . 47.09 9.33 32.98
S SO4 BB . 55.61 35.62 16.74
O1 SO4 BB . 55.77 35.03 15.39
O2 SO4 BB . 56.79 35.12 17.45
O3 SO4 BB . 55.72 37.07 16.74
O4 SO4 BB . 54.27 35.32 17.36
C TRS CB . 43.52 27.36 26.99
C1 TRS CB . 44.93 26.95 26.45
C2 TRS CB . 42.62 26.14 27.26
C3 TRS CB . 42.89 28.44 26.06
N TRS CB . 43.62 27.98 28.34
O1 TRS CB . 45.31 25.76 27.06
O2 TRS CB . 41.36 26.59 27.68
O3 TRS CB . 43.94 29.18 25.49
S SO4 DB . 26.71 33.11 27.19
O1 SO4 DB . 26.89 34.55 26.90
O2 SO4 DB . 27.88 32.20 26.99
O3 SO4 DB . 26.20 32.91 28.56
O4 SO4 DB . 25.66 32.74 26.24
#